data_6BBM
#
_entry.id   6BBM
#
_cell.length_a   1.00
_cell.length_b   1.00
_cell.length_c   1.00
_cell.angle_alpha   90.00
_cell.angle_beta   90.00
_cell.angle_gamma   90.00
#
_symmetry.space_group_name_H-M   'P 1'
#
loop_
_entity.id
_entity.type
_entity.pdbx_description
1 polymer 'Replicative DNA helicase'
2 polymer 'Replication protein P'
3 non-polymer "ADENOSINE-5'-DIPHOSPHATE"
#
loop_
_entity_poly.entity_id
_entity_poly.type
_entity_poly.pdbx_seq_one_letter_code
_entity_poly.pdbx_strand_id
1 'polypeptide(L)'
;MAGNKPFNKQQAEPRERDPQVAGLKVPPHSIEAEQSVLGGLMLDNERWDDVAERVVADDFYTRPHRHIFTEMARLQESGS
PIDLITLAESLERQGQLDSVGGFAYLAELSKNTPSAANISAYADIVRERAVVREMISVANEIAEAGFDPQGRTSEDLLDL
AESRVFKIAESRANKDEGPKNIADVLDATVARIEQLFQQPHDGVTGVNTGYDDLNKKTAGLQPSDLIIVAARPSMGKTTF
AMNLVENAAMLQDKPVLIFSLEMPSEQIMMRSLASLSRVDQTKIRTGQLDDEDWARISGTMGILLEKRNIYIDDSSGLTP
TEVRSRARRIAREHGGIGLIMIDYLQLMRVPALSDNRTLEIAEISRSLKALAKELNVPVVALSQLNRSLEQRADKRPVNS
DLRESGSIEQDADLIMFIYRDEVYHENSDLKGIAEIIIGKQRNGPIGTVRLTFNGQWSRFDNYAGPQYDDE
;
A,B,C,D,E,F
2 'polypeptide(L)'
;MKNIAAQMVNFDREQMRRIANNMPEQYDEKPQVQQVAQIINGVFSQLLATFPASLANRDQNEVNEIRRQWVLAFRENGIT
TMEQVNAGMRVARRQNRPFLPSPGQFV(UNK)(UNK)(UNK)(UNK)(UNK)(UNK)(UNK)(UNK)(UNK)(UNK)
(UNK)(UNK)(UNK)(UNK)(UNK)(UNK)(UNK)(UNK)(UNK)(UNK)(UNK)(UNK)(UNK)(UNK)(UNK)(UNK)
(UNK)(UNK)(UNK)(UNK)(UNK)(UNK)(UNK)(UNK)(UNK)(UNK)(UNK)(UNK)(UNK)(UNK)(UNK)(UNK)
(UNK)(UNK)(UNK)(UNK)(UNK)(UNK)(UNK)(UNK)(UNK)(UNK)(UNK)(UNK)(UNK)(UNK)(UNK)(UNK)
(UNK)(UNK)(UNK)(UNK)(UNK)(UNK)(UNK)(UNK)(UNK)(UNK)(UNK)(UNK)(UNK)(UNK)(UNK)(UNK)
(UNK)(UNK)(UNK)(UNK)(UNK)(UNK)(UNK)(UNK)(UNK)(UNK)(UNK)(UNK)(UNK)(UNK)(UNK)(UNK)
(UNK)(UNK)(UNK)(UNK)(UNK)(UNK)(UNK)(UNK)(UNK)(UNK)(UNK)(UNK)(UNK)(UNK)(UNK)(UNK)
(UNK)(UNK)(UNK)(UNK)(UNK)(UNK)(UNK)(UNK)(UNK)(UNK)(UNK)(UNK)(UNK)(UNK)(UNK)(UNK)
(UNK)(UNK)(UNK)(UNK)
;
V,W,X,Y,Z
#
# COMPACT_ATOMS: atom_id res chain seq x y z
N PRO A 27 -26.53 56.01 29.52
CA PRO A 27 -26.57 56.03 28.05
C PRO A 27 -26.38 57.42 27.47
N PRO A 28 -25.37 57.58 26.61
CA PRO A 28 -25.13 58.88 25.98
C PRO A 28 -26.12 59.14 24.87
N HIS A 29 -26.23 60.40 24.47
CA HIS A 29 -27.21 60.85 23.49
C HIS A 29 -26.66 62.01 22.67
N SER A 30 -27.03 62.04 21.39
CA SER A 30 -26.70 63.16 20.51
C SER A 30 -28.00 63.61 19.85
N ILE A 31 -28.76 64.43 20.57
CA ILE A 31 -30.02 64.99 20.07
C ILE A 31 -29.90 66.49 19.84
N GLU A 32 -29.46 67.24 20.86
CA GLU A 32 -29.25 68.66 20.68
C GLU A 32 -27.99 68.94 19.88
N ALA A 33 -27.09 67.97 19.78
CA ALA A 33 -25.89 68.14 18.95
C ALA A 33 -26.21 68.08 17.47
N GLU A 34 -27.25 67.36 17.06
CA GLU A 34 -27.62 67.28 15.65
C GLU A 34 -28.76 68.21 15.28
N GLN A 35 -29.68 68.50 16.21
CA GLN A 35 -30.76 69.43 15.91
C GLN A 35 -30.25 70.85 15.83
N SER A 36 -29.14 71.16 16.49
CA SER A 36 -28.42 72.39 16.24
C SER A 36 -27.86 72.43 14.83
N VAL A 37 -27.36 71.30 14.34
CA VAL A 37 -26.87 71.22 12.97
C VAL A 37 -28.03 71.24 11.97
N LEU A 38 -29.05 70.43 12.22
CA LEU A 38 -30.14 70.26 11.27
C LEU A 38 -31.03 71.48 11.11
N GLY A 39 -31.08 72.37 12.11
CA GLY A 39 -31.93 73.55 12.00
C GLY A 39 -31.35 74.64 11.12
N GLY A 40 -30.03 74.69 10.99
CA GLY A 40 -29.37 75.69 10.19
C GLY A 40 -28.78 75.18 8.89
N LEU A 41 -28.56 73.86 8.80
CA LEU A 41 -27.90 73.27 7.64
C LEU A 41 -28.84 72.47 6.76
N MET A 42 -30.15 72.58 6.96
CA MET A 42 -31.09 72.13 5.94
C MET A 42 -31.25 73.20 4.87
N LEU A 43 -31.03 74.45 5.24
CA LEU A 43 -31.23 75.60 4.37
C LEU A 43 -29.91 76.28 4.04
N ASP A 44 -28.81 75.57 4.23
CA ASP A 44 -27.49 76.12 3.92
C ASP A 44 -26.68 75.08 3.16
N ASN A 45 -25.99 75.55 2.12
CA ASN A 45 -25.15 74.71 1.29
C ASN A 45 -23.69 75.13 1.33
N GLU A 46 -23.40 76.34 1.81
CA GLU A 46 -22.04 76.84 1.88
C GLU A 46 -21.22 76.06 2.90
N ARG A 47 -21.79 75.82 4.07
CA ARG A 47 -21.11 75.07 5.12
C ARG A 47 -20.98 73.59 4.80
N TRP A 48 -21.69 73.07 3.79
CA TRP A 48 -21.84 71.63 3.62
C TRP A 48 -20.53 70.97 3.22
N ASP A 49 -19.61 71.74 2.64
CA ASP A 49 -18.27 71.20 2.43
C ASP A 49 -17.49 71.13 3.74
N ASP A 50 -17.67 72.11 4.64
CA ASP A 50 -17.07 72.01 5.97
C ASP A 50 -17.78 70.97 6.82
N VAL A 51 -19.08 70.76 6.57
CA VAL A 51 -19.83 69.69 7.24
C VAL A 51 -19.28 68.33 6.88
N ALA A 52 -18.81 68.16 5.64
CA ALA A 52 -18.30 66.87 5.17
C ALA A 52 -16.99 66.47 5.85
N GLU A 53 -16.32 67.39 6.54
CA GLU A 53 -15.17 67.02 7.35
C GLU A 53 -15.60 66.21 8.58
N ARG A 54 -16.54 66.73 9.35
CA ARG A 54 -16.87 66.16 10.65
C ARG A 54 -18.26 65.56 10.70
N VAL A 55 -19.30 66.33 10.40
CA VAL A 55 -20.66 65.81 10.49
C VAL A 55 -20.94 64.97 9.25
N VAL A 56 -20.64 63.69 9.33
CA VAL A 56 -21.02 62.72 8.31
C VAL A 56 -22.24 62.01 8.86
N ALA A 57 -23.09 61.49 7.98
CA ALA A 57 -24.28 60.75 8.41
C ALA A 57 -23.90 59.32 8.76
N ASP A 58 -24.94 58.45 8.83
CA ASP A 58 -24.87 57.02 9.15
C ASP A 58 -24.34 56.74 10.56
N ASP A 59 -24.25 57.75 11.42
CA ASP A 59 -23.79 57.58 12.78
C ASP A 59 -24.62 58.41 13.75
N PHE A 60 -25.81 58.81 13.34
CA PHE A 60 -26.70 59.58 14.18
C PHE A 60 -27.46 58.65 15.12
N TYR A 61 -27.92 59.23 16.22
CA TYR A 61 -28.64 58.49 17.25
C TYR A 61 -29.95 57.93 16.75
N THR A 62 -30.71 58.71 15.96
CA THR A 62 -32.04 58.33 15.51
C THR A 62 -32.12 58.43 13.99
N ARG A 63 -32.79 57.44 13.39
CA ARG A 63 -32.92 57.32 11.95
C ARG A 63 -33.75 58.42 11.26
N PRO A 64 -34.92 58.86 11.75
CA PRO A 64 -35.61 59.97 11.07
C PRO A 64 -34.86 61.30 11.14
N HIS A 65 -34.05 61.50 12.18
CA HIS A 65 -33.16 62.65 12.25
C HIS A 65 -31.91 62.44 11.41
N ARG A 66 -31.78 61.28 10.79
CA ARG A 66 -30.78 60.96 9.79
C ARG A 66 -31.37 60.89 8.39
N HIS A 67 -32.67 60.58 8.29
CA HIS A 67 -33.37 60.62 7.00
C HIS A 67 -33.49 62.03 6.45
N ILE A 68 -33.48 63.03 7.32
CA ILE A 68 -33.39 64.41 6.86
C ILE A 68 -32.05 64.65 6.16
N PHE A 69 -30.99 64.04 6.69
CA PHE A 69 -29.64 64.32 6.24
C PHE A 69 -29.19 63.38 5.12
N THR A 70 -30.11 62.57 4.56
CA THR A 70 -29.72 61.61 3.53
C THR A 70 -29.39 62.27 2.20
N GLU A 71 -30.39 62.85 1.54
CA GLU A 71 -30.28 63.23 0.14
C GLU A 71 -29.72 64.62 -0.06
N MET A 72 -29.05 65.18 0.94
CA MET A 72 -28.31 66.42 0.77
C MET A 72 -27.02 66.23 -0.02
N ALA A 73 -26.54 64.99 -0.13
CA ALA A 73 -25.28 64.70 -0.81
C ALA A 73 -25.44 64.24 -2.25
N ARG A 74 -26.68 63.98 -2.69
CA ARG A 74 -26.93 63.70 -4.10
C ARG A 74 -27.25 64.95 -4.90
N LEU A 75 -27.90 65.94 -4.29
CA LEU A 75 -28.12 67.22 -4.93
C LEU A 75 -26.79 67.94 -5.19
N GLN A 76 -25.82 67.75 -4.29
CA GLN A 76 -24.50 68.34 -4.50
C GLN A 76 -23.71 67.57 -5.55
N GLU A 77 -23.95 66.26 -5.67
CA GLU A 77 -23.18 65.42 -6.58
C GLU A 77 -23.93 65.09 -7.86
N SER A 78 -25.09 65.68 -8.08
CA SER A 78 -25.74 65.68 -9.38
C SER A 78 -26.07 67.08 -9.86
N GLY A 79 -25.94 68.08 -8.99
CA GLY A 79 -26.08 69.47 -9.36
C GLY A 79 -27.42 70.06 -8.99
N SER A 80 -27.47 70.73 -7.82
CA SER A 80 -28.64 71.37 -7.23
C SER A 80 -28.23 72.11 -5.97
N PRO A 81 -28.96 73.14 -5.55
CA PRO A 81 -28.89 73.60 -4.17
C PRO A 81 -29.87 72.84 -3.29
N ILE A 82 -29.64 72.94 -1.98
CA ILE A 82 -30.49 72.29 -0.99
C ILE A 82 -31.28 73.39 -0.28
N ASP A 83 -32.50 73.60 -0.75
CA ASP A 83 -33.50 74.41 -0.05
C ASP A 83 -34.34 73.47 0.81
N LEU A 84 -35.51 73.90 1.25
CA LEU A 84 -36.42 72.93 1.86
C LEU A 84 -37.31 72.26 0.82
N ILE A 85 -37.75 73.00 -0.20
CA ILE A 85 -38.82 72.53 -1.08
C ILE A 85 -38.34 71.46 -2.06
N THR A 86 -37.27 71.73 -2.81
CA THR A 86 -36.72 70.73 -3.73
C THR A 86 -36.15 69.54 -2.96
N LEU A 87 -35.61 69.78 -1.77
CA LEU A 87 -35.22 68.69 -0.89
C LEU A 87 -36.44 67.89 -0.44
N ALA A 88 -37.58 68.56 -0.22
CA ALA A 88 -38.80 67.85 0.14
C ALA A 88 -39.33 66.97 -0.98
N GLU A 89 -39.12 67.35 -2.23
CA GLU A 89 -39.42 66.47 -3.35
C GLU A 89 -38.36 65.40 -3.52
N SER A 90 -37.16 65.62 -3.01
CA SER A 90 -36.16 64.56 -2.96
C SER A 90 -36.48 63.55 -1.86
N LEU A 91 -37.24 63.97 -0.84
CA LEU A 91 -37.76 63.09 0.20
C LEU A 91 -39.23 62.77 -0.03
N GLU A 92 -39.63 62.64 -1.30
CA GLU A 92 -41.02 62.37 -1.67
C GLU A 92 -41.20 61.00 -2.32
N ARG A 93 -40.43 60.71 -3.37
CA ARG A 93 -40.63 59.48 -4.12
C ARG A 93 -40.15 58.26 -3.33
N GLN A 94 -38.96 58.36 -2.74
CA GLN A 94 -38.55 57.38 -1.74
C GLN A 94 -39.40 57.52 -0.48
N GLY A 95 -39.64 58.75 -0.06
CA GLY A 95 -40.65 59.08 0.93
C GLY A 95 -40.14 59.36 2.33
N GLN A 96 -39.96 60.65 2.63
CA GLN A 96 -39.79 61.10 4.00
C GLN A 96 -40.62 62.33 4.33
N LEU A 97 -40.90 63.21 3.37
CA LEU A 97 -41.77 64.36 3.64
C LEU A 97 -43.20 63.91 3.86
N ASP A 98 -43.69 62.99 3.03
CA ASP A 98 -44.98 62.39 3.26
C ASP A 98 -44.98 61.41 4.43
N SER A 99 -43.81 60.97 4.87
CA SER A 99 -43.71 60.16 6.08
C SER A 99 -43.72 61.00 7.35
N VAL A 100 -43.48 62.31 7.25
CA VAL A 100 -43.50 63.18 8.42
C VAL A 100 -44.70 64.11 8.43
N GLY A 101 -45.66 63.89 7.54
CA GLY A 101 -46.90 64.64 7.54
C GLY A 101 -46.77 66.06 7.05
N GLY A 102 -46.37 66.23 5.79
CA GLY A 102 -46.17 67.55 5.25
C GLY A 102 -44.84 68.13 5.74
N PHE A 103 -44.72 69.45 5.60
CA PHE A 103 -43.53 70.13 6.08
C PHE A 103 -43.62 70.51 7.56
N ALA A 104 -44.69 70.12 8.24
CA ALA A 104 -44.93 70.54 9.63
C ALA A 104 -43.95 69.90 10.61
N TYR A 105 -43.21 68.88 10.19
CA TYR A 105 -42.13 68.33 10.97
C TYR A 105 -40.77 68.85 10.54
N LEU A 106 -40.61 69.22 9.26
CA LEU A 106 -39.34 69.72 8.77
C LEU A 106 -39.14 71.20 9.11
N ALA A 107 -40.23 71.96 9.20
CA ALA A 107 -40.14 73.33 9.70
C ALA A 107 -39.81 73.36 11.19
N GLU A 108 -40.15 72.31 11.94
CA GLU A 108 -39.74 72.17 13.32
C GLU A 108 -38.23 72.06 13.48
N LEU A 109 -37.55 71.40 12.55
CA LEU A 109 -36.10 71.27 12.60
C LEU A 109 -35.42 72.12 11.52
N SER A 110 -35.97 73.30 11.25
CA SER A 110 -35.28 74.36 10.53
C SER A 110 -35.32 75.67 11.30
N LYS A 111 -35.91 75.67 12.50
CA LYS A 111 -36.10 76.84 13.33
C LYS A 111 -35.20 76.80 14.55
N ASN A 112 -34.15 75.98 14.49
CA ASN A 112 -33.29 75.76 15.64
C ASN A 112 -32.18 76.81 15.75
N THR A 113 -31.35 76.92 14.72
CA THR A 113 -30.32 77.94 14.67
C THR A 113 -30.63 78.91 13.54
N PRO A 114 -30.34 80.21 13.71
CA PRO A 114 -30.67 81.17 12.65
C PRO A 114 -29.74 81.09 11.46
N SER A 115 -28.44 81.00 11.67
CA SER A 115 -27.48 81.02 10.56
C SER A 115 -26.45 79.94 10.82
N ALA A 116 -25.38 79.94 10.03
CA ALA A 116 -24.33 78.94 10.11
C ALA A 116 -22.98 79.59 9.90
N ALA A 117 -22.34 80.01 10.99
CA ALA A 117 -20.98 80.55 10.95
C ALA A 117 -20.04 79.74 11.82
N ASN A 118 -20.45 79.41 13.05
CA ASN A 118 -19.69 78.54 13.94
C ASN A 118 -20.55 77.32 14.21
N ILE A 119 -20.50 76.35 13.29
CA ILE A 119 -21.09 75.04 13.48
C ILE A 119 -20.00 73.97 13.62
N SER A 120 -18.74 74.37 13.46
CA SER A 120 -17.62 73.47 13.75
C SER A 120 -17.55 73.12 15.24
N ALA A 121 -18.07 73.99 16.10
CA ALA A 121 -18.17 73.66 17.52
C ALA A 121 -19.27 72.64 17.77
N TYR A 122 -20.38 72.74 17.02
CA TYR A 122 -21.42 71.71 17.08
C TYR A 122 -20.97 70.44 16.39
N ALA A 123 -19.93 70.51 15.56
CA ALA A 123 -19.53 69.38 14.74
C ALA A 123 -18.71 68.34 15.50
N ASP A 124 -18.02 68.74 16.57
CA ASP A 124 -17.05 67.85 17.19
C ASP A 124 -17.72 66.78 18.05
N ILE A 125 -18.95 67.03 18.49
CA ILE A 125 -19.68 66.00 19.24
C ILE A 125 -20.14 64.90 18.29
N VAL A 126 -20.33 65.21 17.01
CA VAL A 126 -20.67 64.20 16.02
C VAL A 126 -19.47 63.27 15.79
N ARG A 127 -18.25 63.82 15.85
CA ARG A 127 -17.07 62.97 15.73
C ARG A 127 -16.80 62.17 16.99
N GLU A 128 -17.43 62.55 18.11
CA GLU A 128 -17.35 61.73 19.31
C GLU A 128 -18.12 60.44 19.13
N ARG A 129 -19.43 60.55 18.93
CA ARG A 129 -20.31 59.37 18.93
C ARG A 129 -20.14 58.50 17.68
N ALA A 130 -19.28 58.91 16.73
CA ALA A 130 -19.09 58.17 15.50
C ALA A 130 -18.37 56.85 15.70
N VAL A 131 -17.39 56.79 16.60
CA VAL A 131 -16.63 55.58 16.84
C VAL A 131 -16.74 55.14 18.30
N VAL A 132 -16.94 56.07 19.23
CA VAL A 132 -16.89 55.70 20.63
C VAL A 132 -18.21 55.09 21.08
N ARG A 133 -19.29 55.33 20.34
CA ARG A 133 -20.50 54.58 20.60
C ARG A 133 -20.57 53.32 19.75
N GLU A 134 -19.53 53.05 18.98
CA GLU A 134 -19.24 51.70 18.51
C GLU A 134 -18.35 50.94 19.47
N MET A 135 -17.69 51.66 20.39
CA MET A 135 -16.84 51.00 21.38
C MET A 135 -17.69 50.24 22.40
N ILE A 136 -18.91 50.71 22.65
CA ILE A 136 -19.82 50.00 23.56
C ILE A 136 -20.27 48.68 22.94
N SER A 137 -20.29 48.59 21.61
CA SER A 137 -20.46 47.30 20.97
C SER A 137 -19.24 46.42 21.25
N VAL A 138 -18.04 47.00 21.15
CA VAL A 138 -16.83 46.27 21.51
C VAL A 138 -16.80 45.99 23.00
N ALA A 139 -17.32 46.92 23.80
CA ALA A 139 -17.42 46.68 25.24
C ALA A 139 -18.47 45.64 25.57
N ASN A 140 -19.38 45.38 24.64
CA ASN A 140 -20.31 44.28 24.81
C ASN A 140 -20.17 43.21 23.75
N GLU A 141 -19.06 43.18 23.03
CA GLU A 141 -18.68 41.98 22.28
C GLU A 141 -17.76 41.09 23.10
N ILE A 142 -16.79 41.69 23.80
CA ILE A 142 -15.92 40.88 24.63
C ILE A 142 -16.64 40.43 25.89
N ALA A 143 -17.60 41.22 26.37
CA ALA A 143 -18.29 40.89 27.61
C ALA A 143 -19.31 39.76 27.45
N GLU A 144 -19.65 39.40 26.21
CA GLU A 144 -20.51 38.24 25.98
C GLU A 144 -19.72 37.01 25.55
N ALA A 145 -18.64 37.20 24.80
CA ALA A 145 -17.86 36.07 24.31
C ALA A 145 -17.03 35.43 25.41
N GLY A 146 -16.76 36.15 26.49
CA GLY A 146 -16.04 35.60 27.62
C GLY A 146 -16.96 35.05 28.69
N PHE A 147 -17.92 35.85 29.14
CA PHE A 147 -18.85 35.38 30.15
C PHE A 147 -19.82 34.39 29.50
N ASP A 148 -19.83 33.17 30.04
CA ASP A 148 -20.42 31.98 29.44
C ASP A 148 -19.89 31.83 28.03
N PRO A 149 -18.63 31.43 27.85
CA PRO A 149 -18.03 31.47 26.51
C PRO A 149 -18.53 30.34 25.63
N GLN A 150 -18.01 30.28 24.41
CA GLN A 150 -18.41 29.22 23.50
C GLN A 150 -17.34 28.15 23.54
N GLY A 151 -17.37 27.21 22.58
CA GLY A 151 -16.34 26.20 22.53
C GLY A 151 -15.01 26.72 22.02
N ARG A 152 -14.39 27.61 22.80
CA ARG A 152 -13.17 28.30 22.41
C ARG A 152 -12.16 28.28 23.53
N THR A 153 -10.91 28.52 23.16
CA THR A 153 -9.81 28.60 24.11
C THR A 153 -9.46 30.07 24.32
N SER A 154 -8.37 30.32 25.07
CA SER A 154 -7.90 31.65 25.37
C SER A 154 -7.50 32.42 24.12
N GLU A 155 -6.45 31.98 23.43
CA GLU A 155 -5.87 32.80 22.37
C GLU A 155 -6.72 32.80 21.11
N ASP A 156 -7.54 31.76 20.90
CA ASP A 156 -8.47 31.80 19.78
C ASP A 156 -9.62 32.77 20.04
N LEU A 157 -9.88 33.10 21.30
CA LEU A 157 -10.69 34.28 21.58
C LEU A 157 -9.88 35.55 21.34
N LEU A 158 -8.58 35.49 21.59
CA LEU A 158 -7.73 36.66 21.42
C LEU A 158 -7.43 36.97 19.96
N ASP A 159 -7.75 36.05 19.05
CA ASP A 159 -7.84 36.43 17.65
C ASP A 159 -8.99 37.40 17.40
N LEU A 160 -10.03 37.34 18.23
CA LEU A 160 -11.22 38.17 18.05
C LEU A 160 -11.41 39.21 19.13
N ALA A 161 -10.72 39.09 20.27
CA ALA A 161 -10.88 40.06 21.33
C ALA A 161 -10.13 41.36 21.07
N GLU A 162 -9.22 41.39 20.10
CA GLU A 162 -8.54 42.62 19.72
C GLU A 162 -8.92 43.10 18.33
N SER A 163 -9.59 42.27 17.53
CA SER A 163 -10.01 42.68 16.19
C SER A 163 -11.03 43.80 16.27
N ARG A 164 -11.89 43.79 17.28
CA ARG A 164 -12.94 44.77 17.39
C ARG A 164 -12.42 46.11 17.91
N VAL A 165 -11.34 46.09 18.69
CA VAL A 165 -10.62 47.33 18.97
C VAL A 165 -9.71 47.71 17.80
N PHE A 166 -9.12 46.73 17.14
CA PHE A 166 -8.14 47.00 16.10
C PHE A 166 -8.23 45.99 14.96
N VAL A 204 4.66 53.21 -9.04
CA VAL A 204 4.84 53.41 -7.61
C VAL A 204 3.48 53.49 -6.92
N THR A 205 2.85 52.34 -6.73
CA THR A 205 1.56 52.27 -6.07
C THR A 205 1.66 51.17 -5.02
N GLY A 206 1.64 51.57 -3.75
CA GLY A 206 1.82 50.64 -2.66
C GLY A 206 3.28 50.52 -2.24
N VAL A 207 3.83 49.32 -2.34
CA VAL A 207 5.19 49.03 -1.91
C VAL A 207 6.00 48.62 -3.13
N ASN A 208 7.25 49.08 -3.20
CA ASN A 208 8.05 48.84 -4.38
C ASN A 208 8.89 47.58 -4.27
N THR A 209 9.52 47.21 -5.39
CA THR A 209 10.58 46.22 -5.40
C THR A 209 11.91 46.76 -5.88
N GLY A 210 11.93 47.91 -6.55
CA GLY A 210 13.17 48.50 -7.00
C GLY A 210 13.68 48.00 -8.33
N TYR A 211 12.95 47.11 -9.01
CA TYR A 211 13.32 46.64 -10.34
C TYR A 211 12.14 46.82 -11.26
N ASP A 212 12.33 47.59 -12.33
CA ASP A 212 11.22 48.02 -13.17
C ASP A 212 10.63 46.88 -13.99
N ASP A 213 11.37 45.77 -14.18
CA ASP A 213 10.79 44.58 -14.78
C ASP A 213 9.68 44.03 -13.90
N LEU A 214 9.86 44.11 -12.59
CA LEU A 214 8.83 43.66 -11.70
C LEU A 214 7.89 44.79 -11.32
N ASN A 215 8.45 45.99 -11.12
CA ASN A 215 7.66 47.13 -10.65
C ASN A 215 6.59 47.55 -11.64
N LYS A 216 6.81 47.31 -12.93
CA LYS A 216 5.74 47.51 -13.90
C LYS A 216 4.70 46.40 -13.84
N LYS A 217 5.13 45.15 -13.73
CA LYS A 217 4.24 44.02 -13.84
C LYS A 217 3.47 43.71 -12.56
N THR A 218 3.67 44.50 -11.50
CA THR A 218 2.77 44.48 -10.37
C THR A 218 2.18 45.85 -10.06
N ALA A 219 2.74 46.91 -10.67
CA ALA A 219 2.46 48.31 -10.32
C ALA A 219 2.65 48.53 -8.82
N GLY A 220 3.78 48.06 -8.31
CA GLY A 220 4.03 48.06 -6.89
C GLY A 220 3.32 46.88 -6.22
N LEU A 221 3.70 46.63 -4.97
CA LEU A 221 3.14 45.53 -4.22
C LEU A 221 1.73 45.92 -3.79
N GLN A 222 0.77 45.03 -4.06
CA GLN A 222 -0.64 45.31 -3.86
C GLN A 222 -0.95 45.37 -2.36
N PRO A 223 -1.68 46.38 -1.91
CA PRO A 223 -1.83 46.63 -0.47
C PRO A 223 -2.63 45.58 0.28
N SER A 224 -3.80 45.21 -0.25
CA SER A 224 -4.71 44.32 0.45
C SER A 224 -4.58 42.86 0.03
N ASP A 225 -3.68 42.57 -0.90
CA ASP A 225 -3.60 41.23 -1.42
C ASP A 225 -2.66 40.38 -0.56
N LEU A 226 -2.38 39.16 -1.00
CA LEU A 226 -1.53 38.23 -0.24
C LEU A 226 -0.60 37.58 -1.26
N ILE A 227 0.59 38.13 -1.40
CA ILE A 227 1.60 37.65 -2.31
C ILE A 227 2.26 36.42 -1.72
N ILE A 228 2.32 35.35 -2.48
CA ILE A 228 2.97 34.12 -2.05
C ILE A 228 4.18 33.89 -2.92
N VAL A 229 5.33 33.79 -2.29
CA VAL A 229 6.53 33.32 -2.97
C VAL A 229 6.58 31.82 -2.81
N ALA A 230 6.84 31.13 -3.90
CA ALA A 230 7.17 29.72 -3.84
C ALA A 230 8.59 29.57 -4.34
N ALA A 231 9.12 28.36 -4.19
CA ALA A 231 10.50 28.10 -4.54
C ALA A 231 10.67 26.61 -4.74
N ARG A 232 11.90 26.19 -4.71
CA ARG A 232 12.26 24.80 -4.54
C ARG A 232 13.27 24.82 -3.38
N PRO A 233 13.76 23.65 -2.90
CA PRO A 233 14.81 23.65 -1.86
C PRO A 233 16.06 24.47 -2.13
N SER A 234 16.25 25.53 -1.33
CA SER A 234 17.42 26.40 -1.37
C SER A 234 17.63 27.01 -2.75
N MET A 235 16.60 27.69 -3.24
CA MET A 235 16.68 28.42 -4.50
C MET A 235 16.71 29.92 -4.29
N GLY A 236 17.36 30.37 -3.23
CA GLY A 236 17.44 31.79 -2.96
C GLY A 236 16.11 32.35 -2.54
N LYS A 237 15.26 31.53 -1.94
CA LYS A 237 13.96 32.00 -1.50
C LYS A 237 14.10 33.00 -0.35
N THR A 238 14.94 32.69 0.63
CA THR A 238 15.08 33.59 1.77
C THR A 238 15.94 34.79 1.40
N THR A 239 16.79 34.66 0.38
CA THR A 239 17.58 35.79 -0.07
C THR A 239 16.72 36.84 -0.74
N PHE A 240 15.88 36.42 -1.69
CA PHE A 240 15.07 37.36 -2.45
C PHE A 240 14.04 38.04 -1.57
N ALA A 241 13.45 37.29 -0.65
CA ALA A 241 12.42 37.87 0.19
C ALA A 241 13.02 38.77 1.25
N MET A 242 14.25 38.50 1.69
CA MET A 242 14.95 39.49 2.50
C MET A 242 15.30 40.70 1.65
N ASN A 243 15.62 40.47 0.39
CA ASN A 243 16.05 41.54 -0.49
C ASN A 243 14.90 42.47 -0.83
N LEU A 244 13.69 41.92 -0.96
CA LEU A 244 12.51 42.73 -1.21
C LEU A 244 12.24 43.65 -0.03
N VAL A 245 12.37 43.12 1.18
CA VAL A 245 12.32 43.96 2.38
C VAL A 245 13.53 44.90 2.44
N GLU A 246 14.71 44.42 2.01
CA GLU A 246 15.90 45.29 1.95
C GLU A 246 15.69 46.42 0.95
N ASN A 247 14.90 46.19 -0.09
CA ASN A 247 14.54 47.28 -0.98
C ASN A 247 13.56 48.22 -0.30
N ALA A 248 12.56 47.68 0.38
CA ALA A 248 11.51 48.49 0.98
C ALA A 248 11.75 48.77 2.46
N ALA A 249 13.00 48.80 2.91
CA ALA A 249 13.28 49.15 4.30
C ALA A 249 13.57 50.63 4.44
N MET A 250 14.58 51.12 3.72
CA MET A 250 14.97 52.52 3.74
C MET A 250 14.42 53.25 2.53
N LEU A 251 13.17 52.98 2.18
CA LEU A 251 12.57 53.51 0.98
C LEU A 251 11.16 54.05 1.16
N GLN A 252 10.42 53.63 2.18
CA GLN A 252 9.02 54.03 2.27
C GLN A 252 8.51 54.39 3.66
N ASP A 253 9.35 54.34 4.69
CA ASP A 253 9.04 54.80 6.06
C ASP A 253 7.81 54.09 6.66
N LYS A 254 7.78 52.79 6.44
CA LYS A 254 6.77 51.93 7.01
C LYS A 254 7.46 50.95 7.95
N PRO A 255 6.84 50.62 9.07
CA PRO A 255 7.40 49.58 9.93
C PRO A 255 7.24 48.22 9.28
N VAL A 256 8.37 47.56 9.05
CA VAL A 256 8.42 46.31 8.30
C VAL A 256 8.87 45.19 9.23
N LEU A 257 8.12 44.10 9.27
CA LEU A 257 8.41 42.95 10.12
C LEU A 257 8.90 41.77 9.28
N ILE A 258 9.80 40.98 9.83
CA ILE A 258 10.16 39.69 9.26
C ILE A 258 9.95 38.66 10.36
N PHE A 259 9.07 37.68 10.11
CA PHE A 259 8.91 36.57 11.04
C PHE A 259 9.69 35.39 10.48
N SER A 260 11.00 35.42 10.69
CA SER A 260 11.85 34.35 10.19
C SER A 260 11.86 33.19 11.17
N LEU A 261 11.29 32.07 10.74
CA LEU A 261 11.28 30.90 11.60
C LEU A 261 12.37 29.92 11.21
N GLU A 262 13.11 30.18 10.13
CA GLU A 262 14.14 29.26 9.66
C GLU A 262 15.53 29.74 10.03
N MET A 263 15.87 30.99 9.77
CA MET A 263 17.24 31.36 10.03
C MET A 263 17.34 32.19 11.30
N PRO A 264 18.44 32.07 12.05
CA PRO A 264 18.57 32.86 13.28
C PRO A 264 18.89 34.33 13.01
N SER A 265 19.07 35.11 14.07
CA SER A 265 19.19 36.56 13.91
C SER A 265 20.52 36.96 13.28
N GLU A 266 21.56 36.13 13.45
CA GLU A 266 22.84 36.46 12.83
C GLU A 266 22.83 36.22 11.34
N GLN A 267 22.16 35.17 10.89
CA GLN A 267 22.08 34.95 9.45
C GLN A 267 21.14 35.92 8.75
N ILE A 268 20.35 36.69 9.49
CA ILE A 268 19.53 37.72 8.86
C ILE A 268 20.39 38.91 8.49
N MET A 269 21.18 39.42 9.44
CA MET A 269 22.03 40.54 9.12
C MET A 269 23.17 40.18 8.20
N MET A 270 23.68 38.96 8.26
CA MET A 270 24.72 38.57 7.31
C MET A 270 24.16 38.15 5.96
N ARG A 271 22.91 38.51 5.65
CA ARG A 271 22.43 38.64 4.29
C ARG A 271 21.91 40.03 3.99
N SER A 272 21.70 40.86 5.03
CA SER A 272 21.31 42.25 4.82
C SER A 272 22.52 43.15 4.76
N LEU A 273 23.38 43.07 5.78
CA LEU A 273 24.58 43.89 5.80
C LEU A 273 25.59 43.44 4.77
N ALA A 274 25.51 42.20 4.32
CA ALA A 274 26.40 41.75 3.25
C ALA A 274 25.85 42.04 1.86
N SER A 275 24.75 42.79 1.76
CA SER A 275 24.25 43.22 0.47
C SER A 275 23.85 44.67 0.41
N LEU A 276 23.54 45.29 1.56
CA LEU A 276 23.56 46.74 1.65
C LEU A 276 24.94 47.30 1.35
N SER A 277 25.97 46.59 1.78
CA SER A 277 27.34 47.04 1.61
C SER A 277 28.11 46.27 0.56
N ARG A 278 27.51 45.24 -0.05
CA ARG A 278 28.03 44.51 -1.22
C ARG A 278 29.37 43.81 -0.96
N VAL A 279 29.71 43.63 0.31
CA VAL A 279 30.90 42.87 0.70
C VAL A 279 30.55 41.40 0.58
N ASP A 280 31.57 40.55 0.48
CA ASP A 280 31.30 39.14 0.31
C ASP A 280 30.87 38.50 1.62
N GLN A 281 30.00 37.48 1.51
CA GLN A 281 29.55 36.78 2.71
C GLN A 281 30.67 35.93 3.30
N THR A 282 31.64 35.52 2.49
CA THR A 282 32.80 34.85 3.05
C THR A 282 33.65 35.83 3.85
N LYS A 283 33.95 37.00 3.27
CA LYS A 283 34.76 38.01 3.93
C LYS A 283 34.10 38.59 5.16
N ILE A 284 32.78 38.54 5.25
CA ILE A 284 32.13 38.94 6.51
C ILE A 284 32.17 37.82 7.52
N ARG A 285 32.61 36.63 7.10
CA ARG A 285 32.64 35.46 7.98
C ARG A 285 34.06 34.94 8.18
N THR A 286 34.79 34.69 7.10
CA THR A 286 36.12 34.10 7.16
C THR A 286 37.08 35.01 6.39
N GLY A 287 38.21 35.35 7.01
CA GLY A 287 39.07 36.33 6.37
C GLY A 287 38.43 37.70 6.44
N GLN A 288 38.45 38.29 7.64
CA GLN A 288 37.59 39.43 7.99
C GLN A 288 37.93 40.68 7.19
N LEU A 289 37.22 41.77 7.51
CA LEU A 289 37.08 42.89 6.61
C LEU A 289 38.38 43.67 6.44
N ASP A 290 38.64 44.09 5.21
CA ASP A 290 40.02 44.34 4.78
C ASP A 290 40.55 45.71 5.19
N ASP A 291 40.12 46.78 4.53
CA ASP A 291 40.66 48.08 4.87
C ASP A 291 39.62 49.18 5.03
N GLU A 292 38.77 49.33 4.01
CA GLU A 292 38.02 50.54 3.76
C GLU A 292 36.55 50.31 3.48
N ASP A 293 36.16 49.07 3.20
CA ASP A 293 34.74 48.74 3.18
C ASP A 293 34.17 48.59 4.58
N TRP A 294 34.95 48.83 5.63
CA TRP A 294 34.38 49.21 6.91
C TRP A 294 33.54 50.47 6.76
N ALA A 295 34.04 51.45 6.00
CA ALA A 295 33.27 52.65 5.70
C ALA A 295 32.06 52.34 4.83
N ARG A 296 32.12 51.26 4.04
CA ARG A 296 30.90 50.74 3.44
C ARG A 296 29.97 50.21 4.51
N ILE A 297 30.50 49.37 5.40
CA ILE A 297 29.63 48.68 6.35
C ILE A 297 29.17 49.62 7.45
N SER A 298 30.09 50.42 8.01
CA SER A 298 29.67 51.44 8.97
C SER A 298 28.86 52.53 8.29
N GLY A 299 29.05 52.71 6.98
CA GLY A 299 28.12 53.53 6.22
C GLY A 299 26.74 52.93 6.15
N THR A 300 26.63 51.63 5.83
CA THR A 300 25.33 50.98 5.80
C THR A 300 24.76 50.84 7.20
N MET A 301 25.64 50.76 8.21
CA MET A 301 25.17 50.89 9.58
C MET A 301 24.67 52.30 9.84
N GLY A 302 25.23 53.29 9.16
CA GLY A 302 24.73 54.65 9.32
C GLY A 302 23.36 54.85 8.72
N ILE A 303 23.04 54.11 7.65
CA ILE A 303 21.74 54.25 7.00
C ILE A 303 20.64 53.68 7.89
N LEU A 304 20.85 52.46 8.39
CA LEU A 304 19.79 51.75 9.10
C LEU A 304 19.52 52.36 10.45
N LEU A 305 20.57 52.82 11.14
CA LEU A 305 20.38 53.37 12.46
C LEU A 305 19.81 54.79 12.43
N GLU A 306 19.72 55.42 11.26
CA GLU A 306 18.97 56.67 11.15
C GLU A 306 17.47 56.40 11.24
N LYS A 307 16.94 55.68 10.26
CA LYS A 307 15.53 55.30 10.26
C LYS A 307 15.47 53.81 10.54
N ARG A 308 15.45 53.45 11.83
CA ARG A 308 15.41 52.05 12.21
C ARG A 308 14.00 51.49 12.03
N ASN A 309 13.74 50.89 10.87
CA ASN A 309 12.39 50.53 10.50
C ASN A 309 12.18 49.02 10.42
N ILE A 310 13.21 48.24 10.20
CA ILE A 310 13.05 46.80 10.09
C ILE A 310 12.81 46.24 11.49
N TYR A 311 12.02 45.18 11.58
CA TYR A 311 11.93 44.38 12.77
C TYR A 311 12.05 42.92 12.37
N ILE A 312 12.87 42.17 13.09
CA ILE A 312 13.10 40.77 12.79
C ILE A 312 12.63 39.94 13.99
N ASP A 313 12.10 38.76 13.71
CA ASP A 313 11.55 37.87 14.73
C ASP A 313 12.11 36.48 14.51
N ASP A 314 12.75 35.92 15.53
CA ASP A 314 13.29 34.56 15.51
C ASP A 314 12.82 33.77 16.73
N SER A 315 11.52 33.78 16.98
CA SER A 315 10.98 32.92 18.01
C SER A 315 10.92 31.47 17.50
N SER A 316 10.79 30.54 18.45
CA SER A 316 10.87 29.13 18.11
C SER A 316 9.58 28.65 17.47
N GLY A 317 8.49 28.63 18.23
CA GLY A 317 7.24 28.11 17.73
C GLY A 317 6.17 29.16 17.63
N LEU A 318 5.77 29.50 16.41
CA LEU A 318 4.82 30.56 16.17
C LEU A 318 3.49 29.97 15.75
N THR A 319 2.51 30.14 16.58
CA THR A 319 1.12 29.97 16.22
C THR A 319 0.76 31.04 15.19
N PRO A 320 -0.14 30.72 14.25
CA PRO A 320 -0.72 31.78 13.42
C PRO A 320 -1.43 32.85 14.23
N THR A 321 -2.03 32.48 15.36
CA THR A 321 -2.52 33.47 16.30
C THR A 321 -1.37 34.27 16.90
N GLU A 322 -0.23 33.63 17.13
CA GLU A 322 0.92 34.35 17.67
C GLU A 322 1.57 35.22 16.59
N VAL A 323 1.42 34.83 15.31
CA VAL A 323 1.81 35.73 14.23
C VAL A 323 0.96 36.99 14.27
N ARG A 324 -0.32 36.83 14.61
CA ARG A 324 -1.23 37.97 14.67
C ARG A 324 -0.90 38.90 15.83
N SER A 325 -0.77 38.37 17.04
CA SER A 325 -0.65 39.26 18.20
C SER A 325 0.76 39.82 18.35
N ARG A 326 1.74 39.23 17.67
CA ARG A 326 3.05 39.86 17.64
C ARG A 326 3.06 41.03 16.69
N ALA A 327 2.46 40.88 15.51
CA ALA A 327 2.49 41.92 14.49
C ALA A 327 1.67 43.13 14.90
N ARG A 328 0.51 42.90 15.49
CA ARG A 328 -0.37 44.00 15.85
C ARG A 328 0.04 44.71 17.12
N ARG A 329 1.11 44.28 17.79
CA ARG A 329 1.82 45.18 18.67
C ARG A 329 2.41 46.33 17.88
N ILE A 330 3.04 46.00 16.75
CA ILE A 330 3.88 46.91 15.99
C ILE A 330 3.04 47.86 15.17
N ALA A 331 2.17 47.31 14.32
CA ALA A 331 1.39 48.13 13.41
C ALA A 331 0.33 48.97 14.11
N ARG A 332 -0.03 48.68 15.36
CA ARG A 332 -1.03 49.50 16.02
C ARG A 332 -0.45 50.81 16.54
N GLU A 333 0.71 50.76 17.20
CA GLU A 333 1.31 51.97 17.76
C GLU A 333 2.68 52.14 17.13
N HIS A 334 2.72 52.74 15.94
CA HIS A 334 3.95 53.12 15.26
C HIS A 334 3.63 54.20 14.23
N GLY A 335 4.59 54.42 13.33
CA GLY A 335 4.49 55.45 12.33
C GLY A 335 4.17 54.91 10.95
N GLY A 336 3.24 53.97 10.87
CA GLY A 336 2.81 53.49 9.56
C GLY A 336 2.23 52.10 9.55
N ILE A 337 2.41 51.40 8.43
CA ILE A 337 1.73 50.14 8.16
C ILE A 337 2.75 49.02 7.97
N GLY A 338 2.29 47.80 8.19
CA GLY A 338 3.10 46.60 8.24
C GLY A 338 3.30 45.76 7.00
N LEU A 339 4.21 46.09 6.08
CA LEU A 339 4.68 45.07 5.15
C LEU A 339 5.28 43.92 5.94
N ILE A 340 4.72 42.73 5.79
CA ILE A 340 5.01 41.61 6.67
C ILE A 340 5.50 40.44 5.84
N MET A 341 6.72 39.99 6.10
CA MET A 341 7.24 38.79 5.49
C MET A 341 7.34 37.71 6.54
N ILE A 342 6.81 36.52 6.24
CA ILE A 342 7.01 35.34 7.07
C ILE A 342 7.89 34.37 6.28
N ASP A 343 8.99 33.96 6.87
CA ASP A 343 9.83 32.98 6.22
C ASP A 343 9.18 31.62 6.42
N TYR A 344 9.01 30.90 5.31
CA TYR A 344 8.98 29.44 5.27
C TYR A 344 7.80 28.87 6.05
N LEU A 345 6.61 29.04 5.44
CA LEU A 345 5.29 28.88 6.04
C LEU A 345 5.07 27.61 6.85
N GLN A 346 5.65 26.49 6.47
CA GLN A 346 5.29 25.20 7.07
C GLN A 346 6.02 24.88 8.36
N LEU A 347 6.45 25.87 9.15
CA LEU A 347 7.05 25.59 10.44
C LEU A 347 6.17 26.04 11.60
N MET A 348 4.88 26.15 11.38
CA MET A 348 3.97 26.66 12.38
C MET A 348 3.07 25.55 12.90
N ARG A 349 2.97 25.47 14.22
CA ARG A 349 2.04 24.60 14.92
C ARG A 349 0.73 25.35 15.09
N VAL A 350 -0.28 24.67 15.63
CA VAL A 350 -1.59 25.29 15.85
C VAL A 350 -2.07 24.98 17.28
N PRO A 351 -3.02 25.73 17.83
CA PRO A 351 -3.58 25.33 19.13
C PRO A 351 -4.49 24.11 19.09
N ALA A 352 -5.10 23.84 17.93
CA ALA A 352 -5.83 22.59 17.73
C ALA A 352 -4.87 21.53 17.19
N LEU A 353 -3.90 21.17 18.03
CA LEU A 353 -2.84 20.25 17.64
C LEU A 353 -3.32 18.81 17.63
N SER A 354 -2.36 17.89 17.46
CA SER A 354 -2.60 16.53 16.98
C SER A 354 -3.49 16.57 15.74
N ASP A 355 -3.10 17.45 14.82
CA ASP A 355 -3.94 17.91 13.74
C ASP A 355 -3.55 17.19 12.47
N ASN A 356 -4.50 17.03 11.56
CA ASN A 356 -4.16 16.63 10.22
C ASN A 356 -3.40 17.76 9.54
N ARG A 357 -2.25 17.43 8.96
CA ARG A 357 -1.34 18.44 8.44
C ARG A 357 -1.95 19.19 7.26
N THR A 358 -2.72 18.51 6.42
CA THR A 358 -3.44 19.21 5.38
C THR A 358 -4.55 20.08 5.95
N LEU A 359 -5.21 19.59 7.01
CA LEU A 359 -6.16 20.43 7.74
C LEU A 359 -5.48 21.56 8.48
N GLU A 360 -4.18 21.41 8.76
CA GLU A 360 -3.47 22.48 9.43
C GLU A 360 -3.25 23.67 8.49
N ILE A 361 -2.91 23.42 7.23
CA ILE A 361 -2.60 24.51 6.30
C ILE A 361 -3.86 25.29 5.96
N ALA A 362 -5.02 24.64 6.05
CA ALA A 362 -6.27 25.36 5.92
C ALA A 362 -6.50 26.29 7.11
N GLU A 363 -5.92 25.98 8.25
CA GLU A 363 -6.13 26.82 9.42
C GLU A 363 -5.02 27.85 9.62
N ILE A 364 -4.03 27.90 8.73
CA ILE A 364 -3.00 28.93 8.74
C ILE A 364 -3.24 29.97 7.66
N SER A 365 -3.20 29.54 6.39
CA SER A 365 -3.17 30.49 5.28
C SER A 365 -4.51 31.18 5.12
N ARG A 366 -5.59 30.58 5.60
CA ARG A 366 -6.88 31.24 5.67
C ARG A 366 -7.06 32.02 6.96
N SER A 367 -5.96 32.30 7.65
CA SER A 367 -5.90 33.39 8.61
C SER A 367 -5.02 34.53 8.14
N LEU A 368 -4.11 34.27 7.20
CA LEU A 368 -3.22 35.31 6.69
C LEU A 368 -3.91 36.24 5.70
N LYS A 369 -4.70 35.67 4.79
CA LYS A 369 -5.62 36.50 4.02
C LYS A 369 -6.64 37.17 4.94
N ALA A 370 -7.00 36.48 6.02
CA ALA A 370 -7.84 37.11 7.04
C ALA A 370 -7.06 38.11 7.87
N LEU A 371 -5.74 38.14 7.75
CA LEU A 371 -4.96 39.18 8.41
C LEU A 371 -4.24 40.10 7.45
N ALA A 372 -4.44 39.92 6.14
CA ALA A 372 -4.12 40.98 5.20
C ALA A 372 -5.31 41.90 5.01
N LYS A 373 -6.51 41.32 5.07
CA LYS A 373 -7.75 42.08 4.91
C LYS A 373 -8.07 42.87 6.17
N GLU A 374 -7.50 42.48 7.32
CA GLU A 374 -7.75 43.25 8.53
C GLU A 374 -7.08 44.60 8.49
N LEU A 375 -5.80 44.65 8.13
CA LEU A 375 -5.02 45.87 8.30
C LEU A 375 -4.52 46.45 6.99
N ASN A 376 -5.05 45.98 5.84
CA ASN A 376 -4.66 46.42 4.49
C ASN A 376 -3.16 46.20 4.25
N VAL A 377 -2.61 45.18 4.85
CA VAL A 377 -1.17 44.99 4.93
C VAL A 377 -0.73 43.99 3.86
N PRO A 378 0.27 44.32 3.06
CA PRO A 378 0.69 43.41 1.99
C PRO A 378 1.63 42.35 2.53
N VAL A 379 1.13 41.13 2.67
CA VAL A 379 1.83 40.10 3.41
C VAL A 379 2.59 39.22 2.42
N VAL A 380 3.90 39.39 2.36
CA VAL A 380 4.76 38.44 1.68
C VAL A 380 4.73 37.17 2.53
N ALA A 381 4.45 36.04 1.90
CA ALA A 381 4.60 34.75 2.56
C ALA A 381 5.50 33.90 1.71
N LEU A 382 6.17 32.93 2.33
CA LEU A 382 7.16 32.13 1.65
C LEU A 382 6.79 30.67 1.81
N SER A 383 7.07 29.88 0.78
CA SER A 383 6.66 28.48 0.83
C SER A 383 7.58 27.65 -0.03
N GLN A 384 7.38 26.35 0.02
CA GLN A 384 8.25 25.37 -0.61
C GLN A 384 7.40 24.37 -1.34
N LEU A 385 8.07 23.53 -2.13
CA LEU A 385 7.38 22.56 -2.96
C LEU A 385 7.89 21.17 -2.60
N ASN A 386 7.04 20.17 -2.84
CA ASN A 386 7.44 18.80 -2.58
C ASN A 386 8.11 18.23 -3.81
N ARG A 387 8.67 17.05 -3.63
CA ARG A 387 9.44 16.40 -4.68
C ARG A 387 8.58 15.70 -5.72
N SER A 388 7.30 16.03 -5.82
CA SER A 388 6.51 15.61 -6.97
C SER A 388 6.90 16.37 -8.22
N LEU A 389 7.52 17.54 -8.06
CA LEU A 389 7.91 18.34 -9.21
C LEU A 389 9.06 17.71 -9.96
N GLU A 390 10.00 17.07 -9.25
CA GLU A 390 11.13 16.41 -9.88
C GLU A 390 10.72 15.19 -10.69
N GLN A 391 9.49 14.69 -10.51
CA GLN A 391 8.98 13.67 -11.41
C GLN A 391 8.76 14.21 -12.81
N ARG A 392 8.43 15.48 -12.96
CA ARG A 392 8.31 16.07 -14.28
C ARG A 392 9.69 16.30 -14.88
N ALA A 393 9.75 16.31 -16.21
CA ALA A 393 11.01 16.57 -16.89
C ALA A 393 11.36 18.05 -16.77
N ASP A 394 10.51 18.91 -17.29
CA ASP A 394 10.67 20.35 -17.10
C ASP A 394 10.29 20.69 -15.66
N LYS A 395 11.26 21.21 -14.93
CA LYS A 395 11.10 21.44 -13.49
C LYS A 395 10.64 22.86 -13.21
N ARG A 396 9.93 23.46 -14.15
CA ARG A 396 9.39 24.78 -13.93
C ARG A 396 8.23 24.71 -12.95
N PRO A 397 8.18 25.56 -11.96
CA PRO A 397 7.18 25.41 -10.91
C PRO A 397 5.80 25.87 -11.35
N VAL A 398 4.93 24.92 -11.65
CA VAL A 398 3.62 25.19 -12.21
C VAL A 398 2.69 25.56 -11.06
N ASN A 399 1.50 26.11 -11.38
CA ASN A 399 0.52 26.49 -10.38
C ASN A 399 0.01 25.32 -9.58
N SER A 400 -0.10 24.13 -10.20
CA SER A 400 -0.71 22.98 -9.56
C SER A 400 0.29 22.14 -8.77
N ASP A 401 1.34 22.77 -8.23
CA ASP A 401 2.21 22.11 -7.27
C ASP A 401 1.99 22.62 -5.86
N LEU A 402 1.34 23.76 -5.69
CA LEU A 402 0.91 24.22 -4.38
C LEU A 402 -0.49 23.74 -4.03
N ARG A 403 -1.14 22.99 -4.92
CA ARG A 403 -2.45 22.44 -4.61
C ARG A 403 -2.38 21.34 -3.57
N GLU A 404 -1.20 20.76 -3.34
CA GLU A 404 -1.05 19.57 -2.49
C GLU A 404 -1.34 19.83 -1.02
N SER A 405 -1.51 21.09 -0.60
CA SER A 405 -2.08 21.39 0.70
C SER A 405 -3.41 22.13 0.62
N GLY A 406 -3.75 22.69 -0.55
CA GLY A 406 -5.09 23.19 -0.78
C GLY A 406 -5.30 24.68 -0.57
N SER A 407 -5.13 25.16 0.66
CA SER A 407 -5.49 26.54 0.99
C SER A 407 -4.39 27.53 0.66
N ILE A 408 -3.32 27.10 -0.01
CA ILE A 408 -2.32 28.06 -0.45
C ILE A 408 -2.36 28.31 -1.95
N GLU A 409 -2.80 27.33 -2.74
CA GLU A 409 -2.86 27.53 -4.18
C GLU A 409 -4.06 28.37 -4.54
N GLN A 410 -5.15 28.23 -3.79
CA GLN A 410 -6.41 28.91 -4.09
C GLN A 410 -6.72 30.02 -3.10
N ASP A 411 -5.72 30.52 -2.39
CA ASP A 411 -5.84 31.77 -1.66
C ASP A 411 -4.65 32.67 -1.89
N ALA A 412 -3.85 32.40 -2.92
CA ALA A 412 -2.71 33.21 -3.32
C ALA A 412 -3.16 34.27 -4.32
N ASP A 413 -2.57 35.45 -4.21
CA ASP A 413 -2.99 36.58 -5.02
C ASP A 413 -1.94 36.96 -6.07
N LEU A 414 -0.67 36.91 -5.72
CA LEU A 414 0.41 37.00 -6.69
C LEU A 414 1.36 35.86 -6.41
N ILE A 415 1.14 34.73 -7.06
CA ILE A 415 2.10 33.65 -7.00
C ILE A 415 3.29 34.10 -7.82
N MET A 416 4.47 34.07 -7.21
CA MET A 416 5.72 34.26 -7.91
C MET A 416 6.58 33.05 -7.63
N PHE A 417 6.58 32.09 -8.55
CA PHE A 417 7.49 30.98 -8.41
C PHE A 417 8.90 31.45 -8.70
N ILE A 418 9.87 30.69 -8.22
CA ILE A 418 11.28 30.99 -8.41
C ILE A 418 11.90 29.80 -9.10
N TYR A 419 12.58 30.04 -10.20
CA TYR A 419 13.40 29.03 -10.83
C TYR A 419 14.83 29.53 -10.83
N ARG A 420 15.77 28.64 -11.12
CA ARG A 420 17.17 28.98 -11.29
C ARG A 420 17.82 27.79 -11.98
N ASP A 421 18.55 28.02 -13.06
CA ASP A 421 18.94 26.89 -13.89
C ASP A 421 20.32 26.35 -13.55
N GLU A 422 21.24 27.20 -13.10
CA GLU A 422 22.60 26.77 -12.85
C GLU A 422 22.74 25.99 -11.54
N VAL A 423 21.67 25.90 -10.77
CA VAL A 423 21.62 24.96 -9.67
C VAL A 423 20.94 23.65 -10.08
N TYR A 424 20.05 23.69 -11.06
CA TYR A 424 19.47 22.48 -11.60
C TYR A 424 20.25 21.94 -12.78
N HIS A 425 21.16 22.73 -13.34
CA HIS A 425 22.02 22.27 -14.42
C HIS A 425 23.39 22.91 -14.24
N GLU A 426 24.26 22.69 -15.21
CA GLU A 426 25.58 23.28 -15.15
C GLU A 426 25.91 23.97 -16.46
N ASN A 427 25.39 23.41 -17.54
CA ASN A 427 25.69 23.84 -18.89
C ASN A 427 24.69 24.86 -19.40
N SER A 428 23.84 25.39 -18.52
CA SER A 428 22.88 26.41 -18.91
C SER A 428 23.54 27.78 -18.88
N ASP A 429 23.11 28.64 -19.79
CA ASP A 429 23.67 29.97 -19.90
C ASP A 429 22.87 31.01 -19.14
N LEU A 430 21.99 30.58 -18.24
CA LEU A 430 21.29 31.49 -17.33
C LEU A 430 21.98 31.56 -15.99
N LYS A 431 23.31 31.44 -15.99
CA LYS A 431 24.10 31.16 -14.81
C LYS A 431 24.11 32.38 -13.90
N GLY A 432 23.56 32.21 -12.70
CA GLY A 432 23.40 33.30 -11.76
C GLY A 432 22.21 34.19 -12.02
N ILE A 433 21.41 33.90 -13.03
CA ILE A 433 20.36 34.80 -13.48
C ILE A 433 19.02 34.11 -13.26
N ALA A 434 18.36 34.42 -12.15
CA ALA A 434 17.17 33.69 -11.78
C ALA A 434 15.93 34.28 -12.45
N GLU A 435 14.98 33.40 -12.76
CA GLU A 435 13.79 33.77 -13.50
C GLU A 435 12.56 33.56 -12.64
N ILE A 436 12.08 34.64 -12.04
CA ILE A 436 10.83 34.62 -11.30
C ILE A 436 9.68 34.38 -12.27
N ILE A 437 8.97 33.28 -12.09
CA ILE A 437 7.81 32.96 -12.91
C ILE A 437 6.56 33.36 -12.13
N ILE A 438 5.83 34.34 -12.63
CA ILE A 438 4.51 34.64 -12.11
C ILE A 438 3.58 33.52 -12.54
N GLY A 439 2.80 32.98 -11.61
CA GLY A 439 1.90 31.90 -11.92
C GLY A 439 0.44 32.31 -11.83
N LYS A 440 0.19 33.44 -11.19
CA LYS A 440 -1.15 34.00 -11.05
C LYS A 440 -1.01 35.47 -10.68
N GLN A 441 -1.93 36.27 -11.18
CA GLN A 441 -1.98 37.69 -10.87
C GLN A 441 -3.44 38.10 -10.81
N ARG A 442 -3.80 38.88 -9.80
CA ARG A 442 -5.19 39.22 -9.60
C ARG A 442 -5.65 40.35 -10.52
N ASN A 443 -4.89 41.44 -10.58
CA ASN A 443 -5.35 42.64 -11.27
C ASN A 443 -4.34 43.09 -12.32
N GLY A 444 -3.93 42.16 -13.19
CA GLY A 444 -3.05 42.51 -14.28
C GLY A 444 -2.58 41.31 -15.08
N PRO A 445 -1.42 41.44 -15.72
CA PRO A 445 -0.92 40.38 -16.59
C PRO A 445 -0.02 39.39 -15.87
N ILE A 446 0.37 38.32 -16.57
CA ILE A 446 1.41 37.41 -16.08
C ILE A 446 2.56 37.46 -17.08
N GLY A 447 3.61 36.69 -16.81
CA GLY A 447 4.73 36.67 -17.73
C GLY A 447 5.87 35.82 -17.22
N THR A 448 7.09 36.31 -17.43
CA THR A 448 8.30 35.66 -16.91
C THR A 448 9.31 36.78 -16.67
N VAL A 449 9.34 37.28 -15.45
CA VAL A 449 10.26 38.34 -15.10
C VAL A 449 11.59 37.74 -14.70
N ARG A 450 12.66 38.19 -15.32
CA ARG A 450 13.99 37.66 -15.05
C ARG A 450 14.72 38.62 -14.14
N LEU A 451 15.63 38.10 -13.33
CA LEU A 451 16.50 38.91 -12.49
C LEU A 451 17.91 38.33 -12.49
N THR A 452 18.89 39.21 -12.37
CA THR A 452 20.28 38.81 -12.22
C THR A 452 20.62 38.75 -10.74
N PHE A 453 21.57 37.89 -10.40
CA PHE A 453 21.97 37.68 -9.02
C PHE A 453 23.45 37.35 -8.95
N ASN A 454 24.20 38.18 -8.24
CA ASN A 454 25.62 37.93 -8.01
C ASN A 454 25.71 36.82 -6.97
N GLY A 455 26.34 35.71 -7.35
CA GLY A 455 26.50 34.53 -6.52
C GLY A 455 27.50 34.66 -5.39
N GLN A 456 27.74 35.86 -4.89
CA GLN A 456 28.60 36.14 -3.77
C GLN A 456 27.97 37.04 -2.72
N TRP A 457 27.21 38.06 -3.11
CA TRP A 457 26.79 39.08 -2.17
C TRP A 457 25.46 38.78 -1.51
N SER A 458 24.77 37.72 -1.94
CA SER A 458 23.38 37.43 -1.59
C SER A 458 22.48 38.64 -1.88
N ARG A 459 22.63 39.19 -3.08
CA ARG A 459 21.81 40.31 -3.51
C ARG A 459 21.32 40.09 -4.93
N PHE A 460 20.02 39.88 -5.09
CA PHE A 460 19.36 40.03 -6.37
C PHE A 460 19.43 41.49 -6.80
N ASP A 461 19.44 41.71 -8.11
CA ASP A 461 19.95 42.96 -8.65
C ASP A 461 19.04 43.42 -9.77
N ASN A 462 19.62 44.20 -10.68
CA ASN A 462 18.93 44.98 -11.69
C ASN A 462 18.34 44.11 -12.82
N TYR A 463 18.02 44.77 -13.93
CA TYR A 463 17.33 44.20 -15.09
C TYR A 463 17.89 42.88 -15.57
N ALA A 464 17.13 41.81 -15.34
CA ALA A 464 16.86 40.71 -16.25
C ALA A 464 17.98 40.33 -17.20
N GLY A 465 19.16 39.95 -16.64
CA GLY A 465 20.52 40.19 -17.19
C GLY A 465 20.78 40.11 -18.68
N PRO A 466 20.43 38.97 -19.31
CA PRO A 466 20.59 38.86 -20.77
C PRO A 466 19.56 39.69 -21.54
N GLN A 467 19.51 39.41 -22.86
CA GLN A 467 18.65 40.16 -23.76
C GLN A 467 17.17 40.00 -23.41
N TYR A 468 16.65 38.77 -23.47
CA TYR A 468 15.25 38.53 -23.14
C TYR A 468 15.12 37.32 -22.23
N ASP B 18 -19.69 17.41 25.51
CA ASP B 18 -19.83 15.96 25.43
C ASP B 18 -18.48 15.30 25.19
N PRO B 19 -18.30 14.08 25.68
CA PRO B 19 -17.08 13.34 25.34
C PRO B 19 -17.10 12.85 23.90
N GLN B 20 -15.96 12.41 23.41
CA GLN B 20 -15.81 12.01 22.02
C GLN B 20 -16.01 10.52 21.81
N VAL B 21 -16.83 9.90 22.66
CA VAL B 21 -17.38 8.59 22.35
C VAL B 21 -18.68 8.77 21.56
N ALA B 22 -19.09 10.02 21.38
CA ALA B 22 -20.32 10.35 20.67
C ALA B 22 -20.20 10.22 19.15
N GLY B 23 -19.10 9.67 18.63
CA GLY B 23 -19.04 9.30 17.23
C GLY B 23 -19.70 7.96 17.02
N LEU B 24 -20.99 7.90 17.23
CA LEU B 24 -21.73 6.65 17.27
C LEU B 24 -22.95 6.65 16.37
N LYS B 25 -23.67 7.75 16.32
CA LYS B 25 -24.87 7.88 15.51
C LYS B 25 -24.63 8.67 14.24
N VAL B 26 -23.37 8.83 13.86
CA VAL B 26 -22.96 9.68 12.75
C VAL B 26 -22.39 8.77 11.67
N PRO B 27 -23.19 8.39 10.68
CA PRO B 27 -22.64 7.78 9.47
C PRO B 27 -21.81 8.82 8.74
N PRO B 28 -20.81 8.40 7.94
CA PRO B 28 -19.63 9.27 7.72
C PRO B 28 -19.90 10.61 7.05
N HIS B 29 -20.55 10.63 5.90
CA HIS B 29 -21.37 11.74 5.40
C HIS B 29 -20.63 13.01 5.02
N SER B 30 -19.37 13.16 5.43
CA SER B 30 -18.30 13.98 4.83
C SER B 30 -18.75 15.41 4.48
N ILE B 31 -19.02 16.21 5.52
CA ILE B 31 -19.53 17.57 5.33
C ILE B 31 -18.56 18.44 4.54
N GLU B 32 -17.26 18.23 4.73
CA GLU B 32 -16.26 18.92 3.91
C GLU B 32 -16.36 18.51 2.44
N ALA B 33 -16.65 17.25 2.17
CA ALA B 33 -16.91 16.82 0.80
C ALA B 33 -18.33 17.15 0.36
N GLU B 34 -19.19 17.58 1.27
CA GLU B 34 -20.56 17.94 0.95
C GLU B 34 -20.71 19.45 0.71
N GLN B 35 -19.71 20.23 1.06
CA GLN B 35 -19.70 21.66 0.74
C GLN B 35 -18.88 22.00 -0.48
N SER B 36 -17.86 21.21 -0.82
CA SER B 36 -17.00 21.57 -1.93
C SER B 36 -17.67 21.28 -3.26
N VAL B 37 -18.72 20.45 -3.26
CA VAL B 37 -19.46 20.26 -4.49
C VAL B 37 -20.42 21.41 -4.73
N LEU B 38 -21.05 21.92 -3.67
CA LEU B 38 -21.95 23.06 -3.82
C LEU B 38 -21.19 24.35 -4.09
N GLY B 39 -19.92 24.42 -3.68
CA GLY B 39 -19.09 25.52 -4.13
C GLY B 39 -18.52 25.29 -5.51
N GLY B 40 -18.56 24.03 -5.98
CA GLY B 40 -18.08 23.71 -7.30
C GLY B 40 -19.03 24.11 -8.41
N LEU B 41 -20.33 23.90 -8.22
CA LEU B 41 -21.34 24.27 -9.20
C LEU B 41 -21.66 25.75 -9.18
N MET B 42 -21.62 26.37 -8.01
CA MET B 42 -21.98 27.77 -7.85
C MET B 42 -20.98 28.69 -8.52
N LEU B 43 -19.73 28.25 -8.68
CA LEU B 43 -18.71 29.00 -9.40
C LEU B 43 -18.49 28.46 -10.82
N ASP B 44 -18.91 27.24 -11.10
CA ASP B 44 -18.74 26.65 -12.43
C ASP B 44 -20.05 26.02 -12.84
N ASN B 45 -20.78 26.69 -13.72
CA ASN B 45 -22.09 26.22 -14.15
C ASN B 45 -22.00 25.00 -15.06
N GLU B 46 -20.88 24.82 -15.74
CA GLU B 46 -20.73 23.72 -16.69
C GLU B 46 -20.13 22.48 -16.04
N ARG B 47 -20.33 22.32 -14.73
CA ARG B 47 -20.03 21.08 -14.03
C ARG B 47 -21.27 20.35 -13.55
N TRP B 48 -22.46 20.95 -13.63
CA TRP B 48 -23.67 20.25 -13.22
C TRP B 48 -24.11 19.23 -14.26
N ASP B 49 -23.47 19.24 -15.43
CA ASP B 49 -23.73 18.22 -16.44
C ASP B 49 -23.20 16.86 -16.02
N ASP B 50 -22.03 16.79 -15.41
CA ASP B 50 -21.41 15.52 -15.09
C ASP B 50 -21.46 15.17 -13.62
N VAL B 51 -21.57 16.17 -12.73
CA VAL B 51 -21.61 15.89 -11.30
C VAL B 51 -22.96 15.33 -10.89
N ALA B 52 -24.04 15.87 -11.45
CA ALA B 52 -25.38 15.37 -11.16
C ALA B 52 -25.64 13.98 -11.72
N GLU B 53 -24.77 13.47 -12.59
CA GLU B 53 -24.83 12.07 -12.97
C GLU B 53 -24.46 11.17 -11.80
N ARG B 54 -23.24 11.33 -11.28
CA ARG B 54 -22.76 10.43 -10.25
C ARG B 54 -23.38 10.70 -8.89
N VAL B 55 -23.87 11.91 -8.66
CA VAL B 55 -24.44 12.28 -7.38
C VAL B 55 -25.88 12.70 -7.59
N VAL B 56 -26.79 12.15 -6.80
CA VAL B 56 -28.18 12.57 -6.81
C VAL B 56 -28.50 13.16 -5.44
N ALA B 57 -29.67 13.77 -5.35
CA ALA B 57 -30.12 14.31 -4.07
C ALA B 57 -30.50 13.18 -3.13
N ASP B 58 -30.71 13.55 -1.85
CA ASP B 58 -30.85 12.68 -0.68
C ASP B 58 -29.59 11.84 -0.41
N ASP B 59 -28.50 12.09 -1.11
CA ASP B 59 -27.18 11.65 -0.68
C ASP B 59 -26.51 12.72 0.16
N PHE B 60 -26.96 13.96 0.03
CA PHE B 60 -26.44 15.03 0.85
C PHE B 60 -27.05 14.89 2.23
N TYR B 61 -26.20 14.97 3.24
CA TYR B 61 -26.63 14.51 4.56
C TYR B 61 -27.58 15.48 5.23
N THR B 62 -27.26 16.78 5.20
CA THR B 62 -27.99 17.75 6.00
C THR B 62 -28.99 18.49 5.12
N ARG B 63 -30.15 18.80 5.71
CA ARG B 63 -31.33 19.38 5.08
C ARG B 63 -31.12 20.63 4.24
N PRO B 64 -30.23 21.58 4.58
CA PRO B 64 -29.99 22.67 3.63
C PRO B 64 -29.32 22.23 2.34
N HIS B 65 -28.47 21.22 2.37
CA HIS B 65 -27.73 20.87 1.17
C HIS B 65 -28.59 20.12 0.17
N ARG B 66 -29.58 19.36 0.65
CA ARG B 66 -30.45 18.63 -0.26
C ARG B 66 -31.30 19.59 -1.08
N HIS B 67 -32.07 20.44 -0.41
CA HIS B 67 -33.01 21.31 -1.10
C HIS B 67 -32.34 22.37 -1.94
N ILE B 68 -31.11 22.77 -1.59
CA ILE B 68 -30.35 23.66 -2.45
C ILE B 68 -30.00 22.95 -3.74
N PHE B 69 -29.61 21.68 -3.65
CA PHE B 69 -29.37 20.90 -4.85
C PHE B 69 -30.66 20.61 -5.61
N THR B 70 -31.81 20.68 -4.95
CA THR B 70 -33.05 20.62 -5.72
C THR B 70 -33.42 21.97 -6.29
N GLU B 71 -32.93 23.06 -5.69
CA GLU B 71 -33.24 24.39 -6.22
C GLU B 71 -32.58 24.62 -7.57
N MET B 72 -31.48 23.94 -7.83
CA MET B 72 -31.11 23.63 -9.20
C MET B 72 -32.00 22.46 -9.61
N ALA B 73 -33.18 22.80 -10.16
CA ALA B 73 -34.13 21.76 -10.58
C ALA B 73 -33.81 21.26 -11.98
N ARG B 74 -33.94 22.14 -12.97
CA ARG B 74 -33.49 21.90 -14.33
C ARG B 74 -32.62 23.04 -14.81
N LEU B 75 -31.89 23.67 -13.89
CA LEU B 75 -31.29 24.97 -14.15
C LEU B 75 -29.94 24.87 -14.83
N GLN B 76 -29.70 23.78 -15.57
CA GLN B 76 -28.58 23.73 -16.49
C GLN B 76 -28.89 24.46 -17.79
N GLU B 77 -29.95 24.04 -18.49
CA GLU B 77 -30.34 24.63 -19.76
C GLU B 77 -31.61 25.44 -19.70
N SER B 78 -32.20 25.63 -18.53
CA SER B 78 -33.46 26.36 -18.39
C SER B 78 -33.26 27.87 -18.36
N GLY B 79 -32.06 28.36 -18.66
CA GLY B 79 -31.81 29.79 -18.77
C GLY B 79 -31.36 30.47 -17.49
N SER B 80 -30.44 29.84 -16.76
CA SER B 80 -29.94 30.40 -15.51
C SER B 80 -28.55 29.83 -15.24
N PRO B 81 -27.49 30.61 -15.48
CA PRO B 81 -26.15 30.24 -15.00
C PRO B 81 -26.14 30.26 -13.48
N ILE B 82 -25.72 29.16 -12.87
CA ILE B 82 -26.03 28.92 -11.47
C ILE B 82 -24.98 29.63 -10.62
N ASP B 83 -25.18 30.92 -10.38
CA ASP B 83 -24.33 31.64 -9.44
C ASP B 83 -25.17 32.02 -8.23
N LEU B 84 -24.62 32.82 -7.32
CA LEU B 84 -25.35 33.25 -6.13
C LEU B 84 -26.51 34.17 -6.49
N ILE B 85 -26.39 34.88 -7.61
CA ILE B 85 -27.43 35.83 -8.02
C ILE B 85 -28.65 35.09 -8.55
N THR B 86 -28.44 34.15 -9.48
CA THR B 86 -29.54 33.39 -10.06
C THR B 86 -30.16 32.44 -9.05
N LEU B 87 -29.38 32.05 -8.04
CA LEU B 87 -29.93 31.23 -6.98
C LEU B 87 -30.87 32.05 -6.09
N ALA B 88 -30.43 33.23 -5.67
CA ALA B 88 -31.16 34.01 -4.66
C ALA B 88 -32.49 34.51 -5.19
N GLU B 89 -32.56 34.81 -6.49
CA GLU B 89 -33.84 35.18 -7.09
C GLU B 89 -34.75 33.96 -7.24
N SER B 90 -34.17 32.79 -7.54
CA SER B 90 -34.99 31.60 -7.68
C SER B 90 -35.34 31.02 -6.32
N LEU B 91 -34.57 31.38 -5.29
CA LEU B 91 -34.87 30.94 -3.94
C LEU B 91 -36.18 31.56 -3.45
N GLU B 92 -36.38 32.84 -3.73
CA GLU B 92 -37.48 33.58 -3.10
C GLU B 92 -38.76 33.50 -3.92
N ARG B 93 -38.65 33.34 -5.24
CA ARG B 93 -39.83 32.98 -6.03
C ARG B 93 -40.28 31.56 -5.72
N GLN B 94 -39.35 30.72 -5.26
CA GLN B 94 -39.70 29.49 -4.58
C GLN B 94 -40.01 29.72 -3.10
N GLY B 95 -39.36 30.69 -2.47
CA GLY B 95 -39.70 31.12 -1.12
C GLY B 95 -38.74 30.71 -0.03
N GLN B 96 -37.51 30.32 -0.32
CA GLN B 96 -36.65 29.73 0.69
C GLN B 96 -35.32 30.47 0.79
N LEU B 97 -35.39 31.80 0.80
CA LEU B 97 -34.23 32.61 1.17
C LEU B 97 -34.10 32.72 2.69
N ASP B 98 -35.04 32.13 3.43
CA ASP B 98 -35.10 32.15 4.89
C ASP B 98 -34.12 31.15 5.49
N SER B 99 -34.36 30.72 6.72
CA SER B 99 -33.37 30.06 7.57
C SER B 99 -33.08 28.60 7.21
N VAL B 100 -33.31 28.24 5.95
CA VAL B 100 -32.82 27.01 5.33
C VAL B 100 -31.57 27.38 4.54
N GLY B 101 -30.86 28.41 5.00
CA GLY B 101 -29.61 28.84 4.40
C GLY B 101 -29.41 30.33 4.50
N GLY B 102 -30.49 31.09 4.67
CA GLY B 102 -30.40 32.53 4.79
C GLY B 102 -29.87 33.16 3.52
N PHE B 103 -28.87 34.03 3.68
CA PHE B 103 -28.01 34.45 2.59
C PHE B 103 -26.55 34.50 2.97
N ALA B 104 -26.21 34.46 4.27
CA ALA B 104 -24.83 34.45 4.69
C ALA B 104 -24.17 33.11 4.39
N TYR B 105 -24.91 32.01 4.56
CA TYR B 105 -24.36 30.70 4.24
C TYR B 105 -24.15 30.54 2.74
N LEU B 106 -24.93 31.25 1.93
CA LEU B 106 -24.69 31.27 0.49
C LEU B 106 -23.35 31.90 0.17
N ALA B 107 -22.93 32.88 0.96
CA ALA B 107 -21.56 33.39 0.84
C ALA B 107 -20.56 32.39 1.41
N GLU B 108 -20.94 31.65 2.45
CA GLU B 108 -20.09 30.58 2.95
C GLU B 108 -20.01 29.43 1.96
N LEU B 109 -21.04 29.29 1.11
CA LEU B 109 -21.00 28.28 0.07
C LEU B 109 -20.34 28.78 -1.20
N SER B 110 -20.36 30.09 -1.45
CA SER B 110 -19.77 30.60 -2.69
C SER B 110 -18.33 31.05 -2.48
N LYS B 111 -18.12 32.00 -1.57
CA LYS B 111 -16.84 32.68 -1.44
C LYS B 111 -15.86 31.94 -0.55
N ASN B 112 -16.34 31.20 0.45
CA ASN B 112 -15.45 30.42 1.28
C ASN B 112 -15.01 29.14 0.61
N THR B 113 -15.66 28.74 -0.48
CA THR B 113 -15.38 27.49 -1.19
C THR B 113 -14.91 27.83 -2.60
N PRO B 114 -13.62 28.08 -2.78
CA PRO B 114 -13.10 28.40 -4.11
C PRO B 114 -12.67 27.15 -4.87
N SER B 115 -13.18 25.99 -4.42
CA SER B 115 -12.75 24.64 -4.77
C SER B 115 -12.46 24.38 -6.24
N ALA B 116 -11.49 23.52 -6.51
CA ALA B 116 -10.88 23.40 -7.83
C ALA B 116 -11.69 22.46 -8.73
N ALA B 117 -11.05 22.02 -9.81
CA ALA B 117 -11.63 21.13 -10.81
C ALA B 117 -11.60 19.66 -10.40
N ASN B 118 -11.47 19.38 -9.10
CA ASN B 118 -11.60 18.04 -8.53
C ASN B 118 -12.92 17.88 -7.79
N ILE B 119 -14.00 18.41 -8.35
CA ILE B 119 -15.33 18.12 -7.82
C ILE B 119 -15.68 16.66 -8.07
N SER B 120 -15.13 16.08 -9.13
CA SER B 120 -15.35 14.66 -9.40
C SER B 120 -14.62 13.76 -8.40
N ALA B 121 -13.71 14.34 -7.60
CA ALA B 121 -13.18 13.60 -6.46
C ALA B 121 -14.09 13.72 -5.24
N TYR B 122 -14.72 14.87 -5.04
CA TYR B 122 -15.72 15.02 -4.00
C TYR B 122 -17.09 14.54 -4.44
N ALA B 123 -17.22 14.09 -5.68
CA ALA B 123 -18.49 13.51 -6.11
C ALA B 123 -18.62 12.08 -5.63
N ASP B 124 -17.55 11.29 -5.75
CA ASP B 124 -17.63 9.90 -5.33
C ASP B 124 -17.70 9.74 -3.83
N ILE B 125 -17.36 10.77 -3.06
CA ILE B 125 -17.47 10.63 -1.61
C ILE B 125 -18.92 10.66 -1.19
N VAL B 126 -19.69 11.64 -1.69
CA VAL B 126 -21.07 11.73 -1.26
C VAL B 126 -21.93 10.71 -2.02
N ARG B 127 -21.38 10.05 -3.03
CA ARG B 127 -22.02 8.83 -3.51
C ARG B 127 -21.80 7.69 -2.54
N GLU B 128 -20.61 7.62 -1.93
CA GLU B 128 -20.19 6.47 -1.15
C GLU B 128 -20.18 6.73 0.34
N ARG B 129 -20.76 7.83 0.78
CA ARG B 129 -21.04 7.99 2.20
C ARG B 129 -22.53 8.16 2.45
N ALA B 130 -23.37 7.90 1.48
CA ALA B 130 -24.79 7.74 1.72
C ALA B 130 -25.26 6.31 1.56
N VAL B 131 -24.64 5.57 0.63
CA VAL B 131 -24.93 4.15 0.49
C VAL B 131 -24.59 3.41 1.77
N VAL B 132 -23.42 3.70 2.33
CA VAL B 132 -23.03 3.15 3.61
C VAL B 132 -23.88 3.76 4.72
N ARG B 133 -24.45 4.95 4.51
CA ARG B 133 -25.36 5.48 5.52
C ARG B 133 -26.73 4.81 5.46
N GLU B 134 -27.31 4.65 4.27
CA GLU B 134 -28.64 4.06 4.17
C GLU B 134 -28.64 2.57 4.41
N MET B 135 -27.46 1.94 4.40
CA MET B 135 -27.33 0.57 4.86
C MET B 135 -27.14 0.46 6.36
N ILE B 136 -27.57 1.46 7.11
CA ILE B 136 -27.72 1.32 8.54
C ILE B 136 -29.19 1.31 8.92
N SER B 137 -29.98 2.19 8.31
CA SER B 137 -31.41 2.17 8.59
C SER B 137 -32.10 0.99 7.90
N VAL B 138 -31.51 0.45 6.84
CA VAL B 138 -31.96 -0.84 6.34
C VAL B 138 -31.55 -1.94 7.31
N ALA B 139 -30.34 -1.82 7.86
CA ALA B 139 -29.89 -2.77 8.88
C ALA B 139 -30.58 -2.54 10.23
N ASN B 140 -31.28 -1.44 10.41
CA ASN B 140 -32.09 -1.29 11.62
C ASN B 140 -33.52 -1.77 11.38
N GLU B 141 -34.15 -1.27 10.33
CA GLU B 141 -35.56 -1.53 10.12
C GLU B 141 -35.85 -2.94 9.63
N ILE B 142 -34.83 -3.71 9.27
CA ILE B 142 -35.02 -5.15 9.17
C ILE B 142 -35.02 -5.76 10.57
N ALA B 143 -34.11 -5.28 11.42
CA ALA B 143 -33.91 -5.93 12.70
C ALA B 143 -34.95 -5.51 13.72
N GLU B 144 -35.30 -4.22 13.77
CA GLU B 144 -36.22 -3.75 14.80
C GLU B 144 -37.64 -4.25 14.57
N ALA B 145 -37.98 -4.59 13.33
CA ALA B 145 -39.23 -5.31 13.11
C ALA B 145 -39.12 -6.74 13.62
N GLY B 146 -37.94 -7.33 13.50
CA GLY B 146 -37.71 -8.71 13.88
C GLY B 146 -37.70 -9.00 15.35
N PHE B 147 -37.79 -7.97 16.20
CA PHE B 147 -37.96 -8.14 17.63
C PHE B 147 -39.38 -7.92 18.10
N ASP B 148 -40.18 -7.18 17.33
CA ASP B 148 -41.57 -6.92 17.66
C ASP B 148 -42.45 -7.53 16.57
N PRO B 149 -42.76 -8.81 16.67
CA PRO B 149 -43.61 -9.43 15.65
C PRO B 149 -45.09 -9.09 15.82
N GLN B 150 -45.59 -8.22 14.95
CA GLN B 150 -47.00 -7.83 14.95
C GLN B 150 -47.80 -8.87 14.19
N GLY B 151 -49.05 -8.55 13.84
CA GLY B 151 -49.92 -9.49 13.17
C GLY B 151 -49.56 -9.80 11.74
N ARG B 152 -48.35 -10.34 11.53
CA ARG B 152 -47.81 -10.66 10.24
C ARG B 152 -46.68 -11.65 10.44
N THR B 153 -46.58 -12.60 9.53
CA THR B 153 -45.82 -13.82 9.72
C THR B 153 -44.49 -13.76 9.00
N SER B 154 -43.83 -14.92 8.90
CA SER B 154 -42.53 -15.01 8.22
C SER B 154 -42.65 -14.76 6.73
N GLU B 155 -43.85 -14.93 6.15
CA GLU B 155 -44.04 -14.60 4.75
C GLU B 155 -44.10 -13.10 4.54
N ASP B 156 -44.28 -12.34 5.62
CA ASP B 156 -44.22 -10.89 5.50
C ASP B 156 -42.78 -10.39 5.62
N LEU B 157 -42.07 -10.82 6.66
CA LEU B 157 -40.79 -10.19 6.99
C LEU B 157 -39.68 -10.59 6.03
N LEU B 158 -39.76 -11.78 5.45
CA LEU B 158 -38.78 -12.15 4.43
C LEU B 158 -39.11 -11.51 3.10
N ASP B 159 -40.28 -10.90 2.99
CA ASP B 159 -40.62 -10.15 1.79
C ASP B 159 -40.73 -8.66 2.07
N LEU B 160 -40.55 -8.25 3.32
CA LEU B 160 -40.37 -6.82 3.57
C LEU B 160 -38.90 -6.50 3.82
N ALA B 161 -38.11 -7.49 4.23
CA ALA B 161 -36.67 -7.27 4.21
C ALA B 161 -36.11 -7.43 2.82
N GLU B 162 -36.81 -8.15 1.95
CA GLU B 162 -36.38 -8.32 0.58
C GLU B 162 -36.47 -7.01 -0.18
N SER B 163 -37.64 -6.37 -0.12
CA SER B 163 -37.88 -5.20 -0.95
C SER B 163 -37.14 -3.98 -0.42
N ARG B 164 -36.98 -3.88 0.90
CA ARG B 164 -36.36 -2.71 1.50
C ARG B 164 -34.87 -2.62 1.25
N VAL B 165 -34.22 -3.72 0.90
CA VAL B 165 -32.82 -3.64 0.53
C VAL B 165 -32.66 -3.13 -0.89
N PHE B 166 -33.51 -3.58 -1.81
CA PHE B 166 -33.41 -3.12 -3.19
C PHE B 166 -34.16 -1.82 -3.43
N LYS B 167 -34.49 -1.10 -2.37
CA LYS B 167 -34.81 0.32 -2.50
C LYS B 167 -33.56 1.18 -2.53
N ILE B 168 -32.38 0.56 -2.55
CA ILE B 168 -31.08 1.23 -2.50
C ILE B 168 -30.32 0.82 -3.75
N ALA B 169 -30.99 0.80 -4.91
CA ALA B 169 -30.21 0.73 -6.15
C ALA B 169 -29.36 1.99 -6.24
N GLU B 170 -29.99 3.12 -6.59
CA GLU B 170 -30.55 4.08 -5.62
C GLU B 170 -31.87 4.54 -6.22
N SER B 171 -31.72 5.33 -7.28
CA SER B 171 -32.63 5.60 -8.37
C SER B 171 -31.84 6.44 -9.37
N ARG B 172 -31.74 6.04 -10.64
CA ARG B 172 -31.15 6.92 -11.65
C ARG B 172 -32.13 7.26 -12.76
N ALA B 173 -32.63 6.27 -13.49
CA ALA B 173 -33.44 6.48 -14.69
C ALA B 173 -34.07 5.16 -15.07
N ASN B 174 -34.88 5.19 -16.13
CA ASN B 174 -35.52 3.97 -16.63
C ASN B 174 -34.49 3.06 -17.30
N LYS B 175 -34.10 2.00 -16.60
CA LYS B 175 -33.07 1.08 -17.06
C LYS B 175 -33.46 -0.33 -16.61
N ASP B 176 -32.47 -1.23 -16.67
CA ASP B 176 -32.42 -2.60 -16.16
C ASP B 176 -33.27 -3.58 -16.96
N GLU B 177 -34.11 -3.08 -17.84
CA GLU B 177 -35.16 -3.86 -18.49
C GLU B 177 -35.50 -3.11 -19.78
N GLY B 178 -34.94 -3.58 -20.87
CA GLY B 178 -35.24 -2.99 -22.15
C GLY B 178 -36.37 -3.80 -22.72
N PRO B 179 -36.06 -4.72 -23.64
CA PRO B 179 -37.09 -5.60 -24.23
C PRO B 179 -37.81 -6.47 -23.22
N LYS B 180 -38.68 -7.29 -23.78
CA LYS B 180 -40.06 -7.51 -23.36
C LYS B 180 -40.23 -7.51 -21.86
N ASN B 181 -41.03 -6.57 -21.36
CA ASN B 181 -41.07 -6.30 -19.94
C ASN B 181 -42.34 -5.56 -19.56
N ILE B 182 -41.30 -2.68 -20.54
CA ILE B 182 -42.08 -2.62 -21.77
C ILE B 182 -41.71 -3.76 -22.70
N ALA B 183 -42.71 -4.23 -23.44
CA ALA B 183 -42.48 -5.08 -24.59
C ALA B 183 -42.08 -4.27 -25.82
N ASP B 184 -42.18 -2.96 -25.70
CA ASP B 184 -42.03 -1.98 -26.78
C ASP B 184 -40.64 -1.97 -27.39
N VAL B 185 -39.63 -2.60 -26.79
CA VAL B 185 -38.34 -2.58 -27.46
C VAL B 185 -38.28 -3.70 -28.48
N LEU B 186 -39.27 -4.59 -28.48
CA LEU B 186 -39.56 -5.28 -29.73
C LEU B 186 -40.11 -4.32 -30.76
N ASP B 187 -41.07 -3.48 -30.37
CA ASP B 187 -41.69 -2.53 -31.28
C ASP B 187 -40.87 -1.27 -31.48
N ALA B 188 -39.81 -1.06 -30.68
CA ALA B 188 -38.87 0.01 -30.99
C ALA B 188 -37.96 -0.40 -32.12
N THR B 189 -37.79 -1.69 -32.34
CA THR B 189 -37.23 -2.14 -33.61
C THR B 189 -38.19 -1.89 -34.75
N VAL B 190 -39.51 -2.03 -34.49
CA VAL B 190 -40.52 -1.71 -35.49
C VAL B 190 -40.49 -0.22 -35.82
N ALA B 191 -40.12 0.60 -34.83
CA ALA B 191 -39.87 2.02 -35.09
C ALA B 191 -38.66 2.24 -35.99
N ARG B 192 -37.80 1.25 -36.20
CA ARG B 192 -36.69 1.37 -37.13
C ARG B 192 -36.87 0.44 -38.34
N ILE B 193 -38.12 0.16 -38.71
CA ILE B 193 -38.47 -0.03 -40.11
C ILE B 193 -39.43 1.05 -40.58
N GLU B 194 -39.54 2.14 -39.83
CA GLU B 194 -40.26 3.33 -40.27
C GLU B 194 -39.36 4.12 -41.22
N GLN B 195 -39.28 3.61 -42.45
CA GLN B 195 -38.56 4.28 -43.53
C GLN B 195 -39.53 4.36 -44.69
N LEU B 196 -40.35 5.38 -44.71
CA LEU B 196 -41.44 5.52 -45.67
C LEU B 196 -41.25 6.71 -46.60
N PHE B 197 -41.04 7.90 -46.06
CA PHE B 197 -40.75 9.08 -46.86
C PHE B 197 -39.33 9.57 -46.61
N GLN B 198 -38.44 8.65 -46.24
CA GLN B 198 -37.18 8.96 -45.59
C GLN B 198 -36.01 8.32 -46.32
N GLN B 199 -35.91 8.59 -47.64
CA GLN B 199 -34.79 8.22 -48.51
C GLN B 199 -34.52 6.72 -48.56
N PRO B 200 -35.23 5.97 -49.40
CA PRO B 200 -34.93 4.54 -49.59
C PRO B 200 -33.49 4.25 -50.02
N HIS B 201 -33.19 2.94 -50.05
CA HIS B 201 -31.85 2.39 -49.84
C HIS B 201 -30.80 2.78 -50.88
N ASP B 202 -31.20 3.31 -52.04
CA ASP B 202 -30.24 3.48 -53.12
C ASP B 202 -29.27 4.63 -52.86
N GLY B 203 -29.80 5.82 -52.56
CA GLY B 203 -28.94 6.95 -52.24
C GLY B 203 -28.28 6.80 -50.90
N VAL B 204 -29.08 6.80 -49.83
CA VAL B 204 -28.60 6.59 -48.46
C VAL B 204 -29.78 6.03 -47.68
N THR B 205 -29.51 5.40 -46.54
CA THR B 205 -30.58 4.82 -45.73
C THR B 205 -30.83 5.60 -44.44
N GLY B 206 -29.81 5.77 -43.61
CA GLY B 206 -29.97 6.42 -42.32
C GLY B 206 -29.22 7.73 -42.19
N VAL B 207 -28.21 7.75 -41.30
CA VAL B 207 -27.32 8.90 -41.14
C VAL B 207 -26.47 9.02 -42.38
N ASN B 208 -26.53 10.19 -43.02
CA ASN B 208 -26.11 10.30 -44.41
C ASN B 208 -24.60 10.29 -44.54
N THR B 209 -24.16 9.64 -45.59
CA THR B 209 -22.77 9.57 -46.04
C THR B 209 -22.51 10.43 -47.26
N GLY B 210 -23.54 10.66 -48.08
CA GLY B 210 -23.39 11.46 -49.28
C GLY B 210 -22.84 10.74 -50.49
N TYR B 211 -21.94 9.78 -50.30
CA TYR B 211 -21.34 9.09 -51.43
C TYR B 211 -22.28 8.02 -51.96
N ASP B 212 -22.06 7.61 -53.21
CA ASP B 212 -23.03 6.83 -53.95
C ASP B 212 -22.84 5.33 -53.79
N ASP B 213 -21.62 4.84 -54.02
CA ASP B 213 -21.40 3.40 -53.98
C ASP B 213 -21.14 2.90 -52.56
N LEU B 214 -20.90 3.81 -51.62
CA LEU B 214 -20.55 3.40 -50.26
C LEU B 214 -21.74 2.84 -49.52
N ASN B 215 -22.95 3.30 -49.83
CA ASN B 215 -24.14 2.79 -49.15
C ASN B 215 -24.64 1.47 -49.74
N LYS B 216 -23.95 0.94 -50.75
CA LYS B 216 -24.21 -0.43 -51.20
C LYS B 216 -23.79 -1.43 -50.14
N LYS B 217 -22.71 -1.13 -49.42
CA LYS B 217 -22.17 -2.01 -48.39
C LYS B 217 -22.16 -1.40 -46.99
N THR B 218 -22.79 -0.25 -46.80
CA THR B 218 -22.90 0.34 -45.47
C THR B 218 -24.30 0.84 -45.14
N ALA B 219 -25.10 1.25 -46.13
CA ALA B 219 -26.45 1.78 -45.97
C ALA B 219 -26.49 2.94 -44.98
N GLY B 220 -25.73 3.99 -45.29
CA GLY B 220 -25.59 5.08 -44.37
C GLY B 220 -24.75 4.68 -43.17
N LEU B 221 -24.67 5.58 -42.20
CA LEU B 221 -24.05 5.26 -40.94
C LEU B 221 -25.13 4.99 -39.90
N GLN B 222 -24.76 4.26 -38.86
CA GLN B 222 -25.69 3.89 -37.82
C GLN B 222 -25.34 4.60 -36.53
N PRO B 223 -26.33 4.91 -35.68
CA PRO B 223 -26.06 5.67 -34.45
C PRO B 223 -25.29 4.92 -33.37
N SER B 224 -24.74 3.75 -33.69
CA SER B 224 -23.80 3.05 -32.82
C SER B 224 -22.47 2.81 -33.50
N ASP B 225 -22.34 3.12 -34.78
CA ASP B 225 -21.22 2.70 -35.61
C ASP B 225 -19.95 3.44 -35.18
N LEU B 226 -19.21 2.85 -34.24
CA LEU B 226 -17.88 3.36 -33.94
C LEU B 226 -17.00 2.94 -35.09
N ILE B 227 -16.92 3.81 -36.08
CA ILE B 227 -16.19 3.54 -37.31
C ILE B 227 -14.81 4.15 -37.21
N ILE B 228 -13.80 3.30 -37.33
CA ILE B 228 -12.41 3.72 -37.39
C ILE B 228 -11.93 3.47 -38.81
N VAL B 229 -11.41 4.52 -39.45
CA VAL B 229 -10.90 4.45 -40.80
C VAL B 229 -9.53 5.07 -40.81
N ALA B 230 -8.51 4.24 -40.98
CA ALA B 230 -7.13 4.65 -40.81
C ALA B 230 -6.33 4.18 -42.02
N ALA B 231 -5.11 4.71 -42.15
CA ALA B 231 -4.24 4.38 -43.28
C ALA B 231 -2.82 4.76 -42.94
N ARG B 232 -1.94 4.61 -43.94
CA ARG B 232 -0.61 5.16 -43.88
C ARG B 232 -0.70 6.69 -43.98
N PRO B 233 0.29 7.41 -43.49
CA PRO B 233 0.33 8.86 -43.74
C PRO B 233 0.60 9.16 -45.21
N SER B 234 0.18 10.36 -45.61
CA SER B 234 0.23 10.86 -46.99
C SER B 234 -0.49 9.92 -47.96
N MET B 235 -1.62 9.39 -47.51
CA MET B 235 -2.52 8.64 -48.38
C MET B 235 -3.73 9.43 -48.79
N GLY B 236 -3.70 10.76 -48.63
CA GLY B 236 -4.94 11.52 -48.58
C GLY B 236 -5.73 11.11 -47.36
N LYS B 237 -5.04 10.76 -46.28
CA LYS B 237 -5.67 10.02 -45.20
C LYS B 237 -6.57 10.91 -44.36
N THR B 238 -6.08 12.09 -44.01
CA THR B 238 -6.89 13.02 -43.22
C THR B 238 -8.06 13.56 -44.04
N THR B 239 -7.90 13.64 -45.36
CA THR B 239 -8.90 14.27 -46.21
C THR B 239 -10.19 13.46 -46.34
N PHE B 240 -10.15 12.16 -46.03
CA PHE B 240 -11.39 11.38 -46.00
C PHE B 240 -12.29 11.87 -44.88
N ALA B 241 -11.70 12.20 -43.75
CA ALA B 241 -12.45 12.85 -42.69
C ALA B 241 -12.83 14.26 -43.10
N MET B 242 -11.99 14.91 -43.91
CA MET B 242 -12.31 16.26 -44.33
C MET B 242 -13.37 16.27 -45.42
N ASN B 243 -13.37 15.26 -46.29
CA ASN B 243 -14.39 15.21 -47.33
C ASN B 243 -15.73 14.78 -46.75
N LEU B 244 -15.71 14.08 -45.62
CA LEU B 244 -16.94 13.69 -44.94
C LEU B 244 -17.54 14.82 -44.14
N VAL B 245 -16.87 15.98 -44.07
CA VAL B 245 -17.46 17.14 -43.45
C VAL B 245 -18.62 17.66 -44.28
N GLU B 246 -18.37 17.94 -45.56
CA GLU B 246 -19.35 18.58 -46.44
C GLU B 246 -20.51 17.66 -46.78
N ASN B 247 -20.36 16.36 -46.62
CA ASN B 247 -21.53 15.49 -46.69
C ASN B 247 -22.30 15.43 -45.38
N ALA B 248 -21.65 15.71 -44.26
CA ALA B 248 -22.36 15.66 -42.99
C ALA B 248 -22.86 17.04 -42.57
N ALA B 249 -22.18 18.11 -42.99
CA ALA B 249 -22.64 19.45 -42.64
C ALA B 249 -23.79 19.88 -43.56
N MET B 250 -23.94 19.23 -44.71
CA MET B 250 -25.02 19.56 -45.61
C MET B 250 -26.25 18.68 -45.37
N LEU B 251 -26.07 17.37 -45.51
CA LEU B 251 -27.20 16.48 -45.74
C LEU B 251 -27.92 16.12 -44.45
N GLN B 252 -27.19 16.01 -43.34
CA GLN B 252 -27.78 15.51 -42.10
C GLN B 252 -28.63 16.54 -41.39
N ASP B 253 -28.27 17.83 -41.50
CA ASP B 253 -28.88 18.96 -40.79
C ASP B 253 -28.82 18.80 -39.27
N LYS B 254 -27.79 18.13 -38.77
CA LYS B 254 -27.44 18.02 -37.38
C LYS B 254 -26.00 18.50 -37.18
N PRO B 255 -25.60 18.86 -35.96
CA PRO B 255 -24.22 19.32 -35.71
C PRO B 255 -23.16 18.27 -36.07
N VAL B 256 -21.92 18.76 -36.14
CA VAL B 256 -20.73 17.95 -36.42
C VAL B 256 -19.59 18.56 -35.63
N LEU B 257 -18.86 17.74 -34.87
CA LEU B 257 -17.65 18.20 -34.19
C LEU B 257 -16.45 17.69 -34.97
N ILE B 258 -15.49 18.57 -35.20
CA ILE B 258 -14.22 18.20 -35.82
C ILE B 258 -13.14 18.29 -34.75
N PHE B 259 -12.67 17.13 -34.29
CA PHE B 259 -11.64 17.06 -33.26
C PHE B 259 -10.36 16.54 -33.91
N SER B 260 -9.59 17.45 -34.47
CA SER B 260 -8.26 17.15 -34.97
C SER B 260 -7.26 17.65 -33.94
N LEU B 261 -6.58 16.72 -33.28
CA LEU B 261 -5.67 17.10 -32.21
C LEU B 261 -4.35 17.65 -32.75
N GLU B 262 -4.11 17.53 -34.05
CA GLU B 262 -2.88 18.04 -34.65
C GLU B 262 -2.96 19.54 -34.93
N MET B 263 -3.86 19.92 -35.84
CA MET B 263 -3.90 21.26 -36.41
C MET B 263 -4.52 22.27 -35.43
N PRO B 264 -4.23 23.57 -35.60
CA PRO B 264 -4.93 24.60 -34.81
C PRO B 264 -6.33 24.88 -35.30
N SER B 265 -6.97 25.92 -34.76
CA SER B 265 -8.28 26.33 -35.26
C SER B 265 -8.20 26.82 -36.70
N GLU B 266 -7.11 27.48 -37.05
CA GLU B 266 -6.84 27.76 -38.46
C GLU B 266 -6.45 26.47 -39.17
N GLN B 267 -6.59 26.49 -40.49
CA GLN B 267 -6.56 25.38 -41.45
C GLN B 267 -7.69 24.40 -41.20
N ILE B 268 -8.70 24.76 -40.42
CA ILE B 268 -9.94 23.99 -40.41
C ILE B 268 -11.06 24.79 -41.05
N MET B 269 -11.05 26.11 -40.83
CA MET B 269 -11.90 26.99 -41.62
C MET B 269 -11.44 27.02 -43.07
N MET B 270 -10.14 26.95 -43.31
CA MET B 270 -9.64 27.02 -44.67
C MET B 270 -9.74 25.68 -45.37
N ARG B 271 -9.43 24.59 -44.68
CA ARG B 271 -9.52 23.28 -45.33
C ARG B 271 -10.96 22.85 -45.56
N SER B 272 -11.92 23.48 -44.88
CA SER B 272 -13.31 23.35 -45.29
C SER B 272 -13.57 24.14 -46.58
N LEU B 273 -12.97 25.32 -46.68
CA LEU B 273 -13.11 26.12 -47.89
C LEU B 273 -12.14 25.69 -48.98
N ALA B 274 -11.19 24.82 -48.68
CA ALA B 274 -10.21 24.41 -49.69
C ALA B 274 -10.85 23.52 -50.75
N SER B 275 -11.73 22.62 -50.34
CA SER B 275 -12.30 21.67 -51.29
C SER B 275 -13.35 22.32 -52.17
N LEU B 276 -13.91 23.45 -51.75
CA LEU B 276 -15.07 24.00 -52.42
C LEU B 276 -14.72 24.69 -53.74
N SER B 277 -13.45 25.04 -53.95
CA SER B 277 -13.06 25.72 -55.19
C SER B 277 -12.51 24.78 -56.24
N ARG B 278 -12.12 23.55 -55.84
CA ARG B 278 -11.46 22.55 -56.69
C ARG B 278 -10.14 23.05 -57.27
N VAL B 279 -9.52 24.00 -56.58
CA VAL B 279 -8.19 24.49 -56.87
C VAL B 279 -7.39 24.45 -55.57
N ASP B 280 -6.07 24.26 -55.69
CA ASP B 280 -5.16 24.24 -54.56
C ASP B 280 -5.12 25.61 -53.86
N GLN B 281 -4.45 25.66 -52.72
CA GLN B 281 -4.05 26.92 -52.10
C GLN B 281 -2.88 27.59 -52.79
N THR B 282 -2.41 27.07 -53.94
CA THR B 282 -1.28 27.66 -54.65
C THR B 282 -1.63 29.05 -55.19
N LYS B 283 -2.91 29.35 -55.31
CA LYS B 283 -3.38 30.70 -55.54
C LYS B 283 -3.37 31.54 -54.27
N ILE B 284 -3.34 30.92 -53.09
CA ILE B 284 -3.54 31.67 -51.85
C ILE B 284 -2.51 31.37 -50.78
N ARG B 285 -1.70 30.31 -50.87
CA ARG B 285 -0.59 30.12 -49.95
C ARG B 285 0.49 31.18 -50.17
N THR B 286 0.90 31.39 -51.42
CA THR B 286 1.75 32.51 -51.80
C THR B 286 1.15 33.15 -53.04
N GLY B 287 1.43 34.42 -53.25
CA GLY B 287 0.89 35.12 -54.40
C GLY B 287 -0.59 35.37 -54.30
N GLN B 288 -1.01 36.29 -53.42
CA GLN B 288 -2.41 36.51 -53.11
C GLN B 288 -3.11 37.39 -54.16
N LEU B 289 -2.99 36.97 -55.42
CA LEU B 289 -3.84 37.40 -56.52
C LEU B 289 -4.26 36.11 -57.23
N ASP B 290 -5.40 35.57 -56.81
CA ASP B 290 -5.69 34.16 -57.04
C ASP B 290 -6.12 33.87 -58.48
N ASP B 291 -7.30 34.36 -58.85
CA ASP B 291 -8.04 33.99 -60.05
C ASP B 291 -9.37 34.75 -59.93
N GLU B 292 -10.22 34.72 -60.97
CA GLU B 292 -11.61 35.14 -60.80
C GLU B 292 -12.53 33.92 -60.65
N ASP B 293 -12.28 33.14 -59.59
CA ASP B 293 -13.13 32.01 -59.27
C ASP B 293 -13.83 32.21 -57.93
N TRP B 294 -14.19 33.45 -57.63
CA TRP B 294 -14.66 33.78 -56.30
C TRP B 294 -16.15 33.52 -56.14
N ALA B 295 -16.86 33.14 -57.20
CA ALA B 295 -18.22 32.66 -57.04
C ALA B 295 -18.21 31.21 -56.56
N ARG B 296 -17.11 30.49 -56.76
CA ARG B 296 -16.95 29.18 -56.16
C ARG B 296 -16.65 29.27 -54.68
N ILE B 297 -15.90 30.28 -54.26
CA ILE B 297 -15.34 30.30 -52.91
C ILE B 297 -16.29 31.00 -51.94
N SER B 298 -17.21 31.82 -52.46
CA SER B 298 -18.16 32.55 -51.63
C SER B 298 -19.60 32.20 -51.98
N GLY B 299 -19.81 31.40 -53.03
CA GLY B 299 -21.16 31.01 -53.39
C GLY B 299 -21.71 29.87 -52.56
N THR B 300 -20.85 28.96 -52.11
CA THR B 300 -21.23 27.93 -51.16
C THR B 300 -20.85 28.29 -49.72
N MET B 301 -20.39 29.52 -49.50
CA MET B 301 -20.32 30.04 -48.13
C MET B 301 -21.70 30.39 -47.61
N GLY B 302 -22.55 30.98 -48.46
CA GLY B 302 -23.84 31.47 -48.01
C GLY B 302 -24.80 30.37 -47.59
N ILE B 303 -24.64 29.17 -48.15
CA ILE B 303 -25.42 28.02 -47.71
C ILE B 303 -24.79 27.38 -46.48
N LEU B 304 -23.58 27.79 -46.10
CA LEU B 304 -22.99 27.41 -44.81
C LEU B 304 -22.95 28.56 -43.82
N LEU B 305 -23.86 29.52 -43.92
CA LEU B 305 -23.93 30.61 -42.95
C LEU B 305 -25.28 30.68 -42.25
N GLU B 306 -26.32 30.06 -42.81
CA GLU B 306 -27.60 30.03 -42.10
C GLU B 306 -27.70 28.83 -41.17
N LYS B 307 -26.94 27.77 -41.45
CA LYS B 307 -26.93 26.61 -40.57
C LYS B 307 -25.56 26.46 -39.93
N ARG B 308 -25.56 26.24 -38.60
CA ARG B 308 -24.33 26.21 -37.81
C ARG B 308 -23.91 24.75 -37.58
N ASN B 309 -23.42 24.12 -38.64
CA ASN B 309 -22.79 22.80 -38.50
C ASN B 309 -21.28 22.93 -38.33
N ILE B 310 -20.91 23.78 -37.38
CA ILE B 310 -19.51 24.05 -37.03
C ILE B 310 -19.50 24.13 -35.50
N TYR B 311 -18.86 23.16 -34.87
CA TYR B 311 -18.66 23.18 -33.42
C TYR B 311 -17.29 22.55 -33.20
N ILE B 312 -16.26 23.40 -33.07
CA ILE B 312 -14.88 22.93 -33.17
C ILE B 312 -14.07 23.53 -32.02
N ASP B 313 -13.45 22.65 -31.21
CA ASP B 313 -12.54 23.06 -30.15
C ASP B 313 -11.61 21.87 -29.88
N ASP B 314 -10.40 21.93 -30.44
CA ASP B 314 -9.56 20.74 -30.57
C ASP B 314 -8.19 20.90 -29.94
N SER B 315 -8.16 21.27 -28.65
CA SER B 315 -6.93 21.51 -27.89
C SER B 315 -6.03 20.27 -27.84
N SER B 316 -4.81 20.45 -27.35
CA SER B 316 -3.76 19.46 -27.52
C SER B 316 -3.99 18.24 -26.63
N GLY B 317 -3.96 18.41 -25.32
CA GLY B 317 -4.12 17.28 -24.43
C GLY B 317 -5.57 17.02 -24.07
N LEU B 318 -6.22 16.09 -24.77
CA LEU B 318 -7.60 15.74 -24.49
C LEU B 318 -7.65 14.34 -23.93
N THR B 319 -8.33 14.19 -22.84
CA THR B 319 -8.60 12.92 -22.20
C THR B 319 -9.87 12.32 -22.78
N PRO B 320 -10.00 10.99 -22.72
CA PRO B 320 -11.31 10.38 -23.01
C PRO B 320 -12.38 10.72 -21.99
N THR B 321 -12.02 11.27 -20.83
CA THR B 321 -13.02 11.84 -19.92
C THR B 321 -13.49 13.20 -20.42
N GLU B 322 -12.58 13.98 -21.03
CA GLU B 322 -12.92 15.33 -21.45
C GLU B 322 -13.84 15.32 -22.66
N VAL B 323 -13.77 14.30 -23.50
CA VAL B 323 -14.64 14.25 -24.67
C VAL B 323 -16.08 13.94 -24.27
N ARG B 324 -16.26 13.28 -23.12
CA ARG B 324 -17.61 13.09 -22.60
C ARG B 324 -18.06 14.28 -21.80
N SER B 325 -17.13 15.13 -21.35
CA SER B 325 -17.52 16.43 -20.83
C SER B 325 -17.73 17.43 -21.96
N ARG B 326 -17.28 17.08 -23.17
CA ARG B 326 -17.39 18.00 -24.30
C ARG B 326 -18.58 17.68 -25.19
N ALA B 327 -18.84 16.39 -25.44
CA ALA B 327 -19.95 16.04 -26.31
C ALA B 327 -21.29 16.29 -25.64
N ARG B 328 -21.35 16.17 -24.31
CA ARG B 328 -22.56 16.54 -23.60
C ARG B 328 -22.64 18.05 -23.40
N ARG B 329 -21.51 18.74 -23.49
CA ARG B 329 -21.53 20.21 -23.49
C ARG B 329 -22.18 20.73 -24.77
N ILE B 330 -21.89 20.10 -25.90
CA ILE B 330 -22.48 20.50 -27.17
C ILE B 330 -23.95 20.11 -27.23
N ALA B 331 -24.26 18.87 -26.83
CA ALA B 331 -25.62 18.37 -26.89
C ALA B 331 -26.54 19.01 -25.85
N ARG B 332 -26.00 19.80 -24.92
CA ARG B 332 -26.84 20.44 -23.91
C ARG B 332 -27.68 21.56 -24.52
N GLU B 333 -27.06 22.47 -25.25
CA GLU B 333 -27.81 23.56 -25.87
C GLU B 333 -28.56 23.09 -27.11
N HIS B 334 -27.81 22.70 -28.14
CA HIS B 334 -28.39 22.27 -29.40
C HIS B 334 -28.48 20.75 -29.38
N GLY B 335 -29.20 20.19 -30.36
CA GLY B 335 -29.33 18.76 -30.41
C GLY B 335 -28.06 18.11 -30.89
N GLY B 336 -27.30 17.52 -29.98
CA GLY B 336 -26.04 16.93 -30.38
C GLY B 336 -26.24 15.49 -30.83
N ILE B 337 -26.40 15.30 -32.13
CA ILE B 337 -26.52 13.98 -32.73
C ILE B 337 -25.35 13.91 -33.69
N GLY B 338 -24.24 14.47 -33.25
CA GLY B 338 -23.17 14.81 -34.16
C GLY B 338 -22.39 13.62 -34.66
N LEU B 339 -22.08 13.65 -35.95
CA LEU B 339 -21.08 12.76 -36.53
C LEU B 339 -19.71 13.22 -36.07
N ILE B 340 -19.34 12.82 -34.86
CA ILE B 340 -18.16 13.38 -34.18
C ILE B 340 -16.92 12.73 -34.77
N MET B 341 -16.01 13.54 -35.27
CA MET B 341 -14.79 13.02 -35.88
C MET B 341 -13.65 13.20 -34.87
N ILE B 342 -13.05 12.07 -34.47
CA ILE B 342 -11.88 12.09 -33.62
C ILE B 342 -10.67 11.76 -34.51
N ASP B 343 -9.66 12.61 -34.42
CA ASP B 343 -8.49 12.51 -35.28
C ASP B 343 -7.22 12.43 -34.45
N TYR B 344 -6.33 11.54 -34.87
CA TYR B 344 -5.04 11.27 -34.24
C TYR B 344 -5.22 10.89 -32.77
N LEU B 345 -5.88 9.74 -32.58
CA LEU B 345 -6.29 9.31 -31.25
C LEU B 345 -5.13 8.94 -30.35
N GLN B 346 -3.95 8.70 -30.92
CA GLN B 346 -2.77 8.46 -30.10
C GLN B 346 -2.31 9.71 -29.39
N LEU B 347 -2.65 10.89 -29.92
CA LEU B 347 -2.32 12.15 -29.27
C LEU B 347 -3.27 12.47 -28.12
N MET B 348 -4.38 11.74 -28.02
CA MET B 348 -5.21 11.84 -26.83
C MET B 348 -4.45 11.32 -25.62
N ARG B 349 -4.74 11.91 -24.47
CA ARG B 349 -3.94 11.68 -23.27
C ARG B 349 -4.73 10.85 -22.27
N VAL B 350 -4.18 9.70 -21.91
CA VAL B 350 -4.57 9.01 -20.70
C VAL B 350 -3.51 9.40 -19.66
N PRO B 351 -3.89 9.69 -18.41
CA PRO B 351 -2.87 10.11 -17.43
C PRO B 351 -1.83 9.05 -17.13
N ALA B 352 -2.20 7.78 -17.22
CA ALA B 352 -1.21 6.69 -17.23
C ALA B 352 -0.72 6.51 -18.66
N LEU B 353 0.21 7.39 -19.04
CA LEU B 353 0.66 7.45 -20.43
C LEU B 353 1.96 6.67 -20.68
N SER B 354 2.71 6.35 -19.63
CA SER B 354 3.95 5.62 -19.79
C SER B 354 3.77 4.12 -19.62
N ASP B 355 2.58 3.59 -19.88
CA ASP B 355 2.32 2.20 -19.60
C ASP B 355 2.88 1.31 -20.71
N ASN B 356 2.46 0.05 -20.69
CA ASN B 356 2.44 -0.73 -21.90
C ASN B 356 1.48 -0.06 -22.88
N ARG B 357 1.90 0.06 -24.14
CA ARG B 357 1.11 0.80 -25.13
C ARG B 357 -0.19 0.09 -25.45
N THR B 358 -0.26 -1.23 -25.26
CA THR B 358 -1.53 -1.93 -25.35
C THR B 358 -2.50 -1.43 -24.29
N LEU B 359 -1.99 -1.15 -23.09
CA LEU B 359 -2.81 -0.64 -21.99
C LEU B 359 -2.93 0.87 -21.99
N GLU B 360 -2.74 1.50 -23.14
CA GLU B 360 -3.04 2.91 -23.31
C GLU B 360 -4.08 3.15 -24.39
N ILE B 361 -4.28 2.20 -25.30
CA ILE B 361 -5.22 2.38 -26.40
C ILE B 361 -6.50 1.63 -26.06
N ALA B 362 -6.37 0.60 -25.23
CA ALA B 362 -7.56 -0.11 -24.75
C ALA B 362 -8.37 0.75 -23.79
N GLU B 363 -7.74 1.70 -23.11
CA GLU B 363 -8.50 2.62 -22.27
C GLU B 363 -9.27 3.62 -23.12
N ILE B 364 -8.76 3.92 -24.30
CA ILE B 364 -9.46 4.81 -25.20
C ILE B 364 -10.63 4.09 -25.87
N SER B 365 -10.44 2.82 -26.22
CA SER B 365 -11.47 2.04 -26.90
C SER B 365 -12.65 1.74 -25.99
N ARG B 366 -12.45 1.77 -24.68
CA ARG B 366 -13.56 1.55 -23.78
C ARG B 366 -14.11 2.87 -23.25
N SER B 367 -13.78 3.98 -23.92
CA SER B 367 -14.49 5.22 -23.64
C SER B 367 -15.16 5.77 -24.90
N LEU B 368 -14.55 5.52 -26.07
CA LEU B 368 -15.12 6.01 -27.32
C LEU B 368 -16.23 5.10 -27.84
N LYS B 369 -16.10 3.79 -27.62
CA LYS B 369 -17.23 2.89 -27.83
C LYS B 369 -18.38 3.23 -26.91
N ALA B 370 -18.07 3.74 -25.72
CA ALA B 370 -19.11 4.30 -24.86
C ALA B 370 -19.66 5.60 -25.45
N LEU B 371 -18.82 6.38 -26.11
CA LEU B 371 -19.31 7.63 -26.68
C LEU B 371 -20.14 7.40 -27.93
N ALA B 372 -19.99 6.25 -28.59
CA ALA B 372 -20.85 5.89 -29.71
C ALA B 372 -22.18 5.30 -29.26
N LYS B 373 -22.55 5.45 -27.99
CA LYS B 373 -23.74 4.83 -27.46
C LYS B 373 -24.59 5.74 -26.61
N GLU B 374 -24.02 6.80 -26.03
CA GLU B 374 -24.79 7.61 -25.09
C GLU B 374 -25.71 8.58 -25.80
N LEU B 375 -25.32 9.06 -26.98
CA LEU B 375 -26.04 10.14 -27.66
C LEU B 375 -26.66 9.66 -28.97
N ASN B 376 -26.59 8.35 -29.24
CA ASN B 376 -26.98 7.74 -30.53
C ASN B 376 -26.26 8.42 -31.70
N VAL B 377 -24.94 8.40 -31.67
CA VAL B 377 -24.12 9.09 -32.66
C VAL B 377 -23.21 8.07 -33.33
N PRO B 378 -22.91 8.23 -34.61
CA PRO B 378 -21.75 7.53 -35.18
C PRO B 378 -20.50 8.37 -34.92
N VAL B 379 -19.42 7.71 -34.53
CA VAL B 379 -18.16 8.41 -34.31
C VAL B 379 -17.17 7.89 -35.33
N VAL B 380 -16.80 8.75 -36.28
CA VAL B 380 -15.79 8.43 -37.27
C VAL B 380 -14.43 8.73 -36.64
N ALA B 381 -13.52 7.77 -36.73
CA ALA B 381 -12.25 7.85 -36.04
C ALA B 381 -11.12 7.71 -37.04
N LEU B 382 -9.95 8.21 -36.66
CA LEU B 382 -8.76 8.08 -37.48
C LEU B 382 -7.56 7.79 -36.57
N SER B 383 -6.78 6.79 -36.97
CA SER B 383 -5.59 6.39 -36.25
C SER B 383 -4.50 6.10 -37.28
N GLN B 384 -3.48 5.37 -36.85
CA GLN B 384 -2.34 5.08 -37.70
C GLN B 384 -2.13 3.59 -37.79
N LEU B 385 -1.09 3.20 -38.51
CA LEU B 385 -0.68 1.81 -38.65
C LEU B 385 0.81 1.72 -38.32
N ASN B 386 1.41 0.56 -38.57
CA ASN B 386 2.85 0.41 -38.39
C ASN B 386 3.56 0.74 -39.70
N ARG B 387 4.86 0.51 -39.75
CA ARG B 387 5.64 0.86 -40.92
C ARG B 387 6.10 -0.35 -41.74
N SER B 388 6.10 -1.54 -41.16
CA SER B 388 6.63 -2.70 -41.87
C SER B 388 5.63 -3.30 -42.84
N LEU B 389 4.43 -2.72 -42.95
CA LEU B 389 3.48 -3.18 -43.96
C LEU B 389 3.95 -2.81 -45.35
N GLU B 390 4.76 -1.75 -45.45
CA GLU B 390 5.24 -1.25 -46.73
C GLU B 390 6.18 -2.22 -47.43
N GLN B 391 6.87 -3.10 -46.70
CA GLN B 391 7.71 -4.09 -47.36
C GLN B 391 6.90 -5.27 -47.87
N ARG B 392 5.68 -5.44 -47.36
CA ARG B 392 4.81 -6.49 -47.85
C ARG B 392 4.30 -6.15 -49.24
N ALA B 393 4.20 -7.17 -50.09
CA ALA B 393 3.87 -6.95 -51.49
C ALA B 393 2.44 -6.50 -51.70
N ASP B 394 1.56 -6.69 -50.73
CA ASP B 394 0.23 -6.11 -50.74
C ASP B 394 0.17 -5.14 -49.57
N LYS B 395 0.58 -3.90 -49.82
CA LYS B 395 0.69 -2.86 -48.81
C LYS B 395 -0.65 -2.41 -48.25
N ARG B 396 -1.74 -2.74 -48.94
CA ARG B 396 -3.09 -2.39 -48.52
C ARG B 396 -3.40 -3.10 -47.21
N PRO B 397 -3.87 -2.37 -46.20
CA PRO B 397 -3.84 -2.90 -44.84
C PRO B 397 -4.89 -3.98 -44.63
N VAL B 398 -4.56 -4.93 -43.77
CA VAL B 398 -5.45 -6.04 -43.46
C VAL B 398 -5.90 -5.83 -42.02
N ASN B 399 -6.74 -6.75 -41.52
CA ASN B 399 -7.32 -6.61 -40.19
C ASN B 399 -6.29 -6.60 -39.08
N SER B 400 -5.12 -7.19 -39.30
CA SER B 400 -4.10 -7.38 -38.26
C SER B 400 -2.85 -6.54 -38.49
N ASP B 401 -3.00 -5.27 -38.86
CA ASP B 401 -1.88 -4.37 -39.07
C ASP B 401 -2.08 -3.07 -38.29
N LEU B 402 -2.45 -3.19 -37.03
CA LEU B 402 -2.82 -2.02 -36.25
C LEU B 402 -2.00 -1.96 -34.98
N ARG B 403 -0.68 -2.11 -35.14
CA ARG B 403 0.19 -2.36 -34.00
C ARG B 403 0.42 -1.12 -33.14
N GLU B 404 0.11 0.07 -33.66
CA GLU B 404 0.06 1.27 -32.82
C GLU B 404 -0.97 1.13 -31.71
N SER B 405 -2.14 0.61 -32.07
CA SER B 405 -3.22 0.41 -31.11
C SER B 405 -3.08 -0.91 -30.36
N GLY B 406 -3.21 -2.02 -31.09
CA GLY B 406 -3.22 -3.33 -30.49
C GLY B 406 -4.59 -3.84 -30.09
N SER B 407 -5.52 -2.96 -29.74
CA SER B 407 -6.80 -3.42 -29.22
C SER B 407 -8.03 -2.66 -29.73
N ILE B 408 -7.91 -1.74 -30.69
CA ILE B 408 -9.09 -1.03 -31.14
C ILE B 408 -9.93 -1.87 -32.09
N GLU B 409 -9.36 -2.92 -32.67
CA GLU B 409 -10.05 -3.68 -33.70
C GLU B 409 -11.23 -4.45 -33.12
N GLN B 410 -11.05 -5.00 -31.93
CA GLN B 410 -12.03 -5.85 -31.28
C GLN B 410 -13.13 -5.06 -30.58
N ASP B 411 -13.16 -3.74 -30.73
CA ASP B 411 -14.13 -2.89 -30.04
C ASP B 411 -14.91 -1.96 -30.94
N ALA B 412 -14.53 -1.81 -32.20
CA ALA B 412 -15.12 -0.81 -33.09
C ALA B 412 -15.76 -1.49 -34.29
N ASP B 413 -16.83 -0.86 -34.78
CA ASP B 413 -17.72 -1.50 -35.76
C ASP B 413 -17.09 -1.61 -37.14
N LEU B 414 -16.78 -0.48 -37.75
CA LEU B 414 -16.42 -0.44 -39.16
C LEU B 414 -14.95 -0.06 -39.29
N ILE B 415 -14.12 -1.04 -39.64
CA ILE B 415 -12.79 -0.77 -40.13
C ILE B 415 -12.85 -0.71 -41.64
N MET B 416 -12.51 0.45 -42.20
CA MET B 416 -12.29 0.61 -43.63
C MET B 416 -10.92 1.25 -43.80
N PHE B 417 -10.18 0.79 -44.78
CA PHE B 417 -8.80 1.22 -44.93
C PHE B 417 -8.66 2.09 -46.17
N ILE B 418 -8.27 3.35 -45.95
CA ILE B 418 -7.92 4.23 -47.06
C ILE B 418 -6.67 3.68 -47.71
N TYR B 419 -6.65 3.68 -49.02
CA TYR B 419 -5.44 3.31 -49.73
C TYR B 419 -5.34 4.19 -50.96
N ARG B 420 -4.51 5.22 -50.90
CA ARG B 420 -4.14 5.93 -52.11
C ARG B 420 -3.22 5.00 -52.91
N ASP B 421 -3.52 4.85 -54.19
CA ASP B 421 -2.86 3.77 -54.94
C ASP B 421 -1.47 4.17 -55.41
N GLU B 422 -1.32 5.41 -55.89
CA GLU B 422 -0.08 5.80 -56.54
C GLU B 422 0.99 6.30 -55.58
N VAL B 423 0.77 6.17 -54.26
CA VAL B 423 1.83 6.55 -53.32
C VAL B 423 2.98 5.56 -53.40
N TYR B 424 2.69 4.31 -53.75
CA TYR B 424 3.71 3.28 -53.82
C TYR B 424 3.85 2.72 -55.22
N HIS B 425 2.73 2.45 -55.89
CA HIS B 425 2.77 1.95 -57.27
C HIS B 425 2.33 3.09 -58.18
N GLU B 426 3.33 3.79 -58.75
CA GLU B 426 3.06 4.92 -59.63
C GLU B 426 2.78 4.50 -61.06
N ASN B 427 3.06 3.25 -61.43
CA ASN B 427 2.75 2.72 -62.74
C ASN B 427 1.44 1.96 -62.77
N SER B 428 0.54 2.26 -61.85
CA SER B 428 -0.61 1.41 -61.60
C SER B 428 -1.76 1.72 -62.55
N ASP B 429 -2.63 0.73 -62.73
CA ASP B 429 -3.84 0.93 -63.53
C ASP B 429 -4.90 1.72 -62.77
N LEU B 430 -4.87 1.71 -61.44
CA LEU B 430 -5.77 2.51 -60.63
C LEU B 430 -5.08 3.73 -60.05
N LYS B 431 -4.17 4.33 -60.82
CA LYS B 431 -3.54 5.57 -60.40
C LYS B 431 -4.56 6.69 -60.41
N GLY B 432 -4.64 7.41 -59.29
CA GLY B 432 -5.73 8.35 -59.13
C GLY B 432 -7.05 7.69 -58.77
N ILE B 433 -7.03 6.41 -58.42
CA ILE B 433 -8.20 5.70 -57.94
C ILE B 433 -7.83 5.20 -56.55
N ALA B 434 -8.24 5.93 -55.51
CA ALA B 434 -8.07 5.43 -54.16
C ALA B 434 -9.05 4.27 -53.93
N GLU B 435 -8.72 3.42 -52.96
CA GLU B 435 -9.65 2.34 -52.65
C GLU B 435 -9.90 2.32 -51.16
N ILE B 436 -11.18 2.20 -50.82
CA ILE B 436 -11.64 2.02 -49.46
C ILE B 436 -12.00 0.56 -49.33
N ILE B 437 -11.15 -0.21 -48.64
CA ILE B 437 -11.37 -1.63 -48.41
C ILE B 437 -12.03 -1.79 -47.06
N ILE B 438 -13.25 -2.34 -47.05
CA ILE B 438 -13.97 -2.60 -45.82
C ILE B 438 -13.34 -3.81 -45.14
N GLY B 439 -12.65 -3.58 -44.02
CA GLY B 439 -11.91 -4.63 -43.36
C GLY B 439 -12.74 -5.42 -42.38
N LYS B 440 -13.43 -4.73 -41.48
CA LYS B 440 -14.31 -5.38 -40.51
C LYS B 440 -15.67 -4.72 -40.61
N GLN B 441 -16.64 -5.43 -41.18
CA GLN B 441 -18.02 -4.99 -41.18
C GLN B 441 -18.81 -5.92 -40.28
N ARG B 442 -19.56 -5.33 -39.35
CA ARG B 442 -20.22 -6.16 -38.35
C ARG B 442 -21.51 -6.78 -38.85
N ASN B 443 -22.35 -6.00 -39.52
CA ASN B 443 -23.71 -6.39 -39.87
C ASN B 443 -23.89 -6.44 -41.38
N GLY B 444 -22.93 -7.03 -42.07
CA GLY B 444 -22.99 -7.11 -43.51
C GLY B 444 -21.75 -7.73 -44.12
N PRO B 445 -21.65 -7.69 -45.44
CA PRO B 445 -20.59 -8.41 -46.13
C PRO B 445 -19.29 -7.61 -46.15
N ILE B 446 -18.31 -8.16 -46.86
CA ILE B 446 -17.06 -7.48 -47.17
C ILE B 446 -17.03 -7.18 -48.65
N GLY B 447 -16.26 -6.16 -49.02
CA GLY B 447 -16.10 -5.81 -50.41
C GLY B 447 -15.04 -4.75 -50.57
N THR B 448 -14.78 -4.40 -51.82
CA THR B 448 -13.89 -3.30 -52.15
C THR B 448 -14.67 -2.26 -52.93
N VAL B 449 -14.72 -1.04 -52.40
CA VAL B 449 -15.28 0.11 -53.10
C VAL B 449 -14.14 1.08 -53.37
N ARG B 450 -14.01 1.50 -54.64
CA ARG B 450 -12.94 2.39 -55.03
C ARG B 450 -13.48 3.78 -55.33
N LEU B 451 -12.79 4.77 -54.79
CA LEU B 451 -13.16 6.17 -54.98
C LEU B 451 -11.99 6.88 -55.66
N THR B 452 -12.29 7.57 -56.76
CA THR B 452 -11.24 8.20 -57.58
C THR B 452 -10.52 9.28 -56.79
N PHE B 453 -9.22 9.40 -57.01
CA PHE B 453 -8.38 10.27 -56.20
C PHE B 453 -7.92 11.46 -57.04
N ASN B 454 -7.74 12.60 -56.39
CA ASN B 454 -7.16 13.81 -56.99
C ASN B 454 -6.61 14.65 -55.82
N GLY B 455 -5.28 14.76 -55.74
CA GLY B 455 -4.67 15.45 -54.61
C GLY B 455 -4.83 16.95 -54.62
N GLN B 456 -4.75 17.56 -55.80
CA GLN B 456 -4.89 19.01 -55.93
C GLN B 456 -6.33 19.48 -55.83
N TRP B 457 -7.30 18.61 -56.15
CA TRP B 457 -8.71 18.99 -56.19
C TRP B 457 -9.38 18.91 -54.83
N SER B 458 -8.85 18.10 -53.91
CA SER B 458 -9.28 17.93 -52.52
C SER B 458 -10.72 17.44 -52.38
N ARG B 459 -11.30 16.86 -53.42
CA ARG B 459 -12.58 16.13 -53.34
C ARG B 459 -12.43 14.87 -54.18
N PHE B 460 -12.92 13.74 -53.65
CA PHE B 460 -12.54 12.46 -54.22
C PHE B 460 -13.38 12.08 -55.42
N ASP B 461 -14.66 11.83 -55.20
CA ASP B 461 -15.42 11.01 -56.13
C ASP B 461 -16.87 10.99 -55.73
N ASN B 462 -17.72 10.74 -56.72
CA ASN B 462 -19.03 10.12 -56.55
C ASN B 462 -19.14 9.23 -57.77
N TYR B 463 -18.68 7.97 -57.65
CA TYR B 463 -18.50 7.16 -58.84
C TYR B 463 -19.81 6.67 -59.44
N ALA B 464 -20.23 7.32 -60.52
CA ALA B 464 -21.40 6.91 -61.29
C ALA B 464 -21.25 7.40 -62.73
N PRO C 19 -42.00 -15.23 35.34
CA PRO C 19 -41.93 -15.11 33.88
C PRO C 19 -42.89 -14.06 33.36
N GLN C 20 -42.51 -12.79 33.41
CA GLN C 20 -43.39 -11.71 33.00
C GLN C 20 -43.40 -11.64 31.48
N VAL C 21 -44.60 -11.42 30.91
CA VAL C 21 -44.79 -11.33 29.48
C VAL C 21 -44.98 -9.85 29.13
N ALA C 22 -43.99 -9.29 28.43
CA ALA C 22 -44.01 -7.87 28.11
C ALA C 22 -43.42 -7.65 26.74
N GLY C 23 -43.60 -6.44 26.24
CA GLY C 23 -42.99 -6.05 24.98
C GLY C 23 -41.60 -5.51 25.21
N LEU C 24 -40.61 -6.36 25.04
CA LEU C 24 -39.22 -6.01 25.20
C LEU C 24 -38.46 -6.36 23.93
N LYS C 25 -37.17 -6.05 23.94
CA LYS C 25 -36.31 -6.46 22.85
C LYS C 25 -35.67 -7.78 23.27
N VAL C 26 -36.33 -8.86 22.86
CA VAL C 26 -35.84 -10.22 23.04
C VAL C 26 -35.75 -10.83 21.65
N PRO C 27 -34.73 -11.63 21.36
CA PRO C 27 -34.80 -12.48 20.18
C PRO C 27 -35.96 -13.45 20.28
N PRO C 28 -36.70 -13.65 19.21
CA PRO C 28 -37.88 -14.50 19.29
C PRO C 28 -37.56 -15.98 19.29
N HIS C 29 -37.99 -16.66 20.35
CA HIS C 29 -37.91 -18.11 20.48
C HIS C 29 -38.87 -18.52 21.58
N SER C 30 -39.36 -19.75 21.49
CA SER C 30 -40.24 -20.30 22.51
C SER C 30 -39.58 -21.49 23.17
N ILE C 31 -39.77 -21.62 24.48
CA ILE C 31 -39.11 -22.64 25.27
C ILE C 31 -40.06 -23.78 25.60
N GLU C 32 -41.30 -23.47 25.97
CA GLU C 32 -42.31 -24.49 26.17
C GLU C 32 -42.59 -25.25 24.89
N ALA C 33 -42.56 -24.54 23.76
CA ALA C 33 -42.86 -25.16 22.48
C ALA C 33 -41.76 -26.13 22.07
N GLU C 34 -40.51 -25.79 22.35
CA GLU C 34 -39.45 -26.76 22.18
C GLU C 34 -39.58 -27.90 23.18
N GLN C 35 -40.07 -27.58 24.38
CA GLN C 35 -40.33 -28.64 25.36
C GLN C 35 -41.58 -29.44 24.98
N SER C 36 -42.43 -28.88 24.12
CA SER C 36 -43.65 -29.59 23.75
C SER C 36 -43.37 -30.66 22.71
N VAL C 37 -42.50 -30.37 21.73
CA VAL C 37 -42.29 -31.31 20.63
C VAL C 37 -41.50 -32.51 21.11
N LEU C 38 -40.44 -32.28 21.87
CA LEU C 38 -39.53 -33.34 22.26
C LEU C 38 -40.18 -34.38 23.18
N GLY C 39 -41.20 -34.00 23.93
CA GLY C 39 -41.93 -34.99 24.70
C GLY C 39 -42.80 -35.87 23.83
N GLY C 40 -43.26 -35.33 22.69
CA GLY C 40 -44.09 -36.13 21.80
C GLY C 40 -43.30 -37.23 21.11
N LEU C 41 -42.16 -36.88 20.54
CA LEU C 41 -41.33 -37.85 19.84
C LEU C 41 -40.59 -38.78 20.79
N MET C 42 -40.48 -38.41 22.07
CA MET C 42 -39.98 -39.34 23.06
C MET C 42 -40.94 -40.50 23.27
N LEU C 43 -42.24 -40.19 23.40
CA LEU C 43 -43.25 -41.24 23.52
C LEU C 43 -43.47 -41.92 22.19
N ASP C 44 -43.92 -41.16 21.20
CA ASP C 44 -44.34 -41.69 19.92
C ASP C 44 -43.16 -41.91 18.98
N ASN C 45 -43.22 -43.00 18.23
CA ASN C 45 -42.34 -43.22 17.09
C ASN C 45 -43.12 -43.21 15.79
N GLU C 46 -44.40 -42.86 15.88
CA GLU C 46 -45.29 -42.84 14.74
C GLU C 46 -45.60 -41.45 14.24
N ARG C 47 -45.39 -40.41 15.05
CA ARG C 47 -45.52 -39.05 14.56
C ARG C 47 -44.30 -38.66 13.72
N TRP C 48 -43.22 -39.47 13.76
CA TRP C 48 -42.02 -39.24 12.96
C TRP C 48 -42.29 -39.29 11.45
N ASP C 49 -43.39 -39.92 11.04
CA ASP C 49 -43.86 -39.79 9.67
C ASP C 49 -44.17 -38.33 9.32
N ASP C 50 -44.71 -37.59 10.28
CA ASP C 50 -45.12 -36.20 10.09
C ASP C 50 -43.97 -35.21 10.35
N VAL C 51 -43.40 -35.25 11.55
CA VAL C 51 -42.61 -34.12 12.03
C VAL C 51 -41.22 -34.08 11.42
N ALA C 52 -40.80 -35.16 10.75
CA ALA C 52 -39.54 -35.10 10.03
C ALA C 52 -39.66 -34.31 8.75
N GLU C 53 -40.87 -34.07 8.27
CA GLU C 53 -41.07 -33.28 7.07
C GLU C 53 -40.86 -31.80 7.34
N ARG C 54 -41.59 -31.25 8.31
CA ARG C 54 -41.48 -29.82 8.59
C ARG C 54 -41.10 -29.58 10.05
N VAL C 55 -39.84 -29.91 10.34
CA VAL C 55 -38.87 -29.30 11.26
C VAL C 55 -37.57 -30.03 10.92
N VAL C 56 -36.47 -29.31 10.77
CA VAL C 56 -35.19 -29.97 10.55
C VAL C 56 -34.33 -29.64 11.74
N ALA C 57 -33.09 -30.12 11.74
CA ALA C 57 -32.15 -29.74 12.79
C ALA C 57 -31.70 -28.30 12.59
N ASP C 58 -30.75 -27.88 13.44
CA ASP C 58 -30.23 -26.51 13.55
C ASP C 58 -31.31 -25.50 13.96
N ASP C 59 -32.48 -25.96 14.38
CA ASP C 59 -33.64 -25.11 14.61
C ASP C 59 -33.86 -24.79 16.06
N PHE C 60 -33.69 -25.79 16.92
CA PHE C 60 -33.98 -25.60 18.34
C PHE C 60 -32.92 -24.73 18.98
N TYR C 61 -33.32 -24.03 20.04
CA TYR C 61 -32.52 -22.96 20.59
C TYR C 61 -31.28 -23.48 21.31
N THR C 62 -31.47 -24.21 22.41
CA THR C 62 -30.37 -24.53 23.29
C THR C 62 -29.59 -25.70 22.73
N ARG C 63 -28.27 -25.67 22.97
CA ARG C 63 -27.35 -26.70 22.48
C ARG C 63 -27.71 -28.14 22.83
N PRO C 64 -28.27 -28.49 24.00
CA PRO C 64 -28.68 -29.89 24.18
C PRO C 64 -29.84 -30.31 23.30
N HIS C 65 -30.63 -29.38 22.79
CA HIS C 65 -31.90 -29.77 22.19
C HIS C 65 -31.71 -30.44 20.84
N ARG C 66 -30.76 -29.97 20.05
CA ARG C 66 -30.53 -30.67 18.79
C ARG C 66 -29.64 -31.88 18.96
N HIS C 67 -29.06 -32.09 20.14
CA HIS C 67 -28.40 -33.36 20.38
C HIS C 67 -29.41 -34.48 20.50
N ILE C 68 -30.55 -34.20 21.14
CA ILE C 68 -31.65 -35.14 21.22
C ILE C 68 -32.22 -35.42 19.86
N PHE C 69 -32.27 -34.40 19.01
CA PHE C 69 -32.86 -34.55 17.69
C PHE C 69 -32.03 -35.41 16.77
N THR C 70 -30.70 -35.36 16.92
CA THR C 70 -29.86 -36.21 16.11
C THR C 70 -29.93 -37.66 16.55
N GLU C 71 -30.09 -37.88 17.86
CA GLU C 71 -30.34 -39.23 18.35
C GLU C 71 -31.70 -39.73 17.90
N MET C 72 -32.67 -38.83 17.75
CA MET C 72 -33.95 -39.20 17.18
C MET C 72 -33.81 -39.56 15.71
N ALA C 73 -32.76 -39.07 15.05
CA ALA C 73 -32.59 -39.33 13.64
C ALA C 73 -31.69 -40.53 13.38
N ARG C 74 -30.61 -40.67 14.15
CA ARG C 74 -29.70 -41.78 13.94
C ARG C 74 -30.35 -43.12 14.29
N LEU C 75 -31.28 -43.11 15.25
CA LEU C 75 -31.94 -44.35 15.61
C LEU C 75 -33.08 -44.68 14.66
N GLN C 76 -33.77 -43.67 14.15
CA GLN C 76 -34.97 -43.94 13.36
C GLN C 76 -34.59 -44.46 11.98
N GLU C 77 -33.43 -44.08 11.46
CA GLU C 77 -32.94 -44.79 10.29
C GLU C 77 -32.41 -46.17 10.65
N SER C 78 -31.95 -46.36 11.89
CA SER C 78 -31.31 -47.63 12.24
C SER C 78 -32.32 -48.74 12.49
N GLY C 79 -33.61 -48.44 12.43
CA GLY C 79 -34.61 -49.45 12.68
C GLY C 79 -34.69 -49.81 14.14
N SER C 80 -34.45 -48.82 14.99
CA SER C 80 -34.54 -49.00 16.42
C SER C 80 -35.51 -47.97 16.98
N PRO C 81 -36.29 -48.30 18.01
CA PRO C 81 -37.30 -47.36 18.52
C PRO C 81 -36.68 -46.20 19.28
N ILE C 82 -37.55 -45.29 19.71
CA ILE C 82 -37.15 -44.17 20.54
C ILE C 82 -38.04 -44.13 21.78
N ASP C 83 -37.42 -44.16 22.96
CA ASP C 83 -38.09 -43.84 24.22
C ASP C 83 -37.04 -43.27 25.18
N LEU C 84 -37.40 -43.13 26.45
CA LEU C 84 -36.45 -42.71 27.46
C LEU C 84 -35.38 -43.76 27.74
N ILE C 85 -35.59 -45.00 27.33
CA ILE C 85 -34.64 -46.08 27.56
C ILE C 85 -33.50 -45.97 26.56
N THR C 86 -33.84 -45.98 25.27
CA THR C 86 -32.80 -46.02 24.26
C THR C 86 -32.15 -44.67 24.05
N LEU C 87 -32.73 -43.60 24.61
CA LEU C 87 -32.07 -42.31 24.58
C LEU C 87 -30.79 -42.36 25.40
N ALA C 88 -30.78 -43.16 26.46
CA ALA C 88 -29.56 -43.30 27.25
C ALA C 88 -28.56 -44.23 26.56
N GLU C 89 -29.02 -45.11 25.67
CA GLU C 89 -28.18 -46.22 25.22
C GLU C 89 -27.08 -45.75 24.29
N SER C 90 -27.45 -45.12 23.18
CA SER C 90 -26.43 -44.68 22.23
C SER C 90 -25.67 -43.48 22.75
N LEU C 91 -26.28 -42.69 23.65
CA LEU C 91 -25.64 -41.49 24.17
C LEU C 91 -24.49 -41.78 25.11
N GLU C 92 -24.42 -42.98 25.68
CA GLU C 92 -23.22 -43.42 26.38
C GLU C 92 -22.30 -44.25 25.51
N ARG C 93 -22.80 -44.76 24.38
CA ARG C 93 -21.89 -45.25 23.35
C ARG C 93 -21.23 -44.10 22.61
N GLN C 94 -21.90 -42.95 22.56
CA GLN C 94 -21.32 -41.75 21.95
C GLN C 94 -20.82 -40.74 22.97
N GLY C 95 -21.08 -40.96 24.26
CA GLY C 95 -20.49 -40.14 25.30
C GLY C 95 -21.13 -38.79 25.51
N GLN C 96 -22.23 -38.49 24.83
CA GLN C 96 -22.84 -37.18 24.91
C GLN C 96 -23.86 -37.06 26.04
N LEU C 97 -23.94 -38.05 26.92
CA LEU C 97 -25.08 -38.16 27.82
C LEU C 97 -25.01 -37.11 28.92
N ASP C 98 -23.81 -36.84 29.42
CA ASP C 98 -23.66 -35.79 30.42
C ASP C 98 -23.65 -34.39 29.80
N SER C 99 -23.59 -34.29 28.48
CA SER C 99 -23.72 -32.99 27.83
C SER C 99 -25.16 -32.49 27.88
N VAL C 100 -26.11 -33.37 27.56
CA VAL C 100 -27.52 -33.01 27.57
C VAL C 100 -27.99 -33.02 29.03
N GLY C 101 -27.29 -33.75 29.89
CA GLY C 101 -27.60 -33.79 31.30
C GLY C 101 -27.98 -35.15 31.84
N GLY C 102 -27.77 -36.23 31.07
CA GLY C 102 -28.17 -37.55 31.54
C GLY C 102 -29.68 -37.71 31.50
N PHE C 103 -30.16 -38.77 32.16
CA PHE C 103 -31.60 -38.98 32.20
C PHE C 103 -32.25 -38.19 33.33
N ALA C 104 -31.48 -37.35 34.03
CA ALA C 104 -32.05 -36.43 34.98
C ALA C 104 -32.87 -35.33 34.31
N TYR C 105 -32.55 -35.00 33.07
CA TYR C 105 -33.25 -33.95 32.35
C TYR C 105 -34.18 -34.50 31.29
N LEU C 106 -33.84 -35.64 30.71
CA LEU C 106 -34.71 -36.29 29.75
C LEU C 106 -36.01 -36.76 30.39
N ALA C 107 -35.99 -37.10 31.67
CA ALA C 107 -37.21 -37.48 32.37
C ALA C 107 -38.10 -36.27 32.66
N GLU C 108 -37.51 -35.06 32.70
CA GLU C 108 -38.33 -33.86 32.79
C GLU C 108 -39.04 -33.58 31.47
N LEU C 109 -38.54 -34.16 30.38
CA LEU C 109 -39.27 -34.18 29.13
C LEU C 109 -40.22 -35.37 29.03
N SER C 110 -40.33 -36.18 30.08
CA SER C 110 -41.33 -37.23 30.17
C SER C 110 -42.52 -36.78 30.99
N LYS C 111 -42.89 -35.51 30.86
CA LYS C 111 -44.07 -34.97 31.52
C LYS C 111 -44.91 -34.19 30.51
N ASN C 112 -44.43 -34.10 29.28
CA ASN C 112 -44.86 -33.01 28.40
C ASN C 112 -46.25 -33.22 27.82
N THR C 113 -46.41 -34.24 26.97
CA THR C 113 -47.64 -34.36 26.19
C THR C 113 -48.13 -35.79 26.05
N PRO C 114 -49.28 -36.12 26.66
CA PRO C 114 -50.05 -37.27 26.16
C PRO C 114 -50.81 -36.96 24.90
N SER C 115 -50.90 -35.67 24.55
CA SER C 115 -51.61 -35.24 23.36
C SER C 115 -50.78 -35.48 22.11
N ALA C 116 -51.30 -36.29 21.20
CA ALA C 116 -50.76 -36.36 19.85
C ALA C 116 -51.53 -35.42 18.93
N ALA C 117 -51.68 -34.18 19.37
CA ALA C 117 -52.34 -33.14 18.60
C ALA C 117 -51.68 -31.83 18.97
N ASN C 118 -51.75 -30.87 18.05
CA ASN C 118 -50.94 -29.65 17.96
C ASN C 118 -49.45 -29.94 17.81
N ILE C 119 -49.07 -31.15 17.41
CA ILE C 119 -47.66 -31.47 17.27
C ILE C 119 -47.09 -30.80 16.04
N SER C 120 -47.81 -30.83 14.93
CA SER C 120 -47.39 -30.05 13.77
C SER C 120 -47.59 -28.57 14.03
N ALA C 121 -48.58 -28.22 14.86
CA ALA C 121 -48.73 -26.82 15.26
C ALA C 121 -47.62 -26.39 16.20
N TYR C 122 -46.98 -27.34 16.88
CA TYR C 122 -45.77 -27.01 17.63
C TYR C 122 -44.53 -27.24 16.79
N ALA C 123 -44.69 -27.92 15.65
CA ALA C 123 -43.64 -27.89 14.64
C ALA C 123 -43.75 -26.64 13.78
N ASP C 124 -44.81 -25.86 13.97
CA ASP C 124 -44.98 -24.62 13.23
C ASP C 124 -44.46 -23.40 13.99
N ILE C 125 -44.70 -23.32 15.30
CA ILE C 125 -44.24 -22.14 16.04
C ILE C 125 -42.73 -22.17 16.18
N VAL C 126 -42.15 -23.36 16.39
CA VAL C 126 -40.71 -23.45 16.45
C VAL C 126 -40.10 -23.30 15.06
N ARG C 127 -40.91 -23.47 14.02
CA ARG C 127 -40.48 -23.03 12.70
C ARG C 127 -40.61 -21.52 12.59
N GLU C 128 -41.73 -20.97 13.08
CA GLU C 128 -42.01 -19.55 12.94
C GLU C 128 -41.09 -18.66 13.76
N ARG C 129 -40.59 -19.15 14.89
CA ARG C 129 -39.65 -18.38 15.66
C ARG C 129 -38.21 -18.66 15.27
N ALA C 130 -37.99 -19.39 14.17
CA ALA C 130 -36.64 -19.72 13.73
C ALA C 130 -36.34 -19.27 12.32
N VAL C 131 -37.32 -18.71 11.61
CA VAL C 131 -36.96 -18.05 10.36
C VAL C 131 -36.94 -16.55 10.56
N VAL C 132 -37.64 -16.03 11.56
CA VAL C 132 -37.40 -14.66 12.00
C VAL C 132 -36.04 -14.57 12.68
N ARG C 133 -35.68 -15.62 13.41
CA ARG C 133 -34.40 -15.64 14.10
C ARG C 133 -33.22 -15.83 13.13
N GLU C 134 -33.48 -16.30 11.92
CA GLU C 134 -32.48 -16.26 10.86
C GLU C 134 -32.51 -14.95 10.10
N MET C 135 -33.14 -13.92 10.64
CA MET C 135 -33.25 -12.60 10.04
C MET C 135 -32.86 -11.54 11.05
N ILE C 136 -32.14 -11.97 12.08
CA ILE C 136 -31.39 -11.04 12.90
C ILE C 136 -29.89 -11.19 12.66
N SER C 137 -29.43 -12.38 12.30
CA SER C 137 -28.05 -12.56 11.88
C SER C 137 -27.87 -12.34 10.39
N VAL C 138 -28.77 -11.59 9.76
CA VAL C 138 -28.52 -11.01 8.44
C VAL C 138 -28.50 -9.50 8.62
N ALA C 139 -29.40 -8.99 9.45
CA ALA C 139 -29.37 -7.58 9.83
C ALA C 139 -28.34 -7.28 10.92
N ASN C 140 -27.41 -8.19 11.17
CA ASN C 140 -26.16 -7.90 11.85
C ASN C 140 -24.94 -8.31 11.06
N GLU C 141 -25.09 -9.20 10.08
CA GLU C 141 -24.06 -9.39 9.09
C GLU C 141 -24.01 -8.28 8.06
N ILE C 142 -24.93 -7.31 8.15
CA ILE C 142 -24.83 -6.09 7.37
C ILE C 142 -24.27 -4.96 8.24
N ALA C 143 -24.81 -4.78 9.44
CA ALA C 143 -24.42 -3.65 10.25
C ALA C 143 -23.07 -3.84 10.90
N GLU C 144 -22.50 -5.04 10.85
CA GLU C 144 -21.11 -5.24 11.23
C GLU C 144 -20.20 -5.40 10.03
N ALA C 145 -20.75 -5.27 8.82
CA ALA C 145 -19.92 -4.91 7.70
C ALA C 145 -19.82 -3.39 7.60
N GLY C 146 -20.95 -2.69 7.76
CA GLY C 146 -20.91 -1.25 7.88
C GLY C 146 -20.29 -0.82 9.20
N PHE C 147 -19.54 0.28 9.13
CA PHE C 147 -18.80 0.90 10.22
C PHE C 147 -17.72 -0.03 10.79
N ASP C 148 -17.39 -1.08 10.05
CA ASP C 148 -16.19 -1.90 10.29
C ASP C 148 -15.95 -2.58 8.97
N PRO C 149 -15.38 -1.87 8.00
CA PRO C 149 -15.57 -2.27 6.60
C PRO C 149 -14.81 -3.52 6.22
N GLN C 150 -15.50 -4.66 6.20
CA GLN C 150 -15.12 -5.79 5.38
C GLN C 150 -16.04 -5.81 4.17
N GLY C 151 -16.00 -4.71 3.42
CA GLY C 151 -16.78 -4.55 2.22
C GLY C 151 -16.15 -3.54 1.29
N ARG C 152 -14.85 -3.32 1.39
CA ARG C 152 -14.29 -1.97 1.36
C ARG C 152 -14.42 -1.22 0.05
N THR C 153 -15.62 -0.68 -0.16
CA THR C 153 -16.12 0.40 -1.01
C THR C 153 -17.62 0.39 -0.74
N SER C 154 -18.32 1.40 -1.23
CA SER C 154 -19.75 1.38 -0.93
C SER C 154 -20.50 0.40 -1.81
N GLU C 155 -20.14 0.30 -3.09
CA GLU C 155 -20.95 -0.47 -4.03
C GLU C 155 -20.79 -1.96 -3.82
N ASP C 156 -19.62 -2.39 -3.36
CA ASP C 156 -19.49 -3.79 -2.97
C ASP C 156 -19.86 -4.03 -1.52
N LEU C 157 -20.26 -2.99 -0.80
CA LEU C 157 -20.91 -3.15 0.48
C LEU C 157 -22.41 -3.37 0.34
N LEU C 158 -22.99 -2.95 -0.78
CA LEU C 158 -24.33 -3.36 -1.13
C LEU C 158 -24.40 -4.74 -1.78
N ASP C 159 -23.33 -5.18 -2.44
CA ASP C 159 -23.34 -6.49 -3.06
C ASP C 159 -23.30 -7.59 -2.01
N LEU C 160 -22.78 -7.31 -0.83
CA LEU C 160 -22.94 -8.24 0.28
C LEU C 160 -24.17 -7.92 1.09
N ALA C 161 -24.77 -6.75 0.87
CA ALA C 161 -26.05 -6.47 1.50
C ALA C 161 -27.21 -7.09 0.74
N GLU C 162 -26.97 -7.61 -0.45
CA GLU C 162 -28.00 -8.33 -1.18
C GLU C 162 -27.87 -9.83 -1.03
N SER C 163 -26.66 -10.36 -1.13
CA SER C 163 -26.49 -11.81 -1.18
C SER C 163 -26.72 -12.47 0.16
N ARG C 164 -26.86 -11.71 1.24
CA ARG C 164 -27.42 -12.30 2.44
C ARG C 164 -28.91 -12.08 2.54
N VAL C 165 -29.55 -11.54 1.51
CA VAL C 165 -30.99 -11.30 1.53
C VAL C 165 -31.72 -12.09 0.46
N PHE C 166 -31.25 -12.09 -0.78
CA PHE C 166 -31.95 -12.86 -1.82
C PHE C 166 -31.80 -14.36 -1.61
N LYS C 167 -30.68 -14.82 -1.05
CA LYS C 167 -30.56 -16.23 -0.72
C LYS C 167 -31.44 -16.64 0.45
N ILE C 168 -31.96 -15.69 1.22
CA ILE C 168 -32.98 -16.02 2.20
C ILE C 168 -34.33 -16.25 1.53
N ALA C 169 -34.71 -15.39 0.60
CA ALA C 169 -36.01 -15.50 -0.07
C ALA C 169 -35.93 -16.62 -1.11
N GLU C 170 -36.26 -17.82 -0.62
CA GLU C 170 -35.74 -19.11 -1.11
C GLU C 170 -36.69 -20.20 -0.63
N SER C 171 -36.23 -21.46 -0.62
CA SER C 171 -37.05 -22.56 -0.13
C SER C 171 -37.32 -22.47 1.37
N ARG C 172 -36.63 -21.58 2.10
CA ARG C 172 -36.85 -21.21 3.50
C ARG C 172 -36.57 -22.35 4.47
N ALA C 173 -36.05 -23.46 3.96
CA ALA C 173 -35.18 -24.36 4.71
C ALA C 173 -33.74 -23.94 4.60
N ASN C 174 -33.54 -22.75 4.04
CA ASN C 174 -32.24 -22.13 3.88
C ASN C 174 -31.99 -21.18 5.04
N LYS C 175 -30.80 -21.25 5.59
CA LYS C 175 -30.30 -20.30 6.55
C LYS C 175 -29.40 -19.33 5.80
N ASP C 176 -28.61 -18.57 6.55
CA ASP C 176 -27.75 -17.58 5.90
C ASP C 176 -26.62 -18.28 5.16
N GLU C 177 -25.69 -18.88 5.92
CA GLU C 177 -24.57 -19.73 5.53
C GLU C 177 -23.89 -20.21 6.79
N GLY C 178 -23.25 -21.38 6.71
CA GLY C 178 -22.34 -21.86 7.73
C GLY C 178 -22.68 -23.19 8.39
N PRO C 179 -23.91 -23.34 8.87
CA PRO C 179 -24.39 -24.68 9.27
C PRO C 179 -25.06 -25.41 8.11
N LYS C 180 -24.49 -26.54 7.71
CA LYS C 180 -25.18 -27.50 6.85
C LYS C 180 -24.71 -28.89 7.26
N ASN C 181 -25.41 -29.52 8.19
CA ASN C 181 -25.12 -30.89 8.54
C ASN C 181 -25.44 -31.78 7.37
N ILE C 182 -24.73 -32.91 7.26
CA ILE C 182 -24.81 -33.72 6.04
C ILE C 182 -26.16 -34.42 5.89
N ALA C 183 -26.99 -34.42 6.92
CA ALA C 183 -28.39 -34.74 6.72
C ALA C 183 -29.06 -33.74 5.78
N ASP C 184 -28.96 -32.44 6.10
CA ASP C 184 -29.69 -31.40 5.39
C ASP C 184 -29.18 -31.15 3.97
N VAL C 185 -28.12 -31.82 3.54
CA VAL C 185 -27.69 -31.76 2.17
C VAL C 185 -27.92 -33.09 1.44
N LEU C 186 -27.91 -34.22 2.17
CA LEU C 186 -28.18 -35.50 1.53
C LEU C 186 -29.62 -35.60 1.05
N ASP C 187 -30.57 -35.15 1.88
CA ASP C 187 -31.97 -35.16 1.48
C ASP C 187 -32.25 -34.20 0.32
N ALA C 188 -31.67 -32.99 0.38
CA ALA C 188 -31.77 -32.06 -0.73
C ALA C 188 -30.90 -32.46 -1.92
N THR C 189 -30.05 -33.48 -1.76
CA THR C 189 -29.45 -34.06 -2.95
C THR C 189 -30.39 -35.05 -3.61
N VAL C 190 -30.97 -35.97 -2.82
CA VAL C 190 -31.89 -36.96 -3.36
C VAL C 190 -33.17 -36.30 -3.85
N ALA C 191 -33.58 -35.20 -3.21
CA ALA C 191 -34.71 -34.43 -3.71
C ALA C 191 -34.37 -33.73 -5.02
N ARG C 192 -33.08 -33.57 -5.32
CA ARG C 192 -32.65 -33.06 -6.61
C ARG C 192 -32.08 -34.18 -7.46
N ILE C 193 -32.21 -35.43 -6.99
CA ILE C 193 -32.33 -36.57 -7.90
C ILE C 193 -33.77 -37.06 -7.92
N GLU C 194 -34.75 -36.16 -7.78
CA GLU C 194 -36.11 -36.49 -8.18
C GLU C 194 -36.34 -36.18 -9.64
N GLN C 195 -35.29 -35.86 -10.39
CA GLN C 195 -35.29 -35.69 -11.84
C GLN C 195 -35.35 -37.08 -12.47
N LEU C 196 -36.46 -37.76 -12.25
CA LEU C 196 -36.59 -39.18 -12.57
C LEU C 196 -37.87 -39.53 -13.28
N PHE C 197 -38.96 -38.77 -13.13
CA PHE C 197 -40.20 -39.10 -13.81
C PHE C 197 -40.38 -38.26 -15.07
N GLN C 198 -39.84 -37.05 -15.08
CA GLN C 198 -39.86 -36.20 -16.26
C GLN C 198 -38.50 -36.23 -16.94
N GLN C 199 -38.54 -36.29 -18.28
CA GLN C 199 -37.40 -36.39 -19.19
C GLN C 199 -36.52 -37.60 -18.87
N PRO C 200 -36.97 -38.82 -19.20
CA PRO C 200 -36.06 -39.97 -19.09
C PRO C 200 -34.98 -39.95 -20.16
N HIS C 201 -35.23 -39.28 -21.28
CA HIS C 201 -34.22 -39.00 -22.28
C HIS C 201 -33.22 -37.98 -21.72
N ASP C 202 -32.10 -37.82 -22.42
CA ASP C 202 -31.06 -36.92 -21.93
C ASP C 202 -31.29 -35.48 -22.35
N GLY C 203 -32.49 -34.95 -22.10
CA GLY C 203 -32.70 -33.52 -22.11
C GLY C 203 -32.39 -33.01 -20.73
N VAL C 204 -31.11 -32.96 -20.40
CA VAL C 204 -30.62 -33.07 -19.03
C VAL C 204 -31.01 -31.82 -18.24
N THR C 205 -31.07 -31.96 -16.91
CA THR C 205 -31.56 -31.04 -15.90
C THR C 205 -31.26 -29.56 -16.08
N GLY C 206 -30.18 -29.24 -16.77
CA GLY C 206 -29.86 -27.86 -17.07
C GLY C 206 -30.82 -27.20 -18.04
N VAL C 207 -30.68 -25.89 -18.19
CA VAL C 207 -31.37 -25.20 -19.26
C VAL C 207 -30.83 -25.73 -20.59
N ASN C 208 -31.74 -26.11 -21.47
CA ASN C 208 -31.33 -26.73 -22.73
C ASN C 208 -30.69 -25.70 -23.65
N THR C 209 -29.89 -26.21 -24.56
CA THR C 209 -29.43 -25.42 -25.67
C THR C 209 -30.21 -25.70 -26.93
N GLY C 210 -31.04 -26.73 -26.95
CA GLY C 210 -31.74 -27.07 -28.17
C GLY C 210 -30.91 -27.80 -29.19
N TYR C 211 -30.07 -28.74 -28.76
CA TYR C 211 -29.23 -29.50 -29.67
C TYR C 211 -29.16 -30.93 -29.19
N ASP C 212 -29.28 -31.88 -30.12
CA ASP C 212 -29.04 -33.29 -29.84
C ASP C 212 -27.67 -33.74 -30.30
N ASP C 213 -26.79 -32.79 -30.63
CA ASP C 213 -25.35 -33.02 -30.70
C ASP C 213 -24.62 -32.45 -29.50
N LEU C 214 -25.04 -31.29 -29.02
CA LEU C 214 -24.40 -30.70 -27.86
C LEU C 214 -24.75 -31.46 -26.60
N ASN C 215 -26.05 -31.67 -26.34
CA ASN C 215 -26.50 -32.08 -25.01
C ASN C 215 -26.21 -33.53 -24.67
N LYS C 216 -25.51 -34.27 -25.53
CA LYS C 216 -24.84 -35.48 -25.10
C LYS C 216 -23.44 -35.21 -24.57
N LYS C 217 -22.79 -34.14 -25.02
CA LYS C 217 -21.45 -33.78 -24.58
C LYS C 217 -21.44 -32.75 -23.46
N THR C 218 -22.41 -31.86 -23.41
CA THR C 218 -22.49 -30.96 -22.28
C THR C 218 -23.45 -31.44 -21.21
N ALA C 219 -24.40 -32.31 -21.57
CA ALA C 219 -25.54 -32.68 -20.72
C ALA C 219 -26.26 -31.44 -20.19
N GLY C 220 -26.62 -30.56 -21.11
CA GLY C 220 -27.25 -29.32 -20.71
C GLY C 220 -26.23 -28.34 -20.13
N LEU C 221 -26.68 -27.12 -19.94
CA LEU C 221 -25.87 -26.11 -19.29
C LEU C 221 -26.15 -26.28 -17.80
N GLN C 222 -25.15 -26.78 -17.07
CA GLN C 222 -25.36 -27.23 -15.70
C GLN C 222 -25.75 -26.05 -14.80
N PRO C 223 -26.76 -26.20 -13.96
CA PRO C 223 -27.56 -25.06 -13.56
C PRO C 223 -27.01 -24.20 -12.44
N SER C 224 -25.74 -24.28 -12.13
CA SER C 224 -25.17 -23.25 -11.26
C SER C 224 -23.73 -22.94 -11.67
N ASP C 225 -23.46 -22.92 -12.97
CA ASP C 225 -22.09 -22.87 -13.45
C ASP C 225 -21.82 -21.64 -14.30
N LEU C 226 -20.67 -21.00 -14.05
CA LEU C 226 -20.16 -19.96 -14.95
C LEU C 226 -19.56 -20.62 -16.17
N ILE C 227 -20.19 -20.42 -17.33
CA ILE C 227 -19.76 -21.02 -18.59
C ILE C 227 -19.31 -19.90 -19.52
N ILE C 228 -18.11 -20.02 -20.05
CA ILE C 228 -17.44 -18.95 -20.77
C ILE C 228 -17.34 -19.33 -22.24
N VAL C 229 -17.80 -18.46 -23.10
CA VAL C 229 -17.58 -18.56 -24.53
C VAL C 229 -16.51 -17.57 -24.90
N ALA C 230 -15.63 -17.97 -25.79
CA ALA C 230 -14.70 -17.02 -26.36
C ALA C 230 -14.54 -17.30 -27.84
N ALA C 231 -14.23 -16.25 -28.59
CA ALA C 231 -14.09 -16.34 -30.04
C ALA C 231 -13.30 -15.13 -30.51
N ARG C 232 -12.68 -15.26 -31.67
CA ARG C 232 -12.01 -14.11 -32.28
C ARG C 232 -13.03 -13.10 -32.77
N PRO C 233 -12.61 -11.89 -33.08
CA PRO C 233 -13.38 -11.08 -34.00
C PRO C 233 -13.31 -11.69 -35.40
N SER C 234 -14.35 -11.40 -36.20
CA SER C 234 -14.69 -12.16 -37.42
C SER C 234 -14.83 -13.65 -37.09
N MET C 235 -15.67 -13.95 -36.11
CA MET C 235 -16.06 -15.32 -35.82
C MET C 235 -17.53 -15.46 -35.52
N GLY C 236 -18.27 -14.37 -35.35
CA GLY C 236 -19.67 -14.51 -35.05
C GLY C 236 -19.86 -14.94 -33.61
N LYS C 237 -19.60 -14.04 -32.68
CA LYS C 237 -19.69 -14.46 -31.28
C LYS C 237 -21.11 -14.29 -30.74
N THR C 238 -21.74 -13.14 -30.98
CA THR C 238 -23.11 -12.89 -30.55
C THR C 238 -24.13 -13.60 -31.45
N THR C 239 -23.69 -14.12 -32.60
CA THR C 239 -24.53 -15.02 -33.37
C THR C 239 -24.85 -16.27 -32.58
N PHE C 240 -23.85 -16.88 -31.97
CA PHE C 240 -24.09 -18.11 -31.23
C PHE C 240 -24.75 -17.82 -29.90
N ALA C 241 -24.45 -16.68 -29.29
CA ALA C 241 -24.94 -16.44 -27.94
C ALA C 241 -26.40 -16.05 -27.92
N MET C 242 -26.94 -15.50 -29.01
CA MET C 242 -28.37 -15.28 -29.06
C MET C 242 -29.10 -16.49 -29.62
N ASN C 243 -28.45 -17.26 -30.47
CA ASN C 243 -29.09 -18.43 -31.03
C ASN C 243 -29.18 -19.54 -30.00
N LEU C 244 -28.28 -19.52 -29.03
CA LEU C 244 -28.41 -20.43 -27.90
C LEU C 244 -29.49 -19.95 -26.95
N VAL C 245 -29.58 -18.63 -26.74
CA VAL C 245 -30.61 -18.08 -25.86
C VAL C 245 -31.99 -18.20 -26.51
N GLU C 246 -32.10 -18.03 -27.84
CA GLU C 246 -33.40 -18.16 -28.48
C GLU C 246 -33.86 -19.61 -28.51
N ASN C 247 -32.94 -20.55 -28.32
CA ASN C 247 -33.34 -21.92 -28.13
C ASN C 247 -33.47 -22.24 -26.66
N ALA C 248 -33.29 -21.25 -25.79
CA ALA C 248 -33.47 -21.42 -24.36
C ALA C 248 -34.39 -20.35 -23.77
N ALA C 249 -35.14 -19.66 -24.62
CA ALA C 249 -36.13 -18.69 -24.18
C ALA C 249 -37.54 -19.11 -24.52
N MET C 250 -37.74 -19.66 -25.71
CA MET C 250 -39.00 -20.27 -26.08
C MET C 250 -39.07 -21.73 -25.69
N LEU C 251 -38.25 -22.17 -24.74
CA LEU C 251 -38.13 -23.58 -24.46
C LEU C 251 -38.09 -23.95 -22.99
N GLN C 252 -37.67 -23.06 -22.08
CA GLN C 252 -37.51 -23.45 -20.67
C GLN C 252 -38.00 -22.39 -19.70
N ASP C 253 -39.03 -21.61 -20.06
CA ASP C 253 -39.93 -20.91 -19.14
C ASP C 253 -39.29 -19.86 -18.23
N LYS C 254 -38.01 -19.57 -18.34
CA LYS C 254 -37.39 -18.76 -17.29
C LYS C 254 -36.96 -17.40 -17.84
N PRO C 255 -36.95 -16.35 -16.99
CA PRO C 255 -36.67 -15.00 -17.48
C PRO C 255 -35.24 -14.77 -17.91
N VAL C 256 -34.91 -15.16 -19.14
CA VAL C 256 -33.55 -15.06 -19.65
C VAL C 256 -33.15 -13.60 -19.80
N LEU C 257 -32.27 -13.14 -18.91
CA LEU C 257 -31.67 -11.82 -19.02
C LEU C 257 -30.53 -11.85 -20.03
N ILE C 258 -30.28 -10.73 -20.69
CA ILE C 258 -29.16 -10.61 -21.62
C ILE C 258 -28.51 -9.25 -21.41
N PHE C 259 -27.23 -9.25 -21.09
CA PHE C 259 -26.39 -8.07 -21.21
C PHE C 259 -25.59 -8.15 -22.50
N SER C 260 -25.40 -7.00 -23.13
CA SER C 260 -24.66 -6.98 -24.38
C SER C 260 -24.03 -5.62 -24.57
N LEU C 261 -22.74 -5.61 -24.86
CA LEU C 261 -22.05 -4.37 -25.14
C LEU C 261 -21.42 -4.32 -26.51
N GLU C 262 -21.28 -5.45 -27.20
CA GLU C 262 -20.79 -5.43 -28.57
C GLU C 262 -21.82 -4.81 -29.51
N MET C 263 -23.10 -4.99 -29.22
CA MET C 263 -24.20 -4.44 -29.98
C MET C 263 -24.94 -3.44 -29.09
N PRO C 264 -25.62 -2.48 -29.68
CA PRO C 264 -26.60 -1.69 -28.91
C PRO C 264 -27.91 -2.44 -28.79
N SER C 265 -28.90 -1.89 -28.09
CA SER C 265 -30.09 -2.66 -27.69
C SER C 265 -30.92 -3.08 -28.90
N GLU C 266 -31.22 -2.14 -29.78
CA GLU C 266 -32.09 -2.41 -30.92
C GLU C 266 -31.42 -3.33 -31.94
N GLN C 267 -30.10 -3.28 -32.04
CA GLN C 267 -29.39 -4.12 -33.01
C GLN C 267 -29.47 -5.59 -32.64
N ILE C 268 -29.61 -5.89 -31.35
CA ILE C 268 -29.86 -7.27 -30.92
C ILE C 268 -31.22 -7.73 -31.42
N MET C 269 -32.23 -6.89 -31.22
CA MET C 269 -33.58 -7.27 -31.62
C MET C 269 -33.72 -7.31 -33.13
N MET C 270 -32.88 -6.58 -33.85
CA MET C 270 -32.84 -6.73 -35.30
C MET C 270 -32.19 -8.04 -35.70
N ARG C 271 -31.42 -8.64 -34.80
CA ARG C 271 -30.83 -9.95 -35.11
C ARG C 271 -31.78 -11.07 -34.72
N SER C 272 -32.48 -10.94 -33.59
CA SER C 272 -33.31 -12.03 -33.09
C SER C 272 -34.52 -12.23 -33.98
N LEU C 273 -35.07 -11.13 -34.52
CA LEU C 273 -36.17 -11.26 -35.47
C LEU C 273 -35.69 -11.84 -36.78
N ALA C 274 -34.43 -11.66 -37.13
CA ALA C 274 -33.87 -12.38 -38.24
C ALA C 274 -33.56 -13.83 -37.90
N SER C 275 -33.64 -14.20 -36.62
CA SER C 275 -33.40 -15.59 -36.24
C SER C 275 -34.71 -16.34 -36.11
N LEU C 276 -35.64 -15.80 -35.31
CA LEU C 276 -36.91 -16.47 -35.07
C LEU C 276 -37.76 -16.54 -36.32
N SER C 277 -37.80 -15.48 -37.10
CA SER C 277 -38.63 -15.47 -38.29
C SER C 277 -37.94 -15.98 -39.54
N ARG C 278 -36.64 -16.33 -39.44
CA ARG C 278 -35.87 -16.96 -40.52
C ARG C 278 -35.82 -16.12 -41.80
N VAL C 279 -35.90 -14.80 -41.65
CA VAL C 279 -35.79 -13.89 -42.77
C VAL C 279 -34.35 -13.38 -42.83
N ASP C 280 -33.94 -12.92 -44.00
CA ASP C 280 -32.61 -12.36 -44.14
C ASP C 280 -32.55 -11.00 -43.45
N GLN C 281 -31.37 -10.68 -42.89
CA GLN C 281 -31.21 -9.36 -42.28
C GLN C 281 -30.79 -8.31 -43.30
N THR C 282 -30.40 -8.73 -44.51
CA THR C 282 -30.33 -7.77 -45.60
C THR C 282 -31.72 -7.32 -46.00
N LYS C 283 -32.70 -8.22 -45.85
CA LYS C 283 -34.09 -7.89 -46.16
C LYS C 283 -34.68 -6.92 -45.15
N ILE C 284 -34.12 -6.84 -43.94
CA ILE C 284 -34.76 -6.02 -42.91
C ILE C 284 -34.44 -4.54 -43.07
N ARG C 285 -33.46 -4.18 -43.87
CA ARG C 285 -33.19 -2.78 -44.13
C ARG C 285 -33.11 -2.43 -45.62
N THR C 286 -32.91 -3.42 -46.49
CA THR C 286 -32.83 -3.15 -47.92
C THR C 286 -33.78 -4.11 -48.65
N GLY C 287 -34.77 -3.54 -49.34
CA GLY C 287 -35.83 -4.38 -49.85
C GLY C 287 -36.64 -4.85 -48.66
N GLN C 288 -37.38 -3.93 -48.05
CA GLN C 288 -37.79 -4.04 -46.65
C GLN C 288 -38.94 -5.03 -46.48
N LEU C 289 -39.60 -4.94 -45.33
CA LEU C 289 -40.62 -5.90 -44.91
C LEU C 289 -41.87 -5.76 -45.77
N ASP C 290 -41.86 -6.41 -46.94
CA ASP C 290 -42.73 -6.02 -48.05
C ASP C 290 -43.77 -7.07 -48.43
N ASP C 291 -43.35 -8.28 -48.82
CA ASP C 291 -44.28 -9.12 -49.58
C ASP C 291 -44.79 -10.37 -48.85
N GLU C 292 -43.90 -11.29 -48.49
CA GLU C 292 -44.30 -12.52 -47.82
C GLU C 292 -43.47 -12.78 -46.59
N ASP C 293 -42.44 -11.97 -46.35
CA ASP C 293 -41.75 -11.90 -45.08
C ASP C 293 -42.66 -11.45 -43.95
N TRP C 294 -43.74 -10.75 -44.27
CA TRP C 294 -44.74 -10.37 -43.28
C TRP C 294 -45.40 -11.60 -42.65
N ALA C 295 -45.46 -12.71 -43.38
CA ALA C 295 -46.07 -13.92 -42.86
C ALA C 295 -45.27 -14.51 -41.70
N ARG C 296 -43.94 -14.54 -41.83
CA ARG C 296 -43.14 -15.14 -40.78
C ARG C 296 -42.88 -14.18 -39.63
N ILE C 297 -42.70 -12.89 -39.92
CA ILE C 297 -42.39 -11.93 -38.86
C ILE C 297 -43.59 -11.69 -37.98
N SER C 298 -44.78 -11.61 -38.58
CA SER C 298 -45.98 -11.54 -37.75
C SER C 298 -46.32 -12.88 -37.11
N GLY C 299 -45.62 -13.95 -37.51
CA GLY C 299 -45.69 -15.21 -36.81
C GLY C 299 -44.90 -15.20 -35.52
N THR C 300 -43.67 -14.72 -35.57
CA THR C 300 -42.84 -14.69 -34.37
C THR C 300 -42.93 -13.38 -33.60
N MET C 301 -43.74 -12.43 -34.05
CA MET C 301 -44.07 -11.30 -33.21
C MET C 301 -45.32 -11.55 -32.38
N GLY C 302 -45.85 -12.77 -32.42
CA GLY C 302 -46.94 -13.15 -31.55
C GLY C 302 -46.51 -14.11 -30.46
N ILE C 303 -45.65 -15.07 -30.81
CA ILE C 303 -45.21 -16.05 -29.82
C ILE C 303 -44.19 -15.41 -28.89
N LEU C 304 -43.50 -14.38 -29.36
CA LEU C 304 -42.58 -13.66 -28.50
C LEU C 304 -43.28 -12.52 -27.78
N LEU C 305 -44.54 -12.25 -28.15
CA LEU C 305 -45.19 -11.03 -27.68
C LEU C 305 -45.54 -11.11 -26.21
N GLU C 306 -46.34 -12.10 -25.80
CA GLU C 306 -46.54 -12.36 -24.39
C GLU C 306 -46.11 -13.79 -24.08
N LYS C 307 -44.81 -13.94 -23.91
CA LYS C 307 -44.17 -14.96 -23.10
C LYS C 307 -42.97 -14.20 -22.58
N ARG C 308 -43.14 -13.53 -21.45
CA ARG C 308 -42.25 -12.46 -21.03
C ARG C 308 -40.94 -13.06 -20.53
N ASN C 309 -40.07 -13.44 -21.47
CA ASN C 309 -38.83 -14.13 -21.14
C ASN C 309 -37.59 -13.28 -21.40
N ILE C 310 -37.37 -12.86 -22.63
CA ILE C 310 -36.09 -12.24 -22.97
C ILE C 310 -36.10 -10.81 -22.48
N TYR C 311 -35.20 -10.51 -21.56
CA TYR C 311 -34.97 -9.13 -21.17
C TYR C 311 -33.59 -8.77 -21.69
N ILE C 312 -33.37 -7.50 -22.03
CA ILE C 312 -32.09 -7.07 -22.58
C ILE C 312 -31.74 -5.71 -22.00
N ASP C 313 -30.49 -5.58 -21.56
CA ASP C 313 -29.95 -4.31 -21.07
C ASP C 313 -28.54 -4.16 -21.61
N ASP C 314 -28.18 -2.96 -22.08
CA ASP C 314 -26.99 -2.81 -22.90
C ASP C 314 -26.19 -1.56 -22.53
N SER C 315 -26.20 -1.18 -21.26
CA SER C 315 -25.45 0.00 -20.86
C SER C 315 -23.95 -0.30 -20.91
N SER C 316 -23.14 0.76 -20.92
CA SER C 316 -21.72 0.64 -21.23
C SER C 316 -20.82 0.50 -20.02
N GLY C 317 -21.06 1.26 -18.96
CA GLY C 317 -20.25 1.08 -17.76
C GLY C 317 -20.82 0.00 -16.87
N LEU C 318 -20.31 -1.21 -17.01
CA LEU C 318 -20.85 -2.39 -16.32
C LEU C 318 -19.81 -2.89 -15.34
N THR C 319 -19.78 -2.29 -14.16
CA THR C 319 -18.99 -2.85 -13.08
C THR C 319 -19.63 -4.15 -12.62
N PRO C 320 -18.84 -5.08 -12.06
CA PRO C 320 -19.43 -6.30 -11.53
C PRO C 320 -20.23 -6.11 -10.24
N THR C 321 -20.30 -4.90 -9.69
CA THR C 321 -21.36 -4.60 -8.74
C THR C 321 -22.70 -4.52 -9.46
N GLU C 322 -22.76 -3.76 -10.55
CA GLU C 322 -24.00 -3.49 -11.27
C GLU C 322 -24.28 -4.50 -12.36
N VAL C 323 -23.73 -5.70 -12.24
CA VAL C 323 -24.29 -6.88 -12.86
C VAL C 323 -25.19 -7.61 -11.89
N ARG C 324 -24.74 -7.76 -10.65
CA ARG C 324 -25.57 -8.33 -9.60
C ARG C 324 -26.79 -7.47 -9.33
N SER C 325 -26.59 -6.16 -9.14
CA SER C 325 -27.73 -5.33 -8.76
C SER C 325 -28.67 -5.04 -9.92
N ARG C 326 -28.40 -5.57 -11.11
CA ARG C 326 -29.44 -5.64 -12.12
C ARG C 326 -30.03 -7.04 -12.19
N ALA C 327 -29.21 -8.06 -11.94
CA ALA C 327 -29.70 -9.42 -12.01
C ALA C 327 -30.36 -9.88 -10.73
N ARG C 328 -30.43 -9.03 -9.71
CA ARG C 328 -31.19 -9.41 -8.52
C ARG C 328 -32.68 -9.17 -8.73
N ARG C 329 -33.03 -8.03 -9.34
CA ARG C 329 -34.43 -7.71 -9.64
C ARG C 329 -35.06 -8.75 -10.57
N ILE C 330 -34.29 -9.25 -11.53
CA ILE C 330 -34.79 -10.24 -12.48
C ILE C 330 -35.12 -11.54 -11.77
N ALA C 331 -34.28 -11.92 -10.82
CA ALA C 331 -34.59 -13.09 -10.02
C ALA C 331 -35.57 -12.79 -8.91
N ARG C 332 -35.85 -11.52 -8.62
CA ARG C 332 -36.82 -11.24 -7.57
C ARG C 332 -38.26 -11.42 -8.04
N GLU C 333 -38.62 -10.82 -9.17
CA GLU C 333 -39.99 -10.84 -9.67
C GLU C 333 -40.45 -12.21 -10.12
N HIS C 334 -39.55 -13.17 -10.27
CA HIS C 334 -39.88 -14.47 -10.79
C HIS C 334 -39.17 -15.50 -9.91
N GLY C 335 -39.13 -16.75 -10.36
CA GLY C 335 -38.21 -17.69 -9.75
C GLY C 335 -36.78 -17.32 -10.03
N GLY C 336 -36.40 -17.36 -11.30
CA GLY C 336 -35.13 -16.86 -11.77
C GLY C 336 -34.12 -17.97 -11.95
N ILE C 337 -34.09 -18.52 -13.16
CA ILE C 337 -33.04 -19.42 -13.65
C ILE C 337 -32.67 -18.68 -14.92
N GLY C 338 -32.70 -17.36 -14.83
CA GLY C 338 -32.37 -16.53 -15.96
C GLY C 338 -30.97 -16.78 -16.46
N LEU C 339 -30.86 -17.45 -17.61
CA LEU C 339 -29.58 -17.77 -18.20
C LEU C 339 -28.97 -16.46 -18.65
N ILE C 340 -28.15 -15.87 -17.79
CA ILE C 340 -27.65 -14.53 -18.06
C ILE C 340 -26.58 -14.60 -19.13
N MET C 341 -26.84 -13.94 -20.24
CA MET C 341 -25.86 -13.77 -21.29
C MET C 341 -25.25 -12.39 -21.15
N ILE C 342 -23.96 -12.32 -20.88
CA ILE C 342 -23.22 -11.07 -20.89
C ILE C 342 -22.20 -11.14 -22.02
N ASP C 343 -22.52 -10.49 -23.14
CA ASP C 343 -21.59 -10.36 -24.24
C ASP C 343 -20.45 -9.47 -23.81
N TYR C 344 -19.23 -9.85 -24.21
CA TYR C 344 -18.04 -9.01 -24.22
C TYR C 344 -17.66 -8.55 -22.81
N LEU C 345 -17.09 -9.51 -22.07
CA LEU C 345 -16.70 -9.32 -20.68
C LEU C 345 -15.59 -8.28 -20.51
N GLN C 346 -14.77 -8.07 -21.53
CA GLN C 346 -13.64 -7.15 -21.37
C GLN C 346 -14.08 -5.70 -21.28
N LEU C 347 -15.26 -5.38 -21.80
CA LEU C 347 -15.85 -4.06 -21.59
C LEU C 347 -16.25 -3.80 -20.16
N MET C 348 -16.35 -4.82 -19.33
CA MET C 348 -16.73 -4.58 -17.96
C MET C 348 -15.59 -3.90 -17.22
N ARG C 349 -15.87 -2.72 -16.71
CA ARG C 349 -14.85 -1.82 -16.21
C ARG C 349 -15.06 -1.63 -14.71
N VAL C 350 -14.10 -2.10 -13.92
CA VAL C 350 -14.14 -2.02 -12.46
C VAL C 350 -13.97 -0.56 -12.04
N PRO C 351 -14.39 -0.16 -10.84
CA PRO C 351 -14.24 1.26 -10.46
C PRO C 351 -12.80 1.72 -10.34
N ALA C 352 -11.90 0.87 -9.85
CA ALA C 352 -10.50 1.24 -9.81
C ALA C 352 -9.92 1.13 -11.23
N LEU C 353 -9.30 2.21 -11.71
CA LEU C 353 -8.77 2.30 -13.06
C LEU C 353 -7.33 1.85 -13.17
N SER C 354 -6.48 2.23 -12.22
CA SER C 354 -5.12 1.73 -12.15
C SER C 354 -5.08 0.25 -11.79
N ASP C 355 -6.18 -0.29 -11.29
CA ASP C 355 -6.42 -1.72 -11.37
C ASP C 355 -6.29 -2.14 -12.82
N ASN C 356 -5.27 -2.94 -13.11
CA ASN C 356 -4.85 -3.20 -14.47
C ASN C 356 -5.40 -4.54 -14.97
N ARG C 357 -5.13 -4.83 -16.24
CA ARG C 357 -5.73 -5.98 -16.92
C ARG C 357 -5.30 -7.31 -16.39
N THR C 358 -4.23 -7.39 -15.61
CA THR C 358 -3.95 -8.64 -14.94
C THR C 358 -4.86 -8.84 -13.75
N LEU C 359 -5.34 -7.76 -13.15
CA LEU C 359 -6.21 -7.81 -11.99
C LEU C 359 -7.57 -7.20 -12.22
N GLU C 360 -7.87 -6.71 -13.42
CA GLU C 360 -9.23 -6.32 -13.72
C GLU C 360 -10.13 -7.54 -13.85
N ILE C 361 -9.70 -8.52 -14.65
CA ILE C 361 -10.52 -9.67 -14.92
C ILE C 361 -10.48 -10.64 -13.75
N ALA C 362 -9.44 -10.56 -12.93
CA ALA C 362 -9.36 -11.44 -11.78
C ALA C 362 -10.27 -10.98 -10.65
N GLU C 363 -10.93 -9.83 -10.80
CA GLU C 363 -12.05 -9.52 -9.92
C GLU C 363 -13.38 -9.73 -10.63
N ILE C 364 -13.34 -10.03 -11.93
CA ILE C 364 -14.53 -10.39 -12.69
C ILE C 364 -14.68 -11.90 -12.79
N SER C 365 -13.56 -12.61 -12.86
CA SER C 365 -13.56 -14.07 -12.77
C SER C 365 -14.07 -14.57 -11.43
N ARG C 366 -13.97 -13.75 -10.39
CA ARG C 366 -14.36 -14.13 -9.04
C ARG C 366 -15.49 -13.25 -8.53
N SER C 367 -16.29 -12.70 -9.44
CA SER C 367 -17.59 -12.18 -9.09
C SER C 367 -18.67 -12.55 -10.09
N LEU C 368 -18.36 -13.38 -11.09
CA LEU C 368 -19.40 -14.06 -11.84
C LEU C 368 -19.58 -15.48 -11.32
N LYS C 369 -18.47 -16.20 -11.15
CA LYS C 369 -18.50 -17.53 -10.53
C LYS C 369 -19.04 -17.47 -9.12
N ALA C 370 -18.83 -16.35 -8.44
CA ALA C 370 -19.39 -16.19 -7.11
C ALA C 370 -20.79 -15.60 -7.11
N LEU C 371 -21.36 -15.30 -8.28
CA LEU C 371 -22.78 -14.98 -8.36
C LEU C 371 -23.45 -15.68 -9.54
N ALA C 372 -22.84 -16.73 -10.07
CA ALA C 372 -23.54 -17.79 -10.79
C ALA C 372 -23.90 -18.93 -9.90
N LYS C 373 -24.03 -18.67 -8.67
CA LYS C 373 -24.15 -19.70 -7.68
C LYS C 373 -25.31 -19.46 -6.75
N GLU C 374 -25.57 -18.20 -6.39
CA GLU C 374 -26.74 -17.88 -5.60
C GLU C 374 -28.01 -18.07 -6.40
N LEU C 375 -28.07 -17.47 -7.57
CA LEU C 375 -29.30 -17.44 -8.35
C LEU C 375 -29.55 -18.74 -9.08
N ASN C 376 -28.61 -19.68 -9.02
CA ASN C 376 -28.61 -20.93 -9.77
C ASN C 376 -28.84 -20.68 -11.25
N VAL C 377 -27.99 -19.84 -11.81
CA VAL C 377 -28.14 -19.42 -13.20
C VAL C 377 -26.90 -19.84 -13.99
N PRO C 378 -27.02 -20.54 -15.07
CA PRO C 378 -25.81 -20.87 -15.84
C PRO C 378 -25.36 -19.67 -16.62
N VAL C 379 -24.37 -18.93 -16.11
CA VAL C 379 -24.05 -17.61 -16.65
C VAL C 379 -23.16 -17.78 -17.86
N VAL C 380 -23.69 -17.45 -19.01
CA VAL C 380 -22.89 -17.40 -20.22
C VAL C 380 -22.30 -16.01 -20.32
N ALA C 381 -20.99 -15.92 -20.25
CA ALA C 381 -20.33 -14.65 -20.51
C ALA C 381 -19.36 -14.85 -21.66
N LEU C 382 -18.95 -13.75 -22.26
CA LEU C 382 -18.28 -13.80 -23.55
C LEU C 382 -16.99 -13.01 -23.50
N SER C 383 -15.91 -13.61 -23.97
CA SER C 383 -14.62 -12.93 -24.03
C SER C 383 -13.95 -13.25 -25.35
N GLN C 384 -12.67 -12.90 -25.47
CA GLN C 384 -11.99 -13.00 -26.75
C GLN C 384 -10.52 -13.28 -26.53
N LEU C 385 -9.90 -13.83 -27.57
CA LEU C 385 -8.53 -14.29 -27.54
C LEU C 385 -7.66 -13.25 -28.26
N ASN C 386 -6.38 -13.25 -27.92
CA ASN C 386 -5.50 -12.12 -28.24
C ASN C 386 -5.05 -12.18 -29.70
N ARG C 387 -4.08 -11.34 -30.05
CA ARG C 387 -3.56 -11.26 -31.40
C ARG C 387 -2.55 -12.35 -31.72
N SER C 388 -1.92 -12.95 -30.71
CA SER C 388 -0.88 -13.94 -30.97
C SER C 388 -1.46 -15.30 -31.28
N LEU C 389 -2.79 -15.42 -31.20
CA LEU C 389 -3.47 -16.60 -31.72
C LEU C 389 -3.19 -16.79 -33.20
N GLU C 390 -3.25 -15.70 -33.96
CA GLU C 390 -3.27 -15.76 -35.40
C GLU C 390 -1.90 -15.99 -36.03
N GLN C 391 -0.89 -16.40 -35.26
CA GLN C 391 0.41 -16.78 -35.79
C GLN C 391 0.68 -18.26 -35.65
N ARG C 392 -0.31 -19.06 -35.29
CA ARG C 392 -0.15 -20.50 -35.18
C ARG C 392 -0.63 -21.18 -36.45
N ALA C 393 -0.34 -22.46 -36.58
CA ALA C 393 -0.82 -23.19 -37.75
C ALA C 393 -2.18 -23.84 -37.48
N ASP C 394 -2.24 -24.71 -36.50
CA ASP C 394 -3.52 -25.20 -36.01
C ASP C 394 -4.18 -24.10 -35.20
N LYS C 395 -5.02 -23.29 -35.85
CA LYS C 395 -5.44 -22.00 -35.34
C LYS C 395 -6.49 -22.10 -34.24
N ARG C 396 -6.69 -23.30 -33.68
CA ARG C 396 -7.79 -23.55 -32.75
C ARG C 396 -7.60 -22.73 -31.48
N PRO C 397 -8.62 -22.11 -31.00
CA PRO C 397 -8.52 -21.43 -29.72
C PRO C 397 -8.37 -22.45 -28.62
N VAL C 398 -7.17 -22.56 -28.08
CA VAL C 398 -6.88 -23.49 -27.01
C VAL C 398 -6.76 -22.70 -25.73
N ASN C 399 -6.57 -23.41 -24.61
CA ASN C 399 -6.60 -22.80 -23.29
C ASN C 399 -5.52 -21.75 -23.11
N SER C 400 -4.34 -21.98 -23.68
CA SER C 400 -3.20 -21.11 -23.49
C SER C 400 -3.20 -19.91 -24.42
N ASP C 401 -4.36 -19.52 -24.95
CA ASP C 401 -4.45 -18.34 -25.79
C ASP C 401 -5.53 -17.39 -25.27
N LEU C 402 -5.89 -17.52 -24.01
CA LEU C 402 -6.78 -16.56 -23.34
C LEU C 402 -5.96 -15.56 -22.57
N ARG C 403 -4.85 -15.13 -23.19
CA ARG C 403 -3.71 -14.55 -22.47
C ARG C 403 -3.92 -13.08 -22.12
N GLU C 404 -5.16 -12.59 -22.10
CA GLU C 404 -5.39 -11.27 -21.53
C GLU C 404 -5.09 -11.25 -20.04
N SER C 405 -5.70 -12.14 -19.28
CA SER C 405 -5.51 -12.18 -17.84
C SER C 405 -5.11 -13.56 -17.33
N GLY C 406 -5.68 -14.63 -17.88
CA GLY C 406 -5.42 -15.96 -17.40
C GLY C 406 -6.10 -16.33 -16.11
N SER C 407 -6.98 -15.47 -15.60
CA SER C 407 -7.71 -15.76 -14.38
C SER C 407 -9.10 -16.31 -14.66
N ILE C 408 -9.57 -16.20 -15.91
CA ILE C 408 -10.85 -16.79 -16.26
C ILE C 408 -10.68 -18.16 -16.87
N GLU C 409 -9.47 -18.49 -17.32
CA GLU C 409 -9.15 -19.80 -17.86
C GLU C 409 -9.21 -20.88 -16.79
N GLN C 410 -9.14 -20.49 -15.52
CA GLN C 410 -9.05 -21.40 -14.41
C GLN C 410 -10.24 -21.33 -13.46
N ASP C 411 -11.18 -20.41 -13.66
CA ASP C 411 -12.29 -20.21 -12.73
C ASP C 411 -13.65 -20.35 -13.41
N ALA C 412 -13.70 -21.03 -14.55
CA ALA C 412 -14.93 -21.30 -15.28
C ALA C 412 -15.35 -22.75 -15.04
N ASP C 413 -16.45 -23.14 -15.66
CA ASP C 413 -16.90 -24.52 -15.55
C ASP C 413 -16.92 -25.21 -16.90
N LEU C 414 -17.62 -24.64 -17.86
CA LEU C 414 -17.61 -25.12 -19.23
C LEU C 414 -17.03 -24.01 -20.08
N ILE C 415 -16.14 -24.36 -20.99
CA ILE C 415 -15.58 -23.36 -21.87
C ILE C 415 -15.74 -23.85 -23.30
N MET C 416 -16.33 -23.01 -24.14
CA MET C 416 -16.57 -23.28 -25.55
C MET C 416 -15.80 -22.26 -26.35
N PHE C 417 -14.81 -22.73 -27.10
CA PHE C 417 -14.01 -21.85 -27.92
C PHE C 417 -14.46 -21.96 -29.36
N ILE C 418 -15.05 -20.89 -29.90
CA ILE C 418 -15.68 -20.90 -31.23
C ILE C 418 -14.59 -20.73 -32.28
N TYR C 419 -14.69 -21.48 -33.37
CA TYR C 419 -13.75 -21.35 -34.48
C TYR C 419 -14.46 -21.68 -35.78
N ARG C 420 -14.68 -20.69 -36.62
CA ARG C 420 -15.26 -20.87 -37.94
C ARG C 420 -14.15 -20.89 -38.98
N ASP C 421 -14.15 -21.90 -39.83
CA ASP C 421 -12.95 -22.15 -40.64
C ASP C 421 -12.88 -21.27 -41.88
N GLU C 422 -14.02 -20.98 -42.51
CA GLU C 422 -13.95 -20.26 -43.78
C GLU C 422 -13.70 -18.77 -43.61
N VAL C 423 -13.68 -18.25 -42.38
CA VAL C 423 -13.25 -16.87 -42.20
C VAL C 423 -11.73 -16.76 -42.25
N TYR C 424 -11.01 -17.87 -42.06
CA TYR C 424 -9.56 -17.87 -42.06
C TYR C 424 -9.00 -18.68 -43.21
N HIS C 425 -9.85 -19.32 -43.99
CA HIS C 425 -9.43 -20.08 -45.15
C HIS C 425 -10.47 -19.93 -46.24
N GLU C 426 -10.10 -20.23 -47.47
CA GLU C 426 -10.94 -19.84 -48.60
C GLU C 426 -11.49 -21.02 -49.39
N ASN C 427 -10.64 -21.89 -49.93
CA ASN C 427 -11.08 -22.93 -50.84
C ASN C 427 -11.23 -24.29 -50.15
N SER C 428 -11.25 -24.32 -48.83
CA SER C 428 -11.47 -25.56 -48.12
C SER C 428 -12.96 -25.84 -47.97
N ASP C 429 -13.31 -27.12 -47.88
CA ASP C 429 -14.70 -27.55 -47.90
C ASP C 429 -15.34 -27.64 -46.52
N LEU C 430 -14.91 -26.80 -45.58
CA LEU C 430 -15.56 -26.81 -44.28
C LEU C 430 -16.33 -25.50 -44.17
N LYS C 431 -16.87 -25.05 -45.30
CA LYS C 431 -17.54 -23.75 -45.34
C LYS C 431 -18.89 -23.84 -44.64
N GLY C 432 -19.16 -22.86 -43.79
CA GLY C 432 -20.37 -22.86 -43.00
C GLY C 432 -20.40 -23.87 -41.87
N ILE C 433 -19.26 -24.42 -41.50
CA ILE C 433 -19.23 -25.47 -40.47
C ILE C 433 -18.49 -24.87 -39.28
N ALA C 434 -19.26 -24.29 -38.38
CA ALA C 434 -18.68 -23.82 -37.13
C ALA C 434 -18.52 -24.99 -36.18
N GLU C 435 -17.29 -25.18 -35.69
CA GLU C 435 -17.06 -26.21 -34.69
C GLU C 435 -16.81 -25.55 -33.34
N ILE C 436 -17.72 -25.81 -32.42
CA ILE C 436 -17.67 -25.29 -31.06
C ILE C 436 -16.80 -26.23 -30.24
N ILE C 437 -15.55 -25.84 -30.04
CA ILE C 437 -14.57 -26.65 -29.34
C ILE C 437 -14.84 -26.54 -27.85
N ILE C 438 -15.07 -27.69 -27.21
CA ILE C 438 -15.23 -27.74 -25.76
C ILE C 438 -13.92 -28.10 -25.08
N GLY C 439 -13.14 -27.08 -24.72
CA GLY C 439 -11.87 -27.31 -24.07
C GLY C 439 -11.98 -27.73 -22.62
N LYS C 440 -12.37 -26.81 -21.75
CA LYS C 440 -12.39 -27.13 -20.33
C LYS C 440 -13.79 -27.57 -19.96
N GLN C 441 -13.97 -28.88 -19.79
CA GLN C 441 -15.25 -29.42 -19.36
C GLN C 441 -15.04 -30.05 -17.98
N ARG C 442 -15.70 -29.50 -16.97
CA ARG C 442 -15.43 -29.91 -15.60
C ARG C 442 -16.10 -31.24 -15.25
N ASN C 443 -17.42 -31.30 -15.28
CA ASN C 443 -18.14 -32.45 -14.75
C ASN C 443 -18.45 -33.45 -15.84
N GLY C 444 -17.61 -33.53 -16.85
CA GLY C 444 -17.85 -34.39 -17.97
C GLY C 444 -16.61 -34.56 -18.83
N PRO C 445 -16.75 -35.23 -19.96
CA PRO C 445 -15.61 -35.43 -20.86
C PRO C 445 -15.54 -34.38 -21.95
N ILE C 446 -14.37 -34.33 -22.60
CA ILE C 446 -14.14 -33.38 -23.69
C ILE C 446 -14.57 -34.01 -25.02
N GLY C 447 -14.66 -33.17 -26.05
CA GLY C 447 -15.04 -33.65 -27.36
C GLY C 447 -14.87 -32.55 -28.38
N THR C 448 -15.64 -32.66 -29.47
CA THR C 448 -15.69 -31.60 -30.47
C THR C 448 -17.04 -31.65 -31.18
N VAL C 449 -17.77 -30.53 -31.14
CA VAL C 449 -19.10 -30.40 -31.71
C VAL C 449 -18.92 -29.86 -33.13
N ARG C 450 -19.98 -29.95 -33.95
CA ARG C 450 -20.00 -29.25 -35.23
C ARG C 450 -21.43 -28.76 -35.50
N LEU C 451 -21.75 -27.56 -35.05
CA LEU C 451 -23.01 -26.91 -35.41
C LEU C 451 -22.92 -26.38 -36.84
N THR C 452 -24.07 -26.21 -37.50
CA THR C 452 -24.08 -25.76 -38.88
C THR C 452 -24.35 -24.26 -38.91
N PHE C 453 -23.39 -23.51 -39.44
CA PHE C 453 -23.45 -22.06 -39.46
C PHE C 453 -24.37 -21.62 -40.58
N ASN C 454 -25.65 -21.47 -40.25
CA ASN C 454 -26.60 -20.89 -41.18
C ASN C 454 -26.82 -19.43 -40.78
N GLY C 455 -25.84 -18.62 -41.16
CA GLY C 455 -25.66 -17.30 -40.60
C GLY C 455 -26.41 -16.20 -41.31
N GLN C 456 -26.98 -16.49 -42.48
CA GLN C 456 -27.81 -15.50 -43.15
C GLN C 456 -29.08 -15.21 -42.38
N TRP C 457 -29.50 -16.13 -41.52
CA TRP C 457 -30.51 -15.85 -40.51
C TRP C 457 -29.94 -15.99 -39.10
N SER C 458 -28.67 -16.43 -38.98
CA SER C 458 -27.96 -16.73 -37.73
C SER C 458 -28.62 -17.85 -36.93
N ARG C 459 -28.89 -19.00 -37.55
CA ARG C 459 -29.48 -20.11 -36.83
C ARG C 459 -28.58 -21.34 -36.96
N PHE C 460 -28.56 -22.17 -35.92
CA PHE C 460 -27.74 -23.37 -35.90
C PHE C 460 -28.59 -24.55 -35.49
N ASP C 461 -28.41 -25.67 -36.21
CA ASP C 461 -28.73 -27.03 -35.79
C ASP C 461 -28.16 -27.94 -36.86
N ASN C 462 -28.23 -29.25 -36.63
CA ASN C 462 -27.56 -30.15 -37.53
C ASN C 462 -28.45 -31.25 -38.08
N TYR C 463 -29.61 -30.88 -38.64
CA TYR C 463 -30.33 -31.81 -39.49
C TYR C 463 -29.56 -32.12 -40.77
N ALA C 464 -28.69 -31.22 -41.22
CA ALA C 464 -27.81 -31.43 -42.36
C ALA C 464 -26.44 -31.88 -41.91
N GLY C 465 -26.39 -32.75 -40.86
CA GLY C 465 -25.36 -32.73 -39.80
C GLY C 465 -23.93 -32.95 -40.25
N PRO C 466 -23.07 -31.96 -39.98
CA PRO C 466 -21.71 -31.99 -40.53
C PRO C 466 -20.81 -33.03 -39.90
N GLN C 467 -21.21 -33.59 -38.75
CA GLN C 467 -20.50 -34.73 -38.18
C GLN C 467 -20.61 -35.93 -39.11
N TYR C 468 -19.59 -36.80 -39.06
CA TYR C 468 -19.48 -37.97 -39.92
C TYR C 468 -20.71 -38.88 -39.82
N ASP C 469 -21.16 -39.17 -38.60
CA ASP C 469 -22.41 -39.85 -38.25
C ASP C 469 -22.56 -41.24 -38.85
N ASP C 470 -21.50 -41.87 -39.34
CA ASP C 470 -21.61 -43.18 -39.97
C ASP C 470 -20.77 -44.24 -39.27
N GLU C 471 -19.57 -43.88 -38.83
CA GLU C 471 -18.69 -44.82 -38.14
C GLU C 471 -17.51 -44.14 -37.47
N ARG D 17 -26.82 18.62 41.78
CA ARG D 17 -25.74 19.58 41.87
C ARG D 17 -24.38 18.92 42.08
N ASP D 18 -23.41 19.40 41.31
CA ASP D 18 -21.98 19.17 41.50
C ASP D 18 -21.27 20.25 40.70
N PRO D 19 -20.09 20.69 41.12
CA PRO D 19 -19.38 21.73 40.36
C PRO D 19 -18.89 21.27 39.00
N GLN D 20 -18.22 22.17 38.30
CA GLN D 20 -18.01 22.05 36.86
C GLN D 20 -16.87 21.11 36.51
N VAL D 21 -16.35 21.25 35.28
CA VAL D 21 -15.28 20.46 34.69
C VAL D 21 -13.99 20.40 35.52
N ALA D 22 -13.83 21.32 36.50
CA ALA D 22 -12.73 21.22 37.45
C ALA D 22 -12.82 19.97 38.31
N GLY D 23 -14.02 19.42 38.51
CA GLY D 23 -14.15 18.12 39.14
C GLY D 23 -13.79 17.01 38.18
N LEU D 24 -12.61 16.41 38.37
CA LEU D 24 -12.13 15.34 37.51
C LEU D 24 -11.50 14.21 38.30
N LYS D 25 -12.19 13.74 39.34
CA LYS D 25 -11.67 12.61 40.10
C LYS D 25 -12.04 11.28 39.48
N VAL D 26 -13.06 11.25 38.63
CA VAL D 26 -13.34 10.04 37.85
C VAL D 26 -12.26 9.86 36.79
N PRO D 27 -11.45 8.80 36.88
CA PRO D 27 -10.10 8.84 36.30
C PRO D 27 -10.11 8.84 34.77
N PRO D 28 -10.32 7.70 34.07
CA PRO D 28 -11.43 7.65 33.12
C PRO D 28 -12.55 6.81 33.70
N HIS D 29 -13.70 6.81 33.04
CA HIS D 29 -14.71 5.79 33.19
C HIS D 29 -15.65 5.92 31.99
N SER D 30 -16.17 4.79 31.54
CA SER D 30 -17.01 4.74 30.35
C SER D 30 -18.24 3.88 30.66
N ILE D 31 -19.31 4.50 31.15
CA ILE D 31 -20.49 3.72 31.52
C ILE D 31 -21.56 3.81 30.45
N GLU D 32 -21.67 4.97 29.79
CA GLU D 32 -22.56 5.09 28.64
C GLU D 32 -22.03 4.26 27.47
N ALA D 33 -20.71 4.25 27.29
CA ALA D 33 -20.08 3.42 26.28
C ALA D 33 -19.96 1.98 26.71
N GLU D 34 -20.41 1.62 27.91
CA GLU D 34 -20.38 0.23 28.34
C GLU D 34 -21.69 -0.48 28.04
N GLN D 35 -22.82 0.18 28.30
CA GLN D 35 -24.12 -0.47 28.16
C GLN D 35 -24.41 -0.84 26.72
N SER D 36 -23.78 -0.16 25.78
CA SER D 36 -23.84 -0.60 24.40
C SER D 36 -22.73 -1.57 24.05
N VAL D 37 -22.09 -2.20 25.03
CA VAL D 37 -21.34 -3.42 24.75
C VAL D 37 -22.13 -4.64 25.20
N LEU D 38 -22.81 -4.55 26.33
CA LEU D 38 -23.73 -5.58 26.76
C LEU D 38 -25.04 -5.53 26.02
N GLY D 39 -25.43 -4.37 25.50
CA GLY D 39 -26.68 -4.20 24.80
C GLY D 39 -26.78 -5.08 23.58
N GLY D 40 -25.85 -4.92 22.63
CA GLY D 40 -25.85 -5.78 21.47
C GLY D 40 -25.46 -7.21 21.80
N LEU D 41 -24.71 -7.41 22.88
CA LEU D 41 -24.45 -8.78 23.31
C LEU D 41 -25.67 -9.41 23.93
N MET D 42 -26.56 -8.62 24.54
CA MET D 42 -27.84 -9.15 24.99
C MET D 42 -28.72 -9.55 23.83
N LEU D 43 -28.52 -8.96 22.65
CA LEU D 43 -29.35 -9.21 21.49
C LEU D 43 -28.60 -9.87 20.35
N ASP D 44 -27.47 -10.53 20.64
CA ASP D 44 -26.72 -11.31 19.65
C ASP D 44 -25.82 -12.29 20.37
N ASN D 45 -25.65 -13.47 19.77
CA ASN D 45 -24.75 -14.50 20.27
C ASN D 45 -23.62 -14.80 19.31
N GLU D 46 -23.75 -14.40 18.04
CA GLU D 46 -22.68 -14.57 17.07
C GLU D 46 -21.46 -13.72 17.39
N ARG D 47 -21.61 -12.66 18.19
CA ARG D 47 -20.49 -11.78 18.46
C ARG D 47 -19.94 -11.96 19.86
N TRP D 48 -19.90 -13.17 20.38
CA TRP D 48 -19.10 -13.36 21.57
C TRP D 48 -17.72 -13.87 21.24
N ASP D 49 -17.53 -14.38 20.03
CA ASP D 49 -16.20 -14.72 19.55
C ASP D 49 -15.42 -13.52 19.06
N ASP D 50 -15.93 -12.30 19.30
CA ASP D 50 -15.19 -11.08 19.02
C ASP D 50 -14.97 -10.22 20.25
N VAL D 51 -15.99 -9.96 21.05
CA VAL D 51 -15.80 -9.04 22.16
C VAL D 51 -14.97 -9.69 23.26
N ALA D 52 -14.97 -11.02 23.34
CA ALA D 52 -14.07 -11.69 24.27
C ALA D 52 -12.61 -11.62 23.83
N GLU D 53 -12.35 -11.36 22.56
CA GLU D 53 -10.99 -11.12 22.12
C GLU D 53 -10.42 -9.82 22.67
N ARG D 54 -11.24 -8.78 22.81
CA ARG D 54 -10.71 -7.48 23.18
C ARG D 54 -11.41 -6.85 24.37
N VAL D 55 -12.39 -7.51 24.97
CA VAL D 55 -12.89 -7.14 26.29
C VAL D 55 -12.93 -8.40 27.12
N VAL D 56 -12.20 -8.41 28.22
CA VAL D 56 -12.32 -9.51 29.16
C VAL D 56 -13.06 -8.95 30.36
N ALA D 57 -13.37 -9.78 31.33
CA ALA D 57 -14.01 -9.29 32.53
C ALA D 57 -13.03 -8.43 33.34
N ASP D 58 -13.57 -7.75 34.35
CA ASP D 58 -12.87 -6.76 35.17
C ASP D 58 -12.26 -5.66 34.31
N ASP D 59 -12.95 -5.24 33.26
CA ASP D 59 -12.66 -3.99 32.59
C ASP D 59 -13.73 -2.94 32.83
N PHE D 60 -14.96 -3.35 33.11
CA PHE D 60 -16.06 -2.43 33.22
C PHE D 60 -15.96 -1.63 34.51
N TYR D 61 -16.70 -0.53 34.58
CA TYR D 61 -16.51 0.40 35.67
C TYR D 61 -17.41 0.10 36.87
N THR D 62 -18.60 -0.47 36.64
CA THR D 62 -19.59 -0.63 37.68
C THR D 62 -19.71 -2.11 38.04
N ARG D 63 -19.85 -2.38 39.35
CA ARG D 63 -19.87 -3.77 39.83
C ARG D 63 -21.07 -4.59 39.32
N PRO D 64 -22.29 -4.03 39.17
CA PRO D 64 -23.33 -4.81 38.46
C PRO D 64 -23.00 -5.21 37.03
N HIS D 65 -22.04 -4.56 36.38
CA HIS D 65 -21.72 -4.97 35.03
C HIS D 65 -20.78 -6.17 35.01
N ARG D 66 -20.05 -6.39 36.09
CA ARG D 66 -19.08 -7.46 36.07
C ARG D 66 -19.74 -8.82 36.19
N HIS D 67 -20.82 -8.91 36.98
CA HIS D 67 -21.48 -10.20 37.16
C HIS D 67 -22.27 -10.60 35.92
N ILE D 68 -22.63 -9.63 35.07
CA ILE D 68 -23.28 -9.97 33.81
C ILE D 68 -22.30 -10.66 32.88
N PHE D 69 -21.12 -10.07 32.69
CA PHE D 69 -20.13 -10.73 31.85
C PHE D 69 -19.50 -11.92 32.55
N THR D 70 -19.65 -12.01 33.87
CA THR D 70 -19.24 -13.22 34.57
C THR D 70 -20.11 -14.39 34.16
N GLU D 71 -21.43 -14.21 34.19
CA GLU D 71 -22.29 -15.32 33.80
C GLU D 71 -22.67 -15.29 32.33
N MET D 72 -22.05 -14.40 31.55
CA MET D 72 -22.04 -14.60 30.12
C MET D 72 -20.91 -15.53 29.71
N ALA D 73 -19.99 -15.80 30.63
CA ALA D 73 -18.88 -16.67 30.30
C ALA D 73 -19.27 -18.14 30.44
N ARG D 74 -19.91 -18.51 31.56
CA ARG D 74 -20.19 -19.91 31.83
C ARG D 74 -21.23 -20.47 30.86
N LEU D 75 -22.19 -19.64 30.46
CA LEU D 75 -23.22 -20.10 29.55
C LEU D 75 -22.69 -20.29 28.14
N GLN D 76 -21.64 -19.56 27.78
CA GLN D 76 -21.02 -19.77 26.47
C GLN D 76 -20.16 -21.01 26.46
N GLU D 77 -19.63 -21.40 27.62
CA GLU D 77 -18.91 -22.66 27.67
C GLU D 77 -19.86 -23.83 27.85
N SER D 78 -20.99 -23.60 28.51
CA SER D 78 -22.02 -24.62 28.61
C SER D 78 -22.82 -24.75 27.32
N GLY D 79 -22.69 -23.79 26.41
CA GLY D 79 -23.36 -23.83 25.14
C GLY D 79 -24.68 -23.10 25.11
N SER D 80 -25.26 -22.84 26.26
CA SER D 80 -26.57 -22.19 26.35
C SER D 80 -26.44 -20.73 25.97
N PRO D 81 -27.04 -20.27 24.87
CA PRO D 81 -26.88 -18.89 24.44
C PRO D 81 -27.70 -17.94 25.32
N ILE D 82 -27.46 -16.65 25.11
CA ILE D 82 -27.85 -15.62 26.05
C ILE D 82 -28.83 -14.66 25.39
N ASP D 83 -29.99 -14.51 26.00
CA ASP D 83 -30.89 -13.40 25.72
C ASP D 83 -31.15 -12.80 27.09
N LEU D 84 -32.20 -11.99 27.20
CA LEU D 84 -32.70 -11.69 28.54
C LEU D 84 -33.18 -12.95 29.27
N ILE D 85 -33.79 -13.89 28.56
CA ILE D 85 -34.52 -14.96 29.24
C ILE D 85 -33.57 -16.01 29.80
N THR D 86 -32.64 -16.50 28.98
CA THR D 86 -31.76 -17.57 29.46
C THR D 86 -30.74 -17.06 30.45
N LEU D 87 -30.60 -15.74 30.56
CA LEU D 87 -29.74 -15.17 31.57
C LEU D 87 -30.39 -15.19 32.94
N ALA D 88 -31.67 -14.80 33.02
CA ALA D 88 -32.29 -14.60 34.33
C ALA D 88 -32.60 -15.91 35.02
N GLU D 89 -32.95 -16.95 34.26
CA GLU D 89 -33.08 -18.28 34.84
C GLU D 89 -31.71 -18.82 35.26
N SER D 90 -30.65 -18.41 34.57
CA SER D 90 -29.30 -18.73 35.00
C SER D 90 -28.79 -17.74 36.03
N LEU D 91 -29.57 -16.71 36.35
CA LEU D 91 -29.29 -15.92 37.54
C LEU D 91 -30.32 -16.15 38.63
N GLU D 92 -31.36 -16.93 38.36
CA GLU D 92 -32.26 -17.32 39.44
C GLU D 92 -31.64 -18.41 40.29
N ARG D 93 -30.94 -19.36 39.68
CA ARG D 93 -30.41 -20.50 40.42
C ARG D 93 -29.16 -20.12 41.20
N GLN D 94 -28.32 -19.26 40.62
CA GLN D 94 -27.04 -18.97 41.24
C GLN D 94 -27.12 -17.94 42.36
N GLY D 95 -28.31 -17.50 42.73
CA GLY D 95 -28.41 -16.53 43.79
C GLY D 95 -28.08 -15.12 43.34
N GLN D 96 -28.47 -14.77 42.12
CA GLN D 96 -28.26 -13.43 41.60
C GLN D 96 -29.60 -12.80 41.34
N LEU D 97 -29.60 -11.68 40.59
CA LEU D 97 -30.68 -10.75 40.25
C LEU D 97 -30.99 -9.84 41.44
N ASP D 98 -30.37 -10.07 42.58
CA ASP D 98 -30.52 -9.19 43.72
C ASP D 98 -29.47 -8.09 43.74
N SER D 99 -28.24 -8.39 43.34
CA SER D 99 -27.15 -7.42 43.34
C SER D 99 -26.58 -7.16 41.96
N VAL D 100 -27.19 -7.68 40.90
CA VAL D 100 -26.75 -7.40 39.55
C VAL D 100 -27.64 -6.32 38.91
N GLY D 101 -28.73 -5.94 39.56
CA GLY D 101 -29.60 -4.93 39.03
C GLY D 101 -31.06 -5.28 39.07
N GLY D 102 -31.37 -6.56 38.92
CA GLY D 102 -32.76 -6.98 38.90
C GLY D 102 -33.24 -7.26 37.50
N PHE D 103 -34.41 -7.92 37.42
CA PHE D 103 -34.99 -8.28 36.14
C PHE D 103 -35.45 -7.06 35.36
N ALA D 104 -35.72 -5.95 36.04
CA ALA D 104 -36.01 -4.71 35.34
C ALA D 104 -34.75 -4.13 34.71
N TYR D 105 -33.58 -4.40 35.30
CA TYR D 105 -32.35 -3.86 34.75
C TYR D 105 -31.99 -4.50 33.43
N LEU D 106 -32.24 -5.80 33.30
CA LEU D 106 -32.00 -6.47 32.03
C LEU D 106 -32.96 -5.97 30.98
N ALA D 107 -34.14 -5.53 31.38
CA ALA D 107 -35.05 -4.87 30.45
C ALA D 107 -34.68 -3.41 30.25
N GLU D 108 -34.02 -2.80 31.24
CA GLU D 108 -33.51 -1.45 31.05
C GLU D 108 -32.41 -1.41 30.00
N LEU D 109 -31.60 -2.46 29.94
CA LEU D 109 -30.59 -2.58 28.91
C LEU D 109 -31.06 -3.44 27.74
N SER D 110 -32.36 -3.64 27.59
CA SER D 110 -32.88 -4.19 26.36
C SER D 110 -33.78 -3.21 25.63
N LYS D 111 -34.52 -2.38 26.37
CA LYS D 111 -35.36 -1.38 25.72
C LYS D 111 -34.54 -0.18 25.27
N ASN D 112 -33.52 0.20 26.03
CA ASN D 112 -32.77 1.41 25.75
C ASN D 112 -31.50 1.15 24.93
N THR D 113 -31.35 -0.03 24.33
CA THR D 113 -30.24 -0.32 23.42
C THR D 113 -30.85 -0.59 22.06
N PRO D 114 -31.14 0.46 21.28
CA PRO D 114 -31.69 0.25 19.94
C PRO D 114 -30.66 -0.24 18.96
N SER D 115 -29.38 -0.10 19.27
CA SER D 115 -28.34 -0.46 18.33
C SER D 115 -28.26 -1.96 18.19
N ALA D 116 -28.83 -2.48 17.11
CA ALA D 116 -28.38 -3.75 16.57
C ALA D 116 -27.32 -3.51 15.50
N ALA D 117 -26.34 -2.66 15.83
CA ALA D 117 -25.45 -2.08 14.84
C ALA D 117 -23.99 -2.44 15.04
N ASN D 118 -23.38 -2.09 16.17
CA ASN D 118 -21.92 -2.16 16.25
C ASN D 118 -21.47 -2.35 17.69
N ILE D 119 -20.77 -3.45 17.95
CA ILE D 119 -20.18 -3.75 19.24
C ILE D 119 -18.66 -3.76 19.15
N SER D 120 -18.13 -4.05 17.97
CA SER D 120 -16.69 -4.09 17.76
C SER D 120 -16.02 -2.71 17.85
N ALA D 121 -16.80 -1.63 17.99
CA ALA D 121 -16.25 -0.31 18.20
C ALA D 121 -16.35 0.16 19.64
N TYR D 122 -17.40 -0.21 20.36
CA TYR D 122 -17.43 0.14 21.77
C TYR D 122 -16.63 -0.82 22.62
N ALA D 123 -16.12 -1.90 22.03
CA ALA D 123 -15.32 -2.83 22.82
C ALA D 123 -13.89 -2.34 22.96
N ASP D 124 -13.37 -1.68 21.93
CA ASP D 124 -12.02 -1.13 22.01
C ASP D 124 -11.94 0.00 23.03
N ILE D 125 -13.03 0.72 23.25
CA ILE D 125 -13.00 1.88 24.13
C ILE D 125 -12.92 1.46 25.60
N VAL D 126 -13.69 0.45 25.99
CA VAL D 126 -13.67 0.00 27.38
C VAL D 126 -12.34 -0.66 27.72
N ARG D 127 -11.64 -1.21 26.73
CA ARG D 127 -10.26 -1.64 26.94
C ARG D 127 -9.36 -0.45 27.22
N GLU D 128 -9.43 0.58 26.38
CA GLU D 128 -8.62 1.77 26.56
C GLU D 128 -9.29 2.81 27.43
N ARG D 129 -10.30 2.41 28.19
CA ARG D 129 -10.69 3.20 29.35
C ARG D 129 -10.34 2.47 30.63
N ALA D 130 -9.77 1.28 30.52
CA ALA D 130 -9.44 0.53 31.73
C ALA D 130 -7.95 0.50 31.99
N VAL D 131 -7.16 0.34 30.91
CA VAL D 131 -5.71 0.41 31.01
C VAL D 131 -5.28 1.74 31.60
N VAL D 132 -5.89 2.82 31.13
CA VAL D 132 -5.63 4.14 31.69
C VAL D 132 -6.19 4.24 33.10
N ARG D 133 -7.32 3.56 33.37
CA ARG D 133 -7.88 3.61 34.72
C ARG D 133 -7.07 2.76 35.69
N GLU D 134 -6.33 1.78 35.18
CA GLU D 134 -5.50 0.98 36.07
C GLU D 134 -4.13 1.61 36.26
N MET D 135 -3.59 2.24 35.22
CA MET D 135 -2.26 2.85 35.34
C MET D 135 -2.31 4.16 36.11
N ILE D 136 -3.49 4.73 36.28
CA ILE D 136 -3.65 5.77 37.29
C ILE D 136 -3.59 5.16 38.69
N SER D 137 -4.31 4.06 38.90
CA SER D 137 -4.33 3.42 40.21
C SER D 137 -3.12 2.53 40.47
N VAL D 138 -2.23 2.37 39.48
CA VAL D 138 -0.89 1.92 39.81
C VAL D 138 -0.08 3.05 40.40
N ALA D 139 -0.16 4.23 39.78
CA ALA D 139 0.69 5.33 40.22
C ALA D 139 0.08 6.07 41.41
N ASN D 140 -1.03 5.58 41.94
CA ASN D 140 -1.46 6.06 43.24
C ASN D 140 -1.00 5.15 44.37
N GLU D 141 -0.29 4.07 44.07
CA GLU D 141 0.18 3.14 45.07
C GLU D 141 1.65 2.79 44.94
N ILE D 142 2.28 3.12 43.83
CA ILE D 142 3.74 3.16 43.81
C ILE D 142 4.23 4.49 44.35
N ALA D 143 3.59 5.57 43.93
CA ALA D 143 3.88 6.88 44.49
C ALA D 143 3.17 7.15 45.81
N GLU D 144 2.52 6.13 46.38
CA GLU D 144 2.14 6.18 47.78
C GLU D 144 3.26 5.66 48.68
N ALA D 145 4.23 4.95 48.09
CA ALA D 145 5.30 4.36 48.89
C ALA D 145 6.26 5.43 49.40
N GLY D 146 6.64 6.37 48.54
CA GLY D 146 7.36 7.53 49.04
C GLY D 146 6.49 8.46 49.87
N PHE D 147 5.19 8.50 49.59
CA PHE D 147 4.26 9.35 50.31
C PHE D 147 4.09 8.87 51.75
N ASP D 148 4.25 7.56 51.99
CA ASP D 148 4.28 7.01 53.33
C ASP D 148 5.12 5.73 53.32
N PRO D 149 6.42 5.84 53.55
CA PRO D 149 7.20 4.63 53.84
C PRO D 149 7.11 4.28 55.31
N GLN D 150 6.38 3.23 55.65
CA GLN D 150 6.31 2.80 57.04
C GLN D 150 7.45 1.86 57.40
N GLY D 151 8.41 1.68 56.50
CA GLY D 151 9.60 0.93 56.79
C GLY D 151 9.49 -0.48 56.26
N ARG D 152 10.01 -0.71 55.06
CA ARG D 152 10.15 -2.06 54.55
C ARG D 152 11.45 -2.19 53.75
N THR D 153 12.43 -1.35 54.09
CA THR D 153 13.82 -1.45 53.63
C THR D 153 13.92 -1.39 52.12
N SER D 154 13.79 -0.18 51.56
CA SER D 154 13.37 0.15 50.19
C SER D 154 13.87 -0.69 49.03
N GLU D 155 14.98 -1.43 49.19
CA GLU D 155 15.27 -2.50 48.24
C GLU D 155 14.13 -3.52 48.19
N ASP D 156 13.54 -3.83 49.35
CA ASP D 156 12.40 -4.73 49.35
C ASP D 156 11.10 -4.01 49.02
N LEU D 157 11.13 -2.68 48.89
CA LEU D 157 10.00 -1.99 48.27
C LEU D 157 9.99 -2.20 46.78
N LEU D 158 11.15 -2.51 46.21
CA LEU D 158 11.30 -2.48 44.77
C LEU D 158 10.69 -3.69 44.10
N ASP D 159 10.43 -4.75 44.87
CA ASP D 159 9.73 -5.88 44.29
C ASP D 159 8.23 -5.79 44.54
N LEU D 160 7.78 -4.83 45.36
CA LEU D 160 6.35 -4.54 45.41
C LEU D 160 5.89 -3.93 44.10
N ALA D 161 6.62 -2.94 43.60
CA ALA D 161 6.27 -2.30 42.35
C ALA D 161 6.36 -3.24 41.15
N GLU D 162 7.29 -4.19 41.16
CA GLU D 162 7.30 -5.21 40.11
C GLU D 162 6.11 -6.14 40.22
N SER D 163 5.51 -6.25 41.40
CA SER D 163 4.29 -7.01 41.57
C SER D 163 3.04 -6.17 41.39
N ARG D 164 3.15 -4.85 41.45
CA ARG D 164 1.97 -4.01 41.24
C ARG D 164 1.75 -3.73 39.76
N VAL D 165 2.78 -3.23 39.08
CA VAL D 165 2.60 -2.73 37.72
C VAL D 165 2.57 -3.90 36.74
N PHE D 166 2.96 -5.08 37.19
CA PHE D 166 2.85 -6.23 36.35
C PHE D 166 1.74 -7.16 36.80
N LYS D 167 0.90 -6.69 37.72
CA LYS D 167 -0.33 -7.40 38.03
C LYS D 167 -1.39 -7.17 36.97
N ILE D 168 -1.15 -6.29 36.00
CA ILE D 168 -2.06 -6.11 34.88
C ILE D 168 -1.86 -7.32 33.99
N ALA D 169 -2.70 -8.33 34.21
CA ALA D 169 -2.51 -9.62 33.60
C ALA D 169 -3.86 -10.18 33.19
N GLU D 170 -3.80 -11.00 32.13
CA GLU D 170 -4.86 -11.16 31.10
C GLU D 170 -4.98 -12.64 30.75
N SER D 171 -4.70 -13.47 31.75
CA SER D 171 -4.63 -14.91 31.62
C SER D 171 -6.05 -15.43 31.50
N ARG D 172 -6.60 -15.34 30.29
CA ARG D 172 -7.94 -15.84 30.03
C ARG D 172 -7.93 -17.25 29.51
N ALA D 173 -6.79 -17.73 29.03
CA ALA D 173 -6.79 -18.95 28.23
C ALA D 173 -5.46 -19.65 28.41
N ASN D 174 -5.16 -20.54 27.47
CA ASN D 174 -3.97 -21.38 27.43
C ASN D 174 -2.75 -20.57 27.00
N LYS D 175 -1.72 -21.28 26.51
CA LYS D 175 -0.29 -21.03 26.68
C LYS D 175 0.19 -19.59 26.82
N ASP D 176 0.93 -19.37 27.90
CA ASP D 176 1.47 -18.09 28.29
C ASP D 176 2.88 -18.36 28.78
N GLU D 177 3.46 -17.39 29.46
CA GLU D 177 4.69 -17.65 30.18
C GLU D 177 4.59 -17.18 31.62
N GLY D 178 5.63 -17.43 32.41
CA GLY D 178 5.59 -17.37 33.85
C GLY D 178 5.17 -18.69 34.45
N PRO D 179 3.86 -19.00 34.48
CA PRO D 179 3.44 -20.38 34.70
C PRO D 179 3.62 -21.22 33.44
N LYS D 180 4.88 -21.51 33.11
CA LYS D 180 5.29 -22.18 31.89
C LYS D 180 6.74 -22.60 32.07
N ASN D 181 7.08 -23.78 31.57
CA ASN D 181 8.41 -24.32 31.71
C ASN D 181 8.61 -25.33 30.60
N ILE D 182 9.70 -26.10 30.70
CA ILE D 182 9.91 -27.18 29.75
C ILE D 182 9.37 -28.49 30.34
N ALA D 183 9.47 -28.65 31.66
CA ALA D 183 8.86 -29.81 32.32
C ALA D 183 7.35 -29.76 32.23
N ASP D 184 6.77 -28.57 32.12
CA ASP D 184 5.34 -28.46 31.87
C ASP D 184 4.99 -28.82 30.43
N VAL D 185 5.99 -28.96 29.56
CA VAL D 185 5.80 -29.48 28.21
C VAL D 185 6.11 -30.97 28.16
N LEU D 186 7.03 -31.42 29.02
CA LEU D 186 7.44 -32.81 28.98
C LEU D 186 6.38 -33.77 29.48
N ASP D 187 5.40 -33.29 30.25
CA ASP D 187 4.22 -34.12 30.50
C ASP D 187 3.38 -34.22 29.25
N ALA D 188 3.31 -33.14 28.48
CA ALA D 188 2.58 -33.20 27.22
C ALA D 188 3.40 -33.91 26.16
N THR D 189 4.71 -34.02 26.35
CA THR D 189 5.53 -34.75 25.40
C THR D 189 5.39 -36.25 25.58
N VAL D 190 5.34 -36.71 26.84
CA VAL D 190 5.11 -38.13 27.06
C VAL D 190 3.64 -38.45 26.84
N ALA D 191 2.77 -37.43 26.87
CA ALA D 191 1.39 -37.62 26.46
C ALA D 191 1.28 -38.00 25.00
N ARG D 192 2.18 -37.52 24.14
CA ARG D 192 2.18 -37.89 22.74
C ARG D 192 3.43 -38.70 22.38
N ILE D 193 3.87 -39.52 23.31
CA ILE D 193 4.46 -40.82 22.97
C ILE D 193 3.59 -41.94 23.54
N GLU D 194 2.37 -41.58 23.93
CA GLU D 194 1.31 -42.55 24.25
C GLU D 194 0.56 -42.96 23.00
N GLN D 195 1.31 -43.42 22.01
CA GLN D 195 0.77 -44.09 20.84
C GLN D 195 0.74 -45.59 21.10
N LEU D 196 0.67 -46.38 20.02
CA LEU D 196 0.56 -47.84 20.03
C LEU D 196 -0.68 -48.32 20.78
N PHE D 197 -1.73 -47.49 20.79
CA PHE D 197 -3.03 -47.90 21.31
C PHE D 197 -3.90 -48.46 20.19
N GLN D 198 -4.22 -47.64 19.18
CA GLN D 198 -5.06 -48.10 18.08
C GLN D 198 -4.25 -48.88 17.06
N GLN D 199 -3.03 -48.42 16.78
CA GLN D 199 -2.14 -49.05 15.82
C GLN D 199 -0.98 -49.66 16.58
N PRO D 200 -1.06 -50.95 16.92
CA PRO D 200 0.05 -51.57 17.66
C PRO D 200 1.31 -51.73 16.82
N HIS D 201 1.17 -51.87 15.51
CA HIS D 201 2.31 -51.89 14.61
C HIS D 201 2.07 -51.16 13.30
N ASP D 202 0.93 -50.48 13.14
CA ASP D 202 0.43 -50.20 11.80
C ASP D 202 0.72 -48.78 11.31
N GLY D 203 0.27 -47.77 12.04
CA GLY D 203 -0.04 -46.54 11.35
C GLY D 203 0.46 -45.19 11.84
N VAL D 204 -0.49 -44.26 12.01
CA VAL D 204 -0.23 -42.83 11.95
C VAL D 204 -0.46 -42.23 13.33
N THR D 205 0.15 -41.06 13.55
CA THR D 205 -0.12 -40.31 14.78
C THR D 205 -1.45 -39.57 14.68
N GLY D 206 -1.52 -38.57 13.80
CA GLY D 206 -2.62 -37.63 13.80
C GLY D 206 -3.82 -38.12 13.03
N VAL D 207 -4.42 -37.19 12.28
CA VAL D 207 -5.58 -37.49 11.46
C VAL D 207 -5.12 -38.24 10.21
N ASN D 208 -5.90 -39.24 9.81
CA ASN D 208 -5.51 -40.12 8.71
C ASN D 208 -5.68 -39.47 7.35
N THR D 209 -5.09 -40.14 6.37
CA THR D 209 -5.46 -40.06 4.96
C THR D 209 -6.03 -41.35 4.45
N GLY D 210 -5.57 -42.49 4.95
CA GLY D 210 -6.14 -43.75 4.57
C GLY D 210 -5.58 -44.33 3.29
N TYR D 211 -4.26 -44.34 3.15
CA TYR D 211 -3.61 -44.95 2.01
C TYR D 211 -2.37 -45.69 2.47
N ASP D 212 -1.99 -46.75 1.74
CA ASP D 212 -0.78 -47.49 2.05
C ASP D 212 0.47 -46.73 1.64
N ASP D 213 0.31 -45.64 0.90
CA ASP D 213 1.45 -44.94 0.34
C ASP D 213 1.70 -43.62 1.05
N LEU D 214 0.64 -42.86 1.35
CA LEU D 214 0.83 -41.52 1.88
C LEU D 214 1.20 -41.52 3.34
N ASN D 215 0.94 -42.60 4.05
CA ASN D 215 1.18 -42.57 5.49
C ASN D 215 2.62 -42.91 5.85
N LYS D 216 3.52 -42.98 4.88
CA LYS D 216 4.92 -43.16 5.19
C LYS D 216 5.79 -42.00 4.76
N LYS D 217 5.20 -41.00 4.09
CA LYS D 217 5.85 -39.71 3.89
C LYS D 217 5.38 -38.69 4.91
N THR D 218 4.07 -38.48 5.02
CA THR D 218 3.56 -37.52 5.98
C THR D 218 3.34 -38.13 7.34
N ALA D 219 3.22 -39.46 7.41
CA ALA D 219 2.79 -40.20 8.60
C ALA D 219 1.48 -39.63 9.15
N GLY D 220 0.46 -39.62 8.30
CA GLY D 220 -0.78 -38.95 8.61
C GLY D 220 -0.62 -37.45 8.51
N LEU D 221 -1.71 -36.74 8.70
CA LEU D 221 -1.65 -35.29 8.67
C LEU D 221 -1.41 -34.76 10.07
N GLN D 222 -0.45 -33.89 10.21
CA GLN D 222 -0.02 -33.52 11.55
C GLN D 222 -1.01 -32.56 12.18
N PRO D 223 -1.28 -32.71 13.47
CA PRO D 223 -2.44 -32.04 14.08
C PRO D 223 -2.25 -30.56 14.37
N SER D 224 -1.28 -29.88 13.79
CA SER D 224 -1.38 -28.43 13.75
C SER D 224 -0.84 -27.84 12.45
N ASP D 225 -0.59 -28.66 11.42
CA ASP D 225 0.12 -28.17 10.24
C ASP D 225 -0.81 -27.38 9.33
N LEU D 226 -0.36 -27.09 8.13
CA LEU D 226 -1.24 -26.50 7.13
C LEU D 226 -0.85 -27.14 5.81
N ILE D 227 -1.43 -28.30 5.52
CA ILE D 227 -1.11 -29.03 4.31
C ILE D 227 -1.74 -28.32 3.13
N ILE D 228 -0.91 -27.88 2.19
CA ILE D 228 -1.37 -27.19 0.98
C ILE D 228 -1.39 -28.20 -0.14
N VAL D 229 -2.55 -28.41 -0.71
CA VAL D 229 -2.67 -29.06 -2.01
C VAL D 229 -2.47 -27.96 -3.04
N ALA D 230 -1.72 -28.25 -4.08
CA ALA D 230 -1.74 -27.39 -5.23
C ALA D 230 -1.69 -28.26 -6.46
N ALA D 231 -2.28 -27.75 -7.53
CA ALA D 231 -2.46 -28.54 -8.74
C ALA D 231 -2.74 -27.61 -9.89
N ARG D 232 -2.34 -28.03 -11.07
CA ARG D 232 -2.80 -27.38 -12.28
C ARG D 232 -4.32 -27.54 -12.38
N PRO D 233 -5.03 -26.53 -12.88
CA PRO D 233 -6.48 -26.40 -12.62
C PRO D 233 -7.30 -27.46 -13.36
N SER D 234 -8.22 -28.08 -12.60
CA SER D 234 -9.07 -29.21 -13.02
C SER D 234 -8.25 -30.39 -13.53
N MET D 235 -7.02 -30.52 -13.06
CA MET D 235 -6.24 -31.74 -13.26
C MET D 235 -6.32 -32.64 -12.04
N GLY D 236 -7.45 -32.65 -11.38
CA GLY D 236 -7.57 -33.45 -10.19
C GLY D 236 -7.25 -32.67 -8.94
N LYS D 237 -7.98 -31.60 -8.69
CA LYS D 237 -7.75 -30.87 -7.45
C LYS D 237 -8.82 -31.11 -6.39
N THR D 238 -10.09 -31.27 -6.77
CA THR D 238 -11.14 -31.61 -5.81
C THR D 238 -11.46 -33.10 -5.84
N THR D 239 -10.95 -33.83 -6.83
CA THR D 239 -10.98 -35.28 -6.74
C THR D 239 -10.14 -35.74 -5.55
N PHE D 240 -9.00 -35.09 -5.33
CA PHE D 240 -8.20 -35.44 -4.17
C PHE D 240 -8.86 -34.98 -2.89
N ALA D 241 -9.05 -33.67 -2.75
CA ALA D 241 -9.42 -33.07 -1.47
C ALA D 241 -10.84 -33.37 -1.02
N MET D 242 -11.58 -34.20 -1.74
CA MET D 242 -12.81 -34.76 -1.22
C MET D 242 -12.68 -36.25 -0.93
N ASN D 243 -11.91 -36.96 -1.76
CA ASN D 243 -11.55 -38.34 -1.47
C ASN D 243 -10.85 -38.45 -0.12
N LEU D 244 -9.96 -37.52 0.17
CA LEU D 244 -9.24 -37.57 1.43
C LEU D 244 -10.16 -37.24 2.59
N VAL D 245 -11.04 -36.26 2.41
CA VAL D 245 -12.02 -35.95 3.45
C VAL D 245 -13.14 -37.00 3.49
N GLU D 246 -13.33 -37.76 2.40
CA GLU D 246 -14.15 -38.97 2.48
C GLU D 246 -13.52 -39.99 3.42
N ASN D 247 -12.24 -40.28 3.20
CA ASN D 247 -11.56 -41.27 4.01
C ASN D 247 -11.30 -40.77 5.43
N ALA D 248 -11.40 -39.48 5.67
CA ALA D 248 -11.20 -38.95 7.01
C ALA D 248 -12.49 -38.47 7.66
N ALA D 249 -13.60 -39.17 7.42
CA ALA D 249 -14.81 -39.00 8.22
C ALA D 249 -15.41 -40.33 8.66
N MET D 250 -15.08 -41.41 8.00
CA MET D 250 -15.30 -42.76 8.48
C MET D 250 -14.20 -43.23 9.42
N LEU D 251 -13.18 -42.41 9.62
CA LEU D 251 -11.98 -42.78 10.38
C LEU D 251 -11.68 -41.87 11.57
N GLN D 252 -12.53 -40.91 11.92
CA GLN D 252 -12.19 -40.02 13.01
C GLN D 252 -13.30 -39.81 14.03
N ASP D 253 -14.56 -39.72 13.58
CA ASP D 253 -15.72 -39.31 14.39
C ASP D 253 -15.51 -37.93 15.04
N LYS D 254 -15.31 -36.92 14.20
CA LYS D 254 -15.15 -35.53 14.61
C LYS D 254 -15.76 -34.67 13.52
N PRO D 255 -16.03 -33.36 13.79
CA PRO D 255 -16.65 -32.54 12.74
C PRO D 255 -15.71 -32.16 11.61
N VAL D 256 -15.59 -33.02 10.60
CA VAL D 256 -14.64 -32.81 9.52
C VAL D 256 -15.21 -31.85 8.49
N LEU D 257 -14.95 -30.57 8.67
CA LEU D 257 -15.60 -29.48 7.93
C LEU D 257 -15.12 -29.44 6.49
N ILE D 258 -15.87 -28.75 5.63
CA ILE D 258 -15.47 -28.42 4.26
C ILE D 258 -15.87 -26.97 4.01
N PHE D 259 -15.00 -26.21 3.37
CA PHE D 259 -15.39 -24.96 2.71
C PHE D 259 -15.22 -25.13 1.21
N SER D 260 -16.25 -25.61 0.55
CA SER D 260 -16.23 -25.62 -0.90
C SER D 260 -16.59 -24.24 -1.41
N LEU D 261 -15.60 -23.44 -1.77
CA LEU D 261 -15.88 -22.15 -2.36
C LEU D 261 -16.16 -22.21 -3.85
N GLU D 262 -15.78 -23.30 -4.50
CA GLU D 262 -15.90 -23.36 -5.94
C GLU D 262 -17.19 -24.07 -6.36
N MET D 263 -17.44 -25.26 -5.83
CA MET D 263 -18.60 -26.07 -6.21
C MET D 263 -19.81 -25.69 -5.36
N PRO D 264 -21.03 -25.99 -5.80
CA PRO D 264 -22.19 -25.82 -4.94
C PRO D 264 -22.48 -27.11 -4.18
N SER D 265 -23.27 -26.96 -3.10
CA SER D 265 -23.52 -28.04 -2.13
C SER D 265 -24.13 -29.27 -2.76
N GLU D 266 -25.06 -29.07 -3.69
CA GLU D 266 -25.69 -30.17 -4.40
C GLU D 266 -24.69 -30.91 -5.28
N GLN D 267 -23.64 -30.21 -5.73
CA GLN D 267 -22.68 -30.81 -6.64
C GLN D 267 -21.49 -31.41 -5.91
N ILE D 268 -21.31 -31.13 -4.62
CA ILE D 268 -20.27 -31.82 -3.87
C ILE D 268 -20.64 -33.28 -3.72
N MET D 269 -21.87 -33.51 -3.25
CA MET D 269 -22.32 -34.85 -2.91
C MET D 269 -22.47 -35.72 -4.13
N MET D 270 -22.78 -35.13 -5.27
CA MET D 270 -22.90 -35.91 -6.49
C MET D 270 -21.55 -36.24 -7.12
N ARG D 271 -20.46 -36.18 -6.36
CA ARG D 271 -19.28 -37.00 -6.57
C ARG D 271 -18.95 -37.89 -5.38
N SER D 272 -19.21 -37.41 -4.15
CA SER D 272 -18.85 -38.19 -2.97
C SER D 272 -19.74 -39.41 -2.83
N LEU D 273 -21.01 -39.29 -3.22
CA LEU D 273 -21.89 -40.45 -3.25
C LEU D 273 -21.48 -41.40 -4.34
N ALA D 274 -20.78 -40.91 -5.35
CA ALA D 274 -20.17 -41.83 -6.29
C ALA D 274 -18.82 -42.34 -5.81
N SER D 275 -18.33 -41.88 -4.65
CA SER D 275 -17.01 -42.29 -4.16
C SER D 275 -17.06 -43.08 -2.87
N LEU D 276 -17.88 -42.63 -1.92
CA LEU D 276 -18.20 -43.47 -0.77
C LEU D 276 -18.80 -44.78 -1.22
N SER D 277 -19.74 -44.72 -2.15
CA SER D 277 -20.44 -45.91 -2.57
C SER D 277 -19.77 -46.61 -3.73
N ARG D 278 -18.95 -45.91 -4.51
CA ARG D 278 -18.36 -46.38 -5.76
C ARG D 278 -19.41 -46.78 -6.80
N VAL D 279 -20.57 -46.13 -6.82
CA VAL D 279 -21.42 -46.18 -8.02
C VAL D 279 -20.76 -45.31 -9.08
N ASP D 280 -20.97 -45.66 -10.35
CA ASP D 280 -20.37 -44.83 -11.38
C ASP D 280 -21.20 -43.57 -11.59
N GLN D 281 -20.52 -42.49 -12.00
CA GLN D 281 -21.16 -41.18 -12.08
C GLN D 281 -22.23 -41.11 -13.17
N THR D 282 -22.18 -41.98 -14.17
CA THR D 282 -23.24 -42.03 -15.18
C THR D 282 -24.57 -42.49 -14.58
N LYS D 283 -24.55 -43.16 -13.44
CA LYS D 283 -25.76 -43.51 -12.73
C LYS D 283 -26.32 -42.37 -11.91
N ILE D 284 -25.56 -41.29 -11.75
CA ILE D 284 -26.03 -40.11 -11.03
C ILE D 284 -25.99 -38.87 -11.89
N ARG D 285 -25.32 -38.91 -13.04
CA ARG D 285 -25.35 -37.79 -13.97
C ARG D 285 -26.74 -37.63 -14.56
N THR D 286 -27.19 -38.63 -15.30
CA THR D 286 -28.55 -38.67 -15.82
C THR D 286 -29.46 -39.24 -14.74
N GLY D 287 -30.66 -39.66 -15.14
CA GLY D 287 -31.49 -40.42 -14.24
C GLY D 287 -30.85 -41.75 -13.90
N GLN D 288 -31.13 -42.20 -12.67
CA GLN D 288 -30.59 -43.46 -12.18
C GLN D 288 -31.11 -44.61 -13.03
N LEU D 289 -30.17 -45.39 -13.56
CA LEU D 289 -30.48 -46.41 -14.54
C LEU D 289 -30.03 -47.77 -14.05
N ASP D 290 -30.30 -48.05 -12.77
CA ASP D 290 -30.11 -49.36 -12.17
C ASP D 290 -30.89 -49.42 -10.87
N ASP D 291 -31.45 -50.60 -10.57
CA ASP D 291 -32.04 -50.87 -9.26
C ASP D 291 -31.27 -51.91 -8.46
N GLU D 292 -30.16 -52.41 -8.99
CA GLU D 292 -29.22 -53.12 -8.13
C GLU D 292 -28.45 -52.15 -7.25
N ASP D 293 -27.99 -51.04 -7.83
CA ASP D 293 -27.05 -50.17 -7.13
C ASP D 293 -27.74 -49.26 -6.14
N TRP D 294 -29.07 -49.28 -6.09
CA TRP D 294 -29.80 -48.42 -5.16
C TRP D 294 -29.53 -48.81 -3.72
N ALA D 295 -29.31 -50.09 -3.46
CA ALA D 295 -28.84 -50.52 -2.15
C ALA D 295 -27.42 -50.05 -1.90
N ARG D 296 -26.59 -50.04 -2.95
CA ARG D 296 -25.24 -49.50 -2.83
C ARG D 296 -25.29 -47.99 -2.58
N ILE D 297 -26.33 -47.35 -3.11
CA ILE D 297 -26.60 -45.96 -2.77
C ILE D 297 -27.13 -45.85 -1.35
N SER D 298 -28.22 -46.56 -1.06
CA SER D 298 -28.93 -46.34 0.19
C SER D 298 -28.18 -46.84 1.40
N GLY D 299 -27.26 -47.80 1.21
CA GLY D 299 -26.40 -48.23 2.30
C GLY D 299 -25.47 -47.13 2.73
N THR D 300 -24.73 -46.56 1.77
CA THR D 300 -23.80 -45.50 2.10
C THR D 300 -24.49 -44.18 2.40
N MET D 301 -25.74 -44.02 1.98
CA MET D 301 -26.54 -42.94 2.50
C MET D 301 -26.80 -43.14 3.99
N GLY D 302 -27.06 -44.39 4.38
CA GLY D 302 -27.30 -44.68 5.78
C GLY D 302 -26.03 -44.64 6.61
N ILE D 303 -24.90 -45.04 6.00
CA ILE D 303 -23.60 -44.92 6.66
C ILE D 303 -23.29 -43.46 6.92
N LEU D 304 -23.59 -42.61 5.94
CA LEU D 304 -23.32 -41.19 6.07
C LEU D 304 -24.29 -40.50 7.00
N LEU D 305 -25.39 -41.14 7.39
CA LEU D 305 -26.18 -40.62 8.49
C LEU D 305 -26.06 -41.50 9.73
N GLU D 306 -25.39 -42.65 9.62
CA GLU D 306 -24.89 -43.32 10.82
C GLU D 306 -23.86 -42.47 11.53
N LYS D 307 -22.92 -41.91 10.77
CA LYS D 307 -21.98 -40.94 11.32
C LYS D 307 -22.27 -39.56 10.71
N ARG D 308 -22.64 -38.61 11.55
CA ARG D 308 -22.91 -37.25 11.13
C ARG D 308 -21.63 -36.42 11.14
N ASN D 309 -20.64 -36.89 10.37
CA ASN D 309 -19.31 -36.30 10.47
C ASN D 309 -19.10 -35.16 9.49
N ILE D 310 -19.27 -35.41 8.19
CA ILE D 310 -18.91 -34.43 7.17
C ILE D 310 -19.82 -33.21 7.28
N TYR D 311 -19.22 -32.04 7.33
CA TYR D 311 -19.94 -30.80 7.21
C TYR D 311 -19.60 -30.17 5.88
N ILE D 312 -20.41 -29.20 5.47
CA ILE D 312 -20.22 -28.47 4.21
C ILE D 312 -20.71 -27.05 4.42
N ASP D 313 -19.96 -26.09 3.89
CA ASP D 313 -20.53 -24.77 3.68
C ASP D 313 -19.96 -24.20 2.40
N ASP D 314 -20.82 -23.58 1.59
CA ASP D 314 -20.48 -23.26 0.21
C ASP D 314 -20.46 -21.76 -0.01
N SER D 315 -19.83 -21.02 0.89
CA SER D 315 -19.71 -19.59 0.72
C SER D 315 -18.81 -19.27 -0.48
N SER D 316 -18.93 -18.05 -0.98
CA SER D 316 -18.04 -17.65 -2.07
C SER D 316 -17.52 -16.23 -1.92
N GLY D 317 -17.86 -15.54 -0.83
CA GLY D 317 -17.37 -14.20 -0.57
C GLY D 317 -16.56 -14.20 0.71
N LEU D 318 -15.67 -15.18 0.84
CA LEU D 318 -15.02 -15.47 2.10
C LEU D 318 -13.78 -14.59 2.30
N THR D 319 -13.89 -13.65 3.21
CA THR D 319 -12.66 -13.10 3.75
C THR D 319 -12.01 -14.15 4.64
N PRO D 320 -10.70 -14.13 4.77
CA PRO D 320 -10.06 -15.05 5.72
C PRO D 320 -10.16 -14.61 7.17
N THR D 321 -10.95 -13.59 7.45
CA THR D 321 -11.30 -13.24 8.82
C THR D 321 -12.68 -13.80 9.19
N GLU D 322 -13.58 -13.88 8.22
CA GLU D 322 -14.86 -14.55 8.43
C GLU D 322 -14.80 -16.06 8.28
N VAL D 323 -13.65 -16.62 7.90
CA VAL D 323 -13.50 -18.08 8.02
C VAL D 323 -13.52 -18.47 9.48
N ARG D 324 -12.80 -17.71 10.30
CA ARG D 324 -12.66 -18.03 11.72
C ARG D 324 -14.01 -17.96 12.43
N SER D 325 -14.92 -17.13 11.96
CA SER D 325 -16.25 -17.08 12.57
C SER D 325 -17.19 -18.14 12.02
N ARG D 326 -16.73 -19.02 11.12
CA ARG D 326 -17.45 -20.27 10.91
C ARG D 326 -16.76 -21.41 11.63
N ALA D 327 -15.47 -21.60 11.37
CA ALA D 327 -14.81 -22.83 11.78
C ALA D 327 -14.52 -22.85 13.28
N ARG D 328 -14.88 -21.79 13.99
CA ARG D 328 -14.89 -21.90 15.44
C ARG D 328 -16.29 -22.16 15.97
N ARG D 329 -17.32 -21.82 15.20
CA ARG D 329 -18.68 -22.18 15.58
C ARG D 329 -19.09 -23.55 15.07
N ILE D 330 -18.13 -24.36 14.66
CA ILE D 330 -18.39 -25.77 14.44
C ILE D 330 -17.63 -26.58 15.48
N ALA D 331 -16.37 -26.24 15.69
CA ALA D 331 -15.55 -26.95 16.66
C ALA D 331 -15.85 -26.56 18.09
N ARG D 332 -16.81 -25.66 18.33
CA ARG D 332 -17.18 -25.39 19.72
C ARG D 332 -18.52 -26.06 20.08
N GLU D 333 -19.51 -25.94 19.21
CA GLU D 333 -20.84 -26.52 19.44
C GLU D 333 -20.90 -28.01 19.19
N HIS D 334 -19.79 -28.65 18.87
CA HIS D 334 -19.72 -30.03 18.45
C HIS D 334 -18.40 -30.59 18.96
N GLY D 335 -17.90 -31.64 18.33
CA GLY D 335 -16.59 -32.16 18.66
C GLY D 335 -15.41 -31.25 18.33
N GLY D 336 -14.23 -31.81 18.21
CA GLY D 336 -13.01 -31.04 18.27
C GLY D 336 -12.47 -30.73 16.88
N ILE D 337 -11.42 -31.45 16.52
CA ILE D 337 -10.46 -31.04 15.49
C ILE D 337 -11.04 -31.11 14.09
N GLY D 338 -11.36 -32.32 13.66
CA GLY D 338 -11.76 -32.46 12.28
C GLY D 338 -10.61 -32.22 11.34
N LEU D 339 -10.95 -31.66 10.18
CA LEU D 339 -9.99 -31.37 9.13
C LEU D 339 -10.59 -30.23 8.32
N ILE D 340 -10.24 -29.00 8.66
CA ILE D 340 -10.90 -27.83 8.13
C ILE D 340 -10.40 -27.61 6.70
N MET D 341 -11.05 -28.23 5.74
CA MET D 341 -10.66 -28.08 4.35
C MET D 341 -11.25 -26.80 3.79
N ILE D 342 -10.45 -26.09 2.99
CA ILE D 342 -10.92 -24.92 2.27
C ILE D 342 -10.54 -25.07 0.81
N ASP D 343 -11.54 -25.14 -0.05
CA ASP D 343 -11.30 -25.31 -1.47
C ASP D 343 -10.94 -23.97 -2.11
N TYR D 344 -9.79 -23.95 -2.79
CA TYR D 344 -9.50 -23.04 -3.89
C TYR D 344 -9.45 -21.58 -3.43
N LEU D 345 -8.37 -21.27 -2.69
CA LEU D 345 -8.34 -20.11 -1.81
C LEU D 345 -8.17 -18.78 -2.55
N GLN D 346 -7.86 -18.79 -3.86
CA GLN D 346 -7.89 -17.54 -4.61
C GLN D 346 -9.30 -16.95 -4.70
N LEU D 347 -10.31 -17.81 -4.73
CA LEU D 347 -11.68 -17.37 -4.63
C LEU D 347 -11.99 -16.70 -3.29
N MET D 348 -11.21 -16.97 -2.25
CA MET D 348 -11.28 -16.16 -1.04
C MET D 348 -10.67 -14.84 -1.41
N ARG D 349 -11.36 -13.77 -1.06
CA ARG D 349 -10.85 -12.45 -1.36
C ARG D 349 -10.64 -11.69 -0.08
N VAL D 350 -9.61 -10.84 -0.07
CA VAL D 350 -9.37 -9.91 1.02
C VAL D 350 -9.65 -8.53 0.46
N PRO D 351 -10.61 -7.80 0.99
CA PRO D 351 -10.93 -6.51 0.40
C PRO D 351 -10.10 -5.38 0.98
N ALA D 352 -9.20 -5.72 1.89
CA ALA D 352 -8.38 -4.69 2.55
C ALA D 352 -7.36 -4.12 1.59
N LEU D 353 -6.74 -4.98 0.81
CA LEU D 353 -5.65 -4.55 -0.04
C LEU D 353 -6.17 -4.14 -1.40
N SER D 354 -6.88 -5.06 -2.08
CA SER D 354 -7.27 -4.93 -3.49
C SER D 354 -6.07 -4.54 -4.33
N ASP D 355 -5.04 -5.38 -4.22
CA ASP D 355 -3.68 -5.02 -4.58
C ASP D 355 -3.16 -6.16 -5.44
N ASN D 356 -1.84 -6.19 -5.63
CA ASN D 356 -1.20 -7.36 -6.20
C ASN D 356 -1.45 -8.57 -5.30
N ARG D 357 -1.46 -9.75 -5.92
CA ARG D 357 -1.65 -10.97 -5.16
C ARG D 357 -0.49 -11.25 -4.21
N THR D 358 0.66 -10.61 -4.41
CA THR D 358 1.77 -10.75 -3.48
C THR D 358 1.53 -10.09 -2.12
N LEU D 359 0.37 -9.49 -1.89
CA LEU D 359 -0.05 -9.11 -0.55
C LEU D 359 -1.37 -9.72 -0.12
N GLU D 360 -2.33 -9.91 -1.03
CA GLU D 360 -3.58 -10.56 -0.65
C GLU D 360 -3.40 -12.03 -0.33
N ILE D 361 -2.37 -12.69 -0.84
CA ILE D 361 -2.04 -14.02 -0.33
C ILE D 361 -1.46 -13.91 1.07
N ALA D 362 -0.77 -12.81 1.38
CA ALA D 362 -0.02 -12.73 2.63
C ALA D 362 -0.92 -12.57 3.84
N GLU D 363 -2.17 -12.14 3.64
CA GLU D 363 -3.09 -12.23 4.75
C GLU D 363 -3.63 -13.66 4.92
N ILE D 364 -3.73 -14.41 3.83
CA ILE D 364 -4.19 -15.79 3.94
C ILE D 364 -3.07 -16.69 4.43
N SER D 365 -1.82 -16.33 4.15
CA SER D 365 -0.70 -17.06 4.71
C SER D 365 -0.61 -16.82 6.21
N ARG D 366 -0.93 -15.61 6.65
CA ARG D 366 -0.89 -15.25 8.05
C ARG D 366 -2.23 -15.40 8.76
N SER D 367 -3.24 -16.01 8.16
CA SER D 367 -4.44 -16.28 8.93
C SER D 367 -4.81 -17.74 8.95
N LEU D 368 -4.51 -18.48 7.89
CA LEU D 368 -4.72 -19.91 7.91
C LEU D 368 -3.72 -20.58 8.84
N LYS D 369 -2.55 -19.99 8.98
CA LYS D 369 -1.57 -20.47 9.95
C LYS D 369 -1.85 -19.85 11.32
N ALA D 370 -2.88 -19.02 11.43
CA ALA D 370 -3.39 -18.63 12.73
C ALA D 370 -4.74 -19.25 13.06
N LEU D 371 -5.18 -20.21 12.25
CA LEU D 371 -6.34 -21.04 12.56
C LEU D 371 -5.93 -22.47 12.78
N ALA D 372 -4.79 -22.88 12.22
CA ALA D 372 -4.22 -24.19 12.46
C ALA D 372 -3.40 -24.25 13.73
N LYS D 373 -3.49 -23.23 14.55
CA LYS D 373 -2.80 -23.21 15.84
C LYS D 373 -3.63 -22.66 16.97
N GLU D 374 -4.88 -22.29 16.73
CA GLU D 374 -5.83 -22.24 17.83
C GLU D 374 -6.46 -23.60 18.06
N LEU D 375 -7.06 -24.15 17.02
CA LEU D 375 -7.91 -25.32 17.14
C LEU D 375 -7.16 -26.61 16.94
N ASN D 376 -5.86 -26.53 16.63
CA ASN D 376 -4.99 -27.68 16.32
C ASN D 376 -5.57 -28.54 15.21
N VAL D 377 -5.72 -27.93 14.04
CA VAL D 377 -6.51 -28.50 12.95
C VAL D 377 -5.74 -28.50 11.64
N PRO D 378 -5.63 -29.61 10.96
CA PRO D 378 -4.86 -29.66 9.71
C PRO D 378 -5.59 -29.07 8.50
N VAL D 379 -5.49 -27.76 8.33
CA VAL D 379 -6.22 -27.03 7.30
C VAL D 379 -5.69 -27.43 5.93
N VAL D 380 -6.50 -28.19 5.19
CA VAL D 380 -6.12 -28.65 3.87
C VAL D 380 -6.62 -27.60 2.89
N ALA D 381 -5.82 -26.59 2.61
CA ALA D 381 -6.24 -25.61 1.62
C ALA D 381 -5.73 -26.02 0.24
N LEU D 382 -6.23 -25.32 -0.77
CA LEU D 382 -6.00 -25.68 -2.15
C LEU D 382 -5.64 -24.43 -2.94
N SER D 383 -4.66 -24.56 -3.83
CA SER D 383 -4.33 -23.47 -4.72
C SER D 383 -4.02 -24.02 -6.09
N GLN D 384 -3.65 -23.12 -6.99
CA GLN D 384 -3.18 -23.48 -8.31
C GLN D 384 -1.99 -22.64 -8.68
N LEU D 385 -1.44 -22.93 -9.84
CA LEU D 385 -0.17 -22.40 -10.27
C LEU D 385 -0.37 -21.51 -11.49
N ASN D 386 0.66 -20.75 -11.83
CA ASN D 386 0.57 -19.79 -12.91
C ASN D 386 0.82 -20.47 -14.23
N ARG D 387 0.35 -19.82 -15.29
CA ARG D 387 0.26 -20.44 -16.60
C ARG D 387 1.61 -20.60 -17.27
N SER D 388 2.66 -19.98 -16.74
CA SER D 388 3.98 -20.13 -17.33
C SER D 388 4.58 -21.51 -17.07
N LEU D 389 3.96 -22.31 -16.20
CA LEU D 389 4.28 -23.72 -16.12
C LEU D 389 4.00 -24.42 -17.42
N GLU D 390 2.95 -24.01 -18.14
CA GLU D 390 2.57 -24.68 -19.37
C GLU D 390 3.59 -24.56 -20.49
N GLN D 391 4.64 -23.74 -20.31
CA GLN D 391 5.74 -23.73 -21.26
C GLN D 391 7.02 -24.35 -20.72
N ARG D 392 7.09 -24.66 -19.44
CA ARG D 392 8.27 -25.35 -18.95
C ARG D 392 8.23 -26.81 -19.35
N ALA D 393 9.30 -27.26 -20.00
CA ALA D 393 9.32 -28.61 -20.59
C ALA D 393 9.34 -29.70 -19.55
N ASP D 394 9.67 -29.35 -18.31
CA ASP D 394 9.37 -30.19 -17.17
C ASP D 394 8.20 -29.54 -16.47
N LYS D 395 7.00 -29.95 -16.83
CA LYS D 395 5.77 -29.34 -16.34
C LYS D 395 5.49 -29.65 -14.88
N ARG D 396 6.26 -30.53 -14.25
CA ARG D 396 5.96 -30.93 -12.88
C ARG D 396 6.23 -29.77 -11.94
N PRO D 397 5.29 -29.41 -11.07
CA PRO D 397 5.43 -28.18 -10.29
C PRO D 397 6.53 -28.30 -9.26
N VAL D 398 7.27 -27.22 -9.13
CA VAL D 398 8.22 -27.04 -8.06
C VAL D 398 7.85 -25.77 -7.33
N ASN D 399 8.63 -25.43 -6.30
CA ASN D 399 8.31 -24.26 -5.49
C ASN D 399 8.45 -22.97 -6.27
N SER D 400 9.28 -22.95 -7.32
CA SER D 400 9.51 -21.75 -8.11
C SER D 400 8.47 -21.54 -9.20
N ASP D 401 7.27 -22.09 -9.03
CA ASP D 401 6.17 -21.92 -9.96
C ASP D 401 4.92 -21.43 -9.23
N LEU D 402 5.09 -20.88 -8.04
CA LEU D 402 4.02 -20.19 -7.34
C LEU D 402 4.26 -18.70 -7.34
N ARG D 403 4.68 -18.16 -8.49
CA ARG D 403 5.10 -16.77 -8.59
C ARG D 403 3.95 -15.79 -8.37
N GLU D 404 2.72 -16.21 -8.66
CA GLU D 404 1.55 -15.39 -8.36
C GLU D 404 1.38 -15.20 -6.86
N SER D 405 1.87 -16.14 -6.06
CA SER D 405 1.44 -16.24 -4.67
C SER D 405 2.15 -15.25 -3.77
N GLY D 406 3.46 -15.42 -3.60
CA GLY D 406 4.14 -14.70 -2.55
C GLY D 406 4.53 -15.56 -1.35
N SER D 407 3.77 -15.46 -0.27
CA SER D 407 4.18 -15.98 1.02
C SER D 407 3.70 -17.39 1.32
N ILE D 408 2.85 -17.97 0.47
CA ILE D 408 2.32 -19.30 0.74
C ILE D 408 3.37 -20.39 0.53
N GLU D 409 4.49 -20.07 -0.11
CA GLU D 409 5.59 -21.01 -0.24
C GLU D 409 6.31 -21.25 1.07
N GLN D 410 6.04 -20.45 2.09
CA GLN D 410 6.81 -20.53 3.33
C GLN D 410 5.93 -20.93 4.51
N ASP D 411 4.76 -20.32 4.64
CA ASP D 411 3.85 -20.57 5.76
C ASP D 411 3.23 -21.96 5.75
N ALA D 412 3.19 -22.64 4.62
CA ALA D 412 2.62 -23.96 4.56
C ALA D 412 3.53 -24.96 5.25
N ASP D 413 2.98 -26.10 5.62
CA ASP D 413 3.81 -27.12 6.25
C ASP D 413 3.90 -28.39 5.44
N LEU D 414 2.99 -28.60 4.51
CA LEU D 414 3.04 -29.74 3.60
C LEU D 414 2.48 -29.32 2.27
N ILE D 415 3.33 -29.34 1.25
CA ILE D 415 2.97 -28.83 -0.04
C ILE D 415 2.99 -29.99 -1.02
N MET D 416 1.84 -30.32 -1.55
CA MET D 416 1.68 -31.42 -2.49
C MET D 416 1.36 -30.84 -3.84
N PHE D 417 2.15 -31.18 -4.83
CA PHE D 417 1.90 -30.71 -6.17
C PHE D 417 1.39 -31.85 -7.03
N ILE D 418 0.19 -31.67 -7.63
CA ILE D 418 -0.43 -32.78 -8.34
C ILE D 418 -0.24 -32.65 -9.83
N TYR D 419 0.79 -33.29 -10.36
CA TYR D 419 0.84 -33.47 -11.80
C TYR D 419 -0.16 -34.54 -12.20
N ARG D 420 -0.41 -34.65 -13.51
CA ARG D 420 -1.15 -35.77 -14.07
C ARG D 420 -0.79 -35.84 -15.55
N ASP D 421 -0.25 -36.97 -16.00
CA ASP D 421 0.38 -37.00 -17.31
C ASP D 421 -0.66 -37.06 -18.42
N GLU D 422 -1.74 -37.80 -18.22
CA GLU D 422 -2.72 -38.00 -19.29
C GLU D 422 -3.61 -36.79 -19.53
N VAL D 423 -3.53 -35.77 -18.70
CA VAL D 423 -4.28 -34.56 -19.01
C VAL D 423 -3.39 -33.55 -19.73
N TYR D 424 -2.08 -33.76 -19.73
CA TYR D 424 -1.16 -32.94 -20.51
C TYR D 424 -0.47 -33.74 -21.58
N HIS D 425 -0.86 -35.00 -21.76
CA HIS D 425 -0.31 -35.82 -22.83
C HIS D 425 -1.32 -36.92 -23.14
N GLU D 426 -1.04 -37.66 -24.18
CA GLU D 426 -1.85 -38.80 -24.57
C GLU D 426 -1.01 -40.01 -24.93
N ASN D 427 0.32 -39.89 -24.87
CA ASN D 427 1.22 -41.03 -24.83
C ASN D 427 1.49 -41.49 -23.42
N SER D 428 0.58 -41.22 -22.50
CA SER D 428 0.86 -41.43 -21.09
C SER D 428 0.77 -42.89 -20.74
N ASP D 429 1.88 -43.43 -20.24
CA ASP D 429 1.88 -44.68 -19.50
C ASP D 429 1.37 -44.51 -18.09
N LEU D 430 1.14 -43.26 -17.67
CA LEU D 430 0.55 -42.92 -16.37
C LEU D 430 -0.95 -42.78 -16.47
N LYS D 431 -1.56 -43.59 -17.34
CA LYS D 431 -3.01 -43.64 -17.54
C LYS D 431 -3.71 -43.93 -16.23
N GLY D 432 -4.41 -42.93 -15.71
CA GLY D 432 -5.00 -43.05 -14.40
C GLY D 432 -3.99 -43.16 -13.28
N ILE D 433 -2.80 -42.62 -13.48
CA ILE D 433 -1.84 -42.64 -12.38
C ILE D 433 -1.54 -41.19 -12.01
N ALA D 434 -2.35 -40.64 -11.12
CA ALA D 434 -2.05 -39.32 -10.59
C ALA D 434 -0.90 -39.44 -9.61
N GLU D 435 0.06 -38.55 -9.75
CA GLU D 435 1.23 -38.56 -8.88
C GLU D 435 1.17 -37.35 -7.98
N ILE D 436 1.76 -37.47 -6.81
CA ILE D 436 1.76 -36.40 -5.84
C ILE D 436 3.21 -36.07 -5.54
N ILE D 437 3.68 -34.93 -6.03
CA ILE D 437 5.01 -34.43 -5.74
C ILE D 437 4.93 -33.64 -4.45
N ILE D 438 5.72 -34.03 -3.45
CA ILE D 438 5.76 -33.33 -2.18
C ILE D 438 6.82 -32.24 -2.29
N GLY D 439 6.40 -31.01 -2.53
CA GLY D 439 7.33 -29.92 -2.78
C GLY D 439 8.03 -29.46 -1.53
N LYS D 440 7.29 -28.85 -0.62
CA LYS D 440 7.83 -28.58 0.69
C LYS D 440 7.56 -29.77 1.58
N GLN D 441 8.47 -30.01 2.51
CA GLN D 441 8.18 -30.93 3.58
C GLN D 441 8.91 -30.43 4.82
N ARG D 442 8.16 -30.21 5.89
CA ARG D 442 8.80 -29.73 7.11
C ARG D 442 9.51 -30.86 7.85
N ASN D 443 8.77 -31.89 8.24
CA ASN D 443 9.25 -32.83 9.25
C ASN D 443 9.41 -34.22 8.65
N GLY D 444 10.05 -34.30 7.48
CA GLY D 444 10.27 -35.57 6.86
C GLY D 444 11.09 -35.45 5.59
N PRO D 445 11.14 -36.50 4.82
CA PRO D 445 11.78 -36.38 3.50
C PRO D 445 10.78 -35.94 2.46
N ILE D 446 11.22 -35.79 1.23
CA ILE D 446 10.37 -35.42 0.13
C ILE D 446 10.22 -36.63 -0.78
N GLY D 447 9.42 -36.49 -1.83
CA GLY D 447 9.32 -37.59 -2.76
C GLY D 447 8.06 -37.62 -3.60
N THR D 448 7.67 -38.83 -4.00
CA THR D 448 6.59 -39.01 -4.96
C THR D 448 5.66 -40.11 -4.46
N VAL D 449 4.47 -39.72 -4.02
CA VAL D 449 3.47 -40.68 -3.57
C VAL D 449 2.54 -40.93 -4.74
N ARG D 450 2.85 -41.92 -5.57
CA ARG D 450 2.09 -42.15 -6.78
C ARG D 450 0.81 -42.88 -6.44
N LEU D 451 -0.32 -42.34 -6.91
CA LEU D 451 -1.60 -42.97 -6.63
C LEU D 451 -2.26 -43.41 -7.94
N THR D 452 -3.37 -44.14 -7.83
CA THR D 452 -4.11 -44.60 -9.01
C THR D 452 -5.34 -43.72 -9.17
N PHE D 453 -5.34 -42.91 -10.22
CA PHE D 453 -6.48 -42.05 -10.53
C PHE D 453 -7.59 -42.92 -11.08
N ASN D 454 -8.62 -43.12 -10.27
CA ASN D 454 -9.82 -43.81 -10.72
C ASN D 454 -11.03 -42.92 -10.49
N GLY D 455 -10.93 -41.67 -10.96
CA GLY D 455 -11.94 -40.66 -10.80
C GLY D 455 -13.19 -40.83 -11.62
N GLN D 456 -13.31 -41.97 -12.32
CA GLN D 456 -14.61 -42.48 -12.75
C GLN D 456 -15.63 -42.42 -11.62
N TRP D 457 -15.22 -42.82 -10.42
CA TRP D 457 -16.03 -42.82 -9.23
C TRP D 457 -15.60 -41.71 -8.29
N SER D 458 -14.84 -40.73 -8.80
CA SER D 458 -14.12 -39.73 -8.00
C SER D 458 -13.18 -40.38 -6.99
N ARG D 459 -12.36 -41.32 -7.46
CA ARG D 459 -11.51 -42.10 -6.59
C ARG D 459 -10.05 -41.85 -6.90
N PHE D 460 -9.23 -41.96 -5.86
CA PHE D 460 -7.78 -42.10 -5.98
C PHE D 460 -7.38 -43.37 -5.27
N ASP D 461 -7.22 -44.45 -6.01
CA ASP D 461 -6.77 -45.70 -5.45
C ASP D 461 -5.24 -45.70 -5.38
N ASN D 462 -4.68 -46.80 -4.89
CA ASN D 462 -3.26 -46.82 -4.60
C ASN D 462 -2.50 -47.58 -5.66
N TYR D 463 -1.29 -47.11 -5.98
CA TYR D 463 -0.53 -47.66 -7.08
C TYR D 463 0.07 -49.03 -6.77
N ALA D 464 0.08 -49.45 -5.51
CA ALA D 464 0.49 -50.82 -5.20
C ALA D 464 -0.63 -51.82 -5.39
N GLY D 465 -1.85 -51.37 -5.80
CA GLY D 465 -2.81 -52.14 -6.61
C GLY D 465 -2.21 -52.54 -7.94
N PRO D 466 -1.76 -51.55 -8.71
CA PRO D 466 -0.86 -51.86 -9.83
C PRO D 466 0.52 -52.34 -9.37
N GLN D 467 1.42 -52.53 -10.33
CA GLN D 467 2.62 -53.33 -10.13
C GLN D 467 3.65 -52.73 -9.18
N TYR D 468 4.06 -51.49 -9.41
CA TYR D 468 5.29 -51.01 -8.78
C TYR D 468 4.98 -50.19 -7.53
N ASP D 469 6.03 -49.74 -6.85
CA ASP D 469 5.94 -48.96 -5.63
C ASP D 469 6.24 -47.49 -5.97
N ASP D 470 6.36 -46.65 -4.95
CA ASP D 470 6.51 -45.21 -5.09
C ASP D 470 8.00 -44.88 -5.24
N GLU D 471 8.50 -44.96 -6.47
CA GLU D 471 9.85 -44.50 -6.76
C GLU D 471 9.84 -42.99 -6.93
N ASP E 18 8.12 22.11 67.60
CA ASP E 18 7.18 21.56 66.64
C ASP E 18 7.82 20.43 65.84
N PRO E 19 7.33 19.21 66.04
CA PRO E 19 7.89 18.04 65.34
C PRO E 19 7.39 17.94 63.90
N GLN E 20 7.86 16.89 63.22
CA GLN E 20 7.47 16.59 61.86
C GLN E 20 6.70 15.28 61.83
N VAL E 21 5.89 15.10 60.78
CA VAL E 21 5.09 13.90 60.60
C VAL E 21 5.38 13.33 59.22
N ALA E 22 5.45 12.00 59.14
CA ALA E 22 5.54 11.29 57.86
C ALA E 22 4.15 10.87 57.38
N GLY E 23 3.25 11.84 57.30
CA GLY E 23 1.92 11.60 56.78
C GLY E 23 1.56 12.61 55.72
N LEU E 24 2.54 13.42 55.32
CA LEU E 24 2.33 14.44 54.31
C LEU E 24 3.38 14.39 53.21
N LYS E 25 4.62 14.09 53.55
CA LYS E 25 5.71 14.24 52.61
C LYS E 25 5.80 13.00 51.73
N VAL E 26 5.87 13.22 50.42
CA VAL E 26 6.47 12.25 49.52
C VAL E 26 8.01 12.34 49.36
N PRO E 27 8.68 13.50 49.21
CA PRO E 27 10.03 13.46 48.61
C PRO E 27 11.10 13.02 49.60
N PRO E 28 11.85 11.97 49.25
CA PRO E 28 12.84 11.44 50.19
C PRO E 28 14.21 12.10 50.07
N HIS E 29 14.65 12.73 51.16
CA HIS E 29 15.89 13.47 51.24
C HIS E 29 16.12 13.82 52.70
N SER E 30 17.38 13.77 53.10
CA SER E 30 17.80 14.18 54.44
C SER E 30 19.14 14.86 54.32
N ILE E 31 19.15 16.18 54.47
CA ILE E 31 20.36 16.95 54.20
C ILE E 31 21.38 16.78 55.33
N GLU E 32 20.93 16.28 56.49
CA GLU E 32 21.81 16.00 57.61
C GLU E 32 22.91 15.01 57.23
N ALA E 33 22.53 13.91 56.59
CA ALA E 33 23.54 12.96 56.11
C ALA E 33 24.29 13.52 54.92
N GLU E 34 23.66 14.41 54.16
CA GLU E 34 24.34 15.03 53.04
C GLU E 34 25.30 16.11 53.48
N GLN E 35 25.01 16.80 54.59
CA GLN E 35 25.99 17.70 55.18
C GLN E 35 26.94 16.95 56.10
N SER E 36 26.73 15.64 56.26
CA SER E 36 27.68 14.83 56.99
C SER E 36 28.80 14.31 56.09
N VAL E 37 28.49 14.01 54.83
CA VAL E 37 29.46 13.30 53.99
C VAL E 37 30.56 14.24 53.52
N LEU E 38 30.18 15.40 52.97
CA LEU E 38 31.15 16.33 52.40
C LEU E 38 32.09 16.89 53.46
N GLY E 39 31.60 17.16 54.67
CA GLY E 39 32.50 17.52 55.74
C GLY E 39 33.37 16.37 56.19
N GLY E 40 32.86 15.15 56.15
CA GLY E 40 33.62 13.99 56.54
C GLY E 40 34.63 13.56 55.50
N LEU E 41 34.54 14.12 54.29
CA LEU E 41 35.52 13.80 53.25
C LEU E 41 36.61 14.85 53.18
N MET E 42 36.29 16.10 53.51
CA MET E 42 37.26 17.19 53.41
C MET E 42 38.36 17.06 54.46
N LEU E 43 38.07 16.40 55.57
CA LEU E 43 39.01 16.26 56.66
C LEU E 43 39.59 14.86 56.76
N ASP E 44 39.14 13.93 55.92
CA ASP E 44 39.53 12.52 55.99
C ASP E 44 39.76 12.02 54.57
N ASN E 45 40.98 12.16 54.07
CA ASN E 45 41.25 11.84 52.68
C ASN E 45 41.60 10.38 52.44
N GLU E 46 41.40 9.51 53.43
CA GLU E 46 41.36 8.08 53.18
C GLU E 46 40.00 7.50 53.44
N ARG E 47 39.05 8.31 53.89
CA ARG E 47 37.66 7.90 53.98
C ARG E 47 36.97 7.93 52.63
N TRP E 48 37.58 8.58 51.63
CA TRP E 48 36.92 8.73 50.34
C TRP E 48 36.84 7.43 49.58
N ASP E 49 37.77 6.51 49.83
CA ASP E 49 37.76 5.24 49.12
C ASP E 49 36.58 4.36 49.54
N ASP E 50 36.10 4.54 50.77
CA ASP E 50 34.91 3.80 51.20
C ASP E 50 33.64 4.34 50.56
N VAL E 51 33.54 5.65 50.40
CA VAL E 51 32.30 6.28 49.94
C VAL E 51 32.06 5.98 48.47
N ALA E 52 33.12 5.68 47.71
CA ALA E 52 33.01 5.42 46.28
C ALA E 52 32.23 4.15 45.96
N GLU E 53 32.07 3.25 46.93
CA GLU E 53 31.20 2.10 46.74
C GLU E 53 29.92 2.21 47.53
N ARG E 54 29.49 3.41 47.88
CA ARG E 54 28.19 3.58 48.51
C ARG E 54 27.35 4.67 47.87
N VAL E 55 27.97 5.76 47.43
CA VAL E 55 27.28 6.92 46.91
C VAL E 55 27.97 7.33 45.61
N VAL E 56 27.18 7.61 44.58
CA VAL E 56 27.75 8.26 43.40
C VAL E 56 27.09 9.64 43.26
N ALA E 57 27.48 10.37 42.23
CA ALA E 57 26.87 11.68 41.98
C ALA E 57 25.42 11.52 41.57
N ASP E 58 24.69 12.65 41.66
CA ASP E 58 23.25 12.86 41.46
C ASP E 58 22.42 12.29 42.61
N ASP E 59 23.04 11.58 43.54
CA ASP E 59 22.27 11.04 44.64
C ASP E 59 22.02 12.10 45.69
N PHE E 60 22.91 13.08 45.78
CA PHE E 60 22.68 14.18 46.71
C PHE E 60 21.55 15.06 46.18
N TYR E 61 20.93 15.79 47.09
CA TYR E 61 19.64 16.39 46.76
C TYR E 61 19.81 17.68 45.96
N THR E 62 20.37 18.70 46.57
CA THR E 62 20.30 20.02 45.97
C THR E 62 21.37 20.19 44.89
N ARG E 63 21.45 21.41 44.37
CA ARG E 63 22.42 21.70 43.31
C ARG E 63 23.85 21.94 43.82
N PRO E 64 24.10 22.65 44.94
CA PRO E 64 25.49 22.75 45.40
C PRO E 64 26.13 21.44 45.84
N HIS E 65 25.42 20.57 46.56
CA HIS E 65 26.05 19.37 47.11
C HIS E 65 26.44 18.40 46.02
N ARG E 66 25.70 18.39 44.92
CA ARG E 66 26.15 17.64 43.78
C ARG E 66 27.33 18.32 43.10
N HIS E 67 27.36 19.65 43.13
CA HIS E 67 28.42 20.35 42.42
C HIS E 67 29.71 20.39 43.25
N ILE E 68 29.59 20.34 44.57
CA ILE E 68 30.78 20.22 45.40
C ILE E 68 31.37 18.83 45.28
N PHE E 69 30.53 17.80 45.44
CA PHE E 69 31.01 16.43 45.48
C PHE E 69 31.53 15.98 44.12
N THR E 70 31.05 16.59 43.03
CA THR E 70 31.59 16.25 41.72
C THR E 70 33.05 16.68 41.60
N GLU E 71 33.41 17.78 42.26
CA GLU E 71 34.78 18.24 42.18
C GLU E 71 35.72 17.37 42.99
N MET E 72 35.20 16.63 43.96
CA MET E 72 36.06 15.79 44.79
C MET E 72 36.60 14.61 43.99
N ALA E 73 35.74 13.98 43.19
CA ALA E 73 36.20 12.87 42.36
C ALA E 73 37.11 13.37 41.25
N ARG E 74 36.97 14.64 40.87
CA ARG E 74 37.98 15.23 40.00
C ARG E 74 39.26 15.51 40.78
N LEU E 75 39.14 15.83 42.08
CA LEU E 75 40.32 16.22 42.82
C LEU E 75 40.99 15.03 43.49
N GLN E 76 40.22 14.00 43.85
CA GLN E 76 40.83 12.84 44.47
C GLN E 76 41.61 12.02 43.46
N GLU E 77 41.01 11.73 42.32
CA GLU E 77 41.65 10.92 41.30
C GLU E 77 42.41 11.75 40.28
N SER E 78 42.95 12.89 40.71
CA SER E 78 43.97 13.60 39.95
C SER E 78 45.26 13.74 40.73
N GLY E 79 45.50 12.90 41.73
CA GLY E 79 46.70 12.96 42.52
C GLY E 79 46.75 14.10 43.52
N SER E 80 45.72 14.93 43.60
CA SER E 80 45.76 16.06 44.49
C SER E 80 45.17 15.68 45.85
N PRO E 81 45.61 16.31 46.93
CA PRO E 81 44.90 16.18 48.21
C PRO E 81 43.64 17.02 48.20
N ILE E 82 42.87 16.88 49.28
CA ILE E 82 41.56 17.51 49.40
C ILE E 82 41.49 18.26 50.72
N ASP E 83 41.32 19.57 50.65
CA ASP E 83 40.81 20.33 51.77
C ASP E 83 39.97 21.48 51.22
N LEU E 84 39.59 22.40 52.09
CA LEU E 84 38.85 23.57 51.65
C LEU E 84 39.72 24.48 50.79
N ILE E 85 41.02 24.54 51.08
CA ILE E 85 41.92 25.41 50.32
C ILE E 85 42.14 24.86 48.92
N THR E 86 42.29 23.54 48.81
CA THR E 86 42.30 22.92 47.49
C THR E 86 40.94 23.03 46.82
N LEU E 87 39.86 23.08 47.61
CA LEU E 87 38.55 23.26 47.02
C LEU E 87 38.31 24.72 46.64
N ALA E 88 38.92 25.65 47.38
CA ALA E 88 38.78 27.04 47.03
C ALA E 88 39.51 27.37 45.74
N GLU E 89 40.67 26.75 45.51
CA GLU E 89 41.43 27.02 44.30
C GLU E 89 40.79 26.35 43.09
N SER E 90 40.45 25.07 43.21
CA SER E 90 40.10 24.28 42.03
C SER E 90 38.69 24.60 41.55
N LEU E 91 37.93 25.37 42.30
CA LEU E 91 36.68 25.92 41.79
C LEU E 91 36.88 27.26 41.09
N GLU E 92 38.13 27.66 40.86
CA GLU E 92 38.42 28.82 40.03
C GLU E 92 38.99 28.46 38.68
N ARG E 93 39.67 27.32 38.57
CA ARG E 93 40.02 26.78 37.26
C ARG E 93 38.77 26.34 36.51
N GLN E 94 37.76 25.89 37.24
CA GLN E 94 36.46 25.61 36.63
C GLN E 94 35.53 26.81 36.68
N GLY E 95 35.73 27.71 37.64
CA GLY E 95 34.94 28.93 37.72
C GLY E 95 33.50 28.68 38.11
N GLN E 96 33.30 27.79 39.09
CA GLN E 96 31.97 27.41 39.52
C GLN E 96 31.62 27.94 40.90
N LEU E 97 32.40 28.85 41.46
CA LEU E 97 32.18 29.27 42.84
C LEU E 97 30.91 30.09 43.00
N ASP E 98 30.38 30.67 41.92
CA ASP E 98 29.08 31.32 42.00
C ASP E 98 27.94 30.33 41.91
N SER E 99 28.19 29.09 41.45
CA SER E 99 27.16 28.07 41.50
C SER E 99 26.94 27.58 42.92
N VAL E 100 28.03 27.25 43.62
CA VAL E 100 27.94 26.79 45.01
C VAL E 100 27.69 27.93 45.98
N GLY E 101 27.69 29.18 45.52
CA GLY E 101 27.45 30.30 46.38
C GLY E 101 28.67 30.73 47.14
N GLY E 102 29.72 31.12 46.41
CA GLY E 102 30.95 31.59 47.02
C GLY E 102 31.71 30.46 47.72
N PHE E 103 32.69 30.87 48.51
CA PHE E 103 33.36 29.93 49.40
C PHE E 103 32.84 30.06 50.83
N ALA E 104 32.03 31.09 51.10
CA ALA E 104 31.45 31.24 52.42
C ALA E 104 30.49 30.10 52.73
N TYR E 105 29.79 29.59 51.72
CA TYR E 105 28.99 28.40 51.92
C TYR E 105 29.89 27.18 52.07
N LEU E 106 31.03 27.18 51.37
CA LEU E 106 32.01 26.13 51.58
C LEU E 106 32.66 26.21 52.95
N ALA E 107 32.78 27.42 53.50
CA ALA E 107 33.45 27.64 54.77
C ALA E 107 32.55 27.41 55.98
N GLU E 108 31.44 26.68 55.82
CA GLU E 108 30.65 26.26 56.96
C GLU E 108 30.58 24.77 57.12
N LEU E 109 30.82 23.99 56.07
CA LEU E 109 30.60 22.56 56.12
C LEU E 109 31.64 21.83 56.95
N SER E 110 32.88 22.32 56.95
CA SER E 110 33.89 21.75 57.83
C SER E 110 33.56 22.03 59.29
N LYS E 111 32.94 23.17 59.57
CA LYS E 111 32.41 23.41 60.90
C LYS E 111 31.13 22.61 61.14
N ASN E 112 30.47 22.17 60.06
CA ASN E 112 29.21 21.47 60.19
C ASN E 112 29.37 19.97 60.43
N THR E 113 30.58 19.48 60.69
CA THR E 113 30.80 18.08 61.02
C THR E 113 31.48 17.91 62.38
N PRO E 114 30.79 17.41 63.39
CA PRO E 114 31.50 16.99 64.61
C PRO E 114 31.88 15.52 64.57
N SER E 115 31.24 14.75 63.68
CA SER E 115 31.48 13.32 63.55
C SER E 115 32.15 13.03 62.22
N ALA E 116 33.21 12.23 62.27
CA ALA E 116 33.99 11.92 61.09
C ALA E 116 34.36 10.45 61.02
N ALA E 117 33.62 9.60 61.73
CA ALA E 117 33.83 8.17 61.69
C ALA E 117 32.48 7.48 61.59
N ASN E 118 32.51 6.28 61.02
CA ASN E 118 31.32 5.51 60.63
C ASN E 118 30.40 6.37 59.76
N ILE E 119 31.00 6.93 58.71
CA ILE E 119 30.24 7.52 57.62
C ILE E 119 29.65 6.44 56.74
N SER E 120 30.17 5.21 56.83
CA SER E 120 29.68 4.10 56.02
C SER E 120 28.28 3.64 56.43
N ALA E 121 27.76 4.16 57.55
CA ALA E 121 26.34 4.01 57.84
C ALA E 121 25.53 5.19 57.30
N TYR E 122 26.17 6.36 57.19
CA TYR E 122 25.48 7.51 56.60
C TYR E 122 25.30 7.34 55.11
N ALA E 123 26.32 6.83 54.41
CA ALA E 123 26.28 6.80 52.96
C ALA E 123 25.32 5.74 52.44
N ASP E 124 24.91 4.80 53.28
CA ASP E 124 23.85 3.90 52.88
C ASP E 124 22.51 4.59 52.85
N ILE E 125 22.32 5.67 53.63
CA ILE E 125 21.05 6.38 53.63
C ILE E 125 20.89 7.15 52.34
N VAL E 126 21.97 7.77 51.85
CA VAL E 126 21.93 8.39 50.53
C VAL E 126 21.85 7.32 49.45
N ARG E 127 22.42 6.14 49.71
CA ARG E 127 22.13 5.01 48.85
C ARG E 127 20.69 4.53 49.02
N GLU E 128 20.09 4.72 50.20
CA GLU E 128 18.69 4.38 50.38
C GLU E 128 17.78 5.44 49.77
N ARG E 129 17.92 6.70 50.21
CA ARG E 129 16.98 7.74 49.81
C ARG E 129 17.09 8.10 48.34
N ALA E 130 18.06 7.54 47.61
CA ALA E 130 18.06 7.66 46.16
C ALA E 130 17.11 6.66 45.54
N VAL E 131 16.87 5.52 46.20
CA VAL E 131 16.08 4.48 45.57
C VAL E 131 14.61 4.88 45.49
N VAL E 132 14.09 5.50 46.53
CA VAL E 132 12.72 5.97 46.45
C VAL E 132 12.63 7.18 45.53
N ARG E 133 13.63 8.07 45.59
CA ARG E 133 13.61 9.28 44.79
C ARG E 133 13.90 9.04 43.32
N GLU E 134 14.46 7.88 42.96
CA GLU E 134 14.52 7.49 41.57
C GLU E 134 13.30 6.70 41.17
N MET E 135 12.35 6.51 42.08
CA MET E 135 11.15 5.73 41.76
C MET E 135 9.92 6.61 41.70
N ILE E 136 9.89 7.67 42.51
CA ILE E 136 8.84 8.67 42.37
C ILE E 136 8.87 9.31 40.99
N SER E 137 10.05 9.56 40.45
CA SER E 137 10.17 10.08 39.10
C SER E 137 10.15 9.00 38.03
N VAL E 138 9.64 7.82 38.33
CA VAL E 138 9.18 6.88 37.32
C VAL E 138 7.68 6.69 37.39
N ALA E 139 7.14 6.63 38.61
CA ALA E 139 5.69 6.58 38.76
C ALA E 139 5.05 7.89 38.33
N ASN E 140 5.75 9.00 38.53
CA ASN E 140 5.17 10.25 38.05
C ASN E 140 5.47 10.52 36.59
N GLU E 141 6.38 9.77 35.97
CA GLU E 141 6.45 9.75 34.52
C GLU E 141 5.66 8.60 33.94
N ILE E 142 4.75 8.04 34.73
CA ILE E 142 3.72 7.13 34.26
C ILE E 142 2.35 7.81 34.28
N ALA E 143 2.02 8.49 35.38
CA ALA E 143 0.76 9.22 35.45
C ALA E 143 0.76 10.42 34.52
N GLU E 144 1.93 11.02 34.29
CA GLU E 144 2.03 12.12 33.33
C GLU E 144 1.83 11.63 31.91
N ALA E 145 2.38 10.47 31.57
CA ALA E 145 2.04 9.80 30.32
C ALA E 145 0.76 9.00 30.42
N GLY E 146 0.10 9.02 31.58
CA GLY E 146 -1.21 8.42 31.72
C GLY E 146 -2.22 9.20 30.92
N PHE E 147 -2.37 10.49 31.21
CA PHE E 147 -3.12 11.36 30.31
C PHE E 147 -2.22 11.58 29.11
N ASP E 148 -2.39 10.76 28.10
CA ASP E 148 -1.54 10.83 26.94
C ASP E 148 -1.96 12.00 26.06
N PRO E 149 -1.10 12.97 25.81
CA PRO E 149 -1.38 13.99 24.78
C PRO E 149 -0.94 13.60 23.38
N GLN E 150 -0.63 12.31 23.16
CA GLN E 150 -0.14 11.82 21.87
C GLN E 150 -0.84 10.52 21.52
N GLY E 151 -0.28 9.80 20.57
CA GLY E 151 -0.83 8.52 20.19
C GLY E 151 -0.39 7.41 21.13
N ARG E 152 -1.09 6.28 21.01
CA ARG E 152 -0.92 5.16 21.92
C ARG E 152 -1.58 3.95 21.32
N THR E 153 -1.48 2.84 22.04
CA THR E 153 -2.33 1.67 21.86
C THR E 153 -2.72 1.26 23.28
N SER E 154 -3.91 1.69 23.70
CA SER E 154 -4.39 1.61 25.10
C SER E 154 -3.42 2.22 26.08
N GLU E 155 -2.13 -1.77 24.58
CA GLU E 155 -0.80 -2.35 24.45
C GLU E 155 0.26 -1.36 24.87
N ASP E 156 0.38 -0.29 24.09
CA ASP E 156 1.61 0.48 24.05
C ASP E 156 1.79 1.34 25.30
N LEU E 157 0.70 1.84 25.87
CA LEU E 157 0.91 2.71 27.00
C LEU E 157 1.18 1.91 28.27
N LEU E 158 0.85 0.61 28.28
CA LEU E 158 1.38 -0.29 29.30
C LEU E 158 2.77 -0.78 28.97
N ASP E 159 3.24 -0.58 27.74
CA ASP E 159 4.60 -1.00 27.42
C ASP E 159 5.62 -0.05 28.00
N LEU E 160 5.19 1.15 28.40
CA LEU E 160 6.04 2.10 29.09
C LEU E 160 5.91 2.02 30.60
N ALA E 161 5.10 1.11 31.11
CA ALA E 161 5.01 0.91 32.54
C ALA E 161 5.78 -0.29 33.01
N GLU E 162 5.99 -1.30 32.16
CA GLU E 162 7.00 -2.29 32.46
C GLU E 162 8.39 -1.69 32.36
N SER E 163 8.77 -1.26 31.16
CA SER E 163 10.18 -1.03 30.86
C SER E 163 10.71 0.29 31.41
N ARG E 164 9.91 1.02 32.18
CA ARG E 164 10.45 2.10 32.99
C ARG E 164 10.57 1.73 34.45
N VAL E 165 9.68 0.86 34.96
CA VAL E 165 9.70 0.47 36.36
C VAL E 165 10.49 -0.82 36.44
N PHE E 166 10.79 -1.42 35.30
CA PHE E 166 11.58 -2.65 35.33
C PHE E 166 13.05 -2.35 35.60
N LYS E 167 13.63 -1.38 34.91
CA LYS E 167 15.06 -1.13 35.07
C LYS E 167 15.37 -0.50 36.42
N ILE E 168 14.38 0.11 37.07
CA ILE E 168 14.54 0.54 38.46
C ILE E 168 14.78 -0.66 39.36
N ALA E 169 14.17 -1.81 39.03
CA ALA E 169 14.41 -3.04 39.80
C ALA E 169 15.72 -3.71 39.39
N GLU E 170 15.85 -4.17 38.13
CA GLU E 170 16.81 -5.28 37.77
C GLU E 170 18.18 -4.72 37.36
N SER E 171 18.77 -4.01 38.31
CA SER E 171 20.14 -3.50 38.24
C SER E 171 20.60 -3.28 39.67
N ARG E 172 21.75 -2.66 39.83
CA ARG E 172 21.96 -1.88 41.03
C ARG E 172 21.01 -0.71 40.97
N ALA E 173 20.33 -0.44 42.09
CA ALA E 173 19.12 0.37 42.07
C ALA E 173 19.44 1.81 41.73
N ASN E 174 19.22 2.17 40.47
CA ASN E 174 19.74 3.40 39.91
C ASN E 174 18.61 4.10 39.18
N LYS E 175 18.93 5.11 38.39
CA LYS E 175 17.95 5.99 37.79
C LYS E 175 17.32 5.32 36.57
N ASP E 176 16.63 6.13 35.75
CA ASP E 176 15.89 5.69 34.57
C ASP E 176 16.84 5.40 33.42
N GLU E 177 16.34 5.47 32.19
CA GLU E 177 17.23 5.53 31.05
C GLU E 177 18.16 6.72 31.25
N GLY E 178 17.63 7.94 31.22
CA GLY E 178 18.29 9.13 31.75
C GLY E 178 19.54 9.57 31.01
N PRO E 179 19.97 10.81 31.21
CA PRO E 179 21.29 11.18 30.73
C PRO E 179 22.34 10.92 31.80
N LYS E 180 23.42 10.23 31.45
CA LYS E 180 24.34 9.76 32.47
C LYS E 180 25.75 10.19 32.12
N ASN E 181 26.55 10.43 33.15
CA ASN E 181 27.86 11.07 33.02
C ASN E 181 28.88 10.13 32.38
N ILE E 182 30.12 10.62 32.34
CA ILE E 182 31.24 9.77 32.06
C ILE E 182 31.89 9.27 33.34
N ALA E 183 31.54 9.84 34.48
CA ALA E 183 32.01 9.26 35.73
C ALA E 183 31.25 8.00 36.04
N ASP E 184 29.94 8.01 35.80
CA ASP E 184 29.07 6.92 36.18
C ASP E 184 28.92 5.88 35.09
N VAL E 185 29.67 5.99 33.99
CA VAL E 185 29.62 4.99 32.94
C VAL E 185 30.98 4.34 32.75
N LEU E 186 32.03 5.15 32.71
CA LEU E 186 33.34 4.67 32.28
C LEU E 186 33.95 3.73 33.31
N ASP E 187 33.46 3.76 34.54
CA ASP E 187 33.89 2.75 35.49
C ASP E 187 32.86 1.64 35.63
N ALA E 188 31.62 1.89 35.22
CA ALA E 188 30.72 0.77 34.97
C ALA E 188 31.10 0.07 33.69
N THR E 189 31.78 0.76 32.78
CA THR E 189 32.29 0.12 31.57
C THR E 189 33.43 -0.83 31.89
N VAL E 190 34.38 -0.38 32.71
CA VAL E 190 35.64 -1.11 32.89
C VAL E 190 35.41 -2.41 33.65
N ALA E 191 34.31 -2.50 34.41
CA ALA E 191 33.96 -3.76 35.03
C ALA E 191 33.47 -4.77 33.99
N ARG E 192 32.93 -4.28 32.88
CA ARG E 192 32.52 -5.14 31.78
C ARG E 192 33.52 -5.15 30.64
N ILE E 193 34.74 -4.68 30.87
CA ILE E 193 35.83 -5.00 29.95
C ILE E 193 36.28 -6.43 30.18
N GLU E 194 36.50 -6.78 31.44
CA GLU E 194 37.17 -8.03 31.77
C GLU E 194 36.32 -9.26 31.53
N GLN E 195 36.96 -10.33 31.09
CA GLN E 195 36.51 -11.66 31.46
C GLN E 195 36.91 -11.84 32.91
N LEU E 196 36.08 -11.30 33.82
CA LEU E 196 36.48 -11.08 35.21
C LEU E 196 36.77 -12.39 35.93
N PHE E 197 35.78 -13.25 35.99
CA PHE E 197 35.90 -14.57 36.61
C PHE E 197 35.37 -15.54 35.57
N GLN E 198 36.22 -15.87 34.61
CA GLN E 198 35.81 -16.66 33.47
C GLN E 198 36.99 -17.53 33.05
N GLN E 199 36.88 -18.10 31.85
CA GLN E 199 37.90 -18.92 31.27
C GLN E 199 39.05 -18.02 30.80
N PRO E 200 40.21 -18.59 30.52
CA PRO E 200 41.30 -17.79 29.94
C PRO E 200 41.07 -17.41 28.46
N HIS E 201 42.12 -16.91 27.81
CA HIS E 201 42.10 -16.39 26.45
C HIS E 201 41.57 -17.36 25.39
N ASP E 202 41.49 -18.66 25.68
CA ASP E 202 40.78 -19.56 24.78
C ASP E 202 39.26 -19.47 24.94
N GLY E 203 38.75 -18.82 25.98
CA GLY E 203 37.34 -18.56 26.10
C GLY E 203 36.95 -17.26 25.43
N VAL E 204 35.67 -17.18 25.03
CA VAL E 204 35.15 -16.07 24.27
C VAL E 204 34.28 -15.20 25.18
N THR E 205 33.87 -14.05 24.66
CA THR E 205 33.42 -12.97 25.53
C THR E 205 32.04 -13.21 26.09
N GLY E 206 31.03 -13.26 25.24
CA GLY E 206 29.67 -13.24 25.73
C GLY E 206 29.03 -14.60 25.88
N VAL E 207 27.84 -14.76 25.32
CA VAL E 207 27.09 -16.00 25.37
C VAL E 207 27.64 -16.91 24.29
N ASN E 208 27.96 -18.14 24.66
CA ASN E 208 28.52 -19.08 23.71
C ASN E 208 27.46 -19.52 22.70
N THR E 209 27.93 -20.05 21.58
CA THR E 209 27.10 -20.78 20.67
C THR E 209 27.49 -22.23 20.61
N GLY E 210 28.42 -22.67 21.44
CA GLY E 210 28.87 -24.05 21.44
C GLY E 210 29.66 -24.45 20.22
N TYR E 211 30.05 -23.51 19.37
CA TYR E 211 30.68 -23.84 18.11
C TYR E 211 32.11 -23.31 18.07
N ASP E 212 32.89 -23.88 17.16
CA ASP E 212 34.32 -23.61 17.09
C ASP E 212 34.63 -22.41 16.20
N ASP E 213 34.29 -22.49 14.93
CA ASP E 213 34.69 -21.42 14.00
C ASP E 213 33.84 -20.17 14.16
N LEU E 214 32.61 -20.30 14.67
CA LEU E 214 31.75 -19.14 14.83
C LEU E 214 32.22 -18.20 15.91
N ASN E 215 32.76 -18.74 17.00
CA ASN E 215 33.11 -17.92 18.15
C ASN E 215 34.27 -16.96 17.89
N LYS E 216 34.95 -17.04 16.75
CA LYS E 216 36.01 -16.10 16.45
C LYS E 216 35.49 -14.88 15.70
N LYS E 217 34.49 -15.08 14.83
CA LYS E 217 33.97 -13.95 14.08
C LYS E 217 32.91 -13.17 14.84
N THR E 218 32.28 -13.77 15.84
CA THR E 218 31.35 -12.97 16.63
C THR E 218 31.97 -12.53 17.94
N ALA E 219 33.03 -13.24 18.37
CA ALA E 219 33.57 -13.15 19.73
C ALA E 219 32.47 -13.30 20.78
N GLY E 220 31.62 -14.32 20.58
CA GLY E 220 30.44 -14.50 21.39
C GLY E 220 29.29 -13.63 20.91
N LEU E 221 28.07 -14.11 21.08
CA LEU E 221 26.89 -13.31 20.75
C LEU E 221 26.78 -12.17 21.75
N GLN E 222 27.10 -10.97 21.30
CA GLN E 222 27.36 -9.87 22.22
C GLN E 222 26.06 -9.42 22.88
N PRO E 223 26.09 -9.10 24.14
CA PRO E 223 24.86 -9.08 24.92
C PRO E 223 23.94 -7.88 24.77
N SER E 224 23.99 -7.11 23.68
CA SER E 224 22.93 -6.12 23.53
C SER E 224 22.45 -5.93 22.08
N ASP E 225 22.67 -6.90 21.20
CA ASP E 225 22.42 -6.68 19.78
C ASP E 225 20.96 -6.89 19.42
N LEU E 226 20.70 -7.04 18.13
CA LEU E 226 19.46 -7.65 17.63
C LEU E 226 19.85 -8.52 16.44
N ILE E 227 20.29 -9.73 16.72
CA ILE E 227 20.80 -10.59 15.66
C ILE E 227 19.63 -11.13 14.86
N ILE E 228 19.73 -11.05 13.55
CA ILE E 228 18.67 -11.49 12.65
C ILE E 228 19.22 -12.60 11.80
N VAL E 229 18.74 -13.78 11.99
CA VAL E 229 19.08 -14.87 11.10
C VAL E 229 18.20 -14.72 9.86
N ALA E 230 18.67 -15.23 8.74
CA ALA E 230 17.82 -15.25 7.55
C ALA E 230 18.11 -16.52 6.80
N ALA E 231 17.14 -16.94 6.01
CA ALA E 231 17.33 -18.12 5.17
C ALA E 231 16.33 -18.07 4.04
N ARG E 232 16.52 -18.97 3.09
CA ARG E 232 15.44 -19.31 2.19
C ARG E 232 14.47 -20.26 2.92
N PRO E 233 13.33 -20.58 2.33
CA PRO E 233 12.50 -21.62 2.93
C PRO E 233 13.17 -22.98 2.88
N SER E 234 13.07 -23.69 4.01
CA SER E 234 13.59 -25.03 4.20
C SER E 234 15.10 -25.10 3.95
N MET E 235 15.86 -24.39 4.78
CA MET E 235 17.30 -24.45 4.76
C MET E 235 17.88 -24.86 6.09
N GLY E 236 17.23 -24.47 7.17
CA GLY E 236 17.94 -24.41 8.42
C GLY E 236 17.74 -23.03 8.98
N LYS E 237 16.64 -22.41 8.58
CA LYS E 237 16.18 -21.24 9.30
C LYS E 237 15.88 -21.56 10.75
N THR E 238 15.33 -22.74 11.02
CA THR E 238 14.89 -23.09 12.37
C THR E 238 15.85 -24.05 13.07
N THR E 239 16.46 -24.98 12.33
CA THR E 239 17.35 -25.94 12.97
C THR E 239 18.61 -25.29 13.52
N PHE E 240 19.04 -24.19 12.91
CA PHE E 240 20.15 -23.44 13.48
C PHE E 240 19.75 -22.85 14.81
N ALA E 241 18.73 -21.99 14.82
CA ALA E 241 18.38 -21.24 16.01
C ALA E 241 17.83 -22.14 17.11
N MET E 242 17.38 -23.34 16.77
CA MET E 242 17.02 -24.29 17.80
C MET E 242 18.26 -24.85 18.49
N ASN E 243 19.27 -25.23 17.71
CA ASN E 243 20.50 -25.72 18.29
C ASN E 243 21.24 -24.62 19.05
N LEU E 244 21.18 -23.40 18.53
CA LEU E 244 21.85 -22.30 19.21
C LEU E 244 21.04 -21.81 20.39
N VAL E 245 19.78 -22.23 20.51
CA VAL E 245 19.12 -22.08 21.79
C VAL E 245 19.47 -23.24 22.71
N GLU E 246 19.55 -24.45 22.16
CA GLU E 246 19.86 -25.60 22.99
C GLU E 246 21.32 -25.61 23.44
N ASN E 247 22.24 -25.25 22.55
CA ASN E 247 23.64 -25.24 22.96
C ASN E 247 23.97 -24.01 23.79
N ALA E 248 23.10 -23.01 23.79
CA ALA E 248 23.22 -21.95 24.77
C ALA E 248 22.26 -22.13 25.94
N ALA E 249 21.76 -23.35 26.15
CA ALA E 249 20.91 -23.59 27.30
C ALA E 249 21.67 -24.27 28.43
N MET E 250 22.67 -25.06 28.09
CA MET E 250 23.46 -25.77 29.09
C MET E 250 24.73 -25.04 29.45
N LEU E 251 25.15 -24.09 28.62
CA LEU E 251 26.44 -23.40 28.78
C LEU E 251 26.32 -22.02 29.38
N GLN E 252 25.11 -21.48 29.52
CA GLN E 252 24.96 -20.13 30.04
C GLN E 252 24.31 -20.13 31.40
N ASP E 253 23.35 -21.04 31.59
CA ASP E 253 22.52 -21.19 32.81
C ASP E 253 21.71 -19.93 33.09
N LYS E 254 21.04 -19.42 32.06
CA LYS E 254 20.05 -18.36 32.21
C LYS E 254 18.83 -18.75 31.38
N PRO E 255 17.63 -18.30 31.75
CA PRO E 255 16.41 -18.74 31.05
C PRO E 255 16.34 -18.26 29.60
N VAL E 256 16.32 -19.20 28.67
CA VAL E 256 16.38 -18.96 27.24
C VAL E 256 15.00 -19.15 26.64
N LEU E 257 14.31 -18.06 26.35
CA LEU E 257 12.96 -18.10 25.81
C LEU E 257 12.97 -18.59 24.37
N ILE E 258 11.81 -19.02 23.90
CA ILE E 258 11.56 -19.28 22.48
C ILE E 258 10.12 -18.87 22.22
N PHE E 259 9.91 -17.95 21.29
CA PHE E 259 8.56 -17.69 20.81
C PHE E 259 8.41 -18.34 19.44
N SER E 260 8.13 -19.63 19.45
CA SER E 260 7.96 -20.34 18.20
C SER E 260 6.61 -20.06 17.60
N LEU E 261 6.60 -19.49 16.40
CA LEU E 261 5.33 -19.20 15.73
C LEU E 261 5.11 -20.05 14.51
N GLU E 262 6.08 -20.89 14.13
CA GLU E 262 5.90 -21.76 12.99
C GLU E 262 5.45 -23.14 13.42
N MET E 263 6.00 -23.68 14.50
CA MET E 263 5.74 -25.05 14.93
C MET E 263 5.02 -25.05 16.27
N PRO E 264 4.30 -26.11 16.64
CA PRO E 264 3.68 -26.15 17.97
C PRO E 264 4.67 -26.57 19.05
N SER E 265 4.25 -26.48 20.32
CA SER E 265 5.14 -26.82 21.45
C SER E 265 5.59 -28.27 21.42
N GLU E 266 4.75 -29.17 20.90
CA GLU E 266 5.17 -30.56 20.82
C GLU E 266 6.26 -30.74 19.77
N GLN E 267 6.11 -30.10 18.62
CA GLN E 267 7.12 -30.25 17.57
C GLN E 267 8.39 -29.49 17.89
N ILE E 268 8.33 -28.55 18.84
CA ILE E 268 9.56 -27.93 19.33
C ILE E 268 10.41 -28.96 20.04
N MET E 269 9.80 -29.71 20.96
CA MET E 269 10.56 -30.65 21.76
C MET E 269 11.00 -31.87 20.98
N MET E 270 10.19 -32.36 20.05
CA MET E 270 10.65 -33.47 19.22
C MET E 270 11.58 -33.04 18.10
N ARG E 271 12.07 -31.82 18.12
CA ARG E 271 13.33 -31.50 17.49
C ARG E 271 14.45 -31.40 18.52
N SER E 272 14.12 -30.95 19.74
CA SER E 272 15.12 -30.86 20.79
C SER E 272 15.53 -32.25 21.26
N LEU E 273 14.56 -33.10 21.57
CA LEU E 273 14.86 -34.44 22.03
C LEU E 273 15.31 -35.36 20.92
N ALA E 274 15.26 -34.92 19.67
CA ALA E 274 15.92 -35.67 18.60
C ALA E 274 17.22 -35.00 18.19
N SER E 275 17.60 -33.94 18.88
CA SER E 275 18.91 -33.34 18.64
C SER E 275 19.97 -34.02 19.48
N LEU E 276 19.79 -33.99 20.80
CA LEU E 276 20.79 -34.52 21.72
C LEU E 276 20.83 -36.04 21.68
N SER E 277 19.69 -36.67 21.41
CA SER E 277 19.64 -38.12 21.32
C SER E 277 20.42 -38.67 20.15
N ARG E 278 20.59 -37.89 19.09
CA ARG E 278 21.37 -38.24 17.90
C ARG E 278 20.87 -39.52 17.24
N VAL E 279 19.55 -39.65 17.21
CA VAL E 279 18.87 -40.60 16.33
C VAL E 279 17.83 -39.82 15.56
N ASP E 280 17.32 -40.40 14.48
CA ASP E 280 16.51 -39.70 13.50
C ASP E 280 15.18 -39.24 14.09
N GLN E 281 14.56 -38.26 13.43
CA GLN E 281 13.22 -37.84 13.79
C GLN E 281 12.20 -38.92 13.45
N THR E 282 12.54 -39.77 12.49
CA THR E 282 11.70 -40.91 12.15
C THR E 282 11.64 -41.91 13.29
N LYS E 283 12.67 -41.94 14.13
CA LYS E 283 12.69 -42.85 15.26
C LYS E 283 12.35 -42.18 16.59
N ILE E 284 11.70 -41.03 16.59
CA ILE E 284 11.11 -40.56 17.83
C ILE E 284 9.59 -40.52 17.68
N ARG E 285 9.14 -40.17 16.48
CA ARG E 285 7.70 -40.06 16.28
C ARG E 285 7.06 -41.43 16.12
N THR E 286 7.40 -42.11 15.03
CA THR E 286 6.67 -43.31 14.65
C THR E 286 7.53 -44.56 14.73
N GLY E 287 8.67 -44.60 14.06
CA GLY E 287 9.47 -45.81 13.97
C GLY E 287 10.24 -46.07 15.24
N GLN E 288 9.51 -46.41 16.29
CA GLN E 288 10.02 -46.44 17.64
C GLN E 288 11.00 -47.60 17.83
N LEU E 289 11.58 -47.65 19.02
CA LEU E 289 12.90 -48.22 19.30
C LEU E 289 13.91 -47.60 18.35
N ASP E 290 17.53 -52.16 19.41
CA ASP E 290 18.02 -50.79 19.35
C ASP E 290 17.72 -50.05 20.65
N ASP E 291 18.10 -50.66 21.78
CA ASP E 291 17.94 -50.09 23.11
C ASP E 291 19.05 -49.16 23.51
N GLU E 292 19.78 -48.61 22.54
CA GLU E 292 20.57 -47.42 22.80
C GLU E 292 19.67 -46.25 23.19
N ASP E 293 18.45 -46.21 22.65
CA ASP E 293 17.70 -44.97 22.62
C ASP E 293 17.06 -44.67 23.97
N TRP E 294 16.41 -45.66 24.57
CA TRP E 294 15.49 -45.34 25.65
C TRP E 294 16.24 -45.11 26.94
N ALA E 295 17.44 -45.66 27.06
CA ALA E 295 18.34 -45.22 28.11
C ALA E 295 18.82 -43.81 27.83
N ARG E 296 19.16 -43.52 26.57
CA ARG E 296 19.72 -42.22 26.21
C ARG E 296 18.66 -41.13 26.25
N ILE E 297 17.47 -41.41 25.70
CA ILE E 297 16.43 -40.40 25.65
C ILE E 297 15.91 -40.10 27.05
N SER E 298 15.81 -41.10 27.91
CA SER E 298 15.61 -40.81 29.33
C SER E 298 16.81 -40.07 29.92
N GLY E 299 18.01 -40.45 29.50
CA GLY E 299 19.21 -39.82 29.98
C GLY E 299 19.39 -38.41 29.48
N THR E 300 19.05 -38.15 28.21
CA THR E 300 19.13 -36.77 27.74
C THR E 300 17.93 -35.97 28.22
N MET E 301 16.83 -36.65 28.59
CA MET E 301 15.88 -35.99 29.47
C MET E 301 16.52 -35.75 30.82
N GLY E 302 17.23 -36.77 31.32
CA GLY E 302 17.90 -36.64 32.62
C GLY E 302 19.00 -35.60 32.64
N ILE E 303 19.52 -35.22 31.47
CA ILE E 303 20.30 -33.99 31.38
C ILE E 303 19.38 -32.78 31.41
N LEU E 304 18.35 -32.80 30.58
CA LEU E 304 17.50 -31.63 30.40
C LEU E 304 16.58 -31.40 31.59
N LEU E 305 16.20 -32.44 32.32
CA LEU E 305 15.32 -32.19 33.45
C LEU E 305 16.07 -31.63 34.65
N GLU E 306 17.36 -31.90 34.77
CA GLU E 306 18.18 -31.17 35.73
C GLU E 306 18.47 -29.80 35.15
N LYS E 307 18.17 -28.76 35.93
CA LYS E 307 18.43 -27.36 35.56
C LYS E 307 17.70 -27.01 34.26
N ARG E 308 16.38 -26.94 34.39
CA ARG E 308 15.50 -26.85 33.24
C ARG E 308 15.65 -25.58 32.41
N ASN E 309 15.14 -24.46 32.95
CA ASN E 309 15.27 -23.06 32.45
C ASN E 309 15.30 -22.89 30.93
N ILE E 310 14.37 -23.53 30.23
CA ILE E 310 14.21 -23.29 28.80
C ILE E 310 12.73 -23.10 28.56
N TYR E 311 12.31 -21.88 28.32
CA TYR E 311 10.90 -21.62 28.13
C TYR E 311 10.55 -21.64 26.65
N ILE E 312 9.40 -22.23 26.32
CA ILE E 312 8.91 -22.29 24.96
C ILE E 312 7.49 -21.73 24.94
N ASP E 313 7.20 -20.92 23.94
CA ASP E 313 5.86 -20.41 23.69
C ASP E 313 5.47 -20.64 22.24
N ASP E 314 4.22 -21.04 22.02
CA ASP E 314 3.69 -21.08 20.66
C ASP E 314 2.32 -20.45 20.62
N SER E 315 2.22 -19.24 21.16
CA SER E 315 1.06 -18.40 20.93
C SER E 315 0.87 -18.17 19.43
N SER E 316 -0.38 -18.10 19.01
CA SER E 316 -0.68 -18.16 17.58
C SER E 316 -0.30 -16.90 16.82
N GLY E 317 -0.39 -15.73 17.44
CA GLY E 317 0.05 -14.50 16.83
C GLY E 317 0.61 -13.58 17.89
N LEU E 318 1.65 -12.83 17.56
CA LEU E 318 2.33 -11.99 18.55
C LEU E 318 2.44 -10.56 18.07
N THR E 319 2.01 -9.64 18.90
CA THR E 319 2.34 -8.24 18.69
C THR E 319 3.65 -7.95 19.38
N PRO E 320 4.38 -6.91 19.00
CA PRO E 320 5.58 -6.52 19.74
C PRO E 320 5.33 -5.87 21.09
N THR E 321 4.09 -5.85 21.58
CA THR E 321 3.81 -5.72 23.00
C THR E 321 3.64 -7.08 23.66
N GLU E 322 3.11 -8.06 22.92
CA GLU E 322 3.04 -9.44 23.36
C GLU E 322 4.36 -10.18 23.21
N VAL E 323 5.47 -9.48 23.03
CA VAL E 323 6.79 -10.05 23.25
C VAL E 323 7.42 -9.45 24.49
N ARG E 324 7.19 -8.15 24.69
CA ARG E 324 7.65 -7.47 25.89
C ARG E 324 6.92 -7.92 27.14
N SER E 325 5.69 -8.41 27.03
CA SER E 325 4.98 -8.79 28.24
C SER E 325 5.35 -10.19 28.71
N ARG E 326 5.80 -11.06 27.82
CA ARG E 326 6.31 -12.35 28.26
C ARG E 326 7.76 -12.23 28.69
N ALA E 327 8.58 -11.56 27.88
CA ALA E 327 10.01 -11.57 28.16
C ALA E 327 10.38 -10.63 29.29
N ARG E 328 9.43 -9.83 29.77
CA ARG E 328 9.61 -9.20 31.09
C ARG E 328 9.21 -10.16 32.20
N ARG E 329 8.19 -11.00 31.96
CA ARG E 329 7.70 -11.91 32.99
C ARG E 329 8.73 -12.96 33.35
N ILE E 330 9.65 -13.25 32.44
CA ILE E 330 10.68 -14.24 32.73
C ILE E 330 11.81 -13.59 33.51
N ALA E 331 12.15 -12.35 33.19
CA ALA E 331 13.23 -11.70 33.91
C ALA E 331 12.82 -11.18 35.28
N ARG E 332 11.56 -11.35 35.69
CA ARG E 332 11.24 -11.13 37.08
C ARG E 332 11.33 -12.41 37.89
N GLU E 333 10.96 -13.56 37.30
CA GLU E 333 11.05 -14.83 38.00
C GLU E 333 12.48 -15.27 38.25
N HIS E 334 13.40 -14.95 37.35
CA HIS E 334 14.79 -15.39 37.47
C HIS E 334 15.68 -14.22 37.06
N GLY E 335 16.94 -14.52 36.78
CA GLY E 335 17.75 -13.56 36.05
C GLY E 335 17.59 -13.83 34.56
N GLY E 336 16.71 -13.08 33.91
CA GLY E 336 16.22 -13.43 32.59
C GLY E 336 16.99 -12.85 31.43
N ILE E 337 18.31 -12.98 31.49
CA ILE E 337 19.21 -12.25 30.60
C ILE E 337 19.69 -13.29 29.58
N GLY E 338 18.85 -14.23 29.27
CA GLY E 338 19.23 -15.25 28.32
C GLY E 338 18.90 -14.87 26.92
N LEU E 339 19.26 -15.77 26.01
CA LEU E 339 18.94 -15.64 24.59
C LEU E 339 17.43 -15.61 24.38
N ILE E 340 17.00 -15.14 23.22
CA ILE E 340 15.58 -15.12 22.85
C ILE E 340 15.48 -15.54 21.39
N MET E 341 14.61 -16.48 21.09
CA MET E 341 14.47 -16.97 19.72
C MET E 341 13.04 -16.78 19.23
N ILE E 342 12.77 -15.63 18.64
CA ILE E 342 11.48 -15.36 18.01
C ILE E 342 11.53 -15.95 16.62
N ASP E 343 10.59 -16.85 16.31
CA ASP E 343 10.64 -17.60 15.07
C ASP E 343 9.84 -16.94 13.97
N TYR E 344 10.45 -16.81 12.80
CA TYR E 344 9.81 -16.56 11.52
C TYR E 344 9.03 -15.25 11.53
N LEU E 345 9.81 -14.18 11.66
CA LEU E 345 9.28 -12.82 11.84
C LEU E 345 8.78 -12.25 10.52
N GLN E 346 7.63 -12.74 10.10
CA GLN E 346 6.61 -11.85 9.58
C GLN E 346 5.23 -12.30 10.02
N LEU E 347 5.11 -13.42 10.73
CA LEU E 347 3.85 -13.78 11.34
C LEU E 347 3.47 -12.84 12.45
N MET E 348 4.44 -12.17 13.06
CA MET E 348 4.12 -11.15 14.02
C MET E 348 3.47 -9.99 13.31
N ARG E 349 2.23 -9.70 13.68
CA ARG E 349 1.48 -8.67 12.99
C ARG E 349 0.97 -7.67 14.01
N VAL E 350 1.14 -6.40 13.70
CA VAL E 350 0.75 -5.33 14.60
C VAL E 350 -0.66 -4.95 14.18
N PRO E 351 -1.58 -4.66 15.09
CA PRO E 351 -2.97 -4.41 14.67
C PRO E 351 -3.24 -3.06 14.02
N ALA E 352 -2.21 -2.28 13.70
CA ALA E 352 -2.39 -1.06 12.92
C ALA E 352 -1.99 -1.29 11.47
N LEU E 353 -2.27 -2.50 10.95
CA LEU E 353 -1.99 -3.08 9.64
C LEU E 353 -2.89 -2.52 8.52
N SER E 354 -3.63 -1.43 8.76
CA SER E 354 -4.23 -0.69 7.67
C SER E 354 -3.15 -0.08 6.78
N ASP E 355 -2.07 0.38 7.39
CA ASP E 355 -0.85 0.72 6.68
C ASP E 355 -0.22 -0.57 6.17
N ASN E 356 0.67 -0.44 5.20
CA ASN E 356 1.17 -1.59 4.47
C ASN E 356 2.17 -2.38 5.31
N ARG E 357 2.65 -3.48 4.72
CA ARG E 357 3.68 -4.27 5.38
C ARG E 357 5.00 -3.54 5.40
N THR E 358 5.21 -2.61 4.46
CA THR E 358 6.49 -1.94 4.33
C THR E 358 6.75 -1.00 5.49
N LEU E 359 5.69 -0.50 6.12
CA LEU E 359 5.92 0.35 7.28
C LEU E 359 5.97 -0.44 8.57
N GLU E 360 5.19 -1.51 8.71
CA GLU E 360 5.06 -2.11 10.02
C GLU E 360 5.92 -3.36 10.16
N ILE E 361 7.03 -3.38 9.41
CA ILE E 361 8.24 -4.03 9.89
C ILE E 361 8.99 -3.06 10.79
N ALA E 362 8.81 -1.76 10.56
CA ALA E 362 9.53 -0.79 11.37
C ALA E 362 8.81 -0.47 12.67
N GLU E 363 7.73 -1.18 12.99
CA GLU E 363 7.33 -1.17 14.38
C GLU E 363 7.97 -2.32 15.11
N ILE E 364 8.30 -3.39 14.40
CA ILE E 364 8.97 -4.53 15.02
C ILE E 364 10.42 -4.17 15.33
N SER E 365 11.15 -3.72 14.33
CA SER E 365 12.58 -3.41 14.50
C SER E 365 12.83 -2.08 15.21
N ARG E 366 11.82 -1.50 15.85
CA ARG E 366 12.00 -0.48 16.87
C ARG E 366 11.38 -0.92 18.19
N SER E 367 11.03 -2.21 18.27
CA SER E 367 10.54 -2.76 19.52
C SER E 367 11.27 -4.06 19.83
N LEU E 368 11.81 -4.71 18.81
CA LEU E 368 12.75 -5.79 19.08
C LEU E 368 14.07 -5.24 19.54
N LYS E 369 14.47 -4.08 19.04
CA LYS E 369 15.66 -3.44 19.57
C LYS E 369 15.42 -2.96 20.98
N ALA E 370 14.20 -2.52 21.29
CA ALA E 370 13.89 -1.95 22.60
C ALA E 370 13.96 -2.96 23.73
N LEU E 371 14.00 -4.25 23.42
CA LEU E 371 14.31 -5.27 24.40
C LEU E 371 15.76 -5.15 24.87
N ALA E 372 16.70 -5.16 23.92
CA ALA E 372 18.10 -5.40 24.24
C ALA E 372 18.71 -4.27 25.02
N LYS E 373 18.22 -3.06 24.84
CA LYS E 373 18.67 -1.96 25.68
C LYS E 373 18.02 -1.96 27.04
N GLU E 374 17.05 -2.84 27.29
CA GLU E 374 16.38 -2.90 28.58
C GLU E 374 16.43 -4.29 29.22
N LEU E 375 17.03 -5.27 28.55
CA LEU E 375 17.18 -6.61 29.09
C LEU E 375 18.54 -7.22 28.86
N ASN E 376 19.36 -6.62 28.00
CA ASN E 376 20.70 -7.09 27.65
C ASN E 376 20.67 -8.52 27.11
N VAL E 377 19.77 -8.74 26.16
CA VAL E 377 19.54 -10.08 25.64
C VAL E 377 19.79 -10.14 24.14
N PRO E 378 20.51 -11.12 23.65
CA PRO E 378 20.68 -11.24 22.20
C PRO E 378 19.48 -11.83 21.50
N VAL E 379 18.67 -10.99 20.88
CA VAL E 379 17.35 -11.40 20.40
C VAL E 379 17.50 -12.07 19.05
N VAL E 380 17.61 -13.39 19.03
CA VAL E 380 17.81 -14.12 17.79
C VAL E 380 16.46 -14.26 17.11
N ALA E 381 16.06 -13.25 16.35
CA ALA E 381 14.84 -13.36 15.57
C ALA E 381 15.18 -14.13 14.31
N LEU E 382 14.16 -14.53 13.59
CA LEU E 382 14.36 -15.09 12.26
C LEU E 382 13.72 -14.12 11.27
N SER E 383 13.74 -14.48 9.98
CA SER E 383 13.29 -13.53 8.98
C SER E 383 12.97 -14.26 7.69
N GLN E 384 12.90 -13.52 6.60
CA GLN E 384 12.51 -14.04 5.31
C GLN E 384 13.54 -13.65 4.26
N LEU E 385 13.42 -14.25 3.08
CA LEU E 385 14.11 -13.78 1.88
C LEU E 385 13.12 -13.92 0.73
N ASN E 386 13.20 -13.02 -0.26
CA ASN E 386 12.16 -12.91 -1.28
C ASN E 386 12.26 -14.05 -2.30
N ARG E 387 11.50 -13.90 -3.38
CA ARG E 387 11.49 -14.91 -4.43
C ARG E 387 12.66 -14.82 -5.37
N SER E 388 13.33 -13.66 -5.43
CA SER E 388 14.29 -13.40 -6.49
C SER E 388 15.60 -14.15 -6.31
N LEU E 389 15.79 -14.83 -5.19
CA LEU E 389 17.04 -15.53 -4.96
C LEU E 389 17.12 -16.86 -5.70
N GLU E 390 16.03 -17.29 -6.34
CA GLU E 390 16.11 -18.40 -7.27
C GLU E 390 16.14 -17.94 -8.72
N GLN E 391 16.42 -16.67 -8.96
CA GLN E 391 16.62 -16.12 -10.30
C GLN E 391 18.07 -15.82 -10.62
N ARG E 392 18.83 -15.36 -9.63
CA ARG E 392 20.18 -14.85 -9.83
C ARG E 392 21.16 -15.99 -10.07
N ALA E 393 22.38 -15.63 -10.46
CA ALA E 393 23.45 -16.61 -10.58
C ALA E 393 24.17 -16.84 -9.27
N ASP E 394 24.20 -15.85 -8.39
CA ASP E 394 24.71 -16.02 -7.04
C ASP E 394 23.55 -15.92 -6.07
N LYS E 395 23.08 -17.06 -5.59
CA LYS E 395 21.96 -17.12 -4.67
C LYS E 395 22.38 -16.83 -3.25
N ARG E 396 23.64 -16.52 -3.02
CA ARG E 396 24.12 -16.10 -1.73
C ARG E 396 23.50 -14.76 -1.41
N PRO E 397 22.86 -14.60 -0.28
CA PRO E 397 22.15 -13.37 -0.01
C PRO E 397 23.11 -12.26 0.36
N VAL E 398 22.77 -11.05 -0.04
CA VAL E 398 23.38 -9.85 0.47
C VAL E 398 22.30 -9.03 1.16
N ASN E 399 22.67 -7.85 1.65
CA ASN E 399 21.75 -7.02 2.40
C ASN E 399 20.62 -6.49 1.54
N SER E 400 20.84 -6.40 0.23
CA SER E 400 19.84 -5.90 -0.71
C SER E 400 18.94 -7.02 -1.23
N ASP E 401 18.68 -8.03 -0.41
CA ASP E 401 17.66 -9.01 -0.69
C ASP E 401 16.47 -8.90 0.24
N LEU E 402 16.55 -8.08 1.27
CA LEU E 402 15.39 -7.75 2.09
C LEU E 402 14.68 -6.50 1.57
N ARG E 403 14.39 -6.49 0.25
CA ARG E 403 13.89 -5.32 -0.46
C ARG E 403 12.52 -4.88 0.00
N GLU E 404 11.65 -5.81 0.35
CA GLU E 404 10.26 -5.51 0.68
C GLU E 404 10.13 -5.03 2.11
N SER E 405 10.98 -5.54 3.00
CA SER E 405 10.95 -5.14 4.39
C SER E 405 11.48 -3.72 4.57
N GLY E 406 12.74 -3.50 4.24
CA GLY E 406 13.33 -2.17 4.30
C GLY E 406 13.99 -1.78 5.60
N SER E 407 13.27 -1.91 6.69
CA SER E 407 13.78 -1.46 7.98
C SER E 407 14.37 -2.59 8.81
N ILE E 408 14.60 -3.77 8.24
CA ILE E 408 15.19 -4.81 9.05
C ILE E 408 16.70 -4.59 9.17
N GLU E 409 17.33 -4.02 8.15
CA GLU E 409 18.74 -3.67 8.17
C GLU E 409 19.00 -2.37 8.94
N GLN E 410 17.94 -1.75 9.48
CA GLN E 410 18.07 -0.58 10.33
C GLN E 410 18.86 -0.90 11.59
N ASP E 411 18.38 -1.86 12.38
CA ASP E 411 18.96 -2.15 13.68
C ASP E 411 19.56 -3.54 13.76
N ALA E 412 19.75 -4.22 12.65
CA ALA E 412 20.25 -5.59 12.67
C ALA E 412 21.73 -5.58 13.00
N ASP E 413 22.06 -5.59 14.30
CA ASP E 413 23.45 -5.51 14.71
C ASP E 413 24.22 -6.78 14.41
N LEU E 414 23.53 -7.82 13.95
CA LEU E 414 24.13 -8.92 13.24
C LEU E 414 23.13 -9.34 12.17
N ILE E 415 23.63 -9.97 11.12
CA ILE E 415 22.80 -10.64 10.14
C ILE E 415 23.57 -11.87 9.71
N MET E 416 22.94 -13.03 9.78
CA MET E 416 23.58 -14.26 9.36
C MET E 416 22.68 -14.93 8.34
N PHE E 417 22.89 -14.64 7.07
CA PHE E 417 22.28 -15.41 6.03
C PHE E 417 22.78 -16.85 6.09
N ILE E 418 21.94 -17.80 5.73
CA ILE E 418 22.32 -19.21 5.74
C ILE E 418 22.06 -19.80 4.37
N TYR E 419 23.05 -19.76 3.49
CA TYR E 419 22.92 -20.42 2.20
C TYR E 419 23.70 -21.72 2.24
N ARG E 420 23.01 -22.82 2.05
CA ARG E 420 23.72 -24.08 1.83
C ARG E 420 23.56 -24.48 0.38
N ASP E 421 24.59 -25.11 -0.18
CA ASP E 421 24.61 -25.32 -1.62
C ASP E 421 23.83 -26.56 -2.01
N GLU E 422 23.71 -27.52 -1.10
CA GLU E 422 23.14 -28.79 -1.49
C GLU E 422 21.64 -28.78 -1.61
N VAL E 423 20.94 -27.73 -1.16
CA VAL E 423 19.49 -27.70 -1.32
C VAL E 423 19.12 -27.40 -2.76
N TYR E 424 20.02 -26.79 -3.53
CA TYR E 424 19.74 -26.47 -4.91
C TYR E 424 20.46 -27.36 -5.87
N HIS E 425 21.65 -27.83 -5.49
CA HIS E 425 22.51 -28.55 -6.40
C HIS E 425 22.89 -29.86 -5.72
N GLU E 426 22.03 -30.84 -5.86
CA GLU E 426 22.16 -32.07 -5.10
C GLU E 426 23.26 -32.98 -5.61
N ASN E 427 23.92 -32.65 -6.72
CA ASN E 427 25.15 -33.31 -7.12
C ASN E 427 26.32 -32.35 -7.13
N SER E 428 26.47 -31.57 -6.06
CA SER E 428 27.64 -30.75 -5.84
C SER E 428 28.58 -31.44 -4.85
N ASP E 429 29.68 -30.75 -4.53
CA ASP E 429 30.67 -31.29 -3.62
C ASP E 429 30.56 -30.69 -2.22
N LEU E 430 29.58 -29.82 -2.00
CA LEU E 430 29.31 -29.28 -0.67
C LEU E 430 28.24 -30.07 0.04
N LYS E 431 28.16 -31.36 -0.22
CA LYS E 431 27.04 -32.19 0.21
C LYS E 431 27.13 -32.42 1.72
N GLY E 432 26.48 -31.53 2.46
CA GLY E 432 26.36 -31.69 3.90
C GLY E 432 27.03 -30.58 4.67
N ILE E 433 27.25 -29.43 4.03
CA ILE E 433 27.97 -28.33 4.65
C ILE E 433 27.09 -27.10 4.56
N ALA E 434 26.54 -26.68 5.68
CA ALA E 434 25.91 -25.37 5.74
C ALA E 434 27.00 -24.32 5.84
N GLU E 435 26.66 -23.09 5.53
CA GLU E 435 27.60 -22.00 5.73
C GLU E 435 26.83 -20.82 6.26
N ILE E 436 27.53 -19.93 6.94
CA ILE E 436 26.90 -18.81 7.61
C ILE E 436 27.55 -17.55 7.10
N ILE E 437 26.98 -16.96 6.06
CA ILE E 437 27.37 -15.65 5.57
C ILE E 437 27.01 -14.65 6.64
N ILE E 438 27.98 -13.88 7.12
CA ILE E 438 27.73 -12.86 8.13
C ILE E 438 27.44 -11.56 7.39
N GLY E 439 26.22 -11.06 7.50
CA GLY E 439 25.84 -9.96 6.64
C GLY E 439 26.24 -8.59 7.12
N LYS E 440 26.59 -8.46 8.39
CA LYS E 440 26.82 -7.14 8.95
C LYS E 440 27.56 -7.32 10.26
N GLN E 441 27.86 -6.21 10.92
CA GLN E 441 28.47 -6.19 12.24
C GLN E 441 28.40 -4.76 12.76
N ARG E 442 28.30 -4.61 14.07
CA ARG E 442 28.45 -3.30 14.68
C ARG E 442 29.73 -3.18 15.50
N ASN E 443 30.44 -4.27 15.73
CA ASN E 443 31.63 -4.22 16.56
C ASN E 443 32.70 -5.17 16.05
N GLY E 444 32.86 -5.27 14.74
CA GLY E 444 33.87 -6.16 14.23
C GLY E 444 33.76 -6.44 12.75
N PRO E 445 34.29 -7.57 12.32
CA PRO E 445 34.35 -7.89 10.90
C PRO E 445 33.13 -8.69 10.45
N ILE E 446 33.09 -8.96 9.15
CA ILE E 446 32.13 -9.86 8.54
C ILE E 446 32.95 -10.97 7.90
N GLY E 447 32.32 -11.89 7.18
CA GLY E 447 33.16 -12.88 6.50
C GLY E 447 32.35 -14.09 6.08
N THR E 448 32.87 -15.27 6.43
CA THR E 448 32.21 -16.55 6.15
C THR E 448 32.64 -17.58 7.18
N VAL E 449 31.68 -18.05 7.97
CA VAL E 449 31.85 -19.18 8.88
C VAL E 449 31.26 -20.38 8.16
N ARG E 450 31.88 -21.55 8.30
CA ARG E 450 31.33 -22.75 7.69
C ARG E 450 31.14 -23.84 8.73
N LEU E 451 29.92 -24.36 8.83
CA LEU E 451 29.54 -25.39 9.77
C LEU E 451 29.20 -26.69 9.03
N THR E 452 28.87 -27.74 9.79
CA THR E 452 28.55 -29.04 9.21
C THR E 452 27.07 -29.31 9.35
N PHE E 453 26.44 -29.67 8.24
CA PHE E 453 25.06 -30.13 8.25
C PHE E 453 25.03 -31.63 8.52
N ASN E 454 24.00 -32.08 9.24
CA ASN E 454 23.80 -33.50 9.47
C ASN E 454 22.30 -33.70 9.63
N GLY E 455 21.64 -34.17 8.57
CA GLY E 455 20.20 -34.14 8.47
C GLY E 455 19.45 -35.10 9.33
N GLN E 456 20.14 -36.03 9.97
CA GLN E 456 19.44 -37.01 10.78
C GLN E 456 18.94 -36.41 12.09
N TRP E 457 19.71 -35.56 12.74
CA TRP E 457 19.39 -35.22 14.12
C TRP E 457 18.90 -33.78 14.28
N SER E 458 18.73 -33.06 13.18
CA SER E 458 18.60 -31.59 13.16
C SER E 458 19.71 -30.93 13.96
N ARG E 459 20.95 -31.33 13.67
CA ARG E 459 22.13 -30.77 14.31
C ARG E 459 22.97 -30.07 13.26
N PHE E 460 23.47 -28.90 13.62
CA PHE E 460 24.53 -28.22 12.89
C PHE E 460 25.83 -28.46 13.64
N ASP E 461 26.48 -29.56 13.31
CA ASP E 461 27.72 -30.00 13.94
C ASP E 461 28.84 -29.05 13.52
N ASN E 462 29.91 -29.04 14.31
CA ASN E 462 31.04 -28.19 13.97
C ASN E 462 31.76 -28.74 12.76
N TYR E 463 32.51 -27.87 12.10
CA TYR E 463 33.19 -28.26 10.88
C TYR E 463 34.30 -29.26 11.19
N ALA E 464 34.53 -30.16 10.25
CA ALA E 464 35.69 -31.03 10.32
C ALA E 464 36.90 -30.16 10.07
N GLY E 465 37.56 -29.76 11.17
CA GLY E 465 37.87 -28.34 11.45
C GLY E 465 38.75 -27.55 10.49
N PRO E 466 40.05 -27.81 10.49
CA PRO E 466 40.96 -26.82 9.91
C PRO E 466 41.03 -26.80 8.39
N GLN E 467 40.39 -25.80 7.79
CA GLN E 467 40.89 -24.99 6.69
C GLN E 467 41.68 -25.74 5.61
N TYR E 468 40.99 -26.64 4.90
CA TYR E 468 41.62 -27.63 4.02
C TYR E 468 42.44 -26.97 2.91
N ASP E 469 43.52 -27.66 2.52
CA ASP E 469 44.52 -27.08 1.64
C ASP E 469 44.02 -26.91 0.21
N ASP E 470 43.06 -27.74 -0.22
CA ASP E 470 42.41 -27.51 -1.50
C ASP E 470 41.55 -26.26 -1.47
N GLU E 471 41.02 -25.90 -0.31
CA GLU E 471 40.19 -24.71 -0.14
C GLU E 471 40.99 -23.58 0.50
N VAL F 21 -29.25 38.83 46.90
CA VAL F 21 -29.22 40.15 46.29
C VAL F 21 -29.74 40.03 44.86
N ALA F 22 -28.81 39.77 43.94
CA ALA F 22 -29.05 39.69 42.51
C ALA F 22 -27.88 38.92 41.91
N GLY F 23 -27.66 39.09 40.61
CA GLY F 23 -26.47 38.56 39.96
C GLY F 23 -25.20 39.14 40.55
N LEU F 24 -24.51 38.33 41.34
CA LEU F 24 -23.29 38.79 42.01
C LEU F 24 -22.10 38.79 41.07
N LYS F 25 -22.12 37.92 40.06
CA LYS F 25 -21.09 37.80 39.01
C LYS F 25 -19.71 37.53 39.62
N VAL F 26 -19.59 36.37 40.22
CA VAL F 26 -18.31 35.92 40.79
C VAL F 26 -17.31 35.73 39.66
N PRO F 27 -16.11 36.29 39.76
CA PRO F 27 -15.08 36.08 38.75
C PRO F 27 -14.67 34.62 38.69
N PRO F 28 -14.65 34.03 37.50
CA PRO F 28 -14.44 32.58 37.37
C PRO F 28 -13.00 32.22 37.67
N HIS F 29 -12.78 31.55 38.79
CA HIS F 29 -11.48 31.04 39.16
C HIS F 29 -11.61 29.57 39.50
N SER F 30 -10.55 28.96 40.00
CA SER F 30 -10.63 27.57 40.44
C SER F 30 -9.64 27.35 41.57
N ILE F 31 -10.09 27.60 42.80
CA ILE F 31 -9.20 27.48 43.96
C ILE F 31 -8.92 26.02 44.25
N GLU F 32 -9.91 25.17 44.00
CA GLU F 32 -9.75 23.74 44.13
C GLU F 32 -8.71 23.19 43.17
N ALA F 33 -8.55 23.82 42.00
CA ALA F 33 -7.39 23.52 41.18
C ALA F 33 -6.17 24.32 41.63
N GLU F 34 -6.35 25.49 42.24
CA GLU F 34 -5.19 26.21 42.78
C GLU F 34 -4.64 25.56 44.04
N GLN F 35 -5.38 24.63 44.66
CA GLN F 35 -4.74 23.64 45.49
C GLN F 35 -3.79 22.80 44.66
N SER F 36 -4.26 22.33 43.50
CA SER F 36 -3.56 21.27 42.79
C SER F 36 -2.35 21.82 42.05
N VAL F 37 -2.48 23.00 41.45
CA VAL F 37 -1.41 23.50 40.59
C VAL F 37 -0.21 23.92 41.43
N LEU F 38 -0.43 24.57 42.57
CA LEU F 38 0.69 24.91 43.43
C LEU F 38 1.12 23.70 44.27
N GLY F 39 0.19 22.79 44.55
CA GLY F 39 0.51 21.64 45.37
C GLY F 39 1.10 20.47 44.62
N GLY F 40 0.62 20.20 43.41
CA GLY F 40 1.11 19.08 42.63
C GLY F 40 2.46 19.36 42.02
N LEU F 41 2.85 20.63 42.02
CA LEU F 41 4.24 20.94 41.68
C LEU F 41 5.17 20.60 42.82
N MET F 42 4.71 20.73 44.07
CA MET F 42 5.59 20.61 45.21
C MET F 42 6.05 19.17 45.41
N LEU F 43 5.23 18.20 44.99
CA LEU F 43 5.59 16.80 45.04
C LEU F 43 6.23 16.31 43.75
N ASP F 44 6.49 17.23 42.81
CA ASP F 44 6.85 16.80 41.47
C ASP F 44 7.66 17.93 40.82
N ASN F 45 8.98 17.83 40.91
CA ASN F 45 9.86 18.88 40.40
C ASN F 45 10.34 18.63 38.98
N GLU F 46 10.00 17.50 38.38
CA GLU F 46 10.37 17.29 37.00
C GLU F 46 9.51 18.14 36.07
N ARG F 47 8.34 18.54 36.55
CA ARG F 47 7.33 19.16 35.69
C ARG F 47 7.14 20.62 36.04
N TRP F 48 8.23 21.34 36.25
CA TRP F 48 8.12 22.79 36.30
C TRP F 48 8.28 23.41 34.93
N ASP F 49 8.86 22.66 33.99
CA ASP F 49 8.99 23.15 32.63
C ASP F 49 7.65 23.18 31.91
N ASP F 50 6.80 22.21 32.17
CA ASP F 50 5.53 22.07 31.49
C ASP F 50 4.47 23.04 32.00
N VAL F 51 4.65 23.59 33.19
CA VAL F 51 3.66 24.46 33.80
C VAL F 51 3.91 25.92 33.44
N ALA F 52 5.18 26.36 33.46
CA ALA F 52 5.54 27.71 33.06
C ALA F 52 5.24 27.99 31.59
N GLU F 53 5.21 26.95 30.75
CA GLU F 53 4.72 27.11 29.39
C GLU F 53 3.23 27.41 29.35
N ARG F 54 2.50 27.14 30.43
CA ARG F 54 1.07 27.37 30.48
C ARG F 54 0.70 28.39 31.54
N VAL F 55 1.13 28.18 32.78
CA VAL F 55 0.76 29.06 33.88
C VAL F 55 2.00 29.83 34.32
N VAL F 56 1.87 31.15 34.37
CA VAL F 56 2.92 32.01 34.93
C VAL F 56 2.35 32.70 36.14
N ALA F 57 3.09 33.62 36.74
CA ALA F 57 2.52 34.46 37.77
C ALA F 57 1.48 35.41 37.17
N ASP F 58 0.70 36.02 38.05
CA ASP F 58 -0.46 36.86 37.72
C ASP F 58 -1.51 36.07 36.92
N ASP F 59 -1.53 34.75 37.10
CA ASP F 59 -2.62 33.92 36.63
C ASP F 59 -3.50 33.44 37.78
N PHE F 60 -3.05 33.63 39.01
CA PHE F 60 -3.74 33.11 40.17
C PHE F 60 -4.65 34.17 40.74
N TYR F 61 -5.81 33.74 41.24
CA TYR F 61 -6.81 34.69 41.71
C TYR F 61 -6.51 35.25 43.10
N THR F 62 -5.90 34.48 43.97
CA THR F 62 -5.68 34.87 45.36
C THR F 62 -4.24 35.31 45.57
N ARG F 63 -4.06 36.45 46.21
CA ARG F 63 -2.73 37.01 46.42
C ARG F 63 -1.78 36.22 47.35
N PRO F 64 -2.22 35.47 48.38
CA PRO F 64 -1.24 34.59 49.03
C PRO F 64 -0.81 33.41 48.16
N HIS F 65 -1.63 33.04 47.18
CA HIS F 65 -1.17 32.03 46.23
C HIS F 65 -0.11 32.60 45.31
N ARG F 66 -0.21 33.89 45.00
CA ARG F 66 0.60 34.46 43.92
C ARG F 66 2.07 34.58 44.29
N HIS F 67 2.39 34.83 45.56
CA HIS F 67 3.78 34.92 45.97
C HIS F 67 4.45 33.54 46.03
N ILE F 68 3.66 32.48 46.06
CA ILE F 68 4.23 31.14 46.11
C ILE F 68 4.90 30.81 44.78
N PHE F 69 4.18 30.98 43.67
CA PHE F 69 4.77 30.66 42.38
C PHE F 69 5.78 31.69 41.97
N THR F 70 5.76 32.87 42.57
CA THR F 70 6.82 33.85 42.32
C THR F 70 8.15 33.38 42.87
N GLU F 71 8.17 32.88 44.11
CA GLU F 71 9.40 32.36 44.67
C GLU F 71 9.63 30.90 44.31
N MET F 72 8.70 30.30 43.59
CA MET F 72 8.94 28.99 43.00
C MET F 72 9.70 29.09 41.70
N ALA F 73 9.96 30.31 41.23
CA ALA F 73 10.80 30.50 40.06
C ALA F 73 12.26 30.66 40.42
N ARG F 74 12.56 31.36 41.51
CA ARG F 74 13.95 31.65 41.89
C ARG F 74 14.69 30.39 42.31
N LEU F 75 14.02 29.50 43.04
CA LEU F 75 14.65 28.25 43.44
C LEU F 75 14.87 27.35 42.24
N GLN F 76 14.02 27.46 41.23
CA GLN F 76 14.34 26.85 39.95
C GLN F 76 15.53 27.55 39.29
N GLU F 77 15.60 28.88 39.42
CA GLU F 77 16.73 29.62 38.88
C GLU F 77 18.00 29.39 39.69
N SER F 78 17.90 29.43 41.01
CA SER F 78 19.05 29.15 41.86
C SER F 78 19.30 27.65 41.99
N GLY F 79 18.49 26.82 41.35
CA GLY F 79 18.77 25.41 41.19
C GLY F 79 18.42 24.55 42.39
N SER F 80 17.95 25.15 43.48
CA SER F 80 17.55 24.38 44.66
C SER F 80 16.18 23.80 44.39
N PRO F 81 16.04 22.48 44.29
CA PRO F 81 14.74 21.91 43.94
C PRO F 81 13.80 21.93 45.14
N ILE F 82 12.50 21.90 44.85
CA ILE F 82 11.46 22.27 45.80
C ILE F 82 10.93 21.03 46.49
N ASP F 83 10.46 21.21 47.71
CA ASP F 83 9.72 20.20 48.46
C ASP F 83 8.85 21.01 49.41
N LEU F 84 8.38 20.40 50.49
CA LEU F 84 7.85 21.23 51.56
C LEU F 84 8.96 21.98 52.28
N ILE F 85 10.19 21.47 52.22
CA ILE F 85 11.25 21.96 53.09
C ILE F 85 11.96 23.16 52.47
N THR F 86 12.56 22.97 51.28
CA THR F 86 13.46 23.99 50.73
C THR F 86 12.71 25.25 50.32
N LEU F 87 11.42 25.12 50.04
CA LEU F 87 10.60 26.30 49.88
C LEU F 87 10.41 27.02 51.20
N ALA F 88 10.21 26.27 52.28
CA ALA F 88 9.92 26.88 53.57
C ALA F 88 11.14 27.58 54.15
N GLU F 89 12.32 26.96 54.00
CA GLU F 89 13.55 27.58 54.48
C GLU F 89 13.88 28.84 53.70
N SER F 90 13.75 28.79 52.37
CA SER F 90 14.09 29.93 51.53
C SER F 90 13.15 31.10 51.77
N LEU F 91 11.86 30.79 51.92
CA LEU F 91 10.93 31.84 52.28
C LEU F 91 11.11 32.32 53.71
N GLU F 92 11.70 31.49 54.58
CA GLU F 92 12.12 32.00 55.87
C GLU F 92 13.42 32.78 55.75
N ARG F 93 14.29 32.40 54.82
CA ARG F 93 15.45 33.23 54.52
C ARG F 93 15.03 34.54 53.87
N GLN F 94 13.90 34.54 53.18
CA GLN F 94 13.28 35.80 52.79
C GLN F 94 12.58 36.45 53.98
N GLY F 95 11.93 35.65 54.82
CA GLY F 95 11.12 36.19 55.89
C GLY F 95 9.71 36.49 55.45
N GLN F 96 9.09 35.51 54.79
CA GLN F 96 7.72 35.67 54.31
C GLN F 96 6.84 34.47 54.59
N LEU F 97 7.04 33.76 55.71
CA LEU F 97 6.28 32.55 56.00
C LEU F 97 4.81 32.82 56.26
N ASP F 98 4.46 34.02 56.73
CA ASP F 98 3.06 34.33 56.93
C ASP F 98 2.37 34.68 55.62
N SER F 99 3.15 35.13 54.63
CA SER F 99 2.64 35.50 53.31
C SER F 99 2.09 34.30 52.54
N VAL F 100 2.53 33.10 52.90
CA VAL F 100 2.00 31.85 52.38
C VAL F 100 0.92 31.31 53.33
N GLY F 101 0.81 31.94 54.51
CA GLY F 101 -0.10 31.46 55.51
C GLY F 101 0.44 30.39 56.40
N GLY F 102 1.71 30.49 56.80
CA GLY F 102 2.34 29.50 57.64
C GLY F 102 2.66 28.21 56.91
N PHE F 103 3.50 27.39 57.53
CA PHE F 103 3.84 26.10 56.94
C PHE F 103 2.74 25.08 57.12
N ALA F 104 1.68 25.40 57.88
CA ALA F 104 0.47 24.59 57.86
C ALA F 104 -0.24 24.70 56.52
N TYR F 105 -0.05 25.81 55.82
CA TYR F 105 -0.64 25.94 54.49
C TYR F 105 0.06 25.02 53.50
N LEU F 106 1.31 24.67 53.77
CA LEU F 106 2.01 23.70 52.93
C LEU F 106 1.56 22.27 53.19
N ALA F 107 0.82 22.04 54.28
CA ALA F 107 0.45 20.67 54.63
C ALA F 107 -0.59 20.11 53.68
N GLU F 108 -1.69 20.85 53.48
CA GLU F 108 -2.76 20.40 52.59
C GLU F 108 -2.27 20.31 51.15
N LEU F 109 -1.40 21.24 50.76
CA LEU F 109 -0.80 21.19 49.44
C LEU F 109 0.21 20.05 49.32
N SER F 110 0.63 19.48 50.46
CA SER F 110 1.42 18.27 50.41
C SER F 110 0.57 17.04 50.70
N LYS F 111 -0.56 17.22 51.39
CA LYS F 111 -1.46 16.09 51.66
C LYS F 111 -2.54 15.92 50.62
N ASN F 112 -3.39 16.94 50.45
CA ASN F 112 -4.66 16.75 49.74
C ASN F 112 -4.47 16.61 48.24
N THR F 113 -3.35 17.05 47.70
CA THR F 113 -2.99 16.65 46.36
C THR F 113 -2.51 15.20 46.40
N PRO F 114 -3.36 14.24 46.00
CA PRO F 114 -3.27 12.87 46.57
C PRO F 114 -2.03 12.08 46.23
N SER F 115 -1.78 11.78 44.96
CA SER F 115 -0.56 11.05 44.67
C SER F 115 0.21 11.62 43.49
N ALA F 116 -0.50 11.90 42.42
CA ALA F 116 0.07 12.26 41.13
C ALA F 116 -1.09 12.67 40.24
N ALA F 117 -0.77 13.02 38.99
CA ALA F 117 -1.73 13.09 37.87
C ALA F 117 -2.75 14.22 38.03
N ASN F 118 -2.37 15.38 38.57
CA ASN F 118 -3.30 16.48 38.79
C ASN F 118 -2.70 17.83 38.40
N ILE F 119 -1.98 17.90 37.28
CA ILE F 119 -1.27 19.14 36.99
C ILE F 119 -1.54 19.68 35.60
N SER F 120 -1.34 18.85 34.56
CA SER F 120 -1.19 19.37 33.20
C SER F 120 -2.48 19.98 32.67
N ALA F 121 -3.62 19.37 32.95
CA ALA F 121 -4.89 19.97 32.59
C ALA F 121 -5.52 20.79 33.72
N TYR F 122 -5.08 20.59 34.97
CA TYR F 122 -5.54 21.44 36.07
C TYR F 122 -5.00 22.86 36.00
N ALA F 123 -3.96 23.09 35.20
CA ALA F 123 -3.41 24.43 35.09
C ALA F 123 -4.00 25.16 33.89
N ASP F 124 -4.38 24.42 32.86
CA ASP F 124 -5.05 25.01 31.70
C ASP F 124 -6.41 25.57 32.07
N ILE F 125 -7.05 25.04 33.12
CA ILE F 125 -8.27 25.65 33.63
C ILE F 125 -7.98 27.01 34.23
N VAL F 126 -6.97 27.12 35.10
CA VAL F 126 -6.67 28.42 35.68
C VAL F 126 -5.91 29.28 34.68
N ARG F 127 -5.47 28.69 33.57
CA ARG F 127 -5.07 29.51 32.43
C ARG F 127 -6.30 30.10 31.75
N GLU F 128 -7.32 29.28 31.52
CA GLU F 128 -8.50 29.70 30.80
C GLU F 128 -9.72 29.91 31.69
N ARG F 129 -9.51 30.07 33.00
CA ARG F 129 -10.43 30.82 33.84
C ARG F 129 -9.97 32.25 34.07
N ALA F 130 -8.66 32.50 33.97
CA ALA F 130 -8.11 33.77 34.38
C ALA F 130 -8.11 34.79 33.27
N VAL F 131 -7.91 34.34 32.03
CA VAL F 131 -7.94 35.25 30.89
C VAL F 131 -9.33 35.83 30.74
N VAL F 132 -10.36 35.00 30.91
CA VAL F 132 -11.71 35.50 30.81
C VAL F 132 -12.07 36.33 32.04
N ARG F 133 -11.34 36.16 33.14
CA ARG F 133 -11.56 37.00 34.31
C ARG F 133 -10.90 38.37 34.13
N GLU F 134 -9.77 38.41 33.45
CA GLU F 134 -9.07 39.67 33.22
C GLU F 134 -9.83 40.56 32.25
N MET F 135 -10.50 39.96 31.26
CA MET F 135 -11.25 40.74 30.28
C MET F 135 -12.46 41.41 30.90
N ILE F 136 -13.05 40.80 31.92
CA ILE F 136 -14.16 41.41 32.63
C ILE F 136 -13.72 42.69 33.33
N SER F 137 -12.50 42.68 33.87
CA SER F 137 -11.89 43.92 34.35
C SER F 137 -11.59 44.87 33.22
N VAL F 138 -11.21 44.33 32.06
CA VAL F 138 -10.90 45.17 30.90
C VAL F 138 -12.17 45.82 30.36
N ALA F 139 -13.22 45.01 30.19
CA ALA F 139 -14.42 45.50 29.51
C ALA F 139 -15.19 46.49 30.37
N ASN F 140 -15.23 46.26 31.68
CA ASN F 140 -16.12 47.06 32.53
C ASN F 140 -15.56 48.46 32.76
N GLU F 141 -14.24 48.59 32.76
CA GLU F 141 -13.65 49.93 32.78
C GLU F 141 -13.72 50.60 31.42
N ILE F 142 -13.67 49.81 30.34
CA ILE F 142 -14.07 50.33 29.04
C ILE F 142 -15.55 50.69 29.04
N ALA F 143 -16.36 49.89 29.73
CA ALA F 143 -17.75 50.28 29.96
C ALA F 143 -17.86 51.48 30.89
N GLU F 144 -16.88 51.70 31.76
CA GLU F 144 -16.81 52.99 32.45
C GLU F 144 -16.36 54.08 31.48
N ALA F 145 -15.45 53.75 30.56
CA ALA F 145 -14.90 54.74 29.65
C ALA F 145 -15.94 55.27 28.68
N GLY F 146 -16.96 54.47 28.37
CA GLY F 146 -18.00 54.94 27.48
C GLY F 146 -19.10 55.70 28.19
N PHE F 147 -19.32 55.43 29.47
CA PHE F 147 -20.45 56.01 30.20
C PHE F 147 -20.05 57.21 31.06
N ASP F 148 -19.76 58.34 30.39
CA ASP F 148 -19.52 59.66 30.96
C ASP F 148 -18.44 59.71 32.04
N PRO F 149 -17.16 59.63 31.69
CA PRO F 149 -16.13 59.93 32.69
C PRO F 149 -15.94 61.44 32.82
N GLN F 150 -15.01 61.88 33.66
CA GLN F 150 -14.66 63.29 33.69
C GLN F 150 -13.82 63.65 32.48
N GLY F 151 -13.38 64.92 32.43
CA GLY F 151 -12.82 65.59 31.27
C GLY F 151 -11.79 64.84 30.43
N ARG F 152 -12.17 64.50 29.20
CA ARG F 152 -11.50 63.43 28.48
C ARG F 152 -11.46 63.75 27.00
N THR F 153 -10.68 62.97 26.26
CA THR F 153 -10.52 63.09 24.83
C THR F 153 -11.36 62.01 24.12
N SER F 154 -11.41 62.12 22.80
CA SER F 154 -12.20 61.20 21.99
C SER F 154 -11.34 60.07 21.44
N GLU F 155 -10.34 60.40 20.63
CA GLU F 155 -9.59 59.37 19.94
C GLU F 155 -8.38 58.92 20.74
N ASP F 156 -8.12 59.53 21.90
CA ASP F 156 -7.07 59.03 22.77
C ASP F 156 -7.67 58.17 23.88
N LEU F 157 -8.97 58.33 24.16
CA LEU F 157 -9.65 57.40 25.05
C LEU F 157 -9.80 56.03 24.40
N LEU F 158 -9.89 55.99 23.07
CA LEU F 158 -9.70 54.72 22.37
C LEU F 158 -8.30 54.18 22.61
N ASP F 159 -7.30 55.06 22.60
CA ASP F 159 -5.95 54.63 22.92
C ASP F 159 -5.78 54.35 24.41
N LEU F 160 -6.62 54.97 25.25
CA LEU F 160 -6.65 54.61 26.65
C LEU F 160 -7.43 53.31 26.85
N ALA F 161 -8.23 52.91 25.86
CA ALA F 161 -8.80 51.57 25.86
C ALA F 161 -7.90 50.60 25.11
N GLU F 162 -7.12 51.10 24.14
CA GLU F 162 -6.11 50.27 23.50
C GLU F 162 -5.00 49.92 24.47
N SER F 163 -4.79 50.75 25.48
CA SER F 163 -3.81 50.47 26.51
C SER F 163 -4.31 49.48 27.55
N ARG F 164 -5.49 48.89 27.35
CA ARG F 164 -6.01 47.87 28.23
C ARG F 164 -6.22 46.53 27.53
N VAL F 165 -6.35 46.52 26.21
CA VAL F 165 -6.64 45.30 25.49
C VAL F 165 -5.35 44.54 25.20
N PHE F 166 -4.28 45.25 24.84
CA PHE F 166 -3.04 44.58 24.57
C PHE F 166 -2.14 44.47 25.80
N LYS F 167 -2.35 45.33 26.79
CA LYS F 167 -1.47 45.36 27.96
C LYS F 167 -1.70 44.18 28.87
N ILE F 168 -2.81 43.47 28.69
CA ILE F 168 -3.11 42.31 29.52
C ILE F 168 -2.57 41.03 28.89
N ALA F 169 -2.65 40.90 27.57
CA ALA F 169 -2.64 39.58 26.94
C ALA F 169 -1.50 39.39 25.98
N GLU F 170 -0.51 40.32 25.93
CA GLU F 170 0.94 39.94 25.81
C GLU F 170 1.61 40.52 27.03
N SER F 171 1.50 39.80 28.13
CA SER F 171 2.30 39.97 29.33
C SER F 171 2.79 38.60 29.76
N ARG F 172 3.06 37.76 28.77
CA ARG F 172 3.56 36.40 28.96
C ARG F 172 4.89 36.24 28.25
N ALA F 173 5.79 37.20 28.49
CA ALA F 173 7.11 37.18 27.87
C ALA F 173 8.21 37.35 28.92
N ASN F 174 6.50 34.44 25.64
CA ASN F 174 7.74 33.83 26.10
C ASN F 174 8.97 34.44 25.44
N LYS F 175 8.99 35.77 25.42
CA LYS F 175 10.12 36.59 24.98
C LYS F 175 10.49 36.30 23.53
N ASP F 176 9.47 36.34 22.66
CA ASP F 176 9.70 36.27 21.23
C ASP F 176 10.45 37.52 20.79
N GLU F 177 11.20 37.41 19.70
CA GLU F 177 12.12 38.48 19.33
C GLU F 177 11.32 39.67 18.78
N GLY F 178 10.76 40.45 19.69
CA GLY F 178 10.30 41.77 19.39
C GLY F 178 11.25 42.79 19.97
N PRO F 179 12.13 43.32 19.14
CA PRO F 179 12.96 44.46 19.57
C PRO F 179 12.13 45.72 19.48
N LYS F 180 12.45 46.72 20.32
CA LYS F 180 11.75 47.99 20.20
C LYS F 180 12.14 48.60 18.86
N ASN F 181 13.34 49.20 18.79
CA ASN F 181 14.49 48.82 17.97
C ASN F 181 15.49 49.95 18.08
N ILE F 182 16.78 49.65 18.29
CA ILE F 182 17.88 50.54 17.93
C ILE F 182 18.74 49.56 17.16
N ALA F 183 18.07 48.58 16.53
CA ALA F 183 18.65 47.43 15.86
C ALA F 183 19.59 46.68 16.81
N ASP F 184 18.97 46.10 17.84
CA ASP F 184 19.69 45.18 18.72
C ASP F 184 20.20 43.97 17.96
N VAL F 185 19.53 43.57 16.88
CA VAL F 185 20.02 42.52 16.02
C VAL F 185 21.30 42.96 15.30
N LEU F 186 21.46 44.27 15.09
CA LEU F 186 22.75 44.76 14.65
C LEU F 186 23.76 44.69 15.78
N ASP F 187 23.34 45.02 17.01
CA ASP F 187 24.24 44.99 18.15
C ASP F 187 24.76 43.60 18.43
N ALA F 188 23.88 42.60 18.31
CA ALA F 188 24.32 41.23 18.49
C ALA F 188 25.18 40.76 17.33
N THR F 189 24.83 41.11 16.09
CA THR F 189 25.64 40.70 14.96
C THR F 189 26.98 41.43 14.97
N VAL F 190 27.01 42.65 15.52
CA VAL F 190 28.28 43.24 15.91
C VAL F 190 28.95 42.38 16.97
N ALA F 191 28.23 42.06 18.05
CA ALA F 191 28.82 41.30 19.16
C ALA F 191 29.13 39.86 18.77
N ARG F 192 28.43 39.31 17.78
CA ARG F 192 28.82 37.99 17.29
C ARG F 192 30.01 38.10 16.34
N ILE F 193 30.21 39.27 15.74
CA ILE F 193 31.47 39.54 15.07
C ILE F 193 32.52 39.96 16.09
N GLU F 194 32.13 40.81 17.04
CA GLU F 194 33.00 41.21 18.13
C GLU F 194 33.00 40.12 19.20
N GLN F 195 33.53 38.95 18.86
CA GLN F 195 33.87 37.99 19.88
C GLN F 195 35.14 38.46 20.55
N LEU F 196 35.53 37.80 21.65
CA LEU F 196 36.67 38.23 22.45
C LEU F 196 38.00 37.98 21.74
N PHE F 197 37.98 37.35 20.56
CA PHE F 197 39.06 37.29 19.59
C PHE F 197 40.25 36.50 20.11
N GLN F 198 40.00 35.58 21.01
CA GLN F 198 40.92 34.47 21.22
C GLN F 198 40.91 33.60 19.96
N GLN F 199 42.07 33.01 19.67
CA GLN F 199 42.39 32.31 18.42
C GLN F 199 42.05 33.20 17.24
N PRO F 200 42.79 34.28 17.02
CA PRO F 200 42.34 35.29 16.05
C PRO F 200 42.50 34.87 14.61
N HIS F 201 43.25 33.80 14.35
CA HIS F 201 43.47 33.35 12.98
C HIS F 201 43.09 31.89 12.78
N ASP F 202 42.39 31.28 13.74
CA ASP F 202 42.19 29.84 13.72
C ASP F 202 40.88 29.43 13.05
N GLY F 203 40.63 29.96 11.85
CA GLY F 203 39.62 29.40 10.97
C GLY F 203 38.17 29.59 11.37
N VAL F 204 37.77 28.93 12.44
CA VAL F 204 36.36 28.76 12.75
C VAL F 204 35.87 29.91 13.61
N THR F 205 34.55 30.05 13.69
CA THR F 205 33.90 30.95 14.64
C THR F 205 33.21 30.21 15.76
N GLY F 206 32.27 29.33 15.43
CA GLY F 206 31.51 28.62 16.44
C GLY F 206 32.24 27.38 16.93
N VAL F 207 31.57 26.24 16.90
CA VAL F 207 32.08 25.03 17.52
C VAL F 207 33.07 24.38 16.57
N ASN F 208 34.23 24.00 17.09
CA ASN F 208 35.25 23.30 16.30
C ASN F 208 34.79 21.91 15.90
N THR F 209 35.35 21.43 14.80
CA THR F 209 35.34 20.02 14.45
C THR F 209 36.72 19.44 14.32
N GLY F 210 37.77 20.22 14.53
CA GLY F 210 39.12 19.71 14.58
C GLY F 210 39.70 19.25 13.26
N TYR F 211 39.00 19.44 12.16
CA TYR F 211 39.44 18.91 10.86
C TYR F 211 39.64 20.10 9.91
N ASP F 212 40.91 20.44 9.67
CA ASP F 212 41.21 21.62 8.85
C ASP F 212 40.97 21.41 7.37
N ASP F 213 40.67 20.19 6.93
CA ASP F 213 40.09 20.05 5.60
C ASP F 213 38.66 20.56 5.58
N LEU F 214 37.95 20.42 6.69
CA LEU F 214 36.54 20.72 6.77
C LEU F 214 36.25 22.11 7.28
N ASN F 215 37.09 22.63 8.18
CA ASN F 215 36.83 23.88 8.87
C ASN F 215 36.78 25.11 7.96
N LYS F 216 37.41 25.06 6.79
CA LYS F 216 37.25 26.15 5.85
C LYS F 216 35.87 26.10 5.22
N LYS F 217 35.35 24.90 4.98
CA LYS F 217 34.07 24.77 4.29
C LYS F 217 32.87 24.95 5.19
N THR F 218 33.06 25.02 6.50
CA THR F 218 31.91 25.12 7.38
C THR F 218 31.89 26.36 8.25
N ALA F 219 33.06 27.00 8.47
CA ALA F 219 33.27 28.05 9.47
C ALA F 219 32.74 27.63 10.84
N GLY F 220 33.18 26.46 11.28
CA GLY F 220 32.65 25.88 12.50
C GLY F 220 31.23 25.39 12.29
N LEU F 221 30.55 25.17 13.41
CA LEU F 221 29.14 24.81 13.40
C LEU F 221 28.41 25.90 14.17
N GLN F 222 27.53 26.63 13.48
CA GLN F 222 26.89 27.78 14.09
C GLN F 222 25.90 27.33 15.16
N PRO F 223 25.57 28.20 16.13
CA PRO F 223 24.65 27.80 17.20
C PRO F 223 23.19 27.59 16.81
N SER F 224 22.86 27.54 15.54
CA SER F 224 21.56 26.99 15.20
C SER F 224 21.66 26.08 13.97
N ASP F 225 22.87 25.64 13.65
CA ASP F 225 23.09 24.76 12.52
C ASP F 225 22.50 23.38 12.77
N LEU F 226 21.27 23.14 12.37
CA LEU F 226 20.70 21.79 12.47
C LEU F 226 21.35 20.94 11.39
N ILE F 227 22.59 20.53 11.59
CA ILE F 227 23.30 19.75 10.61
C ILE F 227 22.76 18.34 10.69
N ILE F 228 22.62 17.70 9.55
CA ILE F 228 22.09 16.36 9.48
C ILE F 228 23.09 15.51 8.73
N VAL F 229 23.78 14.65 9.45
CA VAL F 229 24.59 13.62 8.82
C VAL F 229 23.64 12.62 8.19
N ALA F 230 24.10 11.93 7.16
CA ALA F 230 23.36 10.78 6.68
C ALA F 230 24.38 9.81 6.14
N ALA F 231 23.96 8.57 5.93
CA ALA F 231 24.82 7.54 5.36
C ALA F 231 23.95 6.39 4.93
N ARG F 232 24.58 5.33 4.47
CA ARG F 232 23.96 4.02 4.39
C ARG F 232 24.28 3.26 5.67
N PRO F 233 23.80 2.03 5.83
CA PRO F 233 24.32 1.21 6.93
C PRO F 233 25.73 0.75 6.67
N SER F 234 26.51 0.69 7.76
CA SER F 234 27.94 0.37 7.76
C SER F 234 28.71 1.31 6.84
N MET F 235 28.68 2.59 7.20
CA MET F 235 29.47 3.60 6.53
C MET F 235 30.35 4.36 7.49
N GLY F 236 30.50 3.89 8.72
CA GLY F 236 31.12 4.75 9.70
C GLY F 236 30.24 5.90 10.08
N LYS F 237 28.94 5.69 10.06
CA LYS F 237 27.97 6.74 10.33
C LYS F 237 28.03 7.16 11.80
N THR F 238 28.47 6.29 12.70
CA THR F 238 28.66 6.67 14.10
C THR F 238 30.12 6.77 14.50
N THR F 239 31.05 6.35 13.64
CA THR F 239 32.44 6.67 13.89
C THR F 239 32.65 8.16 13.78
N PHE F 240 32.07 8.78 12.75
CA PHE F 240 32.21 10.22 12.57
C PHE F 240 31.51 11.00 13.65
N ALA F 241 30.33 10.54 14.06
CA ALA F 241 29.54 11.34 14.98
C ALA F 241 30.04 11.20 16.41
N MET F 242 30.91 10.23 16.66
CA MET F 242 31.64 10.23 17.93
C MET F 242 32.92 11.03 17.82
N ASN F 243 33.68 10.83 16.75
CA ASN F 243 34.91 11.56 16.51
C ASN F 243 34.68 13.05 16.43
N LEU F 244 33.52 13.46 15.95
CA LEU F 244 33.16 14.87 16.04
C LEU F 244 32.88 15.27 17.46
N VAL F 245 32.26 14.39 18.26
CA VAL F 245 31.94 14.71 19.64
C VAL F 245 33.17 14.66 20.53
N GLU F 246 34.05 13.67 20.29
CA GLU F 246 35.35 13.61 20.95
C GLU F 246 36.15 14.89 20.74
N ASN F 247 36.25 15.32 19.49
CA ASN F 247 37.01 16.53 19.21
C ASN F 247 36.19 17.79 19.48
N ALA F 248 34.93 17.64 19.92
CA ALA F 248 34.24 18.80 20.46
C ALA F 248 34.07 18.69 21.96
N ALA F 249 34.54 17.60 22.56
CA ALA F 249 34.54 17.50 24.02
C ALA F 249 35.80 18.12 24.61
N MET F 250 36.92 17.94 23.93
CA MET F 250 38.23 18.40 24.39
C MET F 250 38.48 19.86 24.11
N LEU F 251 37.45 20.65 23.88
CA LEU F 251 37.70 22.00 23.39
C LEU F 251 37.18 23.11 24.30
N GLN F 252 35.94 23.05 24.76
CA GLN F 252 35.40 24.15 25.56
C GLN F 252 34.62 23.53 26.71
N ASP F 253 33.80 24.37 27.37
CA ASP F 253 32.94 23.99 28.49
C ASP F 253 32.02 22.85 28.10
N LYS F 254 31.06 23.13 27.20
CA LYS F 254 30.44 22.17 26.27
C LYS F 254 29.98 20.84 26.86
N PRO F 255 28.86 20.76 27.55
CA PRO F 255 28.31 19.43 27.84
C PRO F 255 27.82 18.73 26.58
N VAL F 256 28.75 18.18 25.80
CA VAL F 256 28.44 17.61 24.50
C VAL F 256 27.75 16.27 24.67
N LEU F 257 26.42 16.27 24.67
CA LEU F 257 25.70 15.08 25.08
C LEU F 257 25.27 14.30 23.84
N ILE F 258 25.10 13.00 24.01
CA ILE F 258 24.83 12.08 22.91
C ILE F 258 23.55 11.35 23.25
N PHE F 259 22.46 11.68 22.57
CA PHE F 259 21.21 10.93 22.74
C PHE F 259 21.32 9.64 21.96
N SER F 260 22.16 8.73 22.43
CA SER F 260 22.48 7.53 21.70
C SER F 260 21.31 6.57 21.75
N LEU F 261 20.76 6.26 20.58
CA LEU F 261 19.54 5.47 20.47
C LEU F 261 19.82 4.12 19.84
N GLU F 262 21.06 3.87 19.46
CA GLU F 262 21.40 2.69 18.71
C GLU F 262 22.20 1.70 19.54
N MET F 263 23.29 2.14 20.15
CA MET F 263 24.15 1.28 20.96
C MET F 263 23.96 1.59 22.43
N PRO F 264 24.19 0.63 23.33
CA PRO F 264 24.01 0.90 24.77
C PRO F 264 25.13 1.77 25.32
N SER F 265 24.96 2.14 26.59
CA SER F 265 25.85 3.10 27.24
C SER F 265 27.27 2.58 27.34
N GLU F 266 27.44 1.28 27.52
CA GLU F 266 28.77 0.72 27.58
C GLU F 266 29.41 0.71 26.20
N GLN F 267 28.62 0.45 25.18
CA GLN F 267 29.19 0.14 23.87
C GLN F 267 29.71 1.39 23.17
N ILE F 268 29.23 2.57 23.56
CA ILE F 268 29.76 3.80 22.98
C ILE F 268 31.17 4.06 23.51
N MET F 269 31.35 3.95 24.83
CA MET F 269 32.63 4.24 25.47
C MET F 269 33.71 3.25 25.09
N MET F 270 33.34 2.06 24.63
CA MET F 270 34.31 1.15 24.05
C MET F 270 34.51 1.40 22.56
N ARG F 271 34.07 2.55 22.09
CA ARG F 271 34.68 3.21 20.95
C ARG F 271 35.37 4.49 21.34
N SER F 272 34.90 5.15 22.41
CA SER F 272 35.45 6.44 22.79
C SER F 272 36.84 6.29 23.38
N LEU F 273 37.08 5.22 24.14
CA LEU F 273 38.42 4.96 24.62
C LEU F 273 39.32 4.48 23.49
N ALA F 274 38.77 3.69 22.59
CA ALA F 274 39.58 3.18 21.50
C ALA F 274 39.80 4.22 20.41
N SER F 275 39.12 5.36 20.47
CA SER F 275 39.41 6.44 19.55
C SER F 275 40.08 7.62 20.24
N LEU F 276 40.55 7.43 21.46
CA LEU F 276 41.42 8.39 22.10
C LEU F 276 42.74 7.74 22.47
N SER F 277 42.69 6.54 23.01
CA SER F 277 43.92 5.83 23.35
C SER F 277 44.58 5.22 22.12
N ARG F 278 43.85 5.16 21.00
CA ARG F 278 44.34 4.69 19.70
C ARG F 278 44.88 3.25 19.77
N VAL F 279 44.01 2.34 20.26
CA VAL F 279 44.30 0.91 20.33
C VAL F 279 43.37 0.21 19.34
N ASP F 280 43.79 -0.96 18.86
CA ASP F 280 42.89 -1.76 18.04
C ASP F 280 41.70 -2.23 18.86
N GLN F 281 40.51 -2.15 18.27
CA GLN F 281 39.27 -2.33 19.03
C GLN F 281 39.07 -3.77 19.47
N THR F 282 39.74 -4.72 18.82
CA THR F 282 39.80 -6.05 19.39
C THR F 282 40.52 -6.03 20.73
N LYS F 283 41.66 -5.36 20.79
CA LYS F 283 42.50 -5.31 21.99
C LYS F 283 41.90 -4.45 23.10
N ILE F 284 40.74 -3.83 22.88
CA ILE F 284 39.96 -3.27 23.97
C ILE F 284 38.69 -4.07 24.21
N ARG F 285 38.36 -4.99 23.31
CA ARG F 285 37.22 -5.86 23.55
C ARG F 285 37.65 -7.18 24.18
N THR F 286 38.58 -7.88 23.55
CA THR F 286 38.97 -9.21 24.01
C THR F 286 40.47 -9.38 23.84
N GLY F 287 41.08 -10.03 24.82
CA GLY F 287 42.53 -10.16 24.83
C GLY F 287 43.14 -8.83 25.18
N GLN F 288 42.77 -8.34 26.36
CA GLN F 288 43.12 -7.02 26.88
C GLN F 288 44.63 -6.79 26.86
N LEU F 289 45.05 -5.59 26.48
CA LEU F 289 46.43 -5.42 26.09
C LEU F 289 47.34 -5.27 27.31
N ASP F 290 48.63 -5.45 27.07
CA ASP F 290 49.67 -5.38 28.08
C ASP F 290 49.86 -3.94 28.57
N ASP F 291 50.77 -3.78 29.54
CA ASP F 291 50.95 -2.47 30.17
C ASP F 291 51.78 -1.50 29.33
N GLU F 292 51.98 -1.81 28.06
CA GLU F 292 52.55 -0.85 27.13
C GLU F 292 51.60 0.32 26.90
N ASP F 293 50.30 0.02 26.81
CA ASP F 293 49.33 1.05 26.49
C ASP F 293 48.29 1.25 27.57
N TRP F 294 48.44 0.63 28.74
CA TRP F 294 47.53 0.94 29.82
C TRP F 294 47.79 2.33 30.39
N ALA F 295 48.98 2.88 30.13
CA ALA F 295 49.24 4.27 30.45
C ALA F 295 48.43 5.20 29.55
N ARG F 296 48.12 4.75 28.34
CA ARG F 296 47.21 5.51 27.50
C ARG F 296 45.79 5.44 28.04
N ILE F 297 45.34 4.25 28.38
CA ILE F 297 43.93 4.06 28.71
C ILE F 297 43.63 4.63 30.09
N SER F 298 44.55 4.48 31.04
CA SER F 298 44.42 5.24 32.26
C SER F 298 44.64 6.73 32.01
N GLY F 299 45.45 7.06 31.02
CA GLY F 299 45.72 8.46 30.73
C GLY F 299 44.58 9.14 29.99
N THR F 300 44.01 8.46 29.00
CA THR F 300 42.87 9.02 28.29
C THR F 300 41.66 9.13 29.21
N MET F 301 41.47 8.13 30.07
CA MET F 301 40.47 8.29 31.12
C MET F 301 40.90 9.35 32.12
N GLY F 302 42.20 9.48 32.34
CA GLY F 302 42.70 10.58 33.16
C GLY F 302 42.49 11.92 32.48
N ILE F 303 42.51 11.94 31.14
CA ILE F 303 42.03 13.10 30.42
C ILE F 303 40.52 13.22 30.57
N LEU F 304 39.83 12.09 30.38
CA LEU F 304 38.38 12.15 30.23
C LEU F 304 37.69 12.34 31.56
N LEU F 305 38.27 11.88 32.66
CA LEU F 305 37.67 12.19 33.95
C LEU F 305 38.09 13.55 34.46
N GLU F 306 39.10 14.16 33.85
CA GLU F 306 39.51 15.51 34.24
C GLU F 306 38.46 16.55 33.87
N LYS F 307 37.69 16.32 32.81
CA LYS F 307 36.59 17.19 32.41
C LYS F 307 35.30 16.42 32.64
N ARG F 308 34.30 17.07 33.21
CA ARG F 308 32.98 16.45 33.31
C ARG F 308 32.13 16.93 32.14
N ASN F 309 32.56 16.56 30.93
CA ASN F 309 31.95 17.13 29.73
C ASN F 309 30.85 16.27 29.16
N ILE F 310 31.18 15.05 28.73
CA ILE F 310 30.27 14.27 27.89
C ILE F 310 29.11 13.75 28.72
N TYR F 311 27.99 13.51 28.06
CA TYR F 311 26.88 12.80 28.67
C TYR F 311 26.32 11.83 27.65
N ILE F 312 25.58 10.84 28.12
CA ILE F 312 24.95 9.87 27.23
C ILE F 312 23.57 9.56 27.80
N ASP F 313 22.55 9.65 26.96
CA ASP F 313 21.26 9.04 27.23
C ASP F 313 21.17 7.77 26.39
N ASP F 314 20.42 6.80 26.89
CA ASP F 314 20.35 5.49 26.25
C ASP F 314 18.92 5.00 26.18
N SER F 315 18.01 5.85 25.71
CA SER F 315 16.67 5.36 25.48
C SER F 315 16.63 4.53 24.20
N SER F 316 15.55 3.77 24.03
CA SER F 316 15.39 2.92 22.86
C SER F 316 14.31 3.42 21.91
N GLY F 317 13.54 4.42 22.31
CA GLY F 317 12.56 5.06 21.46
C GLY F 317 12.13 6.36 22.10
N LEU F 318 12.14 7.45 21.35
CA LEU F 318 11.93 8.77 21.94
C LEU F 318 10.92 9.58 21.15
N THR F 319 10.04 10.22 21.88
CA THR F 319 9.25 11.28 21.29
C THR F 319 10.10 12.53 21.23
N PRO F 320 9.77 13.47 20.35
CA PRO F 320 10.44 14.77 20.37
C PRO F 320 10.01 15.66 21.53
N THR F 321 9.07 15.23 22.36
CA THR F 321 8.91 15.86 23.65
C THR F 321 9.81 15.20 24.68
N GLU F 322 10.03 13.89 24.59
CA GLU F 322 10.99 13.20 25.46
C GLU F 322 12.43 13.58 25.18
N VAL F 323 12.78 14.44 24.23
CA VAL F 323 14.12 14.97 24.12
C VAL F 323 14.18 16.39 24.66
N ARG F 324 13.28 17.25 24.20
CA ARG F 324 13.30 18.66 24.62
C ARG F 324 12.97 18.83 26.09
N SER F 325 12.16 17.93 26.65
CA SER F 325 11.95 17.97 28.09
C SER F 325 12.98 17.16 28.84
N ARG F 326 13.99 16.62 28.16
CA ARG F 326 15.10 15.93 28.79
C ARG F 326 16.41 16.67 28.58
N ALA F 327 16.62 17.20 27.38
CA ALA F 327 17.88 17.89 27.09
C ALA F 327 17.91 19.28 27.70
N ARG F 328 16.79 19.77 28.23
CA ARG F 328 16.84 21.03 28.94
C ARG F 328 17.23 20.86 30.40
N ARG F 329 17.17 19.64 30.93
CA ARG F 329 17.73 19.41 32.26
C ARG F 329 19.25 19.51 32.23
N ILE F 330 19.85 19.24 31.07
CA ILE F 330 21.27 19.52 30.89
C ILE F 330 21.52 21.02 30.88
N ALA F 331 20.63 21.77 30.24
CA ALA F 331 20.78 23.21 30.07
C ALA F 331 20.61 24.00 31.36
N ARG F 332 20.18 23.38 32.44
CA ARG F 332 20.12 24.07 33.71
C ARG F 332 21.21 23.66 34.68
N GLU F 333 21.57 22.39 34.72
CA GLU F 333 22.54 21.91 35.67
C GLU F 333 23.97 22.33 35.34
N HIS F 334 24.21 22.84 34.14
CA HIS F 334 25.53 23.26 33.73
C HIS F 334 25.34 24.58 32.98
N GLY F 335 26.35 25.00 32.25
CA GLY F 335 26.16 26.12 31.34
C GLY F 335 25.28 25.71 30.19
N GLY F 336 25.80 24.86 29.32
CA GLY F 336 25.02 24.19 28.30
C GLY F 336 25.09 24.88 26.97
N ILE F 337 26.04 24.45 26.13
CA ILE F 337 26.20 24.91 24.76
C ILE F 337 26.35 23.59 24.02
N GLY F 338 25.67 22.57 24.52
CA GLY F 338 25.96 21.21 24.14
C GLY F 338 25.65 20.85 22.71
N LEU F 339 26.63 20.31 22.00
CA LEU F 339 26.42 19.77 20.66
C LEU F 339 25.57 18.53 20.80
N ILE F 340 24.25 18.73 20.85
CA ILE F 340 23.31 17.63 21.05
C ILE F 340 23.30 16.73 19.84
N MET F 341 23.82 15.52 20.00
CA MET F 341 24.02 14.64 18.86
C MET F 341 23.05 13.48 18.96
N ILE F 342 21.85 13.66 18.40
CA ILE F 342 20.89 12.58 18.38
C ILE F 342 21.31 11.54 17.36
N ASP F 343 21.53 10.32 17.82
CA ASP F 343 21.90 9.22 16.96
C ASP F 343 20.66 8.59 16.35
N TYR F 344 20.72 8.35 15.04
CA TYR F 344 19.83 7.46 14.30
C TYR F 344 18.37 7.89 14.42
N LEU F 345 18.09 9.00 13.73
CA LEU F 345 16.80 9.70 13.76
C LEU F 345 15.59 8.82 13.52
N GLN F 346 15.72 7.74 12.77
CA GLN F 346 14.56 6.89 12.47
C GLN F 346 14.05 6.17 13.71
N LEU F 347 14.92 5.87 14.67
CA LEU F 347 14.45 5.23 15.89
C LEU F 347 13.70 6.18 16.79
N MET F 348 13.83 7.49 16.58
CA MET F 348 12.91 8.41 17.21
C MET F 348 11.52 8.13 16.68
N ARG F 349 10.53 8.27 17.54
CA ARG F 349 9.21 7.74 17.26
C ARG F 349 8.18 8.73 17.76
N VAL F 350 7.55 9.47 16.87
CA VAL F 350 6.38 10.25 17.26
C VAL F 350 5.28 9.25 17.58
N PRO F 351 4.47 9.48 18.60
CA PRO F 351 3.57 8.40 19.03
C PRO F 351 2.32 8.33 18.21
N ALA F 352 1.95 9.39 17.51
CA ALA F 352 0.82 9.33 16.60
C ALA F 352 1.22 8.57 15.34
N LEU F 353 1.42 7.25 15.45
CA LEU F 353 1.95 6.46 14.34
C LEU F 353 0.87 6.06 13.34
N SER F 354 -0.35 6.58 13.48
CA SER F 354 -1.27 6.62 12.35
C SER F 354 -0.81 7.59 11.28
N ASP F 355 0.14 8.47 11.59
CA ASP F 355 0.99 9.05 10.58
C ASP F 355 1.75 7.94 9.85
N ASN F 356 1.90 8.13 8.54
CA ASN F 356 2.79 7.27 7.77
C ASN F 356 4.23 7.71 7.93
N ARG F 357 5.09 7.21 7.06
CA ARG F 357 6.51 7.53 7.17
C ARG F 357 6.82 8.97 6.80
N THR F 358 6.16 9.51 5.77
CA THR F 358 6.52 10.85 5.30
C THR F 358 5.95 11.94 6.18
N LEU F 359 4.92 11.62 6.96
CA LEU F 359 4.45 12.58 7.94
C LEU F 359 5.08 12.31 9.31
N GLU F 360 5.77 11.19 9.45
CA GLU F 360 6.57 11.00 10.65
C GLU F 360 7.75 11.96 10.68
N ILE F 361 8.51 12.07 9.59
CA ILE F 361 9.71 12.88 9.61
C ILE F 361 9.37 14.37 9.56
N ALA F 362 8.18 14.71 9.08
CA ALA F 362 7.79 16.12 9.08
C ALA F 362 7.39 16.58 10.49
N GLU F 363 7.13 15.65 11.40
CA GLU F 363 6.80 16.05 12.75
C GLU F 363 7.99 15.92 13.68
N ILE F 364 9.10 15.37 13.18
CA ILE F 364 10.35 15.44 13.92
C ILE F 364 11.10 16.70 13.52
N SER F 365 11.23 16.94 12.21
CA SER F 365 12.12 17.95 11.70
C SER F 365 11.58 19.36 11.83
N ARG F 366 10.46 19.54 12.53
CA ARG F 366 10.16 20.85 13.07
C ARG F 366 10.58 20.92 14.52
N SER F 367 10.35 19.85 15.28
CA SER F 367 10.64 19.89 16.71
C SER F 367 12.13 19.68 16.98
N LEU F 368 12.90 19.32 15.97
CA LEU F 368 14.35 19.44 16.09
C LEU F 368 14.80 20.87 15.82
N LYS F 369 14.10 21.57 14.93
CA LYS F 369 14.39 22.98 14.72
C LYS F 369 13.83 23.81 15.88
N ALA F 370 12.86 23.28 16.60
CA ALA F 370 12.41 23.93 17.83
C ALA F 370 13.48 23.84 18.91
N LEU F 371 14.33 22.82 18.84
CA LEU F 371 15.43 22.70 19.79
C LEU F 371 16.58 23.60 19.40
N ALA F 372 16.96 23.58 18.12
CA ALA F 372 18.18 24.22 17.66
C ALA F 372 18.13 25.73 17.71
N LYS F 373 16.97 26.31 17.96
CA LYS F 373 16.85 27.74 18.20
C LYS F 373 16.51 28.07 19.64
N GLU F 374 16.20 27.08 20.46
CA GLU F 374 15.90 27.37 21.86
C GLU F 374 17.18 27.62 22.64
N LEU F 375 18.06 26.62 22.71
CA LEU F 375 19.23 26.70 23.57
C LEU F 375 20.45 27.27 22.86
N ASN F 376 20.30 27.66 21.59
CA ASN F 376 21.41 28.02 20.70
C ASN F 376 22.48 26.92 20.68
N VAL F 377 22.07 25.73 20.27
CA VAL F 377 22.92 24.55 20.28
C VAL F 377 22.91 23.86 18.93
N PRO F 378 24.04 23.45 18.41
CA PRO F 378 24.04 22.82 17.09
C PRO F 378 23.61 21.38 17.13
N VAL F 379 22.37 21.09 16.75
CA VAL F 379 21.82 19.75 16.89
C VAL F 379 22.27 18.90 15.73
N VAL F 380 23.38 18.26 15.87
CA VAL F 380 23.79 17.22 14.94
C VAL F 380 22.79 16.10 15.05
N ALA F 381 22.44 15.48 13.94
CA ALA F 381 21.62 14.29 13.96
C ALA F 381 22.17 13.32 12.92
N LEU F 382 21.65 12.12 12.92
CA LEU F 382 22.00 11.15 11.90
C LEU F 382 20.74 10.78 11.17
N SER F 383 20.86 9.85 10.24
CA SER F 383 19.72 9.28 9.54
C SER F 383 20.16 7.98 8.90
N GLN F 384 19.34 7.47 8.01
CA GLN F 384 19.76 6.42 7.10
C GLN F 384 19.06 6.68 5.78
N LEU F 385 19.69 6.30 4.69
CA LEU F 385 19.14 6.50 3.36
C LEU F 385 18.49 5.20 2.89
N ASN F 386 17.45 5.34 2.07
CA ASN F 386 16.66 4.20 1.64
C ASN F 386 17.36 3.40 0.55
N ARG F 387 16.88 2.20 0.31
CA ARG F 387 17.62 1.19 -0.42
C ARG F 387 17.62 1.38 -1.92
N SER F 388 16.95 2.41 -2.43
CA SER F 388 17.04 2.71 -3.85
C SER F 388 18.36 3.35 -4.20
N LEU F 389 19.13 3.75 -3.21
CA LEU F 389 20.40 4.43 -3.44
C LEU F 389 21.48 3.48 -3.90
N GLU F 390 21.33 2.18 -3.67
CA GLU F 390 22.41 1.27 -4.06
C GLU F 390 22.40 0.94 -5.54
N GLN F 391 21.38 1.35 -6.29
CA GLN F 391 21.21 0.91 -7.67
C GLN F 391 21.47 2.03 -8.68
N ARG F 392 22.32 2.99 -8.33
CA ARG F 392 22.72 4.05 -9.24
C ARG F 392 24.23 4.00 -9.38
N ALA F 393 24.75 4.09 -10.61
CA ALA F 393 26.20 4.02 -10.73
C ALA F 393 26.91 5.26 -10.21
N ASP F 394 26.17 6.34 -9.98
CA ASP F 394 26.59 7.38 -9.04
C ASP F 394 26.09 6.89 -7.68
N LYS F 395 26.89 6.09 -7.00
CA LYS F 395 26.47 5.55 -5.72
C LYS F 395 26.46 6.58 -4.62
N ARG F 396 27.06 7.74 -4.84
CA ARG F 396 27.16 8.74 -3.78
C ARG F 396 25.81 9.40 -3.58
N PRO F 397 25.46 9.73 -2.34
CA PRO F 397 24.16 10.35 -2.07
C PRO F 397 24.13 11.76 -2.61
N VAL F 398 23.04 12.10 -3.29
CA VAL F 398 22.78 13.48 -3.70
C VAL F 398 21.48 13.81 -2.97
N ASN F 399 21.05 15.09 -3.00
CA ASN F 399 20.02 15.56 -2.08
C ASN F 399 18.68 14.91 -2.33
N SER F 400 18.38 14.60 -3.58
CA SER F 400 17.10 13.97 -3.91
C SER F 400 17.11 12.46 -3.74
N ASP F 401 18.08 11.90 -3.00
CA ASP F 401 18.06 10.49 -2.67
C ASP F 401 17.44 10.23 -1.30
N LEU F 402 17.18 11.28 -0.53
CA LEU F 402 16.33 11.20 0.65
C LEU F 402 14.87 11.14 0.21
N ARG F 403 14.39 9.96 -0.19
CA ARG F 403 13.14 9.90 -0.93
C ARG F 403 11.93 9.99 -0.03
N GLU F 404 11.78 9.07 0.92
CA GLU F 404 10.59 8.98 1.75
C GLU F 404 10.65 9.89 2.96
N SER F 405 11.47 10.93 2.91
CA SER F 405 11.59 11.86 4.01
C SER F 405 11.04 13.23 3.66
N GLY F 406 11.54 13.84 2.59
CA GLY F 406 10.97 15.10 2.18
C GLY F 406 11.40 16.30 3.00
N SER F 407 11.08 16.30 4.30
CA SER F 407 11.29 17.50 5.12
C SER F 407 12.75 17.77 5.43
N ILE F 408 13.55 16.75 5.74
CA ILE F 408 14.95 16.99 6.10
C ILE F 408 15.77 17.49 4.92
N GLU F 409 15.30 17.25 3.70
CA GLU F 409 15.89 17.83 2.52
C GLU F 409 15.75 19.34 2.49
N GLN F 410 14.77 19.90 3.19
CA GLN F 410 14.43 21.30 3.06
C GLN F 410 14.50 22.06 4.39
N ASP F 411 14.81 21.41 5.51
CA ASP F 411 14.80 22.09 6.81
C ASP F 411 16.12 21.94 7.57
N ALA F 412 17.23 21.75 6.87
CA ALA F 412 18.51 21.46 7.50
C ALA F 412 19.55 22.49 7.10
N ASP F 413 20.34 22.94 8.06
CA ASP F 413 21.33 23.98 7.75
C ASP F 413 22.51 23.41 6.98
N LEU F 414 23.10 22.35 7.47
CA LEU F 414 23.98 21.51 6.67
C LEU F 414 23.27 20.22 6.38
N ILE F 415 23.76 19.53 5.36
CA ILE F 415 23.56 18.11 5.20
C ILE F 415 24.89 17.55 4.74
N MET F 416 25.42 16.60 5.47
CA MET F 416 26.69 15.96 5.11
C MET F 416 26.41 14.49 4.86
N PHE F 417 26.34 14.10 3.61
CA PHE F 417 26.31 12.68 3.34
C PHE F 417 27.69 12.09 3.60
N ILE F 418 27.76 10.78 3.75
CA ILE F 418 29.03 10.11 3.99
C ILE F 418 29.13 8.93 3.04
N TYR F 419 30.13 8.96 2.17
CA TYR F 419 30.40 7.88 1.26
C TYR F 419 31.85 7.46 1.45
N ARG F 420 32.12 6.16 1.28
CA ARG F 420 33.48 5.66 1.33
C ARG F 420 33.56 4.38 0.50
N ASP F 421 34.33 4.45 -0.59
CA ASP F 421 34.16 3.57 -1.74
C ASP F 421 34.51 2.11 -1.46
N GLU F 422 35.21 1.84 -0.36
CA GLU F 422 35.57 0.47 -0.05
C GLU F 422 34.37 -0.40 0.26
N VAL F 423 33.35 0.17 0.91
CA VAL F 423 32.18 -0.61 1.32
C VAL F 423 31.35 -1.10 0.15
N TYR F 424 31.53 -0.53 -1.04
CA TYR F 424 30.86 -1.04 -2.21
C TYR F 424 31.82 -1.63 -3.21
N HIS F 425 33.11 -1.31 -3.12
CA HIS F 425 34.08 -1.80 -4.09
C HIS F 425 35.32 -2.29 -3.36
N GLU F 426 35.67 -3.54 -3.64
CA GLU F 426 36.80 -4.17 -2.97
C GLU F 426 38.15 -3.73 -3.50
N ASN F 427 38.38 -3.82 -4.80
CA ASN F 427 39.67 -3.46 -5.32
C ASN F 427 39.60 -2.07 -5.91
N SER F 428 38.87 -1.19 -5.24
CA SER F 428 38.95 0.23 -5.48
C SER F 428 40.30 0.73 -4.98
N ASP F 429 40.70 1.91 -5.45
CA ASP F 429 42.00 2.44 -5.08
C ASP F 429 41.88 3.54 -4.04
N LEU F 430 40.79 3.55 -3.27
CA LEU F 430 40.59 4.52 -2.20
C LEU F 430 40.22 3.81 -0.91
N LYS F 431 40.89 2.69 -0.65
CA LYS F 431 40.57 1.82 0.49
C LYS F 431 40.94 2.53 1.78
N GLY F 432 39.94 2.85 2.58
CA GLY F 432 40.15 3.61 3.78
C GLY F 432 40.15 5.10 3.59
N ILE F 433 39.56 5.60 2.52
CA ILE F 433 39.55 7.02 2.22
C ILE F 433 38.10 7.47 2.20
N ALA F 434 37.60 7.97 3.32
CA ALA F 434 36.23 8.44 3.38
C ALA F 434 36.11 9.80 2.72
N GLU F 435 34.88 10.22 2.48
CA GLU F 435 34.62 11.54 1.94
C GLU F 435 33.27 12.04 2.41
N ILE F 436 33.21 13.33 2.71
CA ILE F 436 32.03 13.94 3.31
C ILE F 436 31.45 14.92 2.29
N ILE F 437 30.54 14.44 1.47
CA ILE F 437 29.82 15.28 0.53
C ILE F 437 28.95 16.23 1.32
N ILE F 438 29.16 17.52 1.18
CA ILE F 438 28.25 18.50 1.76
C ILE F 438 27.20 18.76 0.69
N GLY F 439 26.11 18.01 0.76
CA GLY F 439 25.09 18.00 -0.26
C GLY F 439 24.27 19.27 -0.33
N LYS F 440 23.89 19.81 0.80
CA LYS F 440 23.19 21.09 0.86
C LYS F 440 23.82 21.93 1.95
N GLN F 441 24.05 23.20 1.66
CA GLN F 441 24.64 24.07 2.65
C GLN F 441 23.95 25.42 2.58
N ARG F 442 23.55 25.95 3.73
CA ARG F 442 22.73 27.15 3.73
C ARG F 442 23.54 28.42 3.49
N ASN F 443 24.67 28.59 4.17
CA ASN F 443 25.40 29.86 4.14
C ASN F 443 26.85 29.65 3.77
N GLY F 444 27.11 28.89 2.71
CA GLY F 444 28.47 28.66 2.29
C GLY F 444 28.53 27.79 1.05
N PRO F 445 29.71 27.33 0.70
CA PRO F 445 29.87 26.51 -0.51
C PRO F 445 29.44 25.08 -0.24
N ILE F 446 29.32 24.32 -1.32
CA ILE F 446 29.08 22.89 -1.23
C ILE F 446 30.26 22.25 -1.94
N GLY F 447 30.23 20.94 -2.11
CA GLY F 447 31.31 20.33 -2.85
C GLY F 447 31.65 18.93 -2.41
N THR F 448 32.87 18.74 -1.97
CA THR F 448 33.35 17.46 -1.45
C THR F 448 34.51 17.77 -0.53
N VAL F 449 34.53 17.12 0.63
CA VAL F 449 35.66 17.14 1.54
C VAL F 449 36.15 15.71 1.63
N ARG F 450 37.45 15.51 1.70
CA ARG F 450 37.95 14.16 1.91
C ARG F 450 38.53 14.05 3.31
N LEU F 451 38.51 12.83 3.84
CA LEU F 451 39.03 12.52 5.17
C LEU F 451 39.61 11.12 5.17
N THR F 452 40.71 10.95 5.90
CA THR F 452 41.39 9.66 6.02
C THR F 452 40.66 8.80 7.03
N PHE F 453 40.18 7.65 6.58
CA PHE F 453 39.56 6.71 7.51
C PHE F 453 40.62 5.79 8.10
N ASN F 454 40.48 5.52 9.39
CA ASN F 454 41.36 4.57 10.06
C ASN F 454 40.53 3.94 11.16
N GLY F 455 40.05 2.71 10.91
CA GLY F 455 39.14 2.04 11.81
C GLY F 455 39.73 0.95 12.64
N GLN F 456 41.05 0.86 12.67
CA GLN F 456 41.68 0.20 13.80
C GLN F 456 41.32 0.94 15.08
N TRP F 457 41.20 2.24 15.01
CA TRP F 457 40.93 3.07 16.16
C TRP F 457 39.54 3.65 16.11
N SER F 458 38.81 3.43 15.02
CA SER F 458 37.63 4.20 14.61
C SER F 458 37.91 5.70 14.65
N ARG F 459 38.98 6.08 13.96
CA ARG F 459 39.35 7.47 13.79
C ARG F 459 39.02 7.92 12.38
N PHE F 460 38.78 9.22 12.25
CA PHE F 460 38.78 9.92 10.97
C PHE F 460 39.89 10.96 11.02
N ASP F 461 41.08 10.57 10.58
CA ASP F 461 42.20 11.48 10.58
C ASP F 461 42.08 12.49 9.45
N ASN F 462 42.78 13.61 9.59
CA ASN F 462 42.83 14.61 8.53
C ASN F 462 43.63 14.07 7.35
N TYR F 463 43.27 14.52 6.16
CA TYR F 463 43.86 13.98 4.96
C TYR F 463 45.21 14.63 4.68
N ALA F 464 46.16 13.82 4.25
CA ALA F 464 47.47 14.29 3.83
C ALA F 464 47.58 14.19 2.33
N GLY F 465 48.22 15.20 1.70
CA GLY F 465 49.02 14.97 0.48
C GLY F 465 48.59 15.78 -0.73
N PRO F 466 48.02 15.11 -1.75
CA PRO F 466 47.63 15.80 -2.99
C PRO F 466 46.49 16.81 -2.84
N GLN F 467 46.13 17.45 -3.95
CA GLN F 467 45.23 18.60 -3.97
C GLN F 467 44.22 18.45 -5.10
N TYR F 468 43.49 19.53 -5.38
CA TYR F 468 42.53 19.54 -6.49
C TYR F 468 43.26 19.57 -7.82
N UNK G 109 -1.43 -38.52 -64.63
CA UNK G 109 -1.06 -39.02 -65.94
C UNK G 109 -1.03 -37.89 -66.97
N UNK G 110 -0.67 -36.70 -66.52
CA UNK G 110 -0.65 -35.52 -67.38
C UNK G 110 0.40 -34.55 -66.83
N UNK G 111 0.34 -33.30 -67.30
CA UNK G 111 1.24 -32.27 -66.80
C UNK G 111 0.53 -30.93 -66.86
N UNK G 112 -0.10 -30.53 -65.76
CA UNK G 112 -0.65 -29.19 -65.64
C UNK G 112 0.44 -28.23 -65.19
N UNK G 113 0.88 -27.40 -66.13
CA UNK G 113 2.14 -26.66 -65.96
C UNK G 113 1.97 -25.46 -65.05
N UNK G 114 0.96 -24.61 -65.31
CA UNK G 114 0.81 -23.38 -64.57
C UNK G 114 -0.44 -23.34 -63.71
N UNK G 115 -1.63 -23.45 -64.30
CA UNK G 115 -2.92 -23.47 -63.60
C UNK G 115 -3.12 -22.22 -62.73
N UNK G 116 -3.26 -21.08 -63.41
CA UNK G 116 -3.07 -19.81 -62.72
C UNK G 116 -1.62 -19.74 -62.26
N UNK G 117 -0.69 -19.64 -63.22
CA UNK G 117 0.72 -20.00 -63.05
C UNK G 117 1.43 -19.15 -62.01
N UNK G 118 2.62 -19.63 -61.63
CA UNK G 118 3.35 -19.23 -60.43
C UNK G 118 3.71 -17.76 -60.41
N UNK G 119 4.49 -17.32 -61.40
CA UNK G 119 4.90 -15.93 -61.46
C UNK G 119 3.74 -15.00 -61.75
N UNK G 120 2.71 -15.49 -62.43
CA UNK G 120 1.58 -14.63 -62.77
C UNK G 120 0.69 -14.39 -61.57
N UNK G 121 0.54 -15.41 -60.71
CA UNK G 121 -0.45 -15.33 -59.62
C UNK G 121 -0.02 -14.34 -58.55
N UNK G 122 1.29 -14.19 -58.32
CA UNK G 122 1.77 -13.16 -57.41
C UNK G 122 1.48 -11.78 -57.96
N UNK G 123 1.47 -11.63 -59.27
CA UNK G 123 0.98 -10.41 -59.87
C UNK G 123 -0.53 -10.42 -60.01
N UNK G 124 -1.13 -11.59 -60.26
CA UNK G 124 -2.59 -11.67 -60.31
C UNK G 124 -3.20 -11.42 -58.94
N UNK G 125 -2.46 -11.73 -57.88
CA UNK G 125 -2.81 -11.21 -56.57
C UNK G 125 -2.70 -9.70 -56.59
N UNK G 126 -1.48 -9.18 -56.77
CA UNK G 126 -1.19 -7.79 -56.47
C UNK G 126 -1.78 -6.80 -57.47
N UNK G 127 -2.36 -7.27 -58.58
CA UNK G 127 -2.99 -6.38 -59.54
C UNK G 127 -4.47 -6.64 -59.75
N UNK G 128 -4.95 -7.85 -59.49
CA UNK G 128 -6.36 -8.17 -59.68
C UNK G 128 -7.02 -8.78 -58.45
N UNK G 129 -6.30 -9.59 -57.67
CA UNK G 129 -6.91 -10.28 -56.55
C UNK G 129 -6.63 -9.60 -55.21
N UNK G 130 -5.34 -9.45 -54.85
CA UNK G 130 -4.98 -8.94 -53.54
C UNK G 130 -5.29 -7.45 -53.48
N UNK G 131 -6.41 -7.15 -52.81
CA UNK G 131 -6.95 -5.81 -52.63
C UNK G 131 -7.16 -5.09 -53.96
N UNK G 132 -7.63 -5.83 -54.95
CA UNK G 132 -8.28 -5.25 -56.10
C UNK G 132 -9.63 -5.88 -56.34
N UNK G 133 -9.95 -6.97 -55.62
CA UNK G 133 -11.27 -7.59 -55.67
C UNK G 133 -11.71 -8.18 -54.34
N UNK G 134 -11.11 -7.72 -53.23
CA UNK G 134 -11.53 -7.95 -51.83
C UNK G 134 -11.41 -9.38 -51.32
N UNK G 135 -11.04 -10.33 -52.18
CA UNK G 135 -10.79 -11.75 -51.84
C UNK G 135 -11.99 -12.40 -51.13
N UNK G 136 -13.13 -12.43 -51.82
CA UNK G 136 -14.37 -12.94 -51.27
C UNK G 136 -15.21 -13.47 -52.43
N UNK G 137 -16.51 -13.58 -52.23
CA UNK G 137 -17.43 -13.82 -53.32
C UNK G 137 -18.36 -12.64 -53.59
N UNK G 138 -18.19 -11.53 -52.87
CA UNK G 138 -19.11 -10.39 -53.00
C UNK G 138 -18.61 -9.39 -54.04
N UNK G 139 -17.36 -8.92 -53.90
CA UNK G 139 -16.77 -8.07 -54.92
C UNK G 139 -16.59 -8.83 -56.22
N UNK G 140 -16.32 -10.12 -56.11
CA UNK G 140 -16.67 -11.15 -57.10
C UNK G 140 -15.90 -11.07 -58.40
N UNK G 141 -15.07 -10.04 -58.60
CA UNK G 141 -14.11 -10.11 -59.68
C UNK G 141 -13.09 -11.21 -59.42
N UNK G 142 -12.68 -11.37 -58.16
CA UNK G 142 -11.86 -12.50 -57.77
C UNK G 142 -12.62 -13.81 -57.87
N UNK G 143 -13.93 -13.80 -57.58
CA UNK G 143 -14.74 -14.99 -57.83
C UNK G 143 -14.84 -15.27 -59.32
N UNK G 144 -14.99 -14.21 -60.12
CA UNK G 144 -14.95 -14.39 -61.57
C UNK G 144 -13.55 -14.73 -62.04
N UNK G 145 -12.51 -14.24 -61.34
CA UNK G 145 -11.16 -14.68 -61.62
C UNK G 145 -11.00 -16.16 -61.31
N UNK G 146 -11.49 -16.58 -60.13
CA UNK G 146 -11.48 -18.00 -59.81
C UNK G 146 -12.47 -18.78 -60.66
N UNK G 147 -13.47 -18.13 -61.24
CA UNK G 147 -14.36 -18.78 -62.19
C UNK G 147 -13.59 -19.09 -63.47
N UNK G 148 -12.94 -18.06 -64.03
CA UNK G 148 -12.09 -18.25 -65.21
C UNK G 148 -10.68 -18.64 -64.75
N UNK G 149 -10.60 -19.85 -64.21
CA UNK G 149 -9.35 -20.41 -63.69
C UNK G 149 -9.51 -21.92 -63.65
N UNK G 150 -8.61 -22.57 -62.90
CA UNK G 150 -8.77 -23.96 -62.49
C UNK G 150 -9.37 -23.96 -61.09
N UNK G 151 -10.35 -23.08 -60.89
CA UNK G 151 -11.11 -22.90 -59.64
C UNK G 151 -10.20 -22.44 -58.51
N UNK G 152 -9.26 -21.55 -58.85
CA UNK G 152 -8.21 -21.04 -57.97
C UNK G 152 -7.44 -22.19 -57.35
N UNK G 153 -6.83 -23.00 -58.22
CA UNK G 153 -6.21 -24.25 -57.81
C UNK G 153 -4.99 -24.01 -56.94
N UNK G 154 -4.34 -22.86 -57.12
CA UNK G 154 -3.27 -22.44 -56.22
C UNK G 154 -3.43 -20.99 -55.80
N UNK G 155 -4.44 -20.30 -56.32
CA UNK G 155 -4.57 -18.87 -56.07
C UNK G 155 -5.02 -18.58 -54.65
N UNK G 156 -5.90 -19.41 -54.08
CA UNK G 156 -6.25 -19.24 -52.69
C UNK G 156 -5.13 -19.69 -51.78
N UNK G 157 -4.24 -20.55 -52.30
CA UNK G 157 -3.17 -21.13 -51.48
C UNK G 157 -2.13 -20.07 -51.10
N UNK G 158 -1.92 -19.09 -51.96
CA UNK G 158 -1.08 -17.97 -51.58
C UNK G 158 -1.87 -16.82 -50.97
N UNK G 159 -3.17 -16.74 -51.28
CA UNK G 159 -3.98 -15.60 -50.83
C UNK G 159 -4.18 -15.63 -49.32
N UNK G 160 -4.50 -16.79 -48.76
CA UNK G 160 -4.61 -16.95 -47.32
C UNK G 160 -3.26 -16.94 -46.63
N UNK G 161 -2.19 -17.30 -47.35
CA UNK G 161 -0.86 -17.29 -46.77
C UNK G 161 -0.27 -15.89 -46.68
N UNK G 162 -0.68 -14.98 -47.56
CA UNK G 162 -0.08 -13.66 -47.61
C UNK G 162 -0.94 -12.58 -46.97
N UNK G 163 -2.27 -12.70 -47.05
CA UNK G 163 -3.13 -11.68 -46.45
C UNK G 163 -3.13 -11.79 -44.93
N UNK G 164 -2.67 -12.90 -44.39
CA UNK G 164 -2.48 -13.05 -42.96
C UNK G 164 -1.30 -12.20 -42.49
N UNK G 165 -1.17 -12.09 -41.17
CA UNK G 165 -0.02 -11.41 -40.59
C UNK G 165 1.25 -12.19 -40.85
N UNK G 166 2.38 -11.48 -40.74
CA UNK G 166 3.73 -12.00 -41.00
C UNK G 166 3.80 -12.62 -42.41
N UNK G 167 3.65 -11.74 -43.39
CA UNK G 167 3.41 -12.16 -44.76
C UNK G 167 4.62 -12.86 -45.36
N UNK G 168 4.33 -13.87 -46.17
CA UNK G 168 5.32 -14.47 -47.07
C UNK G 168 5.57 -13.62 -48.29
N UNK G 169 4.82 -12.52 -48.42
CA UNK G 169 5.07 -11.48 -49.40
C UNK G 169 5.72 -10.26 -48.79
N UNK G 170 6.09 -10.32 -47.51
CA UNK G 170 6.98 -9.30 -46.95
C UNK G 170 8.33 -9.36 -47.63
N UNK G 171 8.96 -10.53 -47.61
CA UNK G 171 9.88 -10.86 -48.67
C UNK G 171 9.04 -10.99 -49.92
N UNK G 172 9.15 -10.03 -50.85
CA UNK G 172 8.10 -9.73 -51.84
C UNK G 172 8.02 -10.87 -52.85
N UNK G 173 7.20 -11.86 -52.50
CA UNK G 173 7.00 -13.11 -53.22
C UNK G 173 8.32 -13.88 -53.39
N UNK G 174 9.23 -13.69 -52.43
CA UNK G 174 10.47 -14.44 -52.43
C UNK G 174 10.29 -15.83 -51.87
N UNK G 175 9.11 -16.14 -51.33
CA UNK G 175 8.78 -17.48 -50.89
C UNK G 175 7.58 -17.94 -51.69
N UNK G 176 7.03 -19.09 -51.32
CA UNK G 176 5.86 -19.76 -51.90
C UNK G 176 6.04 -20.14 -53.37
N UNK G 177 7.26 -20.08 -53.90
CA UNK G 177 7.47 -20.50 -55.29
C UNK G 177 7.50 -22.01 -55.38
N UNK G 178 8.38 -22.66 -54.63
CA UNK G 178 8.39 -24.11 -54.59
C UNK G 178 7.20 -24.65 -53.81
N UNK G 179 6.63 -23.85 -52.91
CA UNK G 179 5.51 -24.30 -52.09
C UNK G 179 4.24 -24.40 -52.91
N UNK G 180 4.00 -23.44 -53.80
CA UNK G 180 2.85 -23.55 -54.69
C UNK G 180 3.10 -24.59 -55.77
N UNK G 181 4.36 -24.76 -56.20
CA UNK G 181 4.66 -25.70 -57.26
C UNK G 181 4.54 -27.14 -56.79
N UNK G 182 4.79 -27.40 -55.50
CA UNK G 182 4.62 -28.75 -54.99
C UNK G 182 3.17 -29.04 -54.63
N UNK G 183 2.43 -27.99 -54.21
CA UNK G 183 1.01 -28.16 -53.91
C UNK G 183 0.18 -28.35 -55.17
N UNK G 184 0.66 -27.85 -56.30
CA UNK G 184 0.07 -28.20 -57.58
C UNK G 184 0.60 -29.54 -58.08
N UNK G 185 1.79 -29.94 -57.63
CA UNK G 185 2.34 -31.22 -58.03
C UNK G 185 1.61 -32.38 -57.38
N UNK G 186 0.85 -32.11 -56.31
CA UNK G 186 -0.03 -33.12 -55.75
C UNK G 186 -1.22 -33.39 -56.65
N UNK G 187 -1.54 -32.47 -57.56
CA UNK G 187 -2.59 -32.72 -58.53
C UNK G 187 -2.08 -33.58 -59.69
N UNK G 188 -1.02 -33.13 -60.38
CA UNK G 188 -0.34 -33.92 -61.40
C UNK G 188 0.51 -34.98 -60.69
N UNK G 189 -0.16 -36.02 -60.24
CA UNK G 189 0.41 -37.01 -59.33
C UNK G 189 -0.29 -38.33 -59.57
N UNK G 190 -0.24 -39.21 -58.56
CA UNK G 190 -1.03 -40.44 -58.57
C UNK G 190 -2.53 -40.16 -58.66
N UNK G 191 -3.02 -39.07 -58.05
CA UNK G 191 -4.41 -38.67 -58.16
C UNK G 191 -4.54 -37.20 -57.79
N UNK G 192 -5.57 -36.55 -58.33
CA UNK G 192 -5.89 -35.17 -57.94
C UNK G 192 -7.25 -35.07 -57.26
N UNK G 193 -8.34 -35.37 -57.99
CA UNK G 193 -9.73 -35.37 -57.54
C UNK G 193 -10.22 -34.03 -56.95
N UNK G 194 -9.45 -32.95 -57.06
CA UNK G 194 -9.86 -31.68 -56.47
C UNK G 194 -9.48 -30.48 -57.32
N UNK G 195 -9.09 -30.69 -58.58
CA UNK G 195 -8.64 -29.60 -59.45
C UNK G 195 -9.77 -28.70 -59.87
N UNK G 196 -10.99 -29.22 -59.94
CA UNK G 196 -12.18 -28.39 -60.10
C UNK G 196 -13.29 -28.84 -59.17
N UNK G 197 -12.95 -29.49 -58.05
CA UNK G 197 -13.93 -29.98 -57.09
C UNK G 197 -13.70 -29.37 -55.71
N UNK G 198 -12.50 -28.85 -55.45
CA UNK G 198 -12.23 -28.16 -54.19
C UNK G 198 -12.99 -26.84 -54.06
N UNK G 199 -13.35 -26.21 -55.18
CA UNK G 199 -14.20 -25.03 -55.14
C UNK G 199 -15.64 -25.34 -55.52
N UNK G 200 -16.01 -26.61 -55.60
CA UNK G 200 -17.43 -26.96 -55.64
C UNK G 200 -18.12 -26.63 -54.32
N UNK G 201 -17.35 -26.64 -53.22
CA UNK G 201 -17.84 -26.12 -51.95
C UNK G 201 -17.70 -24.62 -51.84
N UNK G 202 -17.16 -23.95 -52.85
CA UNK G 202 -17.04 -22.50 -52.85
C UNK G 202 -18.21 -21.82 -53.56
N UNK G 203 -19.41 -22.37 -53.46
CA UNK G 203 -20.61 -21.72 -54.00
C UNK G 203 -21.77 -21.94 -53.03
N UNK G 204 -21.50 -21.80 -51.73
CA UNK G 204 -22.38 -22.31 -50.69
C UNK G 204 -23.28 -21.25 -50.08
N UNK G 205 -22.81 -20.00 -50.00
CA UNK G 205 -23.55 -18.97 -49.26
C UNK G 205 -24.84 -18.54 -49.95
N UNK G 206 -24.85 -18.41 -51.27
CA UNK G 206 -26.01 -17.89 -51.98
C UNK G 206 -26.79 -18.95 -52.73
N UNK G 207 -26.70 -20.22 -52.31
CA UNK G 207 -27.41 -21.27 -53.02
C UNK G 207 -28.93 -21.19 -52.84
N UNK G 208 -29.39 -20.57 -51.76
CA UNK G 208 -30.81 -20.40 -51.51
C UNK G 208 -31.26 -18.94 -51.62
N UNK G 209 -30.71 -18.21 -52.60
CA UNK G 209 -31.00 -16.79 -52.88
C UNK G 209 -30.71 -15.92 -51.65
N UNK G 210 -29.42 -15.86 -51.31
CA UNK G 210 -29.01 -15.11 -50.12
C UNK G 210 -29.08 -13.61 -50.31
N UNK G 211 -29.35 -13.14 -51.53
CA UNK G 211 -29.76 -11.74 -51.70
C UNK G 211 -31.09 -11.50 -50.97
N UNK G 212 -32.10 -12.29 -51.33
CA UNK G 212 -33.38 -12.42 -50.62
C UNK G 212 -34.11 -11.09 -50.52
N UNK G 213 -34.07 -10.34 -51.63
CA UNK G 213 -34.86 -9.11 -51.68
C UNK G 213 -36.34 -9.43 -51.89
N UNK G 214 -36.68 -9.99 -53.07
CA UNK G 214 -37.98 -10.61 -53.37
C UNK G 214 -39.17 -9.68 -53.16
N UNK G 215 -38.91 -8.38 -53.23
CA UNK G 215 -39.89 -7.35 -52.87
C UNK G 215 -40.44 -6.77 -54.16
N UNK G 216 -41.74 -6.93 -54.36
CA UNK G 216 -42.40 -6.23 -55.45
C UNK G 216 -42.42 -4.74 -55.16
N UNK G 217 -42.61 -3.95 -56.22
CA UNK G 217 -42.52 -2.50 -56.11
C UNK G 217 -43.78 -2.00 -55.41
N UNK G 218 -43.74 -1.97 -54.08
CA UNK G 218 -44.87 -1.50 -53.28
C UNK G 218 -44.57 -0.17 -52.62
N UNK G 219 -43.49 -0.08 -51.83
CA UNK G 219 -43.00 1.11 -51.12
C UNK G 219 -44.02 1.74 -50.16
N UNK G 220 -45.12 1.03 -49.91
CA UNK G 220 -46.20 1.42 -49.03
C UNK G 220 -46.52 0.27 -48.12
N UNK G 221 -45.46 -0.35 -47.59
CA UNK G 221 -45.57 -1.43 -46.62
C UNK G 221 -45.94 -0.93 -45.24
N UNK G 222 -46.12 0.38 -45.07
CA UNK G 222 -46.70 0.95 -43.87
C UNK G 222 -48.14 0.54 -43.66
N UNK G 223 -48.83 0.09 -44.72
CA UNK G 223 -50.17 -0.47 -44.57
C UNK G 223 -50.13 -1.74 -43.72
N UNK G 224 -49.27 -2.70 -44.10
CA UNK G 224 -49.11 -3.90 -43.28
C UNK G 224 -48.25 -3.66 -42.06
N UNK G 225 -47.63 -2.48 -41.95
CA UNK G 225 -46.92 -2.13 -40.73
C UNK G 225 -47.81 -1.36 -39.77
N UNK G 226 -48.94 -0.86 -40.26
CA UNK G 226 -49.90 -0.24 -39.35
C UNK G 226 -50.80 -1.28 -38.69
N UNK G 227 -50.90 -2.48 -39.28
CA UNK G 227 -51.64 -3.54 -38.62
C UNK G 227 -50.89 -4.06 -37.40
N UNK G 228 -49.56 -4.09 -37.48
CA UNK G 228 -48.75 -4.53 -36.33
C UNK G 228 -48.67 -3.45 -35.26
N UNK G 229 -49.10 -2.23 -35.57
CA UNK G 229 -49.22 -1.20 -34.54
C UNK G 229 -50.48 -1.35 -33.72
N UNK G 230 -51.40 -2.22 -34.14
CA UNK G 230 -52.65 -2.43 -33.42
C UNK G 230 -52.95 -3.89 -33.12
N UNK G 231 -52.39 -4.84 -33.88
CA UNK G 231 -52.65 -6.24 -33.58
C UNK G 231 -51.83 -6.69 -32.38
N UNK G 232 -50.51 -6.54 -32.46
CA UNK G 232 -49.66 -6.92 -31.34
C UNK G 232 -49.56 -5.81 -30.30
N UNK G 233 -49.48 -4.56 -30.71
CA UNK G 233 -49.33 -3.45 -29.76
C UNK G 233 -50.66 -3.08 -29.13
N UNK H 109 16.27 -40.84 -45.62
CA UNK H 109 14.89 -40.37 -45.72
C UNK H 109 13.97 -41.49 -46.19
N UNK H 110 14.57 -42.59 -46.61
CA UNK H 110 13.81 -43.75 -47.06
C UNK H 110 13.18 -44.43 -45.85
N UNK H 111 11.90 -44.15 -45.62
CA UNK H 111 11.20 -44.63 -44.44
C UNK H 111 10.81 -46.09 -44.63
N UNK H 112 11.56 -46.99 -43.99
CA UNK H 112 11.18 -48.39 -43.96
C UNK H 112 9.99 -48.63 -43.05
N UNK H 113 9.70 -47.71 -42.13
CA UNK H 113 8.53 -47.79 -41.29
C UNK H 113 7.38 -46.96 -41.81
N UNK H 114 7.64 -45.86 -42.51
CA UNK H 114 6.60 -45.02 -43.11
C UNK H 114 5.76 -44.32 -42.08
N UNK H 115 6.29 -44.12 -40.87
CA UNK H 115 5.56 -43.52 -39.75
C UNK H 115 5.43 -42.03 -40.01
N UNK H 116 4.45 -41.67 -40.84
CA UNK H 116 4.40 -40.35 -41.46
C UNK H 116 5.66 -40.14 -42.32
N UNK H 117 5.72 -40.93 -43.40
CA UNK H 117 6.97 -41.33 -44.03
C UNK H 117 7.69 -40.19 -44.74
N UNK H 118 8.35 -39.33 -43.94
CA UNK H 118 9.32 -38.34 -44.37
C UNK H 118 8.74 -37.29 -45.31
N UNK H 119 7.45 -36.98 -45.17
CA UNK H 119 6.82 -36.02 -46.05
C UNK H 119 6.22 -34.88 -45.24
N UNK H 120 5.53 -33.98 -45.92
CA UNK H 120 4.62 -33.04 -45.28
C UNK H 120 3.27 -33.67 -45.00
N UNK H 121 3.10 -34.95 -45.34
CA UNK H 121 1.93 -35.69 -44.89
C UNK H 121 1.89 -35.77 -43.38
N UNK H 122 3.04 -35.88 -42.73
CA UNK H 122 3.12 -35.77 -41.28
C UNK H 122 2.75 -34.39 -40.79
N UNK H 123 2.89 -33.36 -41.62
CA UNK H 123 2.39 -32.03 -41.28
C UNK H 123 0.95 -31.83 -41.72
N UNK H 124 0.51 -32.51 -42.78
CA UNK H 124 -0.89 -32.39 -43.18
C UNK H 124 -1.78 -33.20 -42.26
N UNK H 125 -1.33 -34.38 -41.84
CA UNK H 125 -2.10 -35.15 -40.87
C UNK H 125 -2.03 -34.52 -39.49
N UNK H 126 -0.99 -33.73 -39.21
CA UNK H 126 -1.01 -32.91 -38.01
C UNK H 126 -2.03 -31.78 -38.14
N UNK H 127 -2.33 -31.35 -39.36
CA UNK H 127 -3.47 -30.51 -39.62
C UNK H 127 -4.74 -31.30 -39.77
N UNK H 128 -4.64 -32.56 -40.19
CA UNK H 128 -5.80 -33.45 -40.20
C UNK H 128 -5.91 -34.26 -38.93
N UNK H 129 -5.35 -33.79 -37.82
CA UNK H 129 -5.66 -34.31 -36.49
C UNK H 129 -6.35 -33.27 -35.63
N UNK H 130 -6.65 -32.10 -36.18
CA UNK H 130 -7.64 -31.24 -35.55
C UNK H 130 -8.99 -31.96 -35.51
N UNK H 131 -9.54 -32.25 -36.71
CA UNK H 131 -10.27 -33.46 -37.07
C UNK H 131 -11.12 -34.12 -35.99
N UNK H 132 -11.93 -33.30 -35.30
CA UNK H 132 -12.76 -33.69 -34.17
C UNK H 132 -11.92 -34.33 -33.05
N UNK H 133 -10.93 -33.56 -32.60
CA UNK H 133 -10.06 -33.84 -31.47
C UNK H 133 -9.32 -35.18 -31.55
N UNK H 134 -15.44 -37.50 -25.40
CA UNK H 134 -14.81 -38.51 -24.56
C UNK H 134 -13.31 -38.26 -24.45
N UNK H 135 -10.34 -37.75 -25.65
CA UNK H 135 -9.41 -38.87 -25.61
C UNK H 135 -8.92 -39.21 -27.01
N UNK H 136 -8.30 -40.38 -27.15
CA UNK H 136 -7.92 -40.83 -28.49
C UNK H 136 -9.12 -41.34 -29.27
N UNK H 137 -10.21 -41.68 -28.58
CA UNK H 137 -11.39 -42.19 -29.25
C UNK H 137 -12.63 -41.38 -28.90
N UNK H 138 -12.47 -40.07 -28.73
CA UNK H 138 -13.63 -39.21 -28.46
C UNK H 138 -14.49 -39.07 -29.71
N UNK H 139 -13.90 -38.53 -30.78
CA UNK H 139 -14.48 -38.60 -32.10
C UNK H 139 -13.46 -38.87 -33.18
N UNK H 140 -12.20 -39.06 -32.80
CA UNK H 140 -11.08 -39.18 -33.74
C UNK H 140 -10.30 -40.45 -33.45
N UNK H 141 -11.01 -41.55 -33.29
CA UNK H 141 -10.35 -42.85 -33.24
C UNK H 141 -9.84 -43.29 -34.60
N UNK H 142 -10.19 -42.57 -35.66
CA UNK H 142 -9.52 -42.76 -36.94
C UNK H 142 -8.04 -42.41 -36.88
N UNK H 143 -7.65 -41.53 -35.95
CA UNK H 143 -6.23 -41.32 -35.68
C UNK H 143 -5.59 -42.58 -35.11
N UNK H 144 -6.37 -43.40 -34.43
CA UNK H 144 -5.90 -44.74 -34.10
C UNK H 144 -6.12 -45.69 -35.26
N UNK H 145 -7.06 -45.40 -36.16
CA UNK H 145 -7.21 -46.27 -37.32
C UNK H 145 -6.20 -45.93 -38.40
N UNK H 146 -5.75 -44.67 -38.46
CA UNK H 146 -4.57 -44.37 -39.25
C UNK H 146 -3.32 -44.89 -38.57
N UNK H 147 -3.41 -45.20 -37.28
CA UNK H 147 -2.36 -45.90 -36.55
C UNK H 147 -2.44 -47.42 -36.73
N UNK H 148 -3.11 -47.91 -37.76
CA UNK H 148 -2.97 -49.32 -38.13
C UNK H 148 -1.58 -49.60 -38.66
N UNK H 149 -0.93 -48.59 -39.24
CA UNK H 149 0.49 -48.62 -39.53
C UNK H 149 1.34 -48.21 -38.34
N UNK H 150 0.70 -47.95 -37.18
CA UNK H 150 1.33 -47.51 -35.94
C UNK H 150 2.17 -46.25 -36.12
N UNK H 151 1.76 -45.38 -37.05
CA UNK H 151 2.56 -44.22 -37.38
C UNK H 151 2.45 -43.18 -36.28
N UNK H 152 1.29 -42.53 -36.22
CA UNK H 152 0.69 -41.94 -35.03
C UNK H 152 1.61 -41.06 -34.19
N UNK H 153 2.64 -40.46 -34.78
CA UNK H 153 3.55 -39.59 -34.05
C UNK H 153 2.92 -38.24 -33.70
N UNK H 154 1.75 -37.95 -34.26
CA UNK H 154 1.07 -36.67 -34.09
C UNK H 154 0.63 -36.41 -32.67
N UNK H 155 0.59 -37.45 -31.84
CA UNK H 155 0.34 -37.27 -30.41
C UNK H 155 1.42 -36.41 -29.78
N UNK H 156 2.66 -36.57 -30.23
CA UNK H 156 3.72 -35.70 -29.75
C UNK H 156 3.59 -34.30 -30.33
N UNK H 157 3.17 -34.18 -31.59
CA UNK H 157 3.17 -32.88 -32.24
C UNK H 157 1.98 -32.04 -31.80
N UNK H 158 0.77 -32.60 -31.84
CA UNK H 158 -0.43 -31.86 -31.48
C UNK H 158 -0.48 -31.52 -29.99
N UNK H 159 0.22 -32.27 -29.16
CA UNK H 159 0.44 -31.82 -27.80
C UNK H 159 1.40 -30.64 -27.79
N UNK H 160 2.44 -30.69 -28.62
CA UNK H 160 3.44 -29.64 -28.62
C UNK H 160 2.95 -28.40 -29.35
N UNK H 161 2.31 -28.60 -30.51
CA UNK H 161 1.87 -27.45 -31.32
C UNK H 161 0.71 -26.71 -30.69
N UNK H 162 -0.15 -27.38 -29.93
CA UNK H 162 -1.21 -26.67 -29.23
C UNK H 162 -0.67 -26.00 -27.98
N UNK H 163 0.36 -26.59 -27.37
CA UNK H 163 1.08 -25.90 -26.32
C UNK H 163 1.75 -24.68 -26.90
N UNK H 164 1.83 -23.61 -26.10
CA UNK H 164 2.20 -22.31 -26.66
C UNK H 164 3.71 -22.16 -26.82
N UNK H 165 4.33 -23.17 -27.43
CA UNK H 165 5.63 -23.01 -28.07
C UNK H 165 5.33 -22.38 -29.43
N UNK H 166 4.49 -23.03 -30.22
CA UNK H 166 3.74 -22.43 -31.35
C UNK H 166 4.62 -21.92 -32.48
N UNK H 167 5.94 -22.11 -32.37
CA UNK H 167 6.91 -21.69 -33.38
C UNK H 167 7.37 -22.85 -34.25
N UNK H 168 7.25 -24.07 -33.71
CA UNK H 168 7.24 -25.28 -34.52
C UNK H 168 6.04 -25.32 -35.45
N UNK H 169 4.99 -24.56 -35.13
CA UNK H 169 3.90 -24.27 -36.03
C UNK H 169 3.70 -22.76 -36.19
N UNK H 170 4.79 -22.00 -36.26
CA UNK H 170 4.69 -20.59 -36.60
C UNK H 170 4.17 -20.43 -38.01
N UNK H 171 4.93 -20.94 -38.98
CA UNK H 171 4.39 -21.20 -40.29
C UNK H 171 3.56 -22.48 -40.24
N UNK H 172 2.82 -22.72 -41.32
CA UNK H 172 2.07 -23.97 -41.43
C UNK H 172 2.99 -25.17 -41.63
N UNK H 173 4.22 -24.96 -42.08
CA UNK H 173 5.21 -26.02 -42.23
C UNK H 173 6.47 -25.67 -41.45
N UNK H 174 6.30 -25.15 -40.25
CA UNK H 174 7.40 -24.61 -39.45
C UNK H 174 8.16 -25.73 -38.78
N UNK H 175 8.94 -25.37 -37.75
CA UNK H 175 10.02 -26.20 -37.22
C UNK H 175 9.54 -27.47 -36.52
N UNK H 176 10.51 -28.25 -36.02
CA UNK H 176 10.31 -29.57 -35.40
C UNK H 176 9.53 -30.54 -36.30
N UNK H 177 9.64 -30.35 -37.62
CA UNK H 177 9.01 -31.24 -38.57
C UNK H 177 9.85 -32.49 -38.84
N UNK H 178 11.14 -32.41 -38.55
CA UNK H 178 12.02 -33.57 -38.69
C UNK H 178 12.05 -34.45 -37.44
N UNK H 179 10.99 -34.42 -36.63
CA UNK H 179 10.94 -35.27 -35.45
C UNK H 179 10.71 -36.73 -35.78
N UNK H 180 10.41 -37.04 -37.04
CA UNK H 180 10.33 -38.43 -37.47
C UNK H 180 11.69 -39.11 -37.43
N UNK H 181 12.78 -38.33 -37.54
CA UNK H 181 14.11 -38.91 -37.41
C UNK H 181 14.39 -39.36 -35.98
N UNK H 182 13.79 -38.71 -34.98
CA UNK H 182 13.86 -39.22 -33.63
C UNK H 182 13.07 -40.51 -33.48
N UNK H 183 12.05 -40.69 -34.31
CA UNK H 183 11.36 -41.98 -34.35
C UNK H 183 12.16 -42.99 -35.14
N UNK H 184 13.00 -42.53 -36.07
CA UNK H 184 13.87 -43.46 -36.79
C UNK H 184 14.93 -44.05 -35.87
N UNK H 185 15.31 -43.32 -34.83
CA UNK H 185 16.21 -43.87 -33.83
C UNK H 185 15.47 -44.76 -32.85
N UNK H 186 14.15 -44.61 -32.74
CA UNK H 186 13.36 -45.42 -31.84
C UNK H 186 12.63 -46.56 -32.54
N UNK H 187 12.36 -46.45 -33.83
CA UNK H 187 11.64 -47.50 -34.53
C UNK H 187 12.40 -48.05 -35.73
N UNK H 188 13.04 -47.21 -36.52
CA UNK H 188 13.76 -47.68 -37.70
C UNK H 188 15.21 -48.01 -37.42
N UNK H 189 15.64 -47.94 -36.15
CA UNK H 189 17.00 -48.26 -35.75
C UNK H 189 17.14 -49.71 -35.29
N UNK H 190 16.39 -50.63 -35.92
CA UNK H 190 16.23 -52.02 -35.50
C UNK H 190 15.72 -52.12 -34.07
N UNK H 191 14.95 -51.13 -33.63
CA UNK H 191 14.41 -51.07 -32.28
C UNK H 191 12.90 -51.18 -32.33
N UNK H 192 12.37 -52.18 -31.64
CA UNK H 192 10.95 -52.44 -31.62
C UNK H 192 10.29 -51.64 -30.50
N UNK H 193 9.06 -52.03 -30.15
CA UNK H 193 8.23 -51.39 -29.12
C UNK H 193 8.01 -49.90 -29.44
N UNK H 194 7.66 -49.66 -30.71
CA UNK H 194 7.23 -48.35 -31.17
C UNK H 194 5.73 -48.17 -31.05
N UNK H 195 5.08 -48.92 -30.16
CA UNK H 195 3.63 -48.88 -29.98
C UNK H 195 3.23 -47.82 -28.98
N UNK H 196 4.07 -46.80 -28.81
CA UNK H 196 3.75 -45.63 -28.00
C UNK H 196 4.01 -44.33 -28.75
N UNK H 197 3.66 -44.26 -30.03
CA UNK H 197 3.55 -42.96 -30.70
C UNK H 197 2.17 -42.38 -30.44
N UNK H 198 1.14 -42.98 -31.04
CA UNK H 198 -0.21 -42.98 -30.46
C UNK H 198 -0.92 -44.30 -30.77
N UNK H 199 -0.18 -45.39 -30.94
CA UNK H 199 -0.73 -46.59 -31.60
C UNK H 199 -1.49 -47.51 -30.64
N UNK H 200 -0.79 -48.04 -29.63
CA UNK H 200 -1.37 -49.04 -28.75
C UNK H 200 -1.49 -48.58 -27.31
N UNK H 201 -0.51 -47.82 -26.81
CA UNK H 201 -0.63 -47.27 -25.47
C UNK H 201 -1.71 -46.20 -25.40
N UNK H 202 -1.98 -45.54 -26.52
CA UNK H 202 -2.99 -44.50 -26.54
C UNK H 202 -4.41 -45.06 -26.55
N UNK H 203 -4.59 -46.28 -27.07
CA UNK H 203 -5.87 -46.97 -26.92
C UNK H 203 -6.11 -47.40 -25.48
N UNK H 204 -5.04 -47.62 -24.72
CA UNK H 204 -5.17 -47.91 -23.29
C UNK H 204 -5.60 -46.66 -22.53
N UNK H 205 -5.21 -45.49 -23.04
CA UNK H 205 -5.41 -44.22 -22.33
C UNK H 205 -6.89 -43.84 -22.37
N UNK H 206 -7.62 -44.34 -21.37
CA UNK H 206 -9.03 -44.02 -21.16
C UNK H 206 -9.29 -44.03 -19.66
N UNK H 207 -9.24 -42.85 -19.04
CA UNK H 207 -9.37 -42.75 -17.59
C UNK H 207 -10.44 -41.72 -17.23
N UNK H 208 -11.69 -42.15 -17.27
CA UNK H 208 -12.86 -41.45 -16.76
C UNK H 208 -13.97 -42.49 -16.58
N UNK H 209 -15.21 -42.03 -16.49
CA UNK H 209 -16.33 -42.91 -16.16
C UNK H 209 -16.67 -43.88 -17.28
N UNK H 210 -16.79 -45.15 -16.91
CA UNK H 210 -17.41 -46.14 -17.77
C UNK H 210 -18.90 -46.25 -17.45
N UNK H 211 -19.52 -47.32 -17.93
CA UNK H 211 -20.94 -47.56 -17.71
C UNK H 211 -21.20 -48.87 -16.96
N UNK H 212 -20.43 -49.15 -15.90
CA UNK H 212 -20.31 -50.48 -15.34
C UNK H 212 -21.00 -50.58 -13.99
N UNK H 213 -22.24 -50.10 -13.93
CA UNK H 213 -23.09 -50.33 -12.76
C UNK H 213 -24.46 -50.86 -13.15
N UNK H 214 -24.51 -51.84 -14.08
CA UNK H 214 -25.70 -52.59 -14.48
C UNK H 214 -26.81 -51.68 -15.02
N UNK H 215 -26.53 -51.10 -16.19
CA UNK H 215 -27.33 -50.02 -16.77
C UNK H 215 -28.70 -50.52 -17.21
N UNK H 216 -29.62 -50.57 -16.24
CA UNK H 216 -31.00 -51.00 -16.40
C UNK H 216 -31.92 -49.79 -16.56
N UNK H 217 -33.24 -50.04 -16.45
CA UNK H 217 -34.23 -48.97 -16.35
C UNK H 217 -35.46 -49.52 -15.66
N UNK H 218 -35.95 -48.77 -14.67
CA UNK H 218 -37.20 -49.10 -13.98
C UNK H 218 -38.38 -48.50 -14.75
N UNK H 219 -39.52 -48.34 -14.08
CA UNK H 219 -40.71 -47.70 -14.65
C UNK H 219 -40.38 -46.31 -15.15
N UNK H 220 -40.04 -45.39 -14.25
CA UNK H 220 -39.00 -44.41 -14.53
C UNK H 220 -38.36 -44.12 -13.18
N UNK H 221 -37.45 -45.02 -12.78
CA UNK H 221 -36.81 -45.12 -11.46
C UNK H 221 -37.77 -44.79 -10.32
N UNK H 222 -38.99 -45.33 -10.38
CA UNK H 222 -40.13 -44.74 -9.70
C UNK H 222 -40.23 -45.17 -8.24
N UNK H 223 -40.32 -46.46 -7.98
CA UNK H 223 -40.51 -46.92 -6.61
C UNK H 223 -39.25 -46.79 -5.79
N UNK H 224 -38.09 -46.70 -6.45
CA UNK H 224 -36.85 -46.51 -5.71
C UNK H 224 -36.75 -45.08 -5.19
N UNK H 225 -37.50 -44.15 -5.79
CA UNK H 225 -37.45 -42.76 -5.38
C UNK H 225 -38.07 -42.54 -4.02
N UNK H 226 -39.17 -43.22 -3.72
CA UNK H 226 -39.73 -43.13 -2.38
C UNK H 226 -39.06 -44.11 -1.44
N UNK H 227 -38.26 -45.05 -2.00
CA UNK H 227 -37.58 -46.03 -1.16
C UNK H 227 -36.48 -45.40 -0.31
N UNK H 228 -35.72 -44.45 -0.88
CA UNK H 228 -34.82 -43.66 -0.06
C UNK H 228 -35.58 -42.64 0.76
N UNK H 229 -36.80 -42.31 0.33
CA UNK H 229 -37.65 -41.45 1.14
C UNK H 229 -38.37 -42.22 2.23
N UNK H 230 -38.36 -43.55 2.19
CA UNK H 230 -38.95 -44.34 3.27
C UNK H 230 -37.90 -44.98 4.16
N UNK H 231 -36.70 -45.25 3.64
CA UNK H 231 -35.64 -45.76 4.50
C UNK H 231 -35.05 -44.65 5.36
N UNK H 232 -34.91 -43.45 4.81
CA UNK H 232 -34.37 -42.32 5.56
C UNK H 232 -35.47 -41.44 6.13
N UNK H 233 -36.33 -40.89 5.28
CA UNK H 233 -37.37 -39.99 5.75
C UNK H 233 -38.63 -40.77 6.14
N UNK I 113 34.50 -40.02 -30.41
CA UNK I 113 35.02 -39.39 -29.19
C UNK I 113 35.84 -40.40 -28.38
N UNK I 114 35.61 -41.68 -28.65
CA UNK I 114 36.28 -42.83 -28.05
C UNK I 114 36.14 -42.90 -26.54
N UNK I 115 35.09 -42.30 -25.97
CA UNK I 115 34.84 -42.35 -24.55
C UNK I 115 33.48 -42.92 -24.18
N UNK I 116 32.55 -43.02 -25.14
CA UNK I 116 31.13 -43.37 -24.94
C UNK I 116 30.50 -42.47 -23.88
N UNK I 117 30.47 -41.17 -24.21
CA UNK I 117 30.06 -40.17 -23.23
C UNK I 117 28.56 -40.18 -22.99
N UNK I 118 27.80 -40.91 -23.80
CA UNK I 118 26.34 -40.95 -23.67
C UNK I 118 25.73 -39.61 -24.10
N UNK I 119 26.31 -39.01 -25.13
CA UNK I 119 25.75 -37.80 -25.69
C UNK I 119 24.47 -38.09 -26.47
N UNK I 120 24.58 -38.93 -27.50
CA UNK I 120 23.45 -39.36 -28.31
C UNK I 120 22.75 -38.21 -29.02
N UNK I 121 23.49 -37.13 -29.31
CA UNK I 121 22.92 -35.93 -29.90
C UNK I 121 21.91 -35.28 -28.95
N UNK I 122 22.38 -35.03 -27.73
CA UNK I 122 21.54 -34.70 -26.58
C UNK I 122 20.43 -35.73 -26.40
N UNK I 123 20.84 -37.00 -26.24
CA UNK I 123 19.89 -38.02 -25.81
C UNK I 123 19.59 -37.90 -24.32
N UNK I 124 20.31 -37.04 -23.60
CA UNK I 124 19.93 -36.62 -22.27
C UNK I 124 18.63 -35.84 -22.23
N UNK I 125 18.12 -35.38 -23.38
CA UNK I 125 16.78 -34.83 -23.45
C UNK I 125 15.73 -35.90 -23.13
N UNK I 126 16.06 -37.17 -23.35
CA UNK I 126 15.21 -38.23 -22.85
C UNK I 126 15.43 -38.44 -21.35
N UNK I 127 16.68 -38.42 -20.90
CA UNK I 127 16.95 -38.73 -19.50
C UNK I 127 16.59 -37.58 -18.58
N UNK I 128 16.60 -36.34 -19.10
CA UNK I 128 16.17 -35.21 -18.27
C UNK I 128 14.67 -35.27 -18.00
N UNK I 129 13.93 -35.96 -18.86
CA UNK I 129 12.56 -36.26 -18.54
C UNK I 129 12.46 -37.41 -17.55
N UNK I 130 13.22 -38.48 -17.78
CA UNK I 130 13.06 -39.70 -16.99
C UNK I 130 13.59 -39.51 -15.57
N UNK I 131 14.71 -38.80 -15.42
CA UNK I 131 15.21 -38.51 -14.08
C UNK I 131 14.40 -37.43 -13.39
N UNK I 132 13.49 -36.78 -14.11
CA UNK I 132 12.44 -36.01 -13.46
C UNK I 132 11.15 -36.81 -13.38
N UNK I 133 11.04 -37.89 -14.14
CA UNK I 133 9.83 -38.70 -14.09
C UNK I 133 9.75 -39.55 -12.84
N UNK I 134 10.80 -40.33 -12.58
CA UNK I 134 10.77 -41.36 -11.56
C UNK I 134 11.75 -41.05 -10.43
N UNK I 135 11.72 -39.81 -9.93
CA UNK I 135 12.56 -39.38 -8.82
C UNK I 135 12.27 -40.23 -7.59
N UNK I 136 13.29 -41.01 -7.13
CA UNK I 136 13.23 -42.18 -6.24
C UNK I 136 12.91 -41.86 -4.83
N UNK I 137 12.45 -40.65 -4.52
CA UNK I 137 11.77 -40.28 -3.28
C UNK I 137 12.64 -40.37 -2.02
N UNK I 138 13.94 -40.60 -2.16
CA UNK I 138 14.83 -40.55 -1.01
C UNK I 138 15.85 -39.42 -1.14
N UNK I 139 16.66 -39.44 -2.19
CA UNK I 139 17.60 -38.37 -2.49
C UNK I 139 17.96 -38.46 -3.96
N UNK I 140 18.62 -37.42 -4.46
CA UNK I 140 19.04 -37.43 -5.86
C UNK I 140 20.22 -38.36 -6.07
N UNK I 141 21.12 -38.44 -5.08
CA UNK I 141 22.11 -39.50 -5.10
C UNK I 141 21.45 -40.86 -4.89
N UNK I 142 20.38 -40.89 -4.11
CA UNK I 142 19.59 -42.10 -3.93
C UNK I 142 18.58 -42.32 -5.04
N UNK I 143 18.65 -41.56 -6.14
CA UNK I 143 17.91 -41.96 -7.33
C UNK I 143 18.43 -43.29 -7.85
N UNK I 144 19.76 -43.45 -7.83
CA UNK I 144 20.45 -44.73 -7.83
C UNK I 144 20.26 -45.56 -9.11
N UNK I 145 19.45 -45.10 -10.05
CA UNK I 145 19.42 -45.68 -11.37
C UNK I 145 19.71 -44.64 -12.43
N UNK I 146 19.00 -43.50 -12.40
CA UNK I 146 19.21 -42.44 -13.37
C UNK I 146 20.51 -41.71 -13.09
N UNK I 147 20.83 -41.52 -11.80
CA UNK I 147 22.15 -41.02 -11.44
C UNK I 147 23.20 -42.11 -11.57
N UNK I 148 22.79 -43.37 -11.66
CA UNK I 148 23.76 -44.44 -11.84
C UNK I 148 24.17 -44.55 -13.30
N UNK I 149 23.21 -44.72 -14.19
CA UNK I 149 23.49 -45.00 -15.60
C UNK I 149 24.09 -43.81 -16.33
N UNK I 150 23.61 -42.60 -16.05
CA UNK I 150 24.17 -41.40 -16.68
C UNK I 150 25.59 -41.13 -16.23
N UNK I 151 25.93 -41.52 -15.00
CA UNK I 151 27.32 -41.52 -14.54
C UNK I 151 28.00 -42.86 -14.74
N UNK I 152 27.31 -43.85 -15.30
CA UNK I 152 28.01 -45.07 -15.68
C UNK I 152 28.80 -44.88 -16.96
N UNK I 153 28.39 -43.96 -17.83
CA UNK I 153 29.12 -43.77 -19.07
C UNK I 153 30.33 -42.86 -18.87
N UNK I 154 30.09 -41.59 -18.59
CA UNK I 154 31.19 -40.73 -18.15
C UNK I 154 30.88 -40.09 -16.80
N UNK I 155 29.74 -39.40 -16.74
CA UNK I 155 29.34 -38.59 -15.59
C UNK I 155 27.89 -38.17 -15.79
N UNK I 156 27.13 -38.14 -14.70
CA UNK I 156 25.71 -37.78 -14.80
C UNK I 156 25.56 -36.26 -14.89
N UNK I 157 25.32 -35.81 -16.11
CA UNK I 157 24.86 -34.44 -16.37
C UNK I 157 23.35 -34.31 -16.27
N UNK I 158 22.64 -35.41 -15.98
CA UNK I 158 21.21 -35.35 -15.73
C UNK I 158 20.89 -34.61 -14.45
N UNK I 159 21.83 -34.52 -13.53
CA UNK I 159 21.64 -33.64 -12.38
C UNK I 159 22.02 -32.21 -12.71
N UNK I 160 22.87 -32.02 -13.71
CA UNK I 160 23.30 -30.68 -14.06
C UNK I 160 22.21 -29.92 -14.81
N UNK I 161 21.69 -30.49 -15.90
CA UNK I 161 20.73 -29.77 -16.73
C UNK I 161 19.37 -29.69 -16.07
N UNK I 162 19.05 -30.63 -15.18
CA UNK I 162 17.77 -30.55 -14.48
C UNK I 162 17.86 -29.63 -13.27
N UNK I 163 19.08 -29.24 -12.88
CA UNK I 163 19.20 -28.21 -11.86
C UNK I 163 18.76 -26.86 -12.39
N UNK I 164 19.05 -26.59 -13.66
CA UNK I 164 18.73 -25.30 -14.25
C UNK I 164 17.26 -25.18 -14.60
N UNK I 165 16.63 -26.28 -14.98
CA UNK I 165 15.27 -26.25 -15.52
C UNK I 165 14.22 -26.32 -14.44
N UNK I 166 14.53 -25.89 -13.24
CA UNK I 166 13.54 -25.74 -12.19
C UNK I 166 13.49 -24.34 -11.61
N UNK I 167 14.41 -23.46 -11.99
CA UNK I 167 14.42 -22.10 -11.47
C UNK I 167 14.59 -21.04 -12.54
N UNK I 168 15.17 -21.35 -13.70
CA UNK I 168 15.34 -20.38 -14.78
C UNK I 168 15.27 -21.14 -16.10
N UNK I 169 14.07 -21.24 -16.66
CA UNK I 169 13.81 -22.14 -17.78
C UNK I 169 12.67 -21.57 -18.62
N UNK I 170 12.03 -22.47 -19.36
CA UNK I 170 10.89 -22.35 -20.27
C UNK I 170 11.25 -21.72 -21.61
N UNK I 171 12.48 -21.23 -21.79
CA UNK I 171 12.88 -20.60 -23.04
C UNK I 171 13.88 -21.43 -23.81
N UNK I 172 15.02 -21.76 -23.19
CA UNK I 172 16.07 -22.49 -23.89
C UNK I 172 16.31 -23.87 -23.29
N UNK I 173 16.63 -23.93 -21.99
CA UNK I 173 16.85 -25.21 -21.33
C UNK I 173 15.57 -26.02 -21.26
N UNK I 174 14.44 -25.34 -21.16
CA UNK I 174 13.12 -25.94 -21.31
C UNK I 174 12.43 -25.30 -22.51
N UNK I 175 11.59 -26.10 -23.16
CA UNK I 175 10.84 -25.80 -24.37
C UNK I 175 11.71 -25.52 -25.60
N UNK I 176 13.03 -25.64 -25.47
CA UNK I 176 13.89 -25.65 -26.65
C UNK I 176 14.95 -26.75 -26.55
N UNK I 177 15.38 -27.05 -25.32
CA UNK I 177 16.50 -27.95 -25.01
C UNK I 177 17.77 -27.51 -25.73
N UNK I 178 17.95 -26.20 -25.87
CA UNK I 178 19.13 -25.67 -26.51
C UNK I 178 20.27 -25.42 -25.53
N UNK I 179 20.04 -25.62 -24.24
CA UNK I 179 21.09 -25.61 -23.24
C UNK I 179 21.67 -26.99 -23.02
N UNK I 180 21.64 -27.82 -24.05
CA UNK I 180 22.49 -29.01 -24.12
C UNK I 180 23.89 -28.68 -24.61
N UNK I 181 24.22 -27.40 -24.80
CA UNK I 181 25.60 -26.99 -25.00
C UNK I 181 26.42 -27.12 -23.72
N UNK I 182 25.77 -27.23 -22.57
CA UNK I 182 26.47 -27.62 -21.35
C UNK I 182 26.97 -29.05 -21.43
N UNK I 183 26.38 -29.89 -22.31
CA UNK I 183 26.94 -31.21 -22.54
C UNK I 183 28.14 -31.15 -23.45
N UNK I 184 28.33 -30.05 -24.18
CA UNK I 184 29.59 -29.87 -24.89
C UNK I 184 30.70 -29.52 -23.91
N UNK I 185 30.36 -29.00 -22.74
CA UNK I 185 31.34 -28.81 -21.69
C UNK I 185 31.75 -30.12 -21.04
N UNK I 186 31.06 -31.22 -21.31
CA UNK I 186 31.51 -32.50 -20.78
C UNK I 186 32.78 -32.95 -21.48
N UNK I 187 32.93 -32.60 -22.76
CA UNK I 187 34.22 -32.80 -23.41
C UNK I 187 35.25 -31.81 -22.88
N UNK I 188 34.80 -30.67 -22.35
CA UNK I 188 35.71 -29.77 -21.67
C UNK I 188 36.13 -30.29 -20.30
N UNK I 189 35.50 -31.37 -19.83
CA UNK I 189 36.04 -32.14 -18.72
C UNK I 189 36.70 -33.43 -19.20
N UNK I 190 36.01 -34.21 -20.02
CA UNK I 190 36.54 -35.51 -20.43
C UNK I 190 37.62 -35.39 -21.48
N UNK I 191 37.29 -34.76 -22.62
CA UNK I 191 38.25 -34.70 -23.72
C UNK I 191 39.35 -33.68 -23.45
N UNK I 192 39.07 -32.67 -22.63
CA UNK I 192 40.06 -31.64 -22.37
C UNK I 192 40.96 -31.97 -21.19
N UNK I 193 40.94 -33.22 -20.71
CA UNK I 193 41.75 -33.71 -19.59
C UNK I 193 41.51 -32.91 -18.31
N UNK I 194 40.29 -32.41 -18.14
CA UNK I 194 39.85 -31.84 -16.86
C UNK I 194 39.11 -32.96 -16.13
N UNK I 195 39.89 -33.86 -15.57
CA UNK I 195 39.41 -35.16 -15.08
C UNK I 195 38.74 -35.09 -13.71
N UNK I 196 38.63 -36.28 -13.09
CA UNK I 196 38.26 -36.54 -11.69
C UNK I 196 36.76 -36.48 -11.43
N UNK I 197 35.98 -35.98 -12.41
CA UNK I 197 34.54 -36.20 -12.52
C UNK I 197 33.72 -35.91 -11.28
N UNK I 198 33.63 -34.64 -10.87
CA UNK I 198 32.84 -34.25 -9.71
C UNK I 198 31.36 -34.05 -10.03
N UNK I 199 30.90 -34.49 -11.20
CA UNK I 199 29.49 -34.38 -11.54
C UNK I 199 28.66 -35.33 -10.71
N UNK I 200 28.94 -36.63 -10.76
CA UNK I 200 28.22 -37.59 -9.93
C UNK I 200 29.11 -38.67 -9.33
N UNK I 201 30.41 -38.64 -9.58
CA UNK I 201 31.30 -39.65 -9.00
C UNK I 201 31.86 -39.24 -7.66
N UNK I 202 31.54 -38.04 -7.19
CA UNK I 202 32.03 -37.56 -5.91
C UNK I 202 30.94 -37.00 -5.01
N UNK I 203 29.70 -36.93 -5.48
CA UNK I 203 28.60 -36.41 -4.70
C UNK I 203 27.88 -37.48 -3.90
N UNK I 204 28.57 -38.57 -3.54
CA UNK I 204 27.96 -39.67 -2.82
C UNK I 204 27.88 -39.44 -1.32
N UNK I 205 28.01 -38.20 -0.87
CA UNK I 205 28.27 -37.93 0.54
C UNK I 205 27.04 -38.11 1.42
N UNK I 206 25.86 -38.28 0.84
CA UNK I 206 24.65 -38.43 1.64
C UNK I 206 24.61 -39.85 2.21
N UNK I 207 25.28 -40.01 3.35
CA UNK I 207 25.21 -41.26 4.09
C UNK I 207 24.14 -41.21 5.17
N UNK I 208 24.30 -40.28 6.12
CA UNK I 208 23.31 -39.95 7.17
C UNK I 208 22.91 -41.17 8.00
N UNK I 209 23.88 -42.08 8.21
CA UNK I 209 23.77 -43.24 9.10
C UNK I 209 22.61 -44.16 8.69
N UNK I 210 22.82 -44.83 7.56
CA UNK I 210 21.95 -45.89 7.09
C UNK I 210 21.68 -46.91 8.20
N UNK I 211 20.40 -47.23 8.37
CA UNK I 211 19.90 -47.82 9.59
C UNK I 211 20.21 -49.32 9.65
N UNK I 212 19.54 -49.99 10.57
CA UNK I 212 19.80 -51.38 10.87
C UNK I 212 18.48 -52.03 11.27
N UNK I 213 18.56 -53.18 11.94
CA UNK I 213 17.38 -53.95 12.32
C UNK I 213 17.29 -53.93 13.83
N UNK I 214 16.40 -54.80 14.36
CA UNK I 214 15.99 -54.87 15.76
C UNK I 214 15.43 -53.52 16.22
N UNK I 215 14.38 -53.11 15.52
CA UNK I 215 13.63 -51.91 15.86
C UNK I 215 12.40 -52.21 16.70
N UNK I 216 12.38 -53.35 17.39
CA UNK I 216 11.15 -53.85 17.99
C UNK I 216 11.13 -53.55 19.49
N UNK I 217 10.71 -52.33 19.83
CA UNK I 217 10.11 -52.05 21.13
C UNK I 217 8.62 -52.10 20.85
N UNK I 218 8.03 -53.28 20.98
CA UNK I 218 6.77 -53.59 20.34
C UNK I 218 5.60 -52.95 21.09
N UNK I 219 4.39 -53.36 20.73
CA UNK I 219 3.22 -53.02 21.52
C UNK I 219 3.32 -53.66 22.90
N UNK I 220 2.52 -53.15 23.84
CA UNK I 220 2.81 -53.19 25.27
C UNK I 220 4.20 -52.61 25.52
N UNK I 221 4.27 -51.29 25.30
CA UNK I 221 5.46 -50.48 25.50
C UNK I 221 6.00 -50.67 26.90
N UNK I 222 7.19 -51.25 26.98
CA UNK I 222 7.71 -51.80 28.22
C UNK I 222 8.24 -50.73 29.15
N UNK I 223 8.98 -51.15 30.19
CA UNK I 223 9.52 -50.22 31.19
C UNK I 223 10.54 -49.26 30.61
N UNK I 224 11.07 -49.53 29.42
CA UNK I 224 11.80 -48.52 28.68
C UNK I 224 10.92 -47.31 28.37
N UNK I 225 9.63 -47.53 28.16
CA UNK I 225 8.69 -46.44 27.95
C UNK I 225 7.78 -46.25 29.15
N UNK I 226 7.43 -47.33 29.85
CA UNK I 226 6.51 -47.18 30.97
C UNK I 226 7.21 -46.59 32.18
N UNK I 227 8.34 -47.16 32.59
CA UNK I 227 9.02 -46.71 33.80
C UNK I 227 9.83 -45.45 33.57
N UNK I 228 10.12 -45.09 32.32
CA UNK I 228 10.68 -43.79 32.03
C UNK I 228 9.62 -42.72 31.92
N UNK I 229 8.35 -43.09 31.94
CA UNK I 229 7.26 -42.13 32.05
C UNK I 229 6.91 -41.82 33.49
N UNK I 230 7.60 -42.43 34.45
CA UNK I 230 7.31 -42.22 35.86
C UNK I 230 8.54 -42.05 36.73
N UNK I 231 9.74 -42.39 36.23
CA UNK I 231 10.94 -42.24 37.06
C UNK I 231 11.28 -40.77 37.27
N UNK I 232 10.88 -39.92 36.33
CA UNK I 232 11.14 -38.48 36.42
C UNK I 232 10.01 -37.75 37.16
N UNK I 233 8.79 -38.23 37.02
CA UNK I 233 7.65 -37.59 37.67
C UNK I 233 6.57 -38.59 38.02
N UNK J 110 50.86 -6.56 -22.51
CA UNK J 110 51.06 -7.31 -23.74
C UNK J 110 49.81 -7.26 -24.60
N UNK J 111 49.99 -6.88 -25.87
CA UNK J 111 48.93 -6.96 -26.86
C UNK J 111 48.70 -8.37 -27.36
N UNK J 112 49.60 -9.31 -27.07
CA UNK J 112 49.42 -10.70 -27.40
C UNK J 112 48.58 -11.39 -26.34
N UNK J 113 48.52 -12.73 -26.42
CA UNK J 113 47.70 -13.53 -25.51
C UNK J 113 48.52 -13.86 -24.26
N UNK J 114 48.69 -12.83 -23.42
CA UNK J 114 49.36 -13.06 -22.14
C UNK J 114 48.44 -13.77 -21.16
N UNK J 115 47.21 -13.26 -20.99
CA UNK J 115 46.16 -13.97 -20.24
C UNK J 115 44.82 -13.51 -20.82
N UNK J 116 44.30 -14.28 -21.77
CA UNK J 116 43.08 -13.88 -22.47
C UNK J 116 42.16 -15.06 -22.77
N UNK J 117 41.22 -15.33 -21.87
CA UNK J 117 40.16 -16.32 -22.10
C UNK J 117 38.93 -15.87 -21.30
N UNK J 118 38.08 -15.08 -21.93
CA UNK J 118 36.79 -14.74 -21.36
C UNK J 118 35.74 -15.73 -21.86
N UNK J 119 34.52 -15.62 -21.30
CA UNK J 119 33.42 -16.58 -21.50
C UNK J 119 33.88 -18.00 -21.20
N UNK J 120 34.64 -18.12 -20.13
CA UNK J 120 35.53 -19.23 -19.86
C UNK J 120 35.66 -19.35 -18.34
N UNK J 121 36.80 -19.85 -17.87
CA UNK J 121 37.17 -19.75 -16.47
C UNK J 121 37.10 -18.34 -15.89
N UNK J 122 37.13 -17.30 -16.73
CA UNK J 122 36.76 -15.96 -16.33
C UNK J 122 35.36 -15.91 -15.74
N UNK J 123 34.43 -16.68 -16.30
CA UNK J 123 33.12 -16.80 -15.67
C UNK J 123 33.16 -17.76 -14.49
N UNK J 124 34.06 -18.75 -14.51
CA UNK J 124 34.10 -19.73 -13.42
C UNK J 124 34.80 -19.18 -12.19
N UNK J 125 35.92 -18.47 -12.39
CA UNK J 125 36.56 -17.79 -11.26
C UNK J 125 35.72 -16.63 -10.75
N UNK J 126 34.80 -16.13 -11.58
CA UNK J 126 33.80 -15.21 -11.07
C UNK J 126 32.89 -15.90 -10.07
N UNK J 127 32.64 -17.19 -10.24
CA UNK J 127 31.81 -17.92 -9.29
C UNK J 127 32.60 -18.27 -8.03
N UNK J 128 33.79 -18.83 -8.20
CA UNK J 128 34.58 -19.27 -7.05
C UNK J 128 35.21 -18.12 -6.30
N UNK J 129 35.15 -16.90 -6.82
CA UNK J 129 35.50 -15.76 -5.99
C UNK J 129 34.44 -15.48 -4.93
N UNK J 130 33.25 -16.05 -5.08
CA UNK J 130 32.25 -16.09 -4.03
C UNK J 130 32.39 -17.33 -3.16
N UNK J 131 33.36 -18.20 -3.46
CA UNK J 131 33.72 -19.30 -2.57
C UNK J 131 34.84 -18.92 -1.61
N UNK J 132 34.90 -17.66 -1.24
CA UNK J 132 35.70 -17.17 -0.13
C UNK J 132 34.96 -15.97 0.45
N UNK J 133 35.57 -15.31 1.41
CA UNK J 133 34.90 -14.18 2.05
C UNK J 133 35.17 -12.90 1.25
N UNK J 134 34.82 -11.75 1.83
CA UNK J 134 34.98 -10.47 1.15
C UNK J 134 35.61 -9.37 1.98
N UNK J 135 35.56 -9.43 3.31
CA UNK J 135 36.13 -8.36 4.12
C UNK J 135 36.88 -8.85 5.35
N UNK J 136 37.01 -10.15 5.54
CA UNK J 136 37.77 -10.72 6.64
C UNK J 136 39.21 -10.96 6.19
N UNK J 137 39.95 -11.76 6.97
CA UNK J 137 41.23 -12.27 6.57
C UNK J 137 41.13 -13.58 5.79
N UNK J 138 39.95 -13.93 5.28
CA UNK J 138 39.85 -15.08 4.39
C UNK J 138 40.15 -14.71 2.94
N UNK J 139 40.37 -13.43 2.68
CA UNK J 139 40.64 -12.89 1.35
C UNK J 139 42.11 -13.11 0.98
N UNK J 140 42.57 -12.33 -0.01
CA UNK J 140 43.98 -12.11 -0.36
C UNK J 140 44.64 -13.33 -0.98
N UNK J 141 43.88 -14.38 -1.27
CA UNK J 141 44.43 -15.47 -2.05
C UNK J 141 43.48 -15.99 -3.12
N UNK J 142 42.18 -15.78 -2.99
CA UNK J 142 41.21 -16.25 -3.98
C UNK J 142 40.93 -15.21 -5.04
N UNK J 143 41.24 -13.95 -4.79
CA UNK J 143 41.13 -12.87 -5.77
C UNK J 143 42.46 -12.20 -6.01
N UNK J 144 43.34 -12.19 -5.01
CA UNK J 144 44.67 -11.60 -5.21
C UNK J 144 45.48 -12.43 -6.19
N UNK J 145 45.26 -13.73 -6.21
CA UNK J 145 45.88 -14.56 -7.24
C UNK J 145 45.24 -14.31 -8.60
N UNK J 146 44.03 -13.73 -8.62
CA UNK J 146 43.31 -13.40 -9.86
C UNK J 146 43.38 -11.93 -10.23
N UNK J 147 42.90 -11.04 -9.36
CA UNK J 147 42.63 -9.65 -9.72
C UNK J 147 43.86 -8.77 -9.81
N UNK J 148 45.07 -9.30 -9.56
CA UNK J 148 46.28 -8.49 -9.66
C UNK J 148 47.32 -9.20 -10.51
N UNK J 149 47.31 -10.53 -10.47
CA UNK J 149 48.31 -11.31 -11.18
C UNK J 149 48.12 -11.19 -12.69
N UNK J 150 46.95 -11.60 -13.18
CA UNK J 150 46.66 -11.41 -14.59
C UNK J 150 45.23 -10.93 -14.87
N UNK J 151 44.27 -11.18 -13.99
CA UNK J 151 42.86 -11.05 -14.35
C UNK J 151 42.15 -10.15 -13.35
N UNK J 152 42.24 -8.85 -13.53
CA UNK J 152 41.56 -7.86 -12.68
C UNK J 152 40.07 -7.78 -13.01
N UNK J 153 39.38 -8.90 -12.84
CA UNK J 153 38.00 -9.03 -13.23
C UNK J 153 37.09 -9.58 -12.14
N UNK J 154 37.60 -10.41 -11.23
CA UNK J 154 36.77 -10.95 -10.17
C UNK J 154 36.33 -9.87 -9.20
N UNK J 155 37.24 -9.00 -8.78
CA UNK J 155 36.83 -7.85 -8.01
C UNK J 155 36.29 -6.73 -8.89
N UNK J 156 36.20 -6.95 -10.20
CA UNK J 156 35.50 -6.05 -11.10
C UNK J 156 34.13 -6.55 -11.51
N UNK J 157 33.92 -7.86 -11.61
CA UNK J 157 32.60 -8.35 -11.99
C UNK J 157 31.75 -8.71 -10.78
N UNK J 158 32.35 -9.12 -9.67
CA UNK J 158 31.56 -9.48 -8.49
C UNK J 158 31.58 -8.38 -7.44
N UNK J 159 32.08 -7.21 -7.81
CA UNK J 159 31.93 -6.04 -6.93
C UNK J 159 30.52 -5.50 -7.01
N UNK J 160 30.06 -5.23 -8.22
CA UNK J 160 28.68 -4.81 -8.41
C UNK J 160 28.02 -5.39 -9.65
N UNK J 161 28.74 -6.13 -10.49
CA UNK J 161 28.14 -6.55 -11.75
C UNK J 161 27.57 -7.96 -11.68
N UNK J 162 27.71 -8.66 -10.55
CA UNK J 162 26.96 -9.90 -10.37
C UNK J 162 26.45 -10.06 -8.94
N UNK J 163 26.61 -9.04 -8.09
CA UNK J 163 26.19 -9.16 -6.70
C UNK J 163 25.46 -7.95 -6.16
N UNK J 164 25.64 -6.76 -6.72
CA UNK J 164 24.98 -5.59 -6.16
C UNK J 164 24.03 -4.96 -7.16
N UNK J 165 24.15 -5.26 -8.44
CA UNK J 165 23.17 -4.83 -9.43
C UNK J 165 22.43 -5.98 -10.08
N UNK J 166 22.97 -7.20 -10.04
CA UNK J 166 22.35 -8.43 -10.55
C UNK J 166 21.99 -8.34 -12.03
N UNK J 167 22.73 -7.52 -12.79
CA UNK J 167 22.43 -7.32 -14.20
C UNK J 167 22.90 -8.51 -15.03
N UNK J 168 24.02 -9.09 -14.65
CA UNK J 168 24.51 -10.31 -15.26
C UNK J 168 23.96 -11.55 -14.59
N UNK J 169 23.05 -11.40 -13.61
CA UNK J 169 22.70 -12.50 -12.72
C UNK J 169 21.90 -13.58 -13.42
N UNK J 170 21.30 -13.28 -14.56
CA UNK J 170 20.70 -14.34 -15.34
C UNK J 170 21.79 -15.14 -16.03
N UNK J 171 22.52 -14.49 -16.94
CA UNK J 171 23.61 -15.12 -17.67
C UNK J 171 24.74 -14.12 -17.74
N UNK J 172 25.77 -14.33 -16.92
CA UNK J 172 26.92 -13.44 -16.91
C UNK J 172 27.84 -13.65 -18.09
N UNK J 173 27.66 -14.73 -18.86
CA UNK J 173 28.57 -15.04 -19.96
C UNK J 173 28.38 -14.08 -21.12
N UNK J 174 27.26 -13.39 -21.19
CA UNK J 174 27.00 -12.47 -22.29
C UNK J 174 27.05 -11.02 -21.84
N UNK J 175 26.23 -10.63 -20.88
CA UNK J 175 26.29 -9.28 -20.35
C UNK J 175 27.30 -9.23 -19.20
N UNK J 176 28.01 -8.11 -19.10
CA UNK J 176 29.05 -7.82 -18.11
C UNK J 176 30.20 -8.80 -18.13
N UNK J 177 30.35 -9.60 -19.19
CA UNK J 177 31.59 -10.29 -19.50
C UNK J 177 32.39 -9.54 -20.54
N UNK J 178 31.94 -8.35 -20.91
CA UNK J 178 32.72 -7.43 -21.71
C UNK J 178 33.63 -6.56 -20.85
N UNK J 179 33.75 -6.88 -19.56
CA UNK J 179 34.76 -6.22 -18.74
C UNK J 179 36.17 -6.66 -19.12
N UNK J 180 36.31 -7.79 -19.82
CA UNK J 180 37.61 -8.11 -20.42
C UNK J 180 37.92 -7.21 -21.61
N UNK J 181 36.88 -6.69 -22.28
CA UNK J 181 37.10 -5.77 -23.40
C UNK J 181 37.58 -4.42 -22.90
N UNK J 182 37.17 -4.04 -21.68
CA UNK J 182 37.70 -2.82 -21.08
C UNK J 182 39.03 -3.06 -20.40
N UNK J 183 39.53 -4.29 -20.43
CA UNK J 183 40.85 -4.56 -19.89
C UNK J 183 41.88 -4.74 -20.99
N UNK J 184 41.55 -5.50 -22.04
CA UNK J 184 42.48 -5.72 -23.13
C UNK J 184 42.70 -4.45 -23.95
N UNK J 185 41.74 -3.53 -23.95
CA UNK J 185 41.95 -2.23 -24.56
C UNK J 185 42.96 -1.42 -23.76
N UNK J 186 43.03 -1.64 -22.45
CA UNK J 186 44.12 -1.13 -21.64
C UNK J 186 45.31 -2.09 -21.60
N UNK J 187 45.34 -3.10 -22.48
CA UNK J 187 46.48 -3.98 -22.62
C UNK J 187 47.04 -4.04 -24.03
N UNK J 188 46.24 -3.76 -25.06
CA UNK J 188 46.71 -3.73 -26.43
C UNK J 188 46.96 -2.33 -26.95
N UNK J 189 46.11 -1.38 -26.57
CA UNK J 189 46.35 0.05 -26.74
C UNK J 189 46.81 0.65 -25.42
N UNK J 190 47.70 -0.07 -24.75
CA UNK J 190 47.87 -0.06 -23.30
C UNK J 190 48.35 1.28 -22.79
N UNK J 191 47.43 2.05 -22.20
CA UNK J 191 47.75 3.08 -21.22
C UNK J 191 47.96 2.33 -19.90
N UNK J 192 49.13 1.74 -19.76
CA UNK J 192 49.33 0.59 -18.91
C UNK J 192 49.49 1.00 -17.44
N UNK J 193 49.91 0.02 -16.63
CA UNK J 193 50.06 0.11 -15.17
C UNK J 193 48.76 0.45 -14.45
N UNK J 194 47.63 0.26 -15.13
CA UNK J 194 46.33 0.25 -14.48
C UNK J 194 46.06 -1.07 -13.80
N UNK J 195 46.79 -2.13 -14.20
CA UNK J 195 46.70 -3.42 -13.55
C UNK J 195 47.16 -3.34 -12.10
N UNK J 196 48.06 -2.40 -11.81
CA UNK J 196 48.40 -2.13 -10.42
C UNK J 196 47.57 -1.01 -9.84
N UNK J 197 46.80 -0.29 -10.67
CA UNK J 197 46.00 0.81 -10.14
C UNK J 197 44.78 0.32 -9.39
N UNK J 198 44.18 -0.79 -9.82
CA UNK J 198 43.19 -1.50 -9.03
C UNK J 198 43.84 -2.50 -8.08
N UNK J 199 45.17 -2.57 -8.07
CA UNK J 199 45.91 -3.46 -7.19
C UNK J 199 46.90 -2.72 -6.30
N UNK J 200 46.89 -1.38 -6.32
CA UNK J 200 47.67 -0.64 -5.34
C UNK J 200 47.10 -0.81 -3.94
N UNK J 201 45.79 -1.06 -3.85
CA UNK J 201 45.21 -1.42 -2.57
C UNK J 201 45.46 -2.88 -2.24
N UNK J 202 45.85 -3.69 -3.23
CA UNK J 202 45.85 -5.14 -3.05
C UNK J 202 46.99 -5.66 -2.19
N UNK J 203 47.98 -4.82 -1.86
CA UNK J 203 49.11 -5.27 -1.07
C UNK J 203 49.33 -4.48 0.21
N UNK J 204 49.17 -3.17 0.17
CA UNK J 204 49.53 -2.30 1.30
C UNK J 204 48.42 -1.32 1.60
N UNK J 205 47.19 -1.83 1.76
CA UNK J 205 46.09 -1.00 2.19
C UNK J 205 45.45 -1.61 3.42
N UNK J 206 45.21 -0.75 4.40
CA UNK J 206 44.61 -1.00 5.72
C UNK J 206 45.40 -1.99 6.58
N UNK J 207 46.66 -2.27 6.25
CA UNK J 207 47.49 -3.15 7.08
C UNK J 207 47.94 -2.38 8.32
N UNK J 208 47.01 -2.24 9.26
CA UNK J 208 47.15 -1.31 10.37
C UNK J 208 47.65 -2.03 11.62
N UNK J 209 48.89 -2.52 11.52
CA UNK J 209 49.64 -3.15 12.62
C UNK J 209 48.90 -4.37 13.18
N UNK J 210 48.77 -5.40 12.33
CA UNK J 210 47.94 -6.56 12.62
C UNK J 210 48.74 -7.74 13.16
N UNK J 211 49.81 -7.50 13.91
CA UNK J 211 50.62 -8.55 14.52
C UNK J 211 51.42 -7.95 15.67
N UNK J 212 51.23 -8.47 16.87
CA UNK J 212 51.92 -7.91 18.04
C UNK J 212 52.61 -8.96 18.91
N UNK J 213 52.00 -10.16 19.05
CA UNK J 213 52.29 -11.13 20.11
C UNK J 213 52.25 -10.50 21.52
N UNK J 214 51.36 -9.53 21.71
CA UNK J 214 51.21 -8.80 22.96
C UNK J 214 50.13 -9.43 23.83
N UNK J 215 49.65 -8.67 24.82
CA UNK J 215 48.47 -9.00 25.63
C UNK J 215 48.68 -10.29 26.44
N UNK J 216 49.55 -10.16 27.44
CA UNK J 216 49.76 -11.24 28.40
C UNK J 216 48.47 -11.53 29.18
N UNK J 217 48.41 -12.74 29.73
CA UNK J 217 47.17 -13.36 30.19
C UNK J 217 46.78 -12.84 31.57
N UNK J 218 45.83 -13.54 32.19
CA UNK J 218 45.15 -13.11 33.41
C UNK J 218 46.12 -13.02 34.58
N UNK J 219 45.79 -12.11 35.50
CA UNK J 219 46.50 -11.71 36.72
C UNK J 219 47.78 -10.92 36.44
N UNK J 220 48.17 -10.84 35.16
CA UNK J 220 49.07 -9.81 34.69
C UNK J 220 48.31 -8.70 33.98
N UNK J 221 47.07 -8.96 33.60
CA UNK J 221 46.13 -7.93 33.20
C UNK J 221 44.99 -7.75 34.18
N UNK J 222 44.64 -8.80 34.94
CA UNK J 222 43.64 -8.62 35.99
C UNK J 222 44.20 -7.79 37.13
N UNK J 223 45.49 -7.91 37.41
CA UNK J 223 46.15 -6.95 38.28
C UNK J 223 46.23 -5.59 37.62
N UNK J 224 46.37 -5.57 36.29
CA UNK J 224 46.40 -4.29 35.58
C UNK J 224 45.01 -3.69 35.47
N UNK J 225 43.97 -4.52 35.36
CA UNK J 225 42.61 -3.98 35.41
C UNK J 225 42.28 -3.46 36.79
N UNK J 226 42.84 -4.07 37.84
CA UNK J 226 42.74 -3.52 39.17
C UNK J 226 43.64 -2.31 39.33
N UNK J 227 44.72 -2.24 38.55
CA UNK J 227 45.60 -1.08 38.62
C UNK J 227 44.91 0.16 38.07
N UNK J 228 44.06 -0.01 37.07
CA UNK J 228 43.23 1.11 36.63
C UNK J 228 42.14 1.41 37.65
N UNK J 229 41.69 0.37 38.38
CA UNK J 229 40.63 0.55 39.35
C UNK J 229 41.08 1.37 40.56
N UNK J 230 42.36 1.34 40.90
CA UNK J 230 42.84 2.04 42.08
C UNK J 230 43.44 3.39 41.71
N UNK J 231 43.94 3.53 40.48
CA UNK J 231 44.59 4.77 40.09
C UNK J 231 43.56 5.87 39.85
N UNK J 232 42.72 5.69 38.83
CA UNK J 232 41.78 6.73 38.42
C UNK J 232 40.33 6.28 38.50
N UNK J 233 40.01 5.33 39.38
CA UNK J 233 38.67 4.77 39.43
C UNK J 233 38.20 4.48 40.85
N UNK K 111 30.92 5.19 -35.44
CA UNK K 111 31.56 5.80 -34.28
C UNK K 111 32.94 6.32 -34.63
N UNK K 112 33.02 7.60 -34.97
CA UNK K 112 34.26 8.17 -35.52
C UNK K 112 34.24 9.68 -35.29
N UNK K 113 35.07 10.39 -36.06
CA UNK K 113 35.16 11.84 -36.19
C UNK K 113 35.66 12.54 -34.92
N UNK K 114 36.45 11.86 -34.09
CA UNK K 114 37.04 12.48 -32.91
C UNK K 114 36.01 12.86 -31.87
N UNK K 115 35.10 11.93 -31.55
CA UNK K 115 34.04 12.23 -30.59
C UNK K 115 34.57 12.29 -29.16
N UNK K 116 35.65 11.58 -28.85
CA UNK K 116 36.22 11.52 -27.50
C UNK K 116 35.25 10.87 -26.52
N UNK K 117 34.40 10.00 -27.03
CA UNK K 117 33.23 9.51 -26.34
C UNK K 117 32.78 8.21 -27.02
N UNK K 118 31.53 7.82 -26.76
CA UNK K 118 30.86 6.66 -27.34
C UNK K 118 31.57 5.36 -27.01
N UNK K 119 32.24 5.32 -25.87
CA UNK K 119 33.08 4.20 -25.49
C UNK K 119 33.10 4.13 -23.98
N UNK K 120 34.07 3.38 -23.43
CA UNK K 120 34.23 3.27 -22.00
C UNK K 120 34.65 4.58 -21.35
N UNK K 121 35.51 5.35 -22.01
CA UNK K 121 36.07 6.55 -21.38
C UNK K 121 35.07 7.69 -21.33
N UNK K 122 33.96 7.55 -22.05
CA UNK K 122 32.88 8.52 -21.90
C UNK K 122 32.26 8.43 -20.52
N UNK K 123 31.93 7.21 -20.07
CA UNK K 123 31.33 7.05 -18.74
C UNK K 123 32.39 7.05 -17.66
N UNK K 124 33.61 6.62 -17.99
CA UNK K 124 34.66 6.55 -16.99
C UNK K 124 35.12 7.93 -16.56
N UNK K 125 35.26 8.85 -17.53
CA UNK K 125 35.52 10.24 -17.18
C UNK K 125 34.30 10.85 -16.49
N UNK K 126 33.10 10.40 -16.86
CA UNK K 126 31.91 10.81 -16.14
C UNK K 126 31.92 10.24 -14.73
N UNK K 127 32.45 9.02 -14.58
CA UNK K 127 32.71 8.51 -13.23
C UNK K 127 33.84 9.28 -12.57
N UNK K 128 34.82 9.72 -13.37
CA UNK K 128 35.88 10.55 -12.81
C UNK K 128 35.39 11.97 -12.55
N UNK K 129 34.41 12.44 -13.33
CA UNK K 129 33.82 13.74 -13.04
C UNK K 129 33.04 13.72 -11.74
N UNK K 130 32.60 12.53 -11.32
CA UNK K 130 32.05 12.39 -9.98
C UNK K 130 33.15 12.51 -8.93
N UNK K 131 34.39 12.22 -9.30
CA UNK K 131 35.49 12.34 -8.36
C UNK K 131 36.11 13.74 -8.39
N UNK K 132 35.26 14.75 -8.28
CA UNK K 132 35.70 16.14 -8.14
C UNK K 132 36.03 16.35 -6.69
N UNK K 133 37.32 16.32 -6.34
CA UNK K 133 37.78 16.51 -4.95
C UNK K 133 37.66 18.00 -4.61
N UNK K 134 36.41 18.42 -4.41
CA UNK K 134 35.91 19.66 -4.99
C UNK K 134 36.53 20.95 -4.50
N UNK K 135 37.06 21.68 -5.46
CA UNK K 135 37.15 23.13 -5.42
C UNK K 135 35.82 23.68 -5.92
N UNK K 136 35.76 24.95 -6.26
CA UNK K 136 34.55 25.50 -6.86
C UNK K 136 34.31 24.84 -8.21
N UNK K 137 33.03 24.62 -8.53
CA UNK K 137 32.66 24.05 -9.82
C UNK K 137 32.76 25.06 -10.94
N UNK K 138 33.03 26.33 -10.62
CA UNK K 138 33.38 27.32 -11.63
C UNK K 138 34.72 27.00 -12.26
N UNK K 139 35.70 26.53 -11.48
CA UNK K 139 37.00 26.22 -12.06
C UNK K 139 36.91 24.95 -12.88
N UNK K 140 36.69 23.83 -12.20
CA UNK K 140 36.43 22.51 -12.80
C UNK K 140 37.48 22.15 -13.84
N UNK K 141 38.71 21.97 -13.37
CA UNK K 141 39.77 21.53 -14.27
C UNK K 141 39.55 20.11 -14.78
N UNK K 142 38.69 19.33 -14.12
CA UNK K 142 38.18 18.11 -14.71
C UNK K 142 37.32 18.42 -15.94
N UNK K 143 36.41 19.38 -15.82
CA UNK K 143 35.62 19.80 -16.98
C UNK K 143 36.46 20.57 -17.99
N UNK K 144 37.54 21.22 -17.53
CA UNK K 144 38.49 21.75 -18.48
C UNK K 144 39.26 20.63 -19.16
N UNK K 145 39.51 19.53 -18.45
CA UNK K 145 40.09 18.35 -19.08
C UNK K 145 39.06 17.58 -19.89
N UNK K 146 37.78 17.93 -19.76
CA UNK K 146 36.75 17.37 -20.63
C UNK K 146 36.71 18.07 -21.99
N UNK K 147 37.54 19.10 -22.19
CA UNK K 147 37.71 19.68 -23.52
C UNK K 147 38.44 18.74 -24.45
N UNK K 148 39.21 17.79 -23.90
CA UNK K 148 39.77 16.72 -24.71
C UNK K 148 38.73 15.68 -25.08
N UNK K 149 37.60 15.62 -24.36
CA UNK K 149 36.54 14.69 -24.78
C UNK K 149 35.73 15.28 -25.93
N UNK K 150 34.94 16.32 -25.67
CA UNK K 150 34.57 17.21 -26.78
C UNK K 150 34.86 18.67 -26.46
N UNK K 151 34.06 19.25 -25.57
CA UNK K 151 34.38 20.54 -24.97
C UNK K 151 34.09 20.48 -23.49
N UNK K 152 32.93 19.92 -23.14
CA UNK K 152 32.72 19.09 -21.96
C UNK K 152 31.42 18.34 -22.25
N UNK K 153 31.53 17.10 -22.70
CA UNK K 153 30.31 16.34 -22.97
C UNK K 153 29.74 15.72 -21.71
N UNK K 154 30.61 15.35 -20.76
CA UNK K 154 30.20 14.58 -19.59
C UNK K 154 29.36 15.39 -18.62
N UNK K 155 29.49 16.71 -18.64
CA UNK K 155 28.68 17.53 -17.74
C UNK K 155 27.22 17.55 -18.13
N UNK K 156 26.89 17.09 -19.33
CA UNK K 156 25.51 16.86 -19.71
C UNK K 156 25.05 15.43 -19.47
N UNK K 157 25.78 14.68 -18.64
CA UNK K 157 25.34 13.36 -18.18
C UNK K 157 25.23 13.26 -16.68
N UNK K 158 26.13 13.90 -15.93
CA UNK K 158 26.00 13.95 -14.48
C UNK K 158 24.92 14.92 -14.04
N UNK K 159 24.39 15.73 -14.96
CA UNK K 159 23.11 16.38 -14.70
C UNK K 159 21.96 15.50 -15.17
N UNK K 160 22.21 14.63 -16.15
CA UNK K 160 21.17 13.72 -16.62
C UNK K 160 20.92 12.62 -15.61
N UNK K 161 21.97 12.05 -15.05
CA UNK K 161 21.81 11.30 -13.81
C UNK K 161 21.74 12.28 -12.63
N UNK K 162 21.38 11.74 -11.46
CA UNK K 162 21.09 12.41 -10.19
C UNK K 162 19.84 13.29 -10.22
N UNK K 163 19.20 13.45 -11.38
CA UNK K 163 17.87 14.02 -11.47
C UNK K 163 16.90 13.01 -12.05
N UNK K 164 17.22 12.42 -13.20
CA UNK K 164 16.60 11.17 -13.59
C UNK K 164 17.35 10.04 -12.90
N UNK K 165 16.59 9.09 -12.36
CA UNK K 165 17.17 8.12 -11.44
C UNK K 165 17.93 7.07 -12.22
N UNK K 166 19.21 7.38 -12.53
CA UNK K 166 20.20 6.42 -13.00
C UNK K 166 19.79 5.76 -14.31
N UNK K 167 19.38 6.59 -15.27
CA UNK K 167 18.98 6.08 -16.58
C UNK K 167 20.18 5.51 -17.33
N UNK K 168 21.24 6.31 -17.41
CA UNK K 168 22.51 5.90 -18.00
C UNK K 168 23.43 5.26 -16.99
N UNK K 169 22.92 4.87 -15.83
CA UNK K 169 23.74 4.40 -14.73
C UNK K 169 23.28 3.05 -14.18
N UNK K 170 21.98 2.87 -14.03
CA UNK K 170 21.47 1.56 -13.63
C UNK K 170 21.40 0.63 -14.83
N UNK K 171 21.27 1.19 -16.03
CA UNK K 171 21.21 0.41 -17.25
C UNK K 171 22.61 0.04 -17.73
N UNK K 172 22.73 -0.40 -18.98
CA UNK K 172 24.04 -0.68 -19.57
C UNK K 172 24.65 0.59 -20.17
N UNK K 173 24.69 1.64 -19.36
CA UNK K 173 25.29 2.97 -19.55
C UNK K 173 24.55 3.83 -20.57
N UNK K 174 23.72 3.25 -21.44
CA UNK K 174 22.47 3.80 -22.00
C UNK K 174 22.51 5.18 -22.66
N UNK K 175 23.65 5.85 -22.64
CA UNK K 175 23.81 7.17 -23.22
C UNK K 175 25.12 7.32 -23.97
N UNK K 176 26.09 6.44 -23.74
CA UNK K 176 27.18 6.29 -24.69
C UNK K 176 26.63 5.70 -25.97
N UNK K 177 26.92 6.40 -27.08
CA UNK K 177 26.37 6.16 -28.42
C UNK K 177 24.85 6.32 -28.49
N UNK K 178 24.24 6.94 -27.50
CA UNK K 178 22.90 7.48 -27.63
C UNK K 178 22.89 8.98 -27.38
N UNK K 179 23.44 9.44 -26.25
CA UNK K 179 23.56 10.87 -26.03
C UNK K 179 24.79 11.44 -26.72
N UNK K 180 25.72 10.57 -27.11
CA UNK K 180 26.84 11.04 -27.91
C UNK K 180 26.40 11.39 -29.32
N UNK K 181 25.39 10.69 -29.84
CA UNK K 181 24.93 10.92 -31.21
C UNK K 181 24.20 12.26 -31.33
N UNK K 182 23.70 12.80 -30.22
CA UNK K 182 23.18 14.15 -30.22
C UNK K 182 24.28 15.19 -30.18
N UNK K 183 25.54 14.78 -30.03
CA UNK K 183 26.68 15.68 -30.11
C UNK K 183 27.71 15.27 -31.15
N UNK K 184 27.83 13.97 -31.46
CA UNK K 184 28.79 13.55 -32.47
C UNK K 184 28.34 13.93 -33.87
N UNK K 185 27.04 14.09 -34.07
CA UNK K 185 26.57 14.63 -35.34
C UNK K 185 26.42 16.15 -35.27
N UNK K 186 26.56 16.73 -34.07
CA UNK K 186 26.46 18.17 -33.96
C UNK K 186 27.69 18.86 -34.52
N UNK K 187 28.88 18.48 -34.05
CA UNK K 187 30.12 19.05 -34.58
C UNK K 187 30.43 18.54 -35.97
N UNK K 188 29.98 17.34 -36.31
CA UNK K 188 30.19 16.82 -37.66
C UNK K 188 29.23 17.44 -38.68
N UNK K 189 28.24 18.20 -38.23
CA UNK K 189 27.47 19.09 -39.09
C UNK K 189 28.01 20.51 -39.09
N UNK K 190 29.22 20.70 -38.55
CA UNK K 190 29.90 21.99 -38.43
C UNK K 190 29.05 23.03 -37.68
N UNK K 191 28.33 22.59 -36.65
CA UNK K 191 27.58 23.49 -35.77
C UNK K 191 28.48 23.89 -34.62
N UNK K 192 29.21 24.98 -34.83
CA UNK K 192 30.28 25.39 -33.93
C UNK K 192 29.78 26.11 -32.70
N UNK K 193 30.71 26.79 -32.01
CA UNK K 193 30.55 27.34 -30.66
C UNK K 193 30.16 26.27 -29.64
N UNK K 194 30.67 25.06 -29.84
CA UNK K 194 30.49 23.99 -28.86
C UNK K 194 31.32 24.26 -27.61
N UNK K 195 32.49 24.85 -27.77
CA UNK K 195 33.26 25.31 -26.61
C UNK K 195 32.54 26.45 -25.91
N UNK K 196 31.77 27.23 -26.66
CA UNK K 196 30.88 28.20 -26.05
C UNK K 196 29.57 27.56 -25.60
N UNK K 197 29.39 26.26 -25.81
CA UNK K 197 28.19 25.57 -25.36
C UNK K 197 28.48 24.49 -24.33
N UNK K 198 29.68 23.92 -24.32
CA UNK K 198 30.02 22.89 -23.34
C UNK K 198 31.31 23.13 -22.57
N UNK K 199 32.33 23.79 -23.15
CA UNK K 199 33.55 24.13 -22.42
C UNK K 199 33.42 25.45 -21.66
N UNK K 200 32.31 26.16 -21.84
CA UNK K 200 31.98 27.30 -21.00
C UNK K 200 30.92 26.95 -19.98
N UNK K 201 30.77 25.66 -19.65
CA UNK K 201 29.81 25.22 -18.64
C UNK K 201 30.28 25.59 -17.25
N UNK K 202 31.59 25.56 -17.02
CA UNK K 202 32.14 25.97 -15.73
C UNK K 202 32.73 27.36 -15.79
N UNK K 203 33.41 27.69 -16.88
CA UNK K 203 34.13 28.96 -17.01
C UNK K 203 33.23 30.14 -17.38
N UNK K 204 31.91 29.99 -17.30
CA UNK K 204 31.02 31.14 -17.46
C UNK K 204 31.03 32.01 -16.21
N UNK K 205 30.80 31.42 -15.04
CA UNK K 205 30.85 32.18 -13.80
C UNK K 205 32.26 32.35 -13.27
N UNK K 206 33.21 31.55 -13.74
CA UNK K 206 34.59 31.71 -13.30
C UNK K 206 35.20 32.99 -13.85
N UNK K 207 34.83 33.36 -15.09
CA UNK K 207 35.25 34.60 -15.70
C UNK K 207 34.29 35.75 -15.41
N UNK K 208 33.45 35.62 -14.39
CA UNK K 208 32.57 36.69 -13.95
C UNK K 208 33.22 37.61 -12.91
N UNK K 209 34.55 37.55 -12.81
CA UNK K 209 35.36 38.40 -11.93
C UNK K 209 34.98 38.25 -10.46
N UNK K 210 34.93 37.00 -10.02
CA UNK K 210 34.84 36.68 -8.59
C UNK K 210 36.27 36.57 -8.07
N UNK K 211 36.94 37.73 -7.98
CA UNK K 211 38.33 37.77 -7.58
C UNK K 211 38.49 37.47 -6.10
N UNK K 212 37.89 38.33 -5.25
CA UNK K 212 37.91 38.21 -3.78
C UNK K 212 39.33 38.15 -3.22
N UNK K 213 40.14 39.15 -3.55
CA UNK K 213 41.47 39.28 -2.99
C UNK K 213 41.37 39.99 -1.64
N UNK K 214 41.73 39.29 -0.56
CA UNK K 214 41.48 39.83 0.78
C UNK K 214 42.56 40.82 1.18
N UNK K 215 43.80 40.33 1.37
CA UNK K 215 44.93 41.10 1.90
C UNK K 215 44.59 41.83 3.20
N UNK K 216 43.83 41.16 4.06
CA UNK K 216 43.25 41.80 5.25
C UNK K 216 44.34 42.01 6.29
N UNK K 217 45.05 43.13 6.19
CA UNK K 217 46.04 43.52 7.16
C UNK K 217 45.36 44.19 8.35
N UNK K 218 46.18 44.49 9.38
CA UNK K 218 45.75 44.94 10.70
C UNK K 218 44.68 44.02 11.28
N UNK K 219 44.98 42.72 11.16
CA UNK K 219 44.10 41.66 11.62
C UNK K 219 43.97 41.72 13.13
N UNK K 220 42.76 42.05 13.60
CA UNK K 220 42.34 42.27 14.99
C UNK K 220 42.97 43.50 15.61
N UNK K 221 43.84 44.21 14.88
CA UNK K 221 44.41 45.44 15.40
C UNK K 221 43.49 46.62 15.12
N UNK K 222 43.30 46.97 13.86
CA UNK K 222 42.39 48.05 13.51
C UNK K 222 40.95 47.58 13.45
N UNK K 223 40.73 46.27 13.60
CA UNK K 223 39.39 45.77 13.84
C UNK K 223 38.86 46.30 15.16
N UNK K 224 39.75 46.46 16.14
CA UNK K 224 39.39 47.18 17.37
C UNK K 224 39.14 48.65 17.07
N UNK K 225 39.92 49.25 16.17
CA UNK K 225 39.61 50.61 15.73
C UNK K 225 38.35 50.63 14.88
N UNK K 226 38.10 49.56 14.12
CA UNK K 226 36.80 49.38 13.51
C UNK K 226 35.72 49.11 14.55
N UNK K 227 36.07 48.39 15.63
CA UNK K 227 35.14 48.30 16.76
C UNK K 227 35.01 49.64 17.46
N UNK K 228 36.08 50.45 17.44
CA UNK K 228 35.95 51.81 17.89
C UNK K 228 35.10 52.64 16.95
N UNK K 229 35.09 52.29 15.66
CA UNK K 229 34.19 52.95 14.74
C UNK K 229 32.74 52.54 14.98
N UNK K 230 32.52 51.37 15.58
CA UNK K 230 31.18 50.99 15.98
C UNK K 230 30.69 51.84 17.14
N UNK K 231 31.60 52.38 17.95
CA UNK K 231 31.25 53.22 19.09
C UNK K 231 31.13 54.69 18.73
N UNK K 232 30.81 55.01 17.48
CA UNK K 232 30.62 56.40 17.06
C UNK K 232 29.25 56.93 17.43
N UNK K 233 28.37 56.09 17.97
CA UNK K 233 27.04 56.53 18.38
C UNK K 233 26.54 55.71 19.56
#